data_1JYN
#
_entry.id   1JYN
#
_cell.length_a   149.550
_cell.length_b   168.630
_cell.length_c   200.880
_cell.angle_alpha   90.00
_cell.angle_beta   90.00
_cell.angle_gamma   90.00
#
_symmetry.space_group_name_H-M   'P 21 21 21'
#
loop_
_entity.id
_entity.type
_entity.pdbx_description
1 polymer Beta-Galactosidase
2 branched beta-D-galactopyranose-(1-4)-beta-D-glucopyranose
3 non-polymer 'MAGNESIUM ION'
4 non-polymer 'SODIUM ION'
5 non-polymer 'DIMETHYL SULFOXIDE'
6 water water
#
_entity_poly.entity_id   1
_entity_poly.type   'polypeptide(L)'
_entity_poly.pdbx_seq_one_letter_code
;GSHMLEDPVVLQRRDWENPGVTQLNRLAAHPPFASWRNSEEARTDRPSQQLRSLNGEWRFAWFPAPEAVPESWLECDLPE
ADTVVVPSNWQMHGYDAPIYTNVTYPITVNPPFVPTENPTGCYSLTFNVDESWLQEGQTRIIFDGVNSAFHLWCNGRWVG
YGQDSRLPSEFDLSAFLRAGENRLAVMVLRWSDGSYLEDQDMWRMSGIFRDVSLLHKPTTQISDFHVATRFNDDFSRAVL
EAEVQMCGELRDYLRVTVSLWQGETQVASGTAPFGGEIIDERGGYADRVTLRLNVENPKLWSAEIPNLYRAVVELHTADG
TLIEAEACDVGFREVRIENGLLLLNGKPLLIRGVNRHEHHPLHGQVMDEQTMVQDILLMKQNNFNAVRCSHYPNHPLWYT
LCDRYGLYVVDEANIETHGMVPMNRLTDDPRWLPAMSERVTRMVQRDRNHPSVIIWSLGNESGHGANHDALYRWIKSVDP
SRPVQYEGGGADTTATDIICPMYARVDEDQPFPAVPKWSIKKWLSLPGETRPLILCQYAHAMGNSLGGFAKYWQAFRQYP
RLQGGFVWDWVDQSLIKYDENGNPWSAYGGDFGDTPNDRQFCMNGLVFADRTPHPALTEAKHQQQFFQFRLSGQTIEVTS
EYLFRHSDNELLHWMVALDGKPLASGEVPLDVAPQGKQLIELPELPQPESAGQLWLTVRVVQPNATAWSEAGHISAWQQW
RLAENLSVTLPAASHAIPHLTTSEMDFCIELGNKRWQFNRQSGFLSQMWIGDKKQLLTPLRDQFTRAPLDNDIGVSEATR
IDPNAWVERWKAAGHYQAEAALLQCTADTLADAVLITTAHAWQHQGKTLFISRKTYRIDGSGQMAITVDVEVASDTPHPA
RIGLNCQLAQVAERVNWLGLGPQENYPDRLTAACFDRWDLPLSDMYTPYVFPSENGLRCGTRELNYGPHQWRGDFQFNIS
RYSQQQLMETSHRHLLHAEEGTWLNIDGFHMGIGGDDSWSPSVSAEFQLSAGRYHYQLVWCQK
;
_entity_poly.pdbx_strand_id   A,B,C,D
#
# COMPACT_ATOMS: atom_id res chain seq x y z
N ARG A 13 41.95 27.90 21.09
CA ARG A 13 40.86 27.94 20.12
C ARG A 13 39.54 28.39 20.79
N ARG A 14 38.74 29.01 20.03
CA ARG A 14 37.50 29.51 20.53
C ARG A 14 36.50 28.38 20.22
N ASP A 15 36.59 27.24 20.93
CA ASP A 15 35.73 26.13 20.51
C ASP A 15 34.23 26.45 20.64
N TRP A 16 33.91 27.50 21.40
CA TRP A 16 32.52 27.89 21.60
C TRP A 16 32.04 28.73 20.42
N GLU A 17 32.85 28.84 19.34
CA GLU A 17 32.38 29.52 18.15
C GLU A 17 32.62 28.55 17.02
N ASN A 18 32.32 27.27 17.26
CA ASN A 18 32.56 26.26 16.25
C ASN A 18 31.61 25.13 16.44
N PRO A 19 30.60 25.10 15.61
CA PRO A 19 29.59 24.04 15.71
C PRO A 19 30.18 22.69 15.35
N GLY A 20 31.44 22.66 14.85
CA GLY A 20 32.06 21.38 14.55
C GLY A 20 32.67 20.81 15.83
N VAL A 21 32.75 21.61 16.92
CA VAL A 21 33.28 21.08 18.17
C VAL A 21 32.20 21.27 19.25
N THR A 22 31.53 20.21 19.61
CA THR A 22 30.46 20.31 20.56
C THR A 22 30.90 19.70 21.87
N GLN A 23 32.09 19.08 21.89
CA GLN A 23 32.61 18.56 23.16
C GLN A 23 34.05 18.12 22.91
N LEU A 24 34.82 17.97 23.97
CA LEU A 24 36.18 17.41 23.85
C LEU A 24 36.32 16.46 25.03
N ASN A 25 36.70 15.19 24.80
CA ASN A 25 36.92 14.21 25.87
C ASN A 25 35.68 13.77 26.67
N ARG A 26 34.49 14.02 26.10
CA ARG A 26 33.27 13.69 26.79
C ARG A 26 32.95 12.24 26.64
N LEU A 27 32.50 11.58 27.72
CA LEU A 27 32.19 10.16 27.59
C LEU A 27 30.86 9.91 26.86
N ALA A 28 30.61 8.66 26.36
CA ALA A 28 29.38 8.31 25.67
C ALA A 28 28.18 8.49 26.61
N ALA A 29 26.97 8.83 26.06
CA ALA A 29 25.73 9.03 26.86
C ALA A 29 25.21 7.62 27.16
N HIS A 30 24.39 7.49 28.20
CA HIS A 30 23.87 6.18 28.54
C HIS A 30 22.73 6.42 29.54
N PRO A 31 21.95 5.37 29.83
CA PRO A 31 20.86 5.56 30.77
C PRO A 31 21.42 5.78 32.24
N PRO A 32 20.51 6.17 33.18
CA PRO A 32 20.97 6.49 34.53
C PRO A 32 21.79 5.41 35.21
N PHE A 33 23.00 5.70 35.72
CA PHE A 33 23.79 4.66 36.40
C PHE A 33 24.04 5.05 37.82
N ALA A 34 24.34 4.06 38.55
CA ALA A 34 24.65 4.30 39.96
C ALA A 34 25.76 3.31 40.42
N SER A 35 26.11 2.30 39.63
CA SER A 35 27.15 1.37 40.03
C SER A 35 26.97 0.79 41.39
N TRP A 36 25.83 0.17 41.65
CA TRP A 36 25.74 -0.50 42.88
C TRP A 36 26.70 -1.71 42.89
N ARG A 37 27.14 -2.10 44.09
CA ARG A 37 27.98 -3.24 44.29
C ARG A 37 27.25 -4.27 45.15
N ASN A 38 25.94 -4.08 45.30
CA ASN A 38 25.12 -5.03 46.02
C ASN A 38 23.81 -5.00 45.26
N SER A 39 23.30 -6.15 44.82
CA SER A 39 22.09 -6.30 44.01
C SER A 39 20.81 -5.88 44.70
N GLU A 40 20.76 -6.11 46.00
CA GLU A 40 19.54 -5.77 46.68
C GLU A 40 19.37 -4.26 46.84
N GLU A 41 20.49 -3.53 46.96
CA GLU A 41 20.34 -2.06 47.03
C GLU A 41 19.87 -1.54 45.62
N ALA A 42 20.35 -2.23 44.54
CA ALA A 42 19.99 -1.88 43.18
C ALA A 42 18.55 -2.20 43.05
N ARG A 43 18.17 -3.36 43.57
CA ARG A 43 16.75 -3.67 43.44
C ARG A 43 15.83 -2.63 44.11
N THR A 44 16.19 -2.22 45.30
CA THR A 44 15.38 -1.28 46.03
C THR A 44 15.62 0.15 45.68
N ASP A 45 16.45 0.43 44.73
CA ASP A 45 16.66 1.83 44.37
C ASP A 45 17.21 2.60 45.48
N ARG A 46 17.86 1.95 46.46
CA ARG A 46 18.47 2.78 47.52
C ARG A 46 19.75 3.48 47.06
N PRO A 47 20.25 4.45 47.80
CA PRO A 47 21.45 5.20 47.38
C PRO A 47 22.64 4.29 47.25
N SER A 48 23.55 4.73 46.39
CA SER A 48 24.69 3.91 46.10
C SER A 48 25.91 4.58 46.59
N GLN A 49 26.77 3.86 47.24
CA GLN A 49 27.96 4.52 47.74
C GLN A 49 28.85 4.92 46.60
N GLN A 50 28.61 4.40 45.43
CA GLN A 50 29.48 4.76 44.35
C GLN A 50 28.99 5.95 43.56
N LEU A 51 27.87 6.55 43.96
CA LEU A 51 27.36 7.74 43.22
C LEU A 51 27.25 8.88 44.26
N ARG A 52 28.15 9.82 44.23
CA ARG A 52 28.13 10.93 45.21
C ARG A 52 27.69 12.22 44.56
N SER A 53 27.13 13.09 45.38
CA SER A 53 26.72 14.34 44.86
C SER A 53 27.76 15.36 45.22
N LEU A 54 28.04 16.26 44.30
CA LEU A 54 28.94 17.31 44.61
C LEU A 54 28.14 18.61 44.73
N ASN A 55 26.80 18.52 44.85
CA ASN A 55 26.02 19.77 44.97
C ASN A 55 26.36 20.41 46.32
N GLY A 56 26.14 21.70 46.44
CA GLY A 56 26.46 22.34 47.72
C GLY A 56 27.13 23.68 47.44
N GLU A 57 27.99 24.04 48.40
CA GLU A 57 28.69 25.33 48.28
C GLU A 57 29.90 25.27 47.40
N TRP A 58 29.94 26.17 46.40
CA TRP A 58 31.01 26.28 45.45
C TRP A 58 31.53 27.69 45.49
N ARG A 59 32.64 27.90 44.80
CA ARG A 59 33.19 29.25 44.72
C ARG A 59 32.89 29.80 43.33
N PHE A 60 32.60 31.11 43.22
CA PHE A 60 32.22 31.58 41.88
C PHE A 60 32.67 33.01 41.62
N ALA A 61 33.17 33.29 40.44
CA ALA A 61 33.52 34.63 40.07
C ALA A 61 32.99 34.92 38.68
N TRP A 62 32.46 36.14 38.47
CA TRP A 62 31.93 36.50 37.19
C TRP A 62 32.88 37.34 36.40
N PHE A 63 33.06 37.09 35.12
CA PHE A 63 33.94 37.89 34.24
C PHE A 63 33.16 38.31 32.99
N PRO A 64 33.53 39.42 32.37
CA PRO A 64 32.75 39.86 31.19
C PRO A 64 33.02 39.14 29.87
N ALA A 65 34.11 38.33 29.80
CA ALA A 65 34.54 37.61 28.61
C ALA A 65 35.55 36.60 29.10
N PRO A 66 35.71 35.53 28.39
CA PRO A 66 36.65 34.50 28.84
C PRO A 66 38.09 35.03 28.84
N GLU A 67 38.37 36.04 28.02
CA GLU A 67 39.73 36.64 27.94
C GLU A 67 40.05 37.35 29.26
N ALA A 68 39.07 37.64 30.12
CA ALA A 68 39.34 38.34 31.36
C ALA A 68 39.66 37.39 32.47
N VAL A 69 39.56 36.06 32.23
CA VAL A 69 39.78 35.15 33.37
C VAL A 69 41.23 35.01 33.66
N PRO A 70 41.70 35.28 34.86
CA PRO A 70 43.14 35.11 35.14
C PRO A 70 43.67 33.67 35.24
N GLU A 71 44.88 33.47 34.69
CA GLU A 71 45.47 32.14 34.75
C GLU A 71 45.58 31.59 36.16
N SER A 72 45.70 32.48 37.14
CA SER A 72 45.89 31.90 38.47
C SER A 72 44.74 31.06 38.89
N TRP A 73 43.57 31.41 38.35
CA TRP A 73 42.36 30.70 38.76
C TRP A 73 42.40 29.17 38.56
N LEU A 74 43.19 28.71 37.61
CA LEU A 74 43.26 27.29 37.38
C LEU A 74 43.98 26.57 38.52
N GLU A 75 44.90 27.31 39.12
CA GLU A 75 45.65 26.71 40.20
C GLU A 75 45.14 27.07 41.55
N CYS A 76 44.52 28.22 41.71
CA CYS A 76 44.03 28.51 43.04
C CYS A 76 42.85 29.46 43.10
N ASP A 77 42.14 29.31 44.16
CA ASP A 77 40.97 30.12 44.39
C ASP A 77 41.22 31.60 44.31
N LEU A 78 40.31 32.31 43.66
CA LEU A 78 40.38 33.76 43.57
C LEU A 78 39.75 34.30 44.85
N PRO A 79 40.51 35.14 45.51
CA PRO A 79 40.10 35.76 46.75
C PRO A 79 38.83 36.61 46.64
N GLU A 80 38.63 37.23 45.49
CA GLU A 80 37.44 38.00 45.26
C GLU A 80 36.28 37.10 44.84
N ALA A 81 36.45 35.76 44.78
CA ALA A 81 35.33 34.88 44.44
C ALA A 81 34.29 34.88 45.58
N ASP A 82 33.02 34.50 45.34
CA ASP A 82 32.01 34.40 46.40
C ASP A 82 31.67 32.95 46.58
N THR A 83 31.12 32.55 47.73
CA THR A 83 30.69 31.18 47.86
C THR A 83 29.25 31.18 47.46
N VAL A 84 28.85 30.26 46.59
CA VAL A 84 27.45 30.26 46.19
C VAL A 84 26.95 28.81 46.15
N VAL A 85 25.65 28.64 46.11
CA VAL A 85 25.08 27.32 46.00
C VAL A 85 25.08 26.89 44.52
N VAL A 86 25.38 25.61 44.31
CA VAL A 86 25.34 24.98 43.01
C VAL A 86 24.52 23.71 43.22
N PRO A 87 23.58 23.42 42.34
CA PRO A 87 23.27 24.16 41.11
C PRO A 87 22.53 25.49 41.31
N SER A 88 22.77 26.34 40.32
CA SER A 88 22.17 27.64 40.26
C SER A 88 22.36 28.22 38.87
N ASN A 89 21.61 29.29 38.62
CA ASN A 89 21.70 30.16 37.44
C ASN A 89 22.34 31.45 37.99
N TRP A 90 23.46 31.87 37.52
CA TRP A 90 24.10 33.01 38.10
C TRP A 90 23.28 34.27 37.98
N GLN A 91 22.36 34.36 37.02
CA GLN A 91 21.50 35.57 37.03
C GLN A 91 20.61 35.62 38.28
N MET A 92 20.25 34.47 38.82
CA MET A 92 19.44 34.45 40.02
C MET A 92 20.18 34.97 41.24
N HIS A 93 21.47 35.03 41.18
CA HIS A 93 22.20 35.51 42.32
C HIS A 93 22.58 36.98 42.06
N GLY A 94 22.06 37.54 40.97
CA GLY A 94 22.35 38.91 40.59
C GLY A 94 23.65 39.22 39.88
N TYR A 95 24.46 38.28 39.44
CA TYR A 95 25.69 38.70 38.78
C TYR A 95 25.52 39.46 37.49
N ASP A 96 24.48 39.13 36.76
CA ASP A 96 24.15 39.77 35.49
C ASP A 96 22.63 39.52 35.30
N ALA A 97 22.03 40.13 34.28
CA ALA A 97 20.57 40.05 34.07
C ALA A 97 20.06 38.90 33.22
N PRO A 98 18.97 38.32 33.61
CA PRO A 98 18.40 37.28 32.76
C PRO A 98 17.74 38.08 31.63
N ILE A 99 17.56 37.52 30.43
CA ILE A 99 16.94 38.22 29.30
C ILE A 99 15.70 37.47 28.86
N TYR A 100 14.59 38.18 28.66
CA TYR A 100 13.39 37.54 28.18
C TYR A 100 13.13 37.99 26.79
N THR A 101 13.50 37.12 25.84
CA THR A 101 13.22 37.35 24.41
C THR A 101 12.51 36.05 23.92
N ASN A 102 11.53 36.21 23.02
CA ASN A 102 10.76 35.12 22.47
C ASN A 102 11.42 34.56 21.21
N VAL A 103 11.21 35.19 20.04
CA VAL A 103 11.81 34.62 18.86
C VAL A 103 13.18 35.24 18.52
N THR A 104 13.25 36.58 18.60
CA THR A 104 14.53 37.16 18.22
C THR A 104 15.68 36.69 19.12
N TYR A 105 16.80 36.26 18.50
CA TYR A 105 17.93 35.80 19.34
C TYR A 105 18.43 36.88 20.22
N PRO A 106 18.99 36.53 21.35
CA PRO A 106 19.49 37.53 22.29
C PRO A 106 20.86 38.03 21.92
N ILE A 107 21.44 37.45 20.89
CA ILE A 107 22.72 37.86 20.36
C ILE A 107 22.56 38.17 18.90
N THR A 108 23.47 38.86 18.29
CA THR A 108 23.36 39.17 16.89
C THR A 108 23.40 37.92 16.08
N VAL A 109 22.61 37.80 15.01
CA VAL A 109 22.62 36.56 14.28
C VAL A 109 23.77 36.53 13.32
N ASN A 110 24.84 35.83 13.66
CA ASN A 110 26.03 35.77 12.79
C ASN A 110 26.78 34.50 13.06
N PRO A 111 26.13 33.40 12.75
CA PRO A 111 26.67 32.10 13.03
C PRO A 111 27.97 31.89 12.34
N PRO A 112 28.88 31.22 13.04
CA PRO A 112 28.72 30.63 14.35
C PRO A 112 29.24 31.51 15.48
N PHE A 113 29.41 32.80 15.23
CA PHE A 113 30.02 33.63 16.23
C PHE A 113 29.09 34.13 17.29
N VAL A 114 29.69 34.45 18.43
CA VAL A 114 28.93 35.02 19.54
C VAL A 114 29.53 36.43 19.95
N PRO A 115 28.93 37.23 20.82
CA PRO A 115 29.51 38.53 21.18
C PRO A 115 30.88 38.39 21.85
N THR A 116 31.72 39.39 21.59
CA THR A 116 32.98 39.24 22.29
C THR A 116 32.72 39.54 23.75
N GLU A 117 31.71 40.33 24.13
CA GLU A 117 31.45 40.45 25.58
C GLU A 117 30.51 39.28 25.86
N ASN A 118 31.05 38.27 26.50
CA ASN A 118 30.33 37.00 26.76
C ASN A 118 30.56 36.60 28.19
N PRO A 119 29.55 36.91 29.00
CA PRO A 119 29.63 36.68 30.41
C PRO A 119 30.15 35.30 30.65
N THR A 120 31.12 35.25 31.56
CA THR A 120 31.80 34.01 31.88
C THR A 120 31.71 33.76 33.33
N GLY A 121 31.27 32.56 33.69
CA GLY A 121 31.08 32.17 35.06
C GLY A 121 32.18 31.16 35.44
N CYS A 122 33.08 31.53 36.35
CA CYS A 122 34.19 30.73 36.85
C CYS A 122 33.81 30.02 38.11
N TYR A 123 33.43 28.73 38.00
CA TYR A 123 33.08 28.01 39.23
C TYR A 123 34.22 27.10 39.64
N SER A 124 34.31 26.85 40.95
CA SER A 124 35.30 25.93 41.46
C SER A 124 34.87 25.30 42.72
N LEU A 125 35.52 24.20 43.01
CA LEU A 125 35.13 23.47 44.19
C LEU A 125 36.32 22.61 44.65
N THR A 126 36.56 22.64 45.96
CA THR A 126 37.63 21.80 46.51
C THR A 126 36.89 20.72 47.16
N PHE A 127 37.21 19.49 46.80
CA PHE A 127 36.47 18.37 47.37
C PHE A 127 37.39 17.19 47.60
N ASN A 128 36.83 16.30 48.34
CA ASN A 128 37.57 15.15 48.71
C ASN A 128 37.30 13.90 47.93
N VAL A 129 38.32 13.06 47.71
CA VAL A 129 38.11 11.78 47.03
C VAL A 129 38.80 10.74 47.90
N ASP A 130 38.14 9.65 48.24
CA ASP A 130 38.77 8.62 49.07
C ASP A 130 39.75 7.81 48.31
N GLU A 131 40.82 7.43 48.97
CA GLU A 131 41.83 6.64 48.28
C GLU A 131 41.27 5.42 47.60
N SER A 132 40.26 4.85 48.26
CA SER A 132 39.73 3.62 47.70
C SER A 132 39.21 3.80 46.30
N TRP A 133 38.73 5.00 45.98
CA TRP A 133 38.14 5.15 44.61
C TRP A 133 39.22 5.22 43.58
N LEU A 134 40.41 5.54 44.13
CA LEU A 134 41.55 5.68 43.27
C LEU A 134 42.42 4.42 43.17
N GLN A 135 42.17 3.43 44.02
CA GLN A 135 42.97 2.21 43.93
C GLN A 135 42.46 1.30 42.84
N GLU A 136 41.28 1.53 42.31
CA GLU A 136 40.79 0.63 41.25
C GLU A 136 39.68 1.36 40.51
N GLY A 137 39.36 0.81 39.32
CA GLY A 137 38.21 1.41 38.66
C GLY A 137 38.36 2.81 38.15
N GLN A 138 37.21 3.34 37.75
CA GLN A 138 37.18 4.65 37.10
C GLN A 138 36.32 5.65 37.87
N THR A 139 36.86 6.85 38.05
CA THR A 139 36.06 7.89 38.73
C THR A 139 35.78 8.97 37.70
N ARG A 140 34.47 9.19 37.45
CA ARG A 140 34.02 10.17 36.47
C ARG A 140 33.20 11.25 37.16
N ILE A 141 33.21 12.44 36.55
CA ILE A 141 32.35 13.52 37.07
C ILE A 141 31.22 13.76 36.13
N ILE A 142 30.04 14.07 36.64
CA ILE A 142 28.92 14.22 35.72
C ILE A 142 28.30 15.55 35.97
N PHE A 143 28.13 16.37 34.96
CA PHE A 143 27.42 17.63 35.14
C PHE A 143 26.13 17.49 34.36
N ASP A 144 25.04 17.39 35.04
CA ASP A 144 23.75 17.17 34.36
C ASP A 144 23.28 18.36 33.52
N GLY A 145 23.72 19.59 33.80
CA GLY A 145 23.27 20.77 33.03
C GLY A 145 24.19 21.96 33.30
N VAL A 146 24.79 22.43 32.20
CA VAL A 146 25.71 23.55 32.18
C VAL A 146 25.26 24.31 30.91
N ASN A 147 24.93 25.58 31.14
CA ASN A 147 24.37 26.48 30.11
C ASN A 147 25.29 27.69 29.88
N SER A 148 25.88 27.85 28.68
CA SER A 148 25.65 26.97 27.50
C SER A 148 26.81 26.10 27.03
N ALA A 149 28.02 26.32 27.56
CA ALA A 149 29.21 25.56 27.07
C ALA A 149 30.28 25.71 28.15
N PHE A 150 31.19 24.75 28.26
CA PHE A 150 32.12 24.90 29.36
C PHE A 150 33.39 24.18 29.22
N HIS A 151 34.47 24.70 29.83
CA HIS A 151 35.79 23.99 29.85
C HIS A 151 35.95 23.54 31.27
N LEU A 152 36.56 22.34 31.46
CA LEU A 152 36.74 21.73 32.78
C LEU A 152 38.26 21.45 33.00
N TRP A 153 38.75 21.83 34.19
CA TRP A 153 40.11 21.55 34.62
C TRP A 153 39.95 20.82 35.96
N CYS A 154 40.88 19.91 36.25
CA CYS A 154 40.87 19.19 37.52
C CYS A 154 42.29 19.33 38.14
N ASN A 155 42.42 19.87 39.36
CA ASN A 155 43.79 20.03 39.89
C ASN A 155 44.67 20.77 38.92
N GLY A 156 44.12 21.81 38.23
CA GLY A 156 44.88 22.68 37.32
C GLY A 156 45.20 22.13 35.95
N ARG A 157 44.77 20.88 35.69
CA ARG A 157 45.07 20.30 34.38
C ARG A 157 43.77 20.24 33.56
N TRP A 158 43.81 20.57 32.25
CA TRP A 158 42.60 20.58 31.44
C TRP A 158 42.07 19.21 31.14
N VAL A 159 40.78 19.03 31.34
CA VAL A 159 40.08 17.76 31.14
C VAL A 159 39.26 17.74 29.83
N GLY A 160 38.37 18.75 29.64
CA GLY A 160 37.60 18.66 28.41
C GLY A 160 36.62 19.79 28.28
N TYR A 161 35.70 19.61 27.34
CA TYR A 161 34.73 20.62 27.01
C TYR A 161 33.39 20.06 26.63
N GLY A 162 32.34 20.85 26.87
CA GLY A 162 30.98 20.40 26.51
C GLY A 162 29.98 21.53 26.16
N GLN A 163 28.99 21.15 25.29
CA GLN A 163 27.87 21.98 24.85
C GLN A 163 26.58 21.15 25.05
N ASP A 164 25.41 21.75 24.73
CA ASP A 164 24.06 21.22 24.92
C ASP A 164 23.75 21.42 26.39
N SER A 165 23.05 22.53 26.69
CA SER A 165 22.76 22.83 28.04
C SER A 165 21.86 21.89 28.74
N ARG A 166 21.18 20.99 28.04
CA ARG A 166 20.11 20.23 28.65
C ARG A 166 20.31 18.72 28.83
N LEU A 167 21.58 18.27 28.60
CA LEU A 167 21.90 16.87 28.84
C LEU A 167 23.25 16.79 29.60
N PRO A 168 23.45 15.64 30.26
CA PRO A 168 24.67 15.47 31.03
C PRO A 168 25.93 15.35 30.20
N SER A 169 27.01 15.94 30.72
CA SER A 169 28.36 15.87 30.15
C SER A 169 29.16 15.16 31.23
N GLU A 170 29.79 14.08 30.87
CA GLU A 170 30.59 13.20 31.82
C GLU A 170 32.02 13.06 31.32
N PHE A 171 32.99 13.12 32.27
CA PHE A 171 34.44 13.07 31.92
C PHE A 171 35.14 12.13 32.83
N ASP A 172 36.10 11.40 32.33
CA ASP A 172 36.74 10.50 33.29
C ASP A 172 37.86 11.26 34.03
N LEU A 173 37.83 11.33 35.36
CA LEU A 173 38.91 12.06 36.01
C LEU A 173 39.93 11.15 36.67
N SER A 174 39.83 9.85 36.41
CA SER A 174 40.68 8.85 37.06
C SER A 174 42.13 9.28 37.11
N ALA A 175 42.66 9.70 35.99
CA ALA A 175 44.03 10.10 35.94
C ALA A 175 44.29 11.51 36.47
N PHE A 176 43.30 12.25 36.94
CA PHE A 176 43.56 13.60 37.37
C PHE A 176 43.48 13.80 38.80
N LEU A 177 42.91 12.86 39.47
CA LEU A 177 42.70 13.09 40.87
C LEU A 177 43.73 12.49 41.79
N ARG A 178 43.67 12.90 43.04
CA ARG A 178 44.57 12.27 43.98
C ARG A 178 43.85 12.08 45.29
N ALA A 179 44.31 11.15 46.15
CA ALA A 179 43.57 10.99 47.40
C ALA A 179 43.52 12.27 48.22
N GLY A 180 42.40 12.43 48.87
CA GLY A 180 42.20 13.63 49.67
C GLY A 180 41.62 14.77 48.85
N GLU A 181 42.20 15.94 49.07
CA GLU A 181 41.68 17.14 48.43
C GLU A 181 42.01 17.28 46.97
N ASN A 182 40.99 17.76 46.23
CA ASN A 182 41.15 18.00 44.78
C ASN A 182 40.33 19.27 44.48
N ARG A 183 40.67 19.94 43.38
CA ARG A 183 39.93 21.15 43.07
C ARG A 183 39.52 21.15 41.60
N LEU A 184 38.25 21.38 41.38
CA LEU A 184 37.67 21.48 40.03
C LEU A 184 37.67 22.98 39.67
N ALA A 185 37.80 23.33 38.38
CA ALA A 185 37.69 24.71 37.87
C ALA A 185 36.82 24.51 36.62
N VAL A 186 35.67 25.26 36.53
CA VAL A 186 34.72 25.11 35.41
C VAL A 186 34.50 26.45 34.86
N MET A 187 34.80 26.64 33.62
CA MET A 187 34.65 27.95 33.05
C MET A 187 33.44 27.88 32.17
N VAL A 188 32.37 28.55 32.59
CA VAL A 188 31.12 28.48 31.85
C VAL A 188 30.85 29.71 30.98
N LEU A 189 30.65 29.49 29.69
CA LEU A 189 30.37 30.56 28.75
C LEU A 189 28.84 30.79 28.62
N ARG A 190 28.38 32.02 28.72
CA ARG A 190 26.94 32.18 28.58
C ARG A 190 26.49 31.97 27.14
N TRP A 191 27.25 32.51 26.19
CA TRP A 191 26.93 32.33 24.79
C TRP A 191 27.96 31.40 24.10
N SER A 192 27.50 30.57 23.17
CA SER A 192 28.40 29.70 22.39
C SER A 192 27.68 29.35 21.11
N ASP A 193 28.32 28.55 20.26
CA ASP A 193 27.61 28.25 19.02
C ASP A 193 26.40 27.42 19.35
N GLY A 194 26.44 26.83 20.53
CA GLY A 194 25.31 26.02 20.95
C GLY A 194 24.06 26.89 21.12
N SER A 195 24.24 28.17 21.41
CA SER A 195 23.09 29.09 21.60
C SER A 195 22.25 29.24 20.31
N TYR A 196 22.81 29.03 19.11
CA TYR A 196 22.00 29.15 17.91
C TYR A 196 20.96 28.02 17.86
N LEU A 197 21.19 26.92 18.63
CA LEU A 197 20.22 25.84 18.69
C LEU A 197 19.40 25.94 19.97
N GLU A 198 19.55 27.02 20.73
CA GLU A 198 18.84 27.13 22.01
C GLU A 198 17.98 28.42 22.08
N ASP A 199 17.20 28.64 21.07
CA ASP A 199 16.37 29.84 20.99
C ASP A 199 14.97 29.62 21.54
N GLN A 200 14.76 28.83 22.56
CA GLN A 200 13.40 28.66 23.01
C GLN A 200 12.86 29.94 23.65
N ASP A 201 11.53 30.09 23.64
CA ASP A 201 10.77 31.23 24.23
C ASP A 201 10.74 31.10 25.71
N MET A 202 11.86 31.55 26.34
CA MET A 202 11.95 31.48 27.78
C MET A 202 13.03 32.48 28.22
N TRP A 203 13.22 32.65 29.57
CA TRP A 203 14.31 33.50 30.00
C TRP A 203 15.62 32.85 29.54
N ARG A 204 16.54 33.74 29.14
CA ARG A 204 17.88 33.32 28.72
C ARG A 204 18.79 33.39 29.93
N MET A 205 19.18 32.28 30.54
CA MET A 205 20.05 32.34 31.72
C MET A 205 21.33 31.57 31.42
N SER A 206 22.10 31.28 32.44
CA SER A 206 23.39 30.47 32.28
C SER A 206 23.90 29.98 33.65
N GLY A 207 24.83 29.01 33.62
CA GLY A 207 25.44 28.49 34.85
C GLY A 207 25.37 27.01 34.97
N ILE A 208 25.84 26.46 36.12
CA ILE A 208 25.80 25.00 36.37
C ILE A 208 24.48 24.80 37.11
N PHE A 209 23.41 24.56 36.34
CA PHE A 209 22.06 24.62 36.89
C PHE A 209 21.35 23.30 37.12
N ARG A 210 22.07 22.19 36.89
CA ARG A 210 21.60 20.86 37.24
C ARG A 210 22.69 20.24 38.12
N ASP A 211 22.42 19.07 38.64
CA ASP A 211 23.28 18.41 39.55
C ASP A 211 24.65 18.10 39.06
N VAL A 212 25.60 18.02 39.98
CA VAL A 212 26.95 17.62 39.70
C VAL A 212 27.21 16.36 40.53
N SER A 213 27.80 15.26 39.95
CA SER A 213 28.01 14.11 40.82
C SER A 213 29.32 13.42 40.39
N LEU A 214 29.80 12.54 41.27
CA LEU A 214 30.99 11.76 41.01
C LEU A 214 30.53 10.31 41.05
N LEU A 215 30.90 9.58 40.01
CA LEU A 215 30.53 8.15 39.91
C LEU A 215 31.72 7.23 39.78
N HIS A 216 31.77 6.22 40.65
CA HIS A 216 32.84 5.25 40.52
C HIS A 216 32.33 4.05 39.74
N LYS A 217 32.98 3.64 38.68
CA LYS A 217 32.55 2.43 38.03
C LYS A 217 33.77 1.49 38.01
N PRO A 218 33.59 0.16 37.96
CA PRO A 218 34.72 -0.75 37.86
C PRO A 218 35.29 -0.62 36.46
N THR A 219 36.53 -1.09 36.28
CA THR A 219 37.16 -1.11 34.96
C THR A 219 36.32 -1.96 34.00
N THR A 220 35.78 -3.12 34.45
CA THR A 220 34.91 -4.01 33.62
C THR A 220 33.50 -3.67 34.05
N GLN A 221 32.69 -3.05 33.15
CA GLN A 221 31.46 -2.50 33.61
C GLN A 221 30.38 -2.54 32.58
N ILE A 222 29.20 -2.24 33.09
CA ILE A 222 28.06 -2.13 32.20
C ILE A 222 28.15 -0.68 31.64
N SER A 223 28.29 -0.58 30.33
CA SER A 223 28.38 0.67 29.62
C SER A 223 27.10 1.12 28.97
N ASP A 224 26.10 0.27 28.83
CA ASP A 224 24.84 0.74 28.35
C ASP A 224 23.88 -0.42 28.49
N PHE A 225 22.55 -0.16 28.56
CA PHE A 225 21.61 -1.32 28.59
C PHE A 225 20.33 -0.79 28.06
N HIS A 226 19.60 -1.59 27.29
CA HIS A 226 18.31 -1.09 26.70
C HIS A 226 17.23 -2.13 27.05
N VAL A 227 16.10 -1.61 27.57
CA VAL A 227 15.07 -2.58 27.93
C VAL A 227 13.86 -2.41 26.99
N ALA A 228 13.42 -3.50 26.37
CA ALA A 228 12.24 -3.52 25.49
C ALA A 228 11.20 -4.55 25.99
N THR A 229 9.89 -4.27 25.78
CA THR A 229 8.82 -5.18 26.15
C THR A 229 7.90 -5.34 24.93
N ARG A 230 7.74 -6.55 24.43
CA ARG A 230 6.88 -6.81 23.28
C ARG A 230 5.81 -7.78 23.74
N PHE A 231 4.64 -7.70 23.09
CA PHE A 231 3.49 -8.44 23.52
C PHE A 231 2.81 -9.31 22.49
N ASN A 232 1.98 -10.24 23.02
CA ASN A 232 1.16 -10.99 22.10
C ASN A 232 -0.12 -10.17 21.79
N ASP A 233 -0.99 -10.66 20.93
CA ASP A 233 -2.14 -9.89 20.52
C ASP A 233 -3.04 -9.44 21.64
N ASP A 234 -3.13 -10.11 22.73
CA ASP A 234 -4.04 -9.53 23.71
C ASP A 234 -3.30 -9.12 24.94
N PHE A 235 -2.00 -8.89 24.83
CA PHE A 235 -1.29 -8.43 26.03
C PHE A 235 -1.27 -9.39 27.18
N SER A 236 -1.65 -10.64 26.96
CA SER A 236 -1.60 -11.63 28.03
C SER A 236 -0.17 -12.23 28.23
N ARG A 237 0.71 -11.99 27.26
CA ARG A 237 2.08 -12.49 27.40
C ARG A 237 3.02 -11.45 26.87
N ALA A 238 4.24 -11.35 27.42
CA ALA A 238 5.20 -10.37 26.91
C ALA A 238 6.57 -11.01 26.97
N VAL A 239 7.53 -10.42 26.30
CA VAL A 239 8.90 -10.90 26.38
C VAL A 239 9.61 -9.59 26.69
N LEU A 240 10.43 -9.61 27.76
CA LEU A 240 11.21 -8.46 28.11
C LEU A 240 12.56 -8.77 27.49
N GLU A 241 13.12 -7.93 26.65
CA GLU A 241 14.43 -8.20 26.03
C GLU A 241 15.39 -7.11 26.53
N ALA A 242 16.52 -7.45 27.14
CA ALA A 242 17.42 -6.40 27.68
C ALA A 242 18.76 -6.60 27.02
N GLU A 243 19.22 -5.59 26.24
CA GLU A 243 20.54 -5.74 25.59
C GLU A 243 21.52 -5.06 26.46
N VAL A 244 22.57 -5.75 26.80
CA VAL A 244 23.54 -5.15 27.70
C VAL A 244 24.91 -5.08 27.04
N GLN A 245 25.58 -3.93 27.17
CA GLN A 245 26.90 -3.78 26.59
C GLN A 245 27.90 -3.56 27.74
N MET A 246 29.09 -4.05 27.54
CA MET A 246 30.10 -3.80 28.58
C MET A 246 31.32 -3.14 27.94
N CYS A 247 32.21 -2.58 28.78
CA CYS A 247 33.50 -2.02 28.35
C CYS A 247 34.45 -2.65 29.34
N GLY A 248 35.68 -2.74 28.95
CA GLY A 248 36.70 -3.30 29.84
C GLY A 248 37.28 -4.63 29.35
N GLU A 249 37.66 -5.44 30.37
CA GLU A 249 38.23 -6.75 30.28
C GLU A 249 37.21 -7.82 29.88
N LEU A 250 37.11 -8.14 28.62
CA LEU A 250 36.20 -9.16 28.08
C LEU A 250 36.82 -10.54 28.23
N ARG A 251 36.19 -11.43 28.96
CA ARG A 251 36.71 -12.75 29.30
C ARG A 251 35.53 -13.68 29.41
N ASP A 252 35.85 -14.94 29.16
CA ASP A 252 34.87 -15.99 29.11
C ASP A 252 34.15 -16.21 30.37
N TYR A 253 34.72 -15.83 31.50
CA TYR A 253 34.00 -16.11 32.70
C TYR A 253 32.90 -15.08 32.98
N LEU A 254 32.83 -13.97 32.23
CA LEU A 254 31.80 -12.94 32.52
C LEU A 254 30.40 -13.41 32.05
N ARG A 255 29.42 -12.89 32.78
CA ARG A 255 28.04 -13.17 32.54
C ARG A 255 27.25 -11.94 32.94
N VAL A 256 26.01 -11.95 32.43
CA VAL A 256 25.09 -10.94 32.87
C VAL A 256 23.86 -11.73 33.32
N THR A 257 23.22 -11.27 34.38
CA THR A 257 21.97 -11.86 34.81
C THR A 257 20.99 -10.68 34.88
N VAL A 258 19.84 -10.79 34.20
CA VAL A 258 18.87 -9.71 34.35
C VAL A 258 17.72 -10.41 35.08
N SER A 259 17.26 -9.78 36.14
CA SER A 259 16.14 -10.41 36.87
C SER A 259 15.05 -9.37 36.96
N LEU A 260 13.79 -9.84 36.93
CA LEU A 260 12.68 -8.86 36.93
C LEU A 260 11.84 -9.12 38.18
N TRP A 261 11.54 -8.04 38.91
CA TRP A 261 10.83 -8.12 40.17
C TRP A 261 9.55 -7.37 40.17
N GLN A 262 8.55 -7.94 40.81
CA GLN A 262 7.25 -7.27 41.00
C GLN A 262 7.21 -7.11 42.49
N GLY A 263 7.45 -5.89 42.93
CA GLY A 263 7.52 -5.79 44.37
C GLY A 263 8.68 -6.64 44.89
N GLU A 264 8.50 -7.41 45.93
CA GLU A 264 9.61 -8.25 46.43
C GLU A 264 9.60 -9.66 45.81
N THR A 265 8.79 -9.88 44.80
CA THR A 265 8.81 -11.19 44.19
C THR A 265 9.55 -11.15 42.87
N GLN A 266 10.42 -12.14 42.69
CA GLN A 266 11.20 -12.28 41.45
C GLN A 266 10.32 -12.97 40.43
N VAL A 267 9.98 -12.31 39.32
CA VAL A 267 9.06 -12.98 38.43
C VAL A 267 9.75 -13.63 37.28
N ALA A 268 10.96 -13.18 36.94
CA ALA A 268 11.67 -13.81 35.84
C ALA A 268 13.14 -13.48 36.03
N SER A 269 13.93 -14.28 35.34
CA SER A 269 15.37 -14.10 35.35
C SER A 269 16.03 -14.88 34.25
N GLY A 270 17.15 -14.34 33.75
CA GLY A 270 17.97 -14.99 32.76
C GLY A 270 19.44 -14.61 32.95
N THR A 271 20.26 -15.58 32.65
CA THR A 271 21.70 -15.41 32.72
C THR A 271 22.34 -15.87 31.42
N ALA A 272 23.36 -15.15 30.92
CA ALA A 272 24.03 -15.60 29.74
C ALA A 272 25.46 -15.07 29.69
N PRO A 273 26.36 -15.70 28.93
CA PRO A 273 27.69 -15.16 28.77
C PRO A 273 27.62 -14.07 27.73
N PHE A 274 28.68 -13.31 27.58
CA PHE A 274 28.68 -12.25 26.55
C PHE A 274 28.90 -12.84 25.17
N GLY A 275 28.44 -12.12 24.17
CA GLY A 275 28.58 -12.56 22.76
C GLY A 275 27.23 -12.58 22.08
N GLY A 276 26.94 -11.50 21.32
CA GLY A 276 25.63 -11.41 20.67
C GLY A 276 25.53 -12.25 19.40
N GLU A 277 24.35 -12.34 18.82
CA GLU A 277 24.17 -13.10 17.59
C GLU A 277 25.10 -12.61 16.47
N ILE A 278 25.34 -13.43 15.44
CA ILE A 278 26.16 -12.95 14.31
C ILE A 278 25.35 -11.83 13.69
N ILE A 279 25.96 -10.72 13.35
CA ILE A 279 25.20 -9.66 12.76
C ILE A 279 25.66 -9.41 11.31
N ASP A 280 26.95 -9.70 11.00
CA ASP A 280 27.42 -9.51 9.65
C ASP A 280 28.60 -10.40 9.38
N GLU A 281 29.24 -10.17 8.24
CA GLU A 281 30.35 -10.99 7.70
C GLU A 281 31.51 -11.03 8.68
N ARG A 282 31.61 -9.99 9.53
CA ARG A 282 32.72 -9.92 10.52
C ARG A 282 32.32 -10.53 11.83
N GLY A 283 31.10 -11.02 11.97
CA GLY A 283 30.68 -11.68 13.22
C GLY A 283 29.62 -10.93 13.98
N GLY A 284 29.78 -10.84 15.30
CA GLY A 284 28.81 -10.18 16.16
C GLY A 284 29.53 -9.35 17.23
N TYR A 285 28.78 -8.78 18.22
CA TYR A 285 29.32 -7.97 19.31
C TYR A 285 29.71 -8.90 20.44
N ALA A 286 30.98 -9.09 20.53
CA ALA A 286 31.45 -9.98 21.56
C ALA A 286 31.34 -9.30 22.92
N ASP A 287 31.12 -7.97 22.89
CA ASP A 287 31.00 -7.19 24.11
C ASP A 287 29.53 -6.93 24.41
N ARG A 288 28.59 -7.66 23.83
CA ARG A 288 27.21 -7.38 24.21
C ARG A 288 26.48 -8.72 24.43
N VAL A 289 25.34 -8.70 25.10
CA VAL A 289 24.51 -9.90 25.31
C VAL A 289 23.04 -9.44 25.45
N THR A 290 22.12 -10.24 24.97
CA THR A 290 20.70 -9.89 25.04
C THR A 290 19.97 -10.98 25.78
N LEU A 291 19.39 -10.62 26.89
CA LEU A 291 18.68 -11.60 27.73
C LEU A 291 17.22 -11.45 27.32
N ARG A 292 16.50 -12.54 27.18
CA ARG A 292 15.08 -12.47 26.85
C ARG A 292 14.33 -13.22 27.94
N LEU A 293 13.38 -12.55 28.59
CA LEU A 293 12.62 -13.06 29.74
C LEU A 293 11.15 -13.14 29.35
N ASN A 294 10.60 -14.28 29.59
CA ASN A 294 9.17 -14.39 29.26
C ASN A 294 8.39 -13.96 30.49
N VAL A 295 7.35 -13.15 30.30
CA VAL A 295 6.56 -12.74 31.47
C VAL A 295 5.11 -12.99 31.17
N GLU A 296 4.42 -13.80 31.93
CA GLU A 296 3.01 -14.09 31.70
C GLU A 296 2.02 -13.14 32.34
N ASN A 297 0.94 -12.75 31.62
CA ASN A 297 -0.03 -11.82 32.22
C ASN A 297 0.65 -10.61 32.89
N PRO A 298 1.54 -9.94 32.19
CA PRO A 298 2.18 -8.77 32.80
C PRO A 298 1.15 -7.75 33.25
N LYS A 299 1.44 -7.00 34.35
CA LYS A 299 0.64 -5.90 34.85
C LYS A 299 1.06 -4.74 33.98
N LEU A 300 0.16 -4.20 33.19
CA LEU A 300 0.59 -3.20 32.25
C LEU A 300 0.73 -1.78 32.80
N TRP A 301 1.63 -0.97 32.23
CA TRP A 301 1.77 0.37 32.69
C TRP A 301 0.91 1.29 31.87
N SER A 302 0.32 2.31 32.50
CA SER A 302 -0.35 3.37 31.79
C SER A 302 -0.39 4.60 32.69
N ALA A 303 -0.85 5.79 32.20
CA ALA A 303 -0.92 6.93 33.14
C ALA A 303 -2.07 6.68 34.13
N GLU A 304 -3.06 5.91 33.74
CA GLU A 304 -4.18 5.51 34.59
C GLU A 304 -3.75 4.55 35.75
N ILE A 305 -2.91 3.54 35.52
CA ILE A 305 -2.40 2.61 36.60
C ILE A 305 -0.94 2.39 36.19
N PRO A 306 -0.10 3.17 36.79
CA PRO A 306 1.33 3.13 36.46
C PRO A 306 2.06 1.90 37.09
N ASN A 307 1.58 0.70 36.74
CA ASN A 307 2.23 -0.50 37.26
C ASN A 307 3.67 -0.57 36.85
N LEU A 308 4.57 -0.85 37.78
CA LEU A 308 5.95 -0.95 37.38
C LEU A 308 6.57 -2.22 37.95
N TYR A 309 7.57 -2.74 37.21
CA TYR A 309 8.41 -3.84 37.67
C TYR A 309 9.81 -3.22 37.86
N ARG A 310 10.73 -3.98 38.45
CA ARG A 310 12.12 -3.50 38.59
C ARG A 310 13.01 -4.49 37.86
N ALA A 311 13.85 -4.00 36.93
CA ALA A 311 14.77 -4.93 36.29
C ALA A 311 16.16 -4.66 36.92
N VAL A 312 16.85 -5.69 37.40
CA VAL A 312 18.21 -5.51 37.95
C VAL A 312 19.19 -6.18 36.97
N VAL A 313 20.22 -5.43 36.57
CA VAL A 313 21.19 -5.88 35.59
C VAL A 313 22.48 -6.13 36.31
N GLU A 314 22.78 -7.41 36.51
CA GLU A 314 24.00 -7.77 37.24
C GLU A 314 25.10 -8.20 36.29
N LEU A 315 26.27 -7.59 36.44
CA LEU A 315 27.46 -7.97 35.64
C LEU A 315 28.26 -8.82 36.62
N HIS A 316 28.57 -10.04 36.26
CA HIS A 316 29.24 -10.82 37.29
C HIS A 316 30.05 -11.98 36.73
N THR A 317 30.89 -12.66 37.58
CA THR A 317 31.61 -13.77 37.05
C THR A 317 30.68 -14.93 37.10
N ALA A 318 30.91 -15.90 36.22
CA ALA A 318 29.98 -17.03 36.26
C ALA A 318 29.89 -17.73 37.61
N ASP A 319 31.02 -17.79 38.31
CA ASP A 319 31.12 -18.46 39.61
C ASP A 319 30.53 -17.67 40.72
N GLY A 320 29.92 -16.53 40.42
CA GLY A 320 29.26 -15.86 41.53
C GLY A 320 29.68 -14.48 42.04
N THR A 321 30.73 -13.87 41.49
CA THR A 321 31.09 -12.54 42.00
C THR A 321 30.40 -11.38 41.29
N LEU A 322 29.60 -10.58 42.02
CA LEU A 322 28.98 -9.46 41.35
C LEU A 322 30.06 -8.41 41.16
N ILE A 323 30.18 -7.94 39.94
CA ILE A 323 31.14 -6.88 39.60
C ILE A 323 30.46 -5.58 39.92
N GLU A 324 29.32 -5.38 39.27
CA GLU A 324 28.49 -4.20 39.56
C GLU A 324 27.07 -4.50 39.07
N ALA A 325 26.10 -3.74 39.62
CA ALA A 325 24.73 -3.89 39.18
C ALA A 325 24.17 -2.53 38.78
N GLU A 326 23.37 -2.48 37.70
CA GLU A 326 22.66 -1.24 37.34
C GLU A 326 21.17 -1.67 37.36
N ALA A 327 20.22 -0.74 37.20
CA ALA A 327 18.78 -1.20 37.31
C ALA A 327 17.85 -0.12 36.82
N CYS A 328 16.58 -0.41 36.57
CA CYS A 328 15.64 0.59 36.17
C CYS A 328 14.24 0.13 36.46
N ASP A 329 13.32 1.07 36.54
CA ASP A 329 11.90 0.71 36.69
C ASP A 329 11.45 0.32 35.30
N VAL A 330 10.63 -0.74 35.15
CA VAL A 330 10.20 -1.08 33.84
C VAL A 330 8.69 -0.97 33.77
N GLY A 331 8.13 -0.39 32.73
CA GLY A 331 6.66 -0.37 32.59
C GLY A 331 6.31 -1.16 31.33
N PHE A 332 5.51 -2.21 31.47
CA PHE A 332 5.20 -2.99 30.29
C PHE A 332 4.14 -2.22 29.51
N ARG A 333 4.51 -1.68 28.38
CA ARG A 333 3.43 -1.04 27.65
C ARG A 333 3.93 -1.00 26.22
N GLU A 334 3.01 -1.04 25.25
CA GLU A 334 3.35 -0.94 23.86
C GLU A 334 2.75 0.37 23.30
N VAL A 335 3.52 1.09 22.53
CA VAL A 335 3.00 2.32 21.92
C VAL A 335 3.04 2.11 20.41
N ARG A 336 1.90 2.30 19.69
CA ARG A 336 2.03 2.09 18.27
C ARG A 336 0.98 2.88 17.54
N ILE A 337 1.23 3.20 16.31
CA ILE A 337 0.17 3.93 15.56
C ILE A 337 -0.36 2.94 14.52
N GLU A 338 -1.66 2.73 14.52
CA GLU A 338 -2.18 1.75 13.60
C GLU A 338 -3.48 2.23 13.02
N ASN A 339 -3.59 2.20 11.73
CA ASN A 339 -4.84 2.66 11.12
C ASN A 339 -5.16 4.13 11.43
N GLY A 340 -4.10 4.98 11.60
CA GLY A 340 -4.38 6.42 11.84
C GLY A 340 -4.51 6.78 13.29
N LEU A 341 -4.38 5.77 14.18
CA LEU A 341 -4.57 6.10 15.61
C LEU A 341 -3.38 5.76 16.45
N LEU A 342 -3.11 6.60 17.48
CA LEU A 342 -2.00 6.28 18.41
C LEU A 342 -2.63 5.41 19.48
N LEU A 343 -2.08 4.22 19.65
CA LEU A 343 -2.58 3.29 20.63
C LEU A 343 -1.58 3.01 21.75
N LEU A 344 -2.12 2.85 22.97
CA LEU A 344 -1.27 2.50 24.07
C LEU A 344 -1.86 1.17 24.54
N ASN A 345 -1.08 0.08 24.57
CA ASN A 345 -1.65 -1.18 25.00
C ASN A 345 -2.91 -1.52 24.20
N GLY A 346 -2.93 -1.15 22.93
CA GLY A 346 -3.97 -1.49 21.98
C GLY A 346 -5.18 -0.61 22.03
N LYS A 347 -5.19 0.39 22.91
CA LYS A 347 -6.37 1.23 22.97
C LYS A 347 -5.95 2.66 22.56
N PRO A 348 -6.85 3.39 21.92
CA PRO A 348 -6.52 4.73 21.45
C PRO A 348 -6.45 5.77 22.56
N LEU A 349 -5.37 6.49 22.66
CA LEU A 349 -5.31 7.44 23.78
C LEU A 349 -6.06 8.71 23.53
N LEU A 350 -6.38 9.45 24.58
CA LEU A 350 -6.97 10.77 24.37
C LEU A 350 -6.05 11.60 25.27
N ILE A 351 -5.19 12.40 24.62
CA ILE A 351 -4.17 13.15 25.35
C ILE A 351 -4.63 14.41 26.02
N ARG A 352 -4.65 14.40 27.36
CA ARG A 352 -5.00 15.53 28.19
C ARG A 352 -3.66 16.10 28.63
N GLY A 353 -3.00 16.81 27.67
CA GLY A 353 -1.66 17.22 27.95
C GLY A 353 -1.43 18.68 28.29
N VAL A 354 -0.18 19.01 28.70
CA VAL A 354 0.21 20.40 28.93
C VAL A 354 1.74 20.42 28.62
N ASN A 355 2.24 21.54 28.09
CA ASN A 355 3.67 21.76 27.86
C ASN A 355 4.17 22.29 29.17
N ARG A 356 5.32 21.83 29.69
CA ARG A 356 5.73 22.39 31.00
C ARG A 356 7.23 22.74 30.87
N HIS A 357 7.57 24.03 31.11
CA HIS A 357 8.96 24.48 31.09
C HIS A 357 9.52 24.24 32.48
N GLU A 358 10.85 24.23 32.66
CA GLU A 358 11.38 24.02 34.03
C GLU A 358 11.66 25.43 34.53
N HIS A 359 10.79 25.92 35.41
CA HIS A 359 10.89 27.30 35.81
C HIS A 359 10.49 27.43 37.27
N HIS A 360 11.28 28.21 38.04
CA HIS A 360 11.01 28.50 39.46
C HIS A 360 11.26 30.00 39.59
N PRO A 361 10.35 30.71 40.26
CA PRO A 361 10.40 32.19 40.34
C PRO A 361 11.56 32.67 41.15
N LEU A 362 12.05 31.80 42.06
CA LEU A 362 13.23 32.25 42.80
C LEU A 362 14.51 31.63 42.29
N HIS A 363 14.43 30.34 41.94
CA HIS A 363 15.65 29.65 41.48
C HIS A 363 15.87 29.61 39.99
N GLY A 364 15.02 30.27 39.22
CA GLY A 364 15.29 30.25 37.79
C GLY A 364 15.01 28.92 37.09
N GLN A 365 16.01 28.33 36.50
CA GLN A 365 15.76 27.09 35.74
C GLN A 365 16.30 25.85 36.46
N VAL A 366 16.67 26.03 37.71
CA VAL A 366 17.12 24.95 38.60
C VAL A 366 15.86 24.22 39.08
N MET A 367 15.77 22.91 38.96
CA MET A 367 14.57 22.15 39.37
C MET A 367 14.90 21.39 40.66
N ASP A 368 13.87 21.17 41.47
CA ASP A 368 14.01 20.44 42.72
C ASP A 368 12.88 19.46 42.83
N GLU A 369 13.07 18.41 43.57
CA GLU A 369 12.10 17.34 43.71
C GLU A 369 10.75 17.81 44.17
N GLN A 370 10.80 18.72 45.16
CA GLN A 370 9.58 19.24 45.76
C GLN A 370 8.71 19.92 44.73
N THR A 371 9.32 20.82 43.95
CA THR A 371 8.52 21.50 42.93
C THR A 371 8.01 20.55 41.86
N MET A 372 8.86 19.63 41.45
CA MET A 372 8.40 18.69 40.44
C MET A 372 7.20 17.93 40.96
N VAL A 373 7.31 17.46 42.19
CA VAL A 373 6.22 16.70 42.73
C VAL A 373 4.90 17.49 42.78
N GLN A 374 5.13 18.72 43.19
CA GLN A 374 4.02 19.65 43.31
C GLN A 374 3.37 19.84 41.94
N ASP A 375 4.18 20.01 40.89
CA ASP A 375 3.60 20.17 39.60
C ASP A 375 2.92 18.89 39.20
N ILE A 376 3.54 17.70 39.41
CA ILE A 376 2.85 16.47 38.97
C ILE A 376 1.60 16.27 39.76
N LEU A 377 1.60 16.55 41.10
CA LEU A 377 0.31 16.38 41.78
C LEU A 377 -0.82 17.27 41.20
N LEU A 378 -0.54 18.56 41.03
CA LEU A 378 -1.58 19.45 40.54
C LEU A 378 -2.00 19.03 39.15
N MET A 379 -1.04 18.51 38.34
CA MET A 379 -1.43 18.11 37.01
C MET A 379 -2.43 17.01 37.06
N LYS A 380 -2.08 16.02 37.83
CA LYS A 380 -3.03 14.93 37.93
C LYS A 380 -4.34 15.33 38.60
N GLN A 381 -4.22 16.17 39.61
CA GLN A 381 -5.43 16.52 40.26
C GLN A 381 -6.31 17.33 39.31
N ASN A 382 -5.76 17.86 38.21
CA ASN A 382 -6.57 18.67 37.30
C ASN A 382 -6.85 17.97 35.99
N ASN A 383 -6.81 16.65 36.07
CA ASN A 383 -7.16 15.76 34.95
C ASN A 383 -6.21 15.77 33.75
N PHE A 384 -4.93 16.11 33.98
CA PHE A 384 -3.98 15.97 32.86
C PHE A 384 -3.44 14.55 32.95
N ASN A 385 -3.10 13.96 31.83
CA ASN A 385 -2.46 12.63 31.88
C ASN A 385 -1.16 12.67 31.06
N ALA A 386 -0.71 13.88 30.56
CA ALA A 386 0.45 13.85 29.65
C ALA A 386 1.16 15.14 29.71
N VAL A 387 2.45 15.15 29.42
CA VAL A 387 3.21 16.39 29.50
C VAL A 387 4.27 16.39 28.37
N ARG A 388 4.51 17.55 27.70
CA ARG A 388 5.55 17.61 26.70
C ARG A 388 6.68 18.46 27.32
N CYS A 389 7.91 17.99 27.15
CA CYS A 389 9.12 18.62 27.68
C CYS A 389 9.47 19.78 26.80
N SER A 390 8.60 20.80 26.79
CA SER A 390 8.91 21.92 25.93
C SER A 390 10.13 22.66 26.54
N HIS A 391 11.26 22.77 25.82
CA HIS A 391 11.52 22.19 24.50
C HIS A 391 12.96 21.63 24.62
N TYR A 392 13.14 20.65 25.52
CA TYR A 392 14.49 20.12 25.74
C TYR A 392 14.38 18.98 26.72
N PRO A 393 15.35 18.13 26.80
CA PRO A 393 15.30 17.05 27.79
C PRO A 393 15.25 17.68 29.19
N ASN A 394 14.54 17.06 30.13
CA ASN A 394 14.40 17.62 31.44
C ASN A 394 15.42 16.99 32.40
N HIS A 395 15.41 17.54 33.63
CA HIS A 395 16.21 17.05 34.73
C HIS A 395 15.80 15.57 34.86
N PRO A 396 16.77 14.71 35.10
CA PRO A 396 16.51 13.27 35.18
C PRO A 396 15.41 12.83 36.08
N LEU A 397 15.29 13.44 37.24
CA LEU A 397 14.26 13.02 38.18
C LEU A 397 12.82 13.17 37.62
N TRP A 398 12.58 14.10 36.68
CA TRP A 398 11.25 14.26 36.15
C TRP A 398 10.71 12.96 35.59
N TYR A 399 11.57 12.26 34.82
CA TYR A 399 11.16 10.99 34.19
C TYR A 399 10.83 9.93 35.22
N THR A 400 11.65 9.87 36.27
CA THR A 400 11.38 8.90 37.31
C THR A 400 10.00 9.16 37.87
N LEU A 401 9.73 10.43 38.12
CA LEU A 401 8.43 10.82 38.70
C LEU A 401 7.30 10.52 37.67
N CYS A 402 7.46 10.78 36.39
CA CYS A 402 6.32 10.50 35.53
C CYS A 402 6.17 8.97 35.43
N ASP A 403 7.29 8.25 35.49
CA ASP A 403 7.13 6.80 35.46
C ASP A 403 6.32 6.27 36.64
N ARG A 404 6.62 6.79 37.84
CA ARG A 404 5.97 6.30 39.07
C ARG A 404 4.55 6.81 39.35
N TYR A 405 4.35 8.09 39.07
CA TYR A 405 3.02 8.72 39.31
C TYR A 405 2.08 8.44 38.11
N GLY A 406 2.70 8.26 36.95
CA GLY A 406 1.92 7.98 35.73
C GLY A 406 1.48 9.23 34.91
N LEU A 407 2.31 9.67 33.96
CA LEU A 407 1.98 10.73 33.03
C LEU A 407 2.63 10.25 31.73
N TYR A 408 1.98 10.38 30.57
CA TYR A 408 2.67 10.06 29.34
C TYR A 408 3.55 11.25 28.98
N VAL A 409 4.73 11.01 28.47
CA VAL A 409 5.66 12.10 28.18
C VAL A 409 6.18 12.19 26.76
N VAL A 410 6.25 13.45 26.24
CA VAL A 410 6.87 13.61 24.94
C VAL A 410 8.27 14.16 25.32
N ASP A 411 9.35 13.44 25.03
CA ASP A 411 10.75 13.83 25.35
C ASP A 411 11.25 14.49 24.10
N GLU A 412 11.75 15.73 24.28
CA GLU A 412 12.09 16.60 23.16
C GLU A 412 13.54 17.05 23.08
N ALA A 413 14.11 16.89 21.90
CA ALA A 413 15.52 17.32 21.77
C ALA A 413 15.71 18.80 21.98
N ASN A 414 16.89 19.17 22.56
CA ASN A 414 17.17 20.60 22.83
C ASN A 414 17.60 21.32 21.55
N ILE A 415 16.66 21.45 20.58
CA ILE A 415 16.97 22.13 19.32
C ILE A 415 15.83 23.08 18.97
N GLU A 416 16.14 24.40 18.99
CA GLU A 416 15.16 25.38 18.56
C GLU A 416 15.90 26.56 17.92
N THR A 417 15.61 26.87 16.66
CA THR A 417 16.33 27.95 15.97
C THR A 417 15.26 28.92 15.41
N HIS A 418 14.26 29.23 16.23
CA HIS A 418 13.16 30.05 15.76
C HIS A 418 13.59 31.36 15.13
N GLY A 419 14.61 31.99 15.69
CA GLY A 419 14.99 33.29 15.16
C GLY A 419 15.73 33.32 13.86
N MET A 420 16.00 32.19 13.22
CA MET A 420 16.70 32.26 11.95
C MET A 420 15.72 32.71 10.86
N VAL A 421 16.26 33.18 9.76
CA VAL A 421 15.40 33.56 8.66
C VAL A 421 16.02 32.87 7.42
N PRO A 422 15.29 31.96 6.78
CA PRO A 422 13.98 31.42 7.16
C PRO A 422 14.28 30.48 8.37
N MET A 423 13.27 29.92 9.02
CA MET A 423 13.50 29.20 10.25
C MET A 423 14.32 27.94 10.06
N ASN A 424 14.33 27.31 8.88
CA ASN A 424 15.15 26.10 8.74
C ASN A 424 16.55 26.46 8.20
N ARG A 425 17.01 27.71 8.29
CA ARG A 425 18.34 27.97 7.69
C ARG A 425 19.46 27.07 8.20
N LEU A 426 19.47 26.78 9.52
CA LEU A 426 20.49 25.88 10.06
C LEU A 426 20.05 24.41 9.92
N THR A 427 18.76 24.11 10.14
CA THR A 427 18.36 22.70 10.12
C THR A 427 18.43 22.07 8.75
N ASP A 428 18.51 22.89 7.74
CA ASP A 428 18.65 22.33 6.38
C ASP A 428 20.09 22.29 5.91
N ASP A 429 21.00 22.76 6.79
CA ASP A 429 22.41 22.87 6.41
C ASP A 429 23.20 21.71 7.03
N PRO A 430 23.85 20.97 6.16
CA PRO A 430 24.57 19.81 6.61
C PRO A 430 25.64 20.13 7.56
N ARG A 431 26.05 21.35 7.56
CA ARG A 431 27.14 21.62 8.50
C ARG A 431 26.72 21.65 9.94
N TRP A 432 25.41 21.72 10.12
CA TRP A 432 24.83 21.77 11.44
C TRP A 432 24.25 20.40 11.74
N LEU A 433 24.44 19.43 10.86
CA LEU A 433 23.92 18.13 11.21
C LEU A 433 24.59 17.49 12.43
N PRO A 434 25.89 17.58 12.55
CA PRO A 434 26.58 16.98 13.70
C PRO A 434 26.15 17.56 15.04
N ALA A 435 26.03 18.89 15.16
CA ALA A 435 25.58 19.43 16.45
C ALA A 435 24.12 19.04 16.70
N MET A 436 23.26 19.08 15.65
CA MET A 436 21.89 18.66 15.88
C MET A 436 21.84 17.15 16.24
N SER A 437 22.64 16.36 15.52
CA SER A 437 22.58 14.94 15.82
C SER A 437 22.83 14.61 17.26
N GLU A 438 23.79 15.30 17.84
CA GLU A 438 24.08 14.93 19.25
C GLU A 438 22.95 15.29 20.18
N ARG A 439 22.19 16.32 19.84
CA ARG A 439 21.09 16.73 20.72
C ARG A 439 19.98 15.65 20.68
N VAL A 440 19.82 15.01 19.52
CA VAL A 440 18.84 13.97 19.42
C VAL A 440 19.39 12.65 19.96
N THR A 441 20.53 12.24 19.45
CA THR A 441 20.98 10.93 19.89
C THR A 441 21.29 10.76 21.34
N ARG A 442 21.94 11.77 21.96
CA ARG A 442 22.29 11.60 23.39
C ARG A 442 21.05 11.62 24.25
N MET A 443 19.96 12.26 23.73
CA MET A 443 18.71 12.26 24.50
C MET A 443 18.14 10.84 24.49
N VAL A 444 18.07 10.26 23.29
CA VAL A 444 17.49 8.94 23.26
C VAL A 444 18.37 7.98 24.09
N GLN A 445 19.69 8.15 24.00
CA GLN A 445 20.57 7.23 24.75
C GLN A 445 20.34 7.29 26.24
N ARG A 446 19.92 8.45 26.69
CA ARG A 446 19.72 8.58 28.12
C ARG A 446 18.33 8.20 28.56
N ASP A 447 17.27 8.45 27.75
CA ASP A 447 15.96 8.30 28.31
C ASP A 447 15.13 7.17 27.77
N ARG A 448 15.75 6.41 26.90
CA ARG A 448 15.06 5.32 26.26
C ARG A 448 14.48 4.18 27.10
N ASN A 449 14.90 3.99 28.33
CA ASN A 449 14.30 2.92 29.09
C ASN A 449 13.14 3.42 30.00
N HIS A 450 12.77 4.70 29.91
CA HIS A 450 11.68 5.17 30.78
C HIS A 450 10.32 4.87 30.16
N PRO A 451 9.47 4.11 30.83
CA PRO A 451 8.13 3.85 30.28
C PRO A 451 7.31 5.10 30.06
N SER A 452 7.51 6.12 30.91
CA SER A 452 6.70 7.34 30.78
C SER A 452 6.90 7.99 29.41
N VAL A 453 8.12 7.89 28.86
CA VAL A 453 8.36 8.48 27.54
C VAL A 453 7.65 7.68 26.51
N ILE A 454 6.68 8.26 25.77
CA ILE A 454 6.00 7.43 24.76
C ILE A 454 6.23 7.96 23.37
N ILE A 455 6.71 9.20 23.24
CA ILE A 455 6.89 9.77 21.93
C ILE A 455 8.18 10.55 21.95
N TRP A 456 8.98 10.47 20.90
CA TRP A 456 10.19 11.31 20.88
C TRP A 456 9.89 12.53 19.99
N SER A 457 10.43 13.71 20.31
CA SER A 457 10.24 14.89 19.45
C SER A 457 11.60 15.40 19.04
N LEU A 458 11.68 15.89 17.81
CA LEU A 458 12.97 16.38 17.23
C LEU A 458 13.38 17.78 17.62
N GLY A 459 12.61 18.37 18.49
CA GLY A 459 13.00 19.74 18.86
C GLY A 459 11.78 20.68 18.63
N ASN A 460 11.98 22.02 18.44
CA ASN A 460 10.80 22.91 18.28
C ASN A 460 11.15 24.13 17.41
N GLU A 461 10.17 24.61 16.63
CA GLU A 461 10.36 25.82 15.87
C GLU A 461 11.77 26.02 15.31
N SER A 462 12.11 25.10 14.40
CA SER A 462 13.36 25.12 13.64
C SER A 462 13.05 24.86 12.19
N GLY A 463 11.83 25.24 11.72
CA GLY A 463 11.47 24.95 10.32
C GLY A 463 11.53 23.44 10.06
N HIS A 464 11.70 23.06 8.78
CA HIS A 464 11.83 21.64 8.47
C HIS A 464 13.02 21.59 7.55
N GLY A 465 14.10 20.97 8.01
CA GLY A 465 15.35 20.87 7.22
C GLY A 465 15.73 19.38 6.97
N ALA A 466 16.56 19.15 5.94
CA ALA A 466 16.91 17.75 5.68
C ALA A 466 17.56 17.09 6.93
N ASN A 467 18.16 17.89 7.84
CA ASN A 467 18.73 17.31 9.04
C ASN A 467 17.64 16.68 9.87
N HIS A 468 16.42 17.22 9.79
CA HIS A 468 15.34 16.63 10.60
C HIS A 468 14.97 15.26 10.02
N ASP A 469 14.97 15.18 8.67
CA ASP A 469 14.64 13.88 8.03
C ASP A 469 15.66 12.81 8.38
N ALA A 470 16.92 13.16 8.38
CA ALA A 470 17.94 12.21 8.71
C ALA A 470 17.79 11.70 10.15
N LEU A 471 17.49 12.65 11.05
CA LEU A 471 17.37 12.31 12.46
C LEU A 471 16.09 11.54 12.82
N TYR A 472 15.02 11.91 12.14
CA TYR A 472 13.76 11.20 12.32
C TYR A 472 14.08 9.71 12.01
N ARG A 473 14.78 9.49 10.89
CA ARG A 473 15.09 8.13 10.49
C ARG A 473 16.01 7.45 11.45
N TRP A 474 16.93 8.18 12.00
CA TRP A 474 17.86 7.54 12.95
C TRP A 474 17.09 7.03 14.15
N ILE A 475 16.18 7.82 14.69
CA ILE A 475 15.46 7.29 15.87
C ILE A 475 14.60 6.07 15.50
N LYS A 476 13.91 6.21 14.37
CA LYS A 476 13.09 5.09 13.93
C LYS A 476 13.94 3.84 13.78
N SER A 477 15.20 3.93 13.36
CA SER A 477 16.03 2.71 13.29
C SER A 477 16.44 2.22 14.63
N VAL A 478 16.90 3.15 15.49
CA VAL A 478 17.35 2.71 16.80
C VAL A 478 16.27 2.35 17.80
N ASP A 479 15.10 2.94 17.66
CA ASP A 479 14.09 2.63 18.67
C ASP A 479 12.73 2.56 18.05
N PRO A 480 12.40 1.41 17.62
CA PRO A 480 11.12 1.26 16.98
C PRO A 480 9.96 1.28 17.95
N SER A 481 10.23 1.40 19.25
CA SER A 481 9.07 1.33 20.16
C SER A 481 8.26 2.57 20.32
N ARG A 482 8.70 3.71 19.77
CA ARG A 482 7.96 4.92 20.03
C ARG A 482 7.88 5.78 18.77
N PRO A 483 6.74 6.36 18.54
CA PRO A 483 6.58 7.27 17.38
C PRO A 483 7.48 8.50 17.54
N VAL A 484 7.80 9.15 16.42
CA VAL A 484 8.61 10.38 16.47
C VAL A 484 7.73 11.49 15.88
N GLN A 485 7.72 12.66 16.56
CA GLN A 485 6.86 13.72 15.99
C GLN A 485 7.72 15.00 15.91
N TYR A 486 7.28 16.04 15.18
CA TYR A 486 8.03 17.28 15.05
C TYR A 486 7.08 18.20 14.24
N GLU A 487 6.92 19.42 14.79
CA GLU A 487 5.96 20.33 14.21
C GLU A 487 6.47 21.25 13.17
N GLY A 488 7.77 21.46 13.11
CA GLY A 488 8.32 22.46 12.21
C GLY A 488 8.01 22.24 10.77
N GLY A 489 7.96 23.36 10.09
CA GLY A 489 7.72 23.26 8.66
C GLY A 489 6.32 22.87 8.28
N GLY A 490 5.32 23.11 9.10
CA GLY A 490 3.97 22.84 8.66
C GLY A 490 3.20 21.72 9.33
N ALA A 491 3.87 21.15 10.31
CA ALA A 491 3.33 20.15 11.25
C ALA A 491 2.87 18.81 10.71
N ASP A 492 3.01 18.57 9.46
CA ASP A 492 2.60 17.34 8.80
C ASP A 492 3.65 16.94 7.76
N THR A 493 4.89 17.30 8.04
CA THR A 493 6.04 16.95 7.16
C THR A 493 6.44 15.45 7.24
N THR A 494 7.44 15.11 6.42
CA THR A 494 7.93 13.77 6.38
C THR A 494 8.74 13.48 7.58
N ALA A 495 8.90 14.43 8.49
CA ALA A 495 9.68 14.08 9.65
C ALA A 495 8.78 13.87 10.87
N THR A 496 7.49 13.60 10.67
CA THR A 496 6.60 13.40 11.83
C THR A 496 5.58 12.30 11.57
N ASP A 497 5.46 11.46 12.57
CA ASP A 497 4.47 10.36 12.55
C ASP A 497 3.08 10.83 12.97
N ILE A 498 3.05 12.04 13.56
CA ILE A 498 1.79 12.61 14.11
C ILE A 498 1.61 14.03 13.60
N ILE A 499 0.40 14.33 13.14
CA ILE A 499 0.20 15.71 12.69
C ILE A 499 0.17 16.47 14.00
N CYS A 500 1.12 17.39 14.24
CA CYS A 500 1.16 18.01 15.57
C CYS A 500 1.32 19.53 15.59
N PRO A 501 0.33 20.20 15.04
CA PRO A 501 0.37 21.64 14.94
C PRO A 501 0.29 22.32 16.31
N MET A 502 0.69 23.62 16.28
CA MET A 502 0.57 24.49 17.44
C MET A 502 -0.46 25.54 17.05
N TYR A 503 -1.45 25.64 17.96
CA TYR A 503 -2.47 26.66 17.77
C TYR A 503 -3.37 26.56 16.55
N ALA A 504 -3.52 25.41 15.91
CA ALA A 504 -4.48 25.33 14.85
C ALA A 504 -5.82 25.38 15.59
N ARG A 505 -6.82 26.06 15.01
CA ARG A 505 -8.11 26.21 15.61
C ARG A 505 -9.01 25.04 15.30
N VAL A 506 -10.16 25.01 15.95
CA VAL A 506 -11.03 23.84 15.75
C VAL A 506 -11.75 23.81 14.41
N ASP A 507 -12.35 24.95 14.06
CA ASP A 507 -13.13 24.99 12.86
C ASP A 507 -12.59 25.98 11.90
N GLU A 508 -11.79 26.87 12.39
CA GLU A 508 -11.33 27.97 11.51
C GLU A 508 -10.02 27.74 10.82
N ASP A 509 -10.02 27.84 9.50
CA ASP A 509 -8.73 27.65 8.83
C ASP A 509 -7.86 28.86 8.92
N GLN A 510 -6.52 28.77 8.91
CA GLN A 510 -5.65 29.97 8.85
C GLN A 510 -4.64 29.60 7.78
N PRO A 511 -5.03 29.94 6.57
CA PRO A 511 -4.24 29.45 5.43
C PRO A 511 -2.96 30.18 5.12
N PHE A 512 -2.03 30.24 6.04
CA PHE A 512 -0.79 30.91 5.75
C PHE A 512 -0.06 30.22 4.62
N PRO A 513 0.70 30.97 3.84
CA PRO A 513 1.42 30.37 2.76
C PRO A 513 2.50 29.51 3.37
N ALA A 514 2.67 28.42 2.66
CA ALA A 514 3.69 27.41 2.98
C ALA A 514 3.41 26.59 4.22
N VAL A 515 3.02 27.25 5.35
CA VAL A 515 2.76 26.48 6.60
C VAL A 515 1.40 26.88 7.15
N PRO A 516 0.35 26.51 6.38
CA PRO A 516 -1.03 26.85 6.78
C PRO A 516 -1.37 26.14 8.08
N LYS A 517 -2.24 26.73 8.90
CA LYS A 517 -2.72 26.06 10.11
C LYS A 517 -4.15 25.73 9.82
N TRP A 518 -4.40 24.53 9.25
CA TRP A 518 -5.81 24.20 8.99
C TRP A 518 -6.64 23.93 10.25
N SER A 519 -7.97 24.04 10.15
CA SER A 519 -8.91 23.66 11.18
C SER A 519 -8.46 22.25 11.45
N ILE A 520 -8.37 21.78 12.72
CA ILE A 520 -7.90 20.42 12.93
C ILE A 520 -8.83 19.36 12.37
N LYS A 521 -10.14 19.62 12.35
CA LYS A 521 -11.08 18.66 11.77
C LYS A 521 -10.82 18.51 10.28
N LYS A 522 -10.53 19.62 9.56
CA LYS A 522 -10.31 19.53 8.13
C LYS A 522 -8.94 18.96 7.82
N TRP A 523 -7.95 19.25 8.68
CA TRP A 523 -6.56 18.77 8.40
C TRP A 523 -6.55 17.23 8.35
N LEU A 524 -7.28 16.54 9.21
CA LEU A 524 -7.23 15.08 9.23
C LEU A 524 -7.62 14.45 7.90
N SER A 525 -8.51 15.12 7.16
CA SER A 525 -9.01 14.48 5.92
C SER A 525 -8.48 15.06 4.64
N LEU A 526 -7.41 15.85 4.66
CA LEU A 526 -6.90 16.41 3.41
C LEU A 526 -6.52 15.21 2.56
N PRO A 527 -6.63 15.32 1.26
CA PRO A 527 -6.32 14.20 0.34
C PRO A 527 -5.03 13.49 0.65
N GLY A 528 -5.19 12.19 0.85
CA GLY A 528 -4.03 11.33 1.13
C GLY A 528 -3.61 11.27 2.59
N GLU A 529 -4.19 12.08 3.48
CA GLU A 529 -3.68 12.08 4.87
C GLU A 529 -4.32 11.01 5.71
N THR A 530 -3.56 10.36 6.58
CA THR A 530 -4.15 9.32 7.41
C THR A 530 -3.62 9.32 8.84
N ARG A 531 -2.72 10.25 9.16
CA ARG A 531 -2.10 10.24 10.49
C ARG A 531 -2.95 10.74 11.65
N PRO A 532 -2.64 10.34 12.89
CA PRO A 532 -3.43 10.87 13.98
C PRO A 532 -3.00 12.35 14.16
N LEU A 533 -3.80 13.22 14.79
CA LEU A 533 -3.47 14.63 14.99
C LEU A 533 -3.56 14.92 16.52
N ILE A 534 -2.45 15.40 17.09
CA ILE A 534 -2.39 15.70 18.55
C ILE A 534 -1.66 17.04 18.60
N LEU A 535 -2.33 18.12 19.06
CA LEU A 535 -1.65 19.42 18.97
C LEU A 535 -0.44 19.46 19.86
N CYS A 536 0.72 19.90 19.38
CA CYS A 536 1.85 19.99 20.32
C CYS A 536 1.67 21.18 21.28
N GLN A 537 0.91 22.20 20.83
CA GLN A 537 0.57 23.35 21.68
C GLN A 537 -0.79 23.86 21.28
N TYR A 538 -1.69 24.07 22.25
CA TYR A 538 -2.98 24.66 21.89
C TYR A 538 -3.49 25.42 23.08
N ALA A 539 -4.40 26.39 22.81
CA ALA A 539 -4.91 27.24 23.92
C ALA A 539 -3.93 28.01 24.78
C ALA A 539 -3.62 28.05 24.15
N HIS A 540 -3.47 29.11 24.27
N HIS A 540 -3.72 29.19 24.72
CA HIS A 540 -2.50 29.97 24.94
C HIS A 540 -2.94 30.70 26.21
N ALA A 541 -2.56 30.13 27.35
CA ALA A 541 -3.05 30.64 28.62
C ALA A 541 -2.40 31.90 29.20
N MET A 542 -2.32 32.88 28.36
CA MET A 542 -1.69 34.12 28.71
C MET A 542 -2.71 35.11 29.30
N GLY A 543 -2.55 35.45 30.56
CA GLY A 543 -3.53 36.39 31.06
C GLY A 543 -4.93 35.79 31.16
N ASN A 544 -5.92 36.65 31.03
CA ASN A 544 -7.25 36.09 31.16
C ASN A 544 -7.57 35.45 29.82
N SER A 545 -7.44 34.13 29.78
CA SER A 545 -7.59 33.43 28.50
C SER A 545 -8.23 32.05 28.66
N LEU A 546 -8.00 31.15 27.67
CA LEU A 546 -8.63 29.82 27.63
C LEU A 546 -10.04 29.94 27.08
N GLY A 547 -10.39 31.11 26.50
CA GLY A 547 -11.74 31.20 25.90
C GLY A 547 -11.77 30.23 24.70
N GLY A 548 -12.80 29.44 24.57
CA GLY A 548 -12.89 28.52 23.46
C GLY A 548 -12.35 27.17 23.82
N PHE A 549 -11.85 27.05 25.04
CA PHE A 549 -11.24 25.77 25.36
C PHE A 549 -12.19 24.58 25.13
N ALA A 550 -13.45 24.73 25.48
CA ALA A 550 -14.36 23.60 25.33
C ALA A 550 -14.54 23.18 23.92
N LYS A 551 -14.36 24.09 22.99
CA LYS A 551 -14.60 23.70 21.59
C LYS A 551 -13.60 22.61 21.18
N TYR A 552 -12.40 22.71 21.76
CA TYR A 552 -11.40 21.71 21.40
C TYR A 552 -11.83 20.38 21.93
N TRP A 553 -12.23 20.28 23.20
CA TRP A 553 -12.56 18.97 23.79
C TRP A 553 -13.78 18.32 23.14
N GLN A 554 -14.77 19.09 22.71
CA GLN A 554 -15.93 18.51 21.99
C GLN A 554 -15.42 17.88 20.66
N ALA A 555 -14.47 18.51 19.95
CA ALA A 555 -13.99 17.94 18.73
C ALA A 555 -13.14 16.67 19.01
N PHE A 556 -12.26 16.77 20.03
CA PHE A 556 -11.47 15.63 20.29
C PHE A 556 -12.38 14.44 20.61
N ARG A 557 -13.48 14.63 21.35
CA ARG A 557 -14.29 13.46 21.70
C ARG A 557 -15.05 12.97 20.52
N GLN A 558 -15.43 13.87 19.64
CA GLN A 558 -16.17 13.46 18.47
C GLN A 558 -15.35 12.77 17.35
N TYR A 559 -14.11 13.15 17.06
CA TYR A 559 -13.35 12.61 15.92
C TYR A 559 -12.27 11.68 16.48
N PRO A 560 -12.29 10.40 16.09
CA PRO A 560 -11.33 9.48 16.65
C PRO A 560 -9.92 9.90 16.45
N ARG A 561 -9.55 10.35 15.29
CA ARG A 561 -8.17 10.71 15.02
C ARG A 561 -7.73 12.04 15.62
N LEU A 562 -8.67 12.78 16.22
CA LEU A 562 -8.22 14.00 16.96
C LEU A 562 -7.94 13.43 18.35
N GLN A 563 -6.65 13.19 18.71
CA GLN A 563 -6.31 12.52 19.96
C GLN A 563 -5.82 13.44 21.07
N GLY A 564 -6.23 14.70 20.96
CA GLY A 564 -5.89 15.59 22.09
C GLY A 564 -4.79 16.60 21.84
N GLY A 565 -4.15 17.02 22.94
CA GLY A 565 -3.12 17.99 22.65
C GLY A 565 -2.48 18.43 23.94
N PHE A 566 -1.50 19.32 23.83
CA PHE A 566 -0.79 19.77 25.03
C PHE A 566 -1.03 21.25 25.19
N VAL A 567 -1.72 21.63 26.25
CA VAL A 567 -2.01 23.04 26.51
C VAL A 567 -0.75 23.90 26.59
N TRP A 568 -0.83 25.14 26.09
CA TRP A 568 0.36 26.00 26.21
C TRP A 568 0.06 27.09 27.27
N ASP A 569 0.55 27.06 28.50
CA ASP A 569 1.48 26.06 29.03
C ASP A 569 1.21 25.89 30.47
N TRP A 570 2.03 25.19 31.19
CA TRP A 570 1.69 24.93 32.59
C TRP A 570 1.90 26.11 33.57
N VAL A 571 3.11 26.67 33.62
CA VAL A 571 3.40 27.70 34.66
C VAL A 571 4.00 29.00 34.10
N ASP A 572 3.54 30.15 34.57
CA ASP A 572 4.06 31.40 34.08
C ASP A 572 5.54 31.50 34.38
N GLN A 573 6.33 32.05 33.46
CA GLN A 573 7.76 32.26 33.75
C GLN A 573 7.94 33.69 34.27
N SER A 574 7.29 34.00 35.42
CA SER A 574 7.56 35.33 35.97
C SER A 574 8.70 35.06 36.98
N LEU A 575 9.49 36.11 37.29
CA LEU A 575 10.56 36.03 38.26
C LEU A 575 10.32 37.02 39.42
N ILE A 576 10.79 36.64 40.57
CA ILE A 576 10.63 37.57 41.70
C ILE A 576 11.67 38.64 41.75
N LYS A 577 11.21 39.84 41.97
CA LYS A 577 12.06 41.00 42.21
C LYS A 577 11.64 41.59 43.55
N TYR A 578 12.47 42.45 44.16
CA TYR A 578 12.16 43.08 45.44
C TYR A 578 12.20 44.60 45.36
N ASP A 579 11.15 45.27 45.94
CA ASP A 579 10.99 46.72 46.01
C ASP A 579 11.83 47.28 47.14
N GLU A 580 11.89 48.61 47.21
CA GLU A 580 12.67 49.34 48.21
C GLU A 580 12.53 48.78 49.62
N ASN A 581 11.29 48.48 49.89
CA ASN A 581 10.83 47.95 51.18
C ASN A 581 11.16 46.49 51.37
N GLY A 582 11.59 45.91 50.25
CA GLY A 582 11.95 44.52 50.27
C GLY A 582 10.83 43.53 50.08
N ASN A 583 9.70 43.97 49.52
CA ASN A 583 8.53 43.11 49.25
C ASN A 583 8.67 42.59 47.86
N PRO A 584 8.44 41.31 47.72
CA PRO A 584 8.60 40.59 46.43
C PRO A 584 7.50 40.98 45.48
N TRP A 585 7.76 40.93 44.19
CA TRP A 585 6.80 41.24 43.17
C TRP A 585 7.21 40.49 41.95
N SER A 586 6.16 40.11 41.21
CA SER A 586 6.37 39.28 40.01
C SER A 586 6.85 40.09 38.81
N ALA A 587 8.01 39.74 38.23
CA ALA A 587 8.51 40.52 37.13
C ALA A 587 8.42 39.72 35.80
N TYR A 588 8.42 40.42 34.68
CA TYR A 588 8.40 39.80 33.38
C TYR A 588 9.48 40.40 32.46
N GLY A 589 9.41 40.17 31.14
CA GLY A 589 10.44 40.70 30.23
C GLY A 589 10.66 42.20 30.34
N GLY A 590 11.92 42.63 30.28
CA GLY A 590 12.31 44.03 30.34
C GLY A 590 12.47 44.45 31.80
N ASP A 591 11.94 43.70 32.74
CA ASP A 591 12.07 44.15 34.09
C ASP A 591 13.47 44.05 34.69
N PHE A 592 14.47 43.56 33.94
CA PHE A 592 15.84 43.43 34.44
C PHE A 592 16.76 44.31 33.61
N GLY A 593 16.15 45.24 32.83
CA GLY A 593 16.93 46.11 31.98
C GLY A 593 17.23 45.44 30.63
N ASP A 594 16.72 44.21 30.55
CA ASP A 594 16.92 43.37 29.38
C ASP A 594 16.25 43.98 28.14
N THR A 595 16.96 44.16 27.03
CA THR A 595 16.27 44.74 25.89
C THR A 595 17.13 44.39 24.70
N PRO A 596 16.52 44.11 23.59
CA PRO A 596 15.07 44.07 23.46
C PRO A 596 14.48 42.93 24.28
N ASN A 597 13.18 42.98 24.49
CA ASN A 597 12.57 41.90 25.28
C ASN A 597 11.15 41.70 24.85
N ASP A 598 10.51 40.64 25.28
CA ASP A 598 9.14 40.41 24.87
C ASP A 598 8.10 40.51 25.95
N ARG A 599 8.37 41.43 26.85
CA ARG A 599 7.41 41.73 27.89
C ARG A 599 6.69 40.57 28.58
N GLN A 600 5.36 40.67 28.64
CA GLN A 600 4.65 39.66 29.40
C GLN A 600 4.43 38.36 28.63
N PHE A 601 5.02 38.24 27.44
CA PHE A 601 4.88 37.00 26.67
C PHE A 601 5.49 35.78 27.39
N CYS A 602 6.26 35.99 28.48
CA CYS A 602 6.80 34.85 29.16
C CYS A 602 5.78 34.26 30.15
N MET A 603 4.61 34.90 30.28
CA MET A 603 3.63 34.35 31.28
C MET A 603 2.43 33.78 30.53
N ASN A 604 2.40 32.46 30.32
CA ASN A 604 1.27 31.86 29.54
C ASN A 604 0.72 30.68 30.31
N GLY A 605 1.01 30.60 31.62
CA GLY A 605 0.67 29.39 32.39
C GLY A 605 -0.75 29.23 32.94
N LEU A 606 -1.15 27.95 33.14
CA LEU A 606 -2.43 27.71 33.85
C LEU A 606 -2.25 28.08 35.33
N VAL A 607 -1.00 28.04 35.79
CA VAL A 607 -0.75 28.40 37.16
C VAL A 607 0.24 29.53 37.16
N PHE A 608 0.18 30.30 38.25
CA PHE A 608 1.16 31.42 38.51
C PHE A 608 2.54 30.78 38.81
N ALA A 609 3.67 31.52 38.73
CA ALA A 609 4.98 30.92 39.01
C ALA A 609 5.01 30.24 40.40
N ASP A 610 4.23 30.69 41.42
CA ASP A 610 4.24 29.98 42.71
C ASP A 610 3.24 28.85 42.80
N ARG A 611 2.73 28.44 41.66
CA ARG A 611 1.85 27.35 41.55
C ARG A 611 0.40 27.59 41.96
N THR A 612 0.06 28.84 42.24
CA THR A 612 -1.31 29.18 42.60
C THR A 612 -2.07 29.05 41.29
N PRO A 613 -3.28 28.49 41.28
CA PRO A 613 -3.95 28.43 39.99
C PRO A 613 -4.48 29.72 39.45
N HIS A 614 -4.50 29.77 38.12
CA HIS A 614 -5.22 30.86 37.49
C HIS A 614 -6.62 30.25 37.29
N PRO A 615 -7.63 31.07 37.06
CA PRO A 615 -8.99 30.54 36.92
C PRO A 615 -9.14 29.59 35.75
N ALA A 616 -8.28 29.77 34.77
CA ALA A 616 -8.44 28.86 33.63
C ALA A 616 -8.15 27.38 33.96
N LEU A 617 -7.39 27.13 35.02
CA LEU A 617 -7.07 25.74 35.35
C LEU A 617 -8.34 24.97 35.56
N THR A 618 -9.35 25.55 36.24
CA THR A 618 -10.59 24.76 36.46
C THR A 618 -11.36 24.48 35.17
N GLU A 619 -11.26 25.40 34.21
CA GLU A 619 -11.90 25.13 32.95
C GLU A 619 -11.23 23.92 32.33
N ALA A 620 -9.89 23.91 32.41
CA ALA A 620 -9.23 22.74 31.79
C ALA A 620 -9.60 21.44 32.52
N LYS A 621 -9.65 21.50 33.85
CA LYS A 621 -9.97 20.31 34.70
C LYS A 621 -11.29 19.74 34.25
N HIS A 622 -12.24 20.68 34.05
CA HIS A 622 -13.57 20.24 33.73
C HIS A 622 -13.64 19.61 32.35
N GLN A 623 -13.04 20.29 31.40
CA GLN A 623 -13.15 19.75 30.04
C GLN A 623 -12.42 18.40 29.87
N GLN A 624 -11.43 18.24 30.67
CA GLN A 624 -10.60 17.02 30.62
C GLN A 624 -11.07 15.93 31.57
N GLN A 625 -12.31 16.01 32.01
CA GLN A 625 -12.87 14.95 32.88
C GLN A 625 -12.85 13.58 32.21
N PHE A 626 -12.81 12.50 33.05
CA PHE A 626 -12.76 11.13 32.54
C PHE A 626 -14.09 10.47 32.57
N PHE A 627 -15.13 11.20 33.00
CA PHE A 627 -16.52 10.65 33.01
C PHE A 627 -17.42 11.63 32.32
N GLN A 628 -18.26 11.17 31.38
CA GLN A 628 -19.18 12.05 30.62
C GLN A 628 -20.56 11.68 31.11
N PHE A 629 -21.47 12.61 31.11
CA PHE A 629 -22.78 12.27 31.62
C PHE A 629 -23.87 12.74 30.67
N ARG A 630 -25.00 12.07 30.76
CA ARG A 630 -26.19 12.46 30.00
C ARG A 630 -27.37 12.33 30.96
N LEU A 631 -28.43 13.14 30.80
CA LEU A 631 -29.52 12.97 31.72
C LEU A 631 -30.80 12.72 30.92
N SER A 632 -31.60 11.70 31.29
CA SER A 632 -32.89 11.42 30.59
C SER A 632 -33.99 11.18 31.60
N GLY A 633 -34.77 12.23 31.84
CA GLY A 633 -35.74 12.12 32.87
C GLY A 633 -34.98 12.37 34.14
N GLN A 634 -35.02 11.38 34.99
CA GLN A 634 -34.32 11.39 36.26
C GLN A 634 -33.25 10.29 36.28
N THR A 635 -32.90 9.83 35.09
CA THR A 635 -31.88 8.83 34.86
C THR A 635 -30.61 9.52 34.33
N ILE A 636 -29.54 9.28 35.07
CA ILE A 636 -28.20 9.77 34.79
C ILE A 636 -27.42 8.59 34.22
N GLU A 637 -26.87 8.85 33.04
CA GLU A 637 -26.02 7.93 32.31
C GLU A 637 -24.57 8.42 32.45
N VAL A 638 -23.76 7.60 33.12
CA VAL A 638 -22.37 7.98 33.28
C VAL A 638 -21.50 7.14 32.32
N THR A 639 -20.68 7.75 31.51
CA THR A 639 -19.83 6.95 30.60
C THR A 639 -18.35 7.14 30.99
N SER A 640 -17.58 6.07 31.09
CA SER A 640 -16.18 6.21 31.44
C SER A 640 -15.29 6.36 30.23
N GLU A 641 -14.38 7.31 30.34
CA GLU A 641 -13.44 7.47 29.24
C GLU A 641 -12.14 6.79 29.61
N TYR A 642 -12.03 6.14 30.76
CA TYR A 642 -10.83 5.41 31.12
C TYR A 642 -10.70 4.27 30.14
N LEU A 643 -9.48 3.92 29.78
CA LEU A 643 -9.23 2.84 28.86
C LEU A 643 -8.91 1.55 29.57
N PHE A 644 -8.29 1.66 30.74
CA PHE A 644 -7.88 0.45 31.42
C PHE A 644 -8.43 0.26 32.79
N ARG A 645 -8.80 1.24 33.60
CA ARG A 645 -9.27 0.97 34.97
C ARG A 645 -10.75 1.05 35.08
N HIS A 646 -11.25 0.33 36.09
CA HIS A 646 -12.66 0.36 36.46
C HIS A 646 -12.76 1.54 37.45
N SER A 647 -13.95 2.07 37.72
CA SER A 647 -14.07 3.24 38.62
C SER A 647 -14.06 2.75 40.06
N ASP A 648 -12.94 2.19 40.47
CA ASP A 648 -12.85 1.56 41.80
C ASP A 648 -12.54 2.55 42.90
N ASN A 649 -12.64 3.82 42.64
CA ASN A 649 -12.38 4.76 43.72
C ASN A 649 -13.21 5.97 43.40
N GLU A 650 -14.47 5.72 43.25
CA GLU A 650 -15.30 6.84 42.85
C GLU A 650 -16.72 6.63 43.31
N LEU A 651 -17.35 7.71 43.75
CA LEU A 651 -18.78 7.61 44.00
C LEU A 651 -19.46 8.86 43.41
N LEU A 652 -20.73 8.74 43.04
CA LEU A 652 -21.40 9.90 42.47
C LEU A 652 -22.23 10.61 43.53
N HIS A 653 -22.02 11.94 43.68
CA HIS A 653 -22.81 12.71 44.66
C HIS A 653 -23.71 13.51 43.78
N TRP A 654 -25.00 13.58 44.13
CA TRP A 654 -25.98 14.37 43.37
C TRP A 654 -26.77 15.29 44.31
N MET A 655 -27.14 16.45 43.84
CA MET A 655 -27.84 17.41 44.70
C MET A 655 -28.76 18.21 43.84
N VAL A 656 -29.97 18.45 44.37
CA VAL A 656 -30.92 19.27 43.66
C VAL A 656 -31.21 20.51 44.48
N ALA A 657 -31.21 21.71 43.90
CA ALA A 657 -31.42 22.90 44.67
C ALA A 657 -32.32 23.85 43.91
N LEU A 658 -33.09 24.66 44.62
CA LEU A 658 -33.98 25.58 43.98
C LEU A 658 -33.39 26.94 44.14
N ASP A 659 -32.92 27.49 43.01
CA ASP A 659 -32.28 28.78 43.09
C ASP A 659 -31.31 28.76 44.24
N GLY A 660 -30.43 27.74 44.34
CA GLY A 660 -29.47 27.78 45.42
C GLY A 660 -29.95 27.22 46.73
N LYS A 661 -31.25 27.02 46.90
CA LYS A 661 -31.64 26.43 48.17
C LYS A 661 -31.69 24.93 48.02
N PRO A 662 -30.90 24.25 48.82
CA PRO A 662 -30.83 22.80 48.81
C PRO A 662 -32.18 22.18 49.05
N LEU A 663 -32.51 21.16 48.25
CA LEU A 663 -33.77 20.46 48.25
C LEU A 663 -33.63 18.99 48.60
N ALA A 664 -32.61 18.37 48.01
CA ALA A 664 -32.39 16.95 48.25
C ALA A 664 -31.03 16.56 47.70
N SER A 665 -30.51 15.43 48.09
CA SER A 665 -29.18 15.05 47.63
C SER A 665 -28.98 13.64 47.98
N GLY A 666 -28.05 13.01 47.28
CA GLY A 666 -27.75 11.62 47.54
C GLY A 666 -26.38 11.31 47.03
N GLU A 667 -26.02 10.05 47.20
CA GLU A 667 -24.70 9.55 46.73
C GLU A 667 -24.92 8.15 46.21
N VAL A 668 -24.25 7.74 45.16
CA VAL A 668 -24.41 6.40 44.60
C VAL A 668 -23.04 5.90 44.25
N PRO A 669 -22.72 4.68 44.56
CA PRO A 669 -21.40 4.27 44.16
C PRO A 669 -21.35 4.14 42.60
N LEU A 670 -20.17 4.41 42.01
CA LEU A 670 -19.95 4.33 40.59
C LEU A 670 -19.22 3.03 40.31
N ASP A 671 -19.75 2.28 39.37
CA ASP A 671 -19.11 1.02 39.08
C ASP A 671 -19.10 0.91 37.60
N VAL A 672 -18.22 1.59 36.88
CA VAL A 672 -18.36 1.47 35.43
C VAL A 672 -17.03 1.01 34.88
N ALA A 673 -17.07 0.11 33.96
CA ALA A 673 -15.83 -0.39 33.43
C ALA A 673 -15.26 0.63 32.46
N PRO A 674 -13.98 0.41 32.08
CA PRO A 674 -13.34 1.33 31.13
C PRO A 674 -14.19 1.37 29.89
N GLN A 675 -14.44 2.59 29.39
CA GLN A 675 -15.32 2.81 28.21
C GLN A 675 -16.71 2.33 28.46
N GLY A 676 -17.06 1.87 29.66
CA GLY A 676 -18.40 1.34 29.91
C GLY A 676 -19.34 2.48 30.32
N LYS A 677 -20.59 2.13 30.57
CA LYS A 677 -21.65 3.04 30.99
C LYS A 677 -22.37 2.40 32.16
N GLN A 678 -22.95 3.26 32.99
CA GLN A 678 -23.78 2.95 34.13
C GLN A 678 -24.97 3.89 34.13
N LEU A 679 -26.14 3.30 34.39
CA LEU A 679 -27.38 4.10 34.47
C LEU A 679 -27.72 4.28 35.93
N ILE A 680 -28.05 5.49 36.35
CA ILE A 680 -28.37 5.69 37.76
C ILE A 680 -29.70 6.42 37.78
N GLU A 681 -30.72 5.77 38.37
CA GLU A 681 -32.03 6.40 38.43
C GLU A 681 -32.14 7.18 39.73
N LEU A 682 -32.31 8.47 39.62
CA LEU A 682 -32.41 9.29 40.83
C LEU A 682 -33.78 9.08 41.45
N PRO A 683 -33.75 9.22 42.77
CA PRO A 683 -34.91 9.19 43.63
C PRO A 683 -36.06 10.05 43.07
N GLU A 684 -37.30 9.91 43.62
CA GLU A 684 -38.48 10.64 43.17
C GLU A 684 -38.26 12.12 43.40
N LEU A 685 -38.36 12.90 42.35
CA LEU A 685 -38.11 14.24 42.67
C LEU A 685 -39.35 15.02 42.93
N PRO A 686 -39.03 15.79 43.98
CA PRO A 686 -39.84 16.78 44.66
C PRO A 686 -40.02 18.01 43.78
N GLN A 687 -41.28 18.44 43.76
CA GLN A 687 -41.73 19.61 43.03
C GLN A 687 -42.22 20.57 44.11
N PRO A 688 -41.68 21.78 44.14
CA PRO A 688 -42.15 22.69 45.18
C PRO A 688 -43.07 23.70 44.52
N GLU A 689 -43.97 24.20 45.33
CA GLU A 689 -44.94 25.16 44.84
C GLU A 689 -44.20 26.37 44.32
N SER A 690 -43.31 26.80 45.23
CA SER A 690 -42.40 27.93 45.18
C SER A 690 -41.71 28.16 43.82
N ALA A 691 -41.75 29.38 43.32
CA ALA A 691 -41.15 29.72 42.06
C ALA A 691 -39.65 29.54 42.01
N GLY A 692 -39.04 29.28 40.84
CA GLY A 692 -37.59 29.21 40.82
C GLY A 692 -37.19 28.14 39.85
N GLN A 693 -35.89 28.10 39.64
CA GLN A 693 -35.39 27.05 38.76
C GLN A 693 -34.70 25.94 39.58
N LEU A 694 -35.08 24.68 39.31
CA LEU A 694 -34.40 23.56 39.99
C LEU A 694 -33.16 23.21 39.17
N TRP A 695 -32.05 22.99 39.88
CA TRP A 695 -30.83 22.63 39.17
C TRP A 695 -30.26 21.37 39.78
N LEU A 696 -29.82 20.43 38.93
CA LEU A 696 -29.22 19.20 39.42
C LEU A 696 -27.70 19.34 39.26
N THR A 697 -26.95 19.04 40.32
CA THR A 697 -25.52 19.08 40.16
C THR A 697 -24.98 17.73 40.54
N VAL A 698 -24.08 17.14 39.73
CA VAL A 698 -23.51 15.84 40.18
C VAL A 698 -22.01 16.04 40.26
N ARG A 699 -21.36 15.29 41.13
CA ARG A 699 -19.90 15.34 41.26
C ARG A 699 -19.38 13.90 41.46
N VAL A 700 -18.21 13.61 40.87
CA VAL A 700 -17.61 12.31 41.07
C VAL A 700 -16.60 12.58 42.17
N VAL A 701 -16.64 11.82 43.27
CA VAL A 701 -15.72 12.03 44.40
C VAL A 701 -14.94 10.77 44.66
N GLN A 702 -13.63 10.93 44.96
CA GLN A 702 -12.78 9.76 45.27
C GLN A 702 -12.68 9.66 46.78
N PRO A 703 -13.28 8.58 47.23
CA PRO A 703 -13.34 8.40 48.65
C PRO A 703 -12.00 8.12 49.28
N ASN A 704 -11.18 7.38 48.57
CA ASN A 704 -9.89 7.01 49.15
C ASN A 704 -8.75 7.85 48.67
N ALA A 705 -7.79 8.11 49.54
CA ALA A 705 -6.64 8.90 49.07
C ALA A 705 -5.81 8.06 48.12
N THR A 706 -4.99 8.68 47.27
CA THR A 706 -4.14 7.97 46.30
C THR A 706 -2.74 8.52 46.38
N ALA A 707 -1.90 8.10 45.46
CA ALA A 707 -0.60 8.66 45.56
C ALA A 707 -0.66 10.07 45.18
N TRP A 708 -1.71 10.40 44.46
CA TRP A 708 -1.65 11.77 43.91
C TRP A 708 -2.81 12.67 44.36
N SER A 709 -3.70 12.15 45.23
CA SER A 709 -4.85 12.98 45.61
C SER A 709 -5.29 12.55 47.01
N GLU A 710 -5.98 13.45 47.72
CA GLU A 710 -6.48 13.25 49.09
C GLU A 710 -7.87 12.67 49.06
N ALA A 711 -8.22 12.01 50.19
CA ALA A 711 -9.54 11.46 50.23
C ALA A 711 -10.54 12.58 49.95
N GLY A 712 -11.60 12.28 49.22
CA GLY A 712 -12.56 13.33 48.99
C GLY A 712 -12.31 14.13 47.73
N HIS A 713 -11.20 13.93 47.05
CA HIS A 713 -10.94 14.71 45.88
C HIS A 713 -12.08 14.64 44.87
N ILE A 714 -12.46 15.77 44.28
CA ILE A 714 -13.51 15.73 43.27
C ILE A 714 -12.89 15.69 41.89
N SER A 715 -13.27 14.70 41.06
CA SER A 715 -12.60 14.57 39.75
C SER A 715 -13.46 15.02 38.60
N ALA A 716 -14.72 15.22 38.86
CA ALA A 716 -15.52 15.61 37.70
C ALA A 716 -16.88 16.14 38.21
N TRP A 717 -17.57 16.98 37.43
CA TRP A 717 -18.90 17.41 37.82
C TRP A 717 -19.68 17.79 36.58
N GLN A 718 -20.97 18.04 36.77
CA GLN A 718 -21.77 18.48 35.63
C GLN A 718 -23.13 18.96 36.20
N GLN A 719 -23.84 19.88 35.48
CA GLN A 719 -25.11 20.32 36.02
C GLN A 719 -26.11 20.35 34.91
N TRP A 720 -27.39 20.28 35.30
CA TRP A 720 -28.47 20.43 34.30
C TRP A 720 -29.59 21.19 35.00
N ARG A 721 -30.35 21.99 34.21
CA ARG A 721 -31.55 22.65 34.70
C ARG A 721 -32.65 21.54 34.73
N LEU A 722 -33.41 21.47 35.79
CA LEU A 722 -34.53 20.50 35.89
C LEU A 722 -35.80 21.31 35.68
N ALA A 723 -36.86 21.00 36.40
CA ALA A 723 -38.04 21.81 36.17
C ALA A 723 -37.88 23.28 36.61
N GLU A 724 -38.59 24.19 35.91
CA GLU A 724 -38.59 25.61 36.22
C GLU A 724 -40.05 26.03 36.52
N ASN A 725 -40.26 26.79 37.62
CA ASN A 725 -41.59 27.29 37.98
C ASN A 725 -41.49 28.78 37.86
N LEU A 726 -41.98 29.35 36.75
CA LEU A 726 -41.83 30.81 36.58
C LEU A 726 -42.70 31.58 37.60
N SER A 727 -42.26 32.68 38.19
CA SER A 727 -43.15 33.35 39.08
C SER A 727 -44.23 34.17 38.38
N VAL A 728 -45.47 33.92 38.84
CA VAL A 728 -46.65 34.63 38.33
C VAL A 728 -47.32 35.46 39.44
N THR A 729 -46.74 35.50 40.62
CA THR A 729 -47.39 36.22 41.69
C THR A 729 -46.86 37.62 41.80
N LEU A 730 -47.82 38.56 41.73
CA LEU A 730 -47.60 40.00 41.82
C LEU A 730 -47.15 40.47 43.21
N PRO A 731 -46.34 41.50 43.23
CA PRO A 731 -45.91 42.02 44.51
C PRO A 731 -47.10 42.79 45.12
N ALA A 732 -47.32 42.65 46.43
CA ALA A 732 -48.45 43.28 47.11
C ALA A 732 -48.45 44.80 46.96
N ALA A 733 -49.58 45.48 47.16
CA ALA A 733 -49.54 46.92 46.97
C ALA A 733 -48.96 47.69 48.14
N SER A 734 -48.05 48.60 47.76
CA SER A 734 -47.32 49.52 48.64
C SER A 734 -48.14 50.66 49.23
N HIS A 735 -47.84 50.87 50.49
CA HIS A 735 -48.44 51.88 51.30
C HIS A 735 -47.59 53.13 51.13
N ALA A 736 -47.41 53.51 49.84
CA ALA A 736 -46.59 54.67 49.52
C ALA A 736 -46.34 54.97 48.03
N ILE A 737 -46.08 56.25 47.70
CA ILE A 737 -45.80 56.59 46.32
C ILE A 737 -44.61 57.51 46.33
N PRO A 738 -43.64 57.34 45.44
CA PRO A 738 -42.47 58.22 45.55
C PRO A 738 -42.78 59.63 45.11
N HIS A 739 -42.09 60.62 45.66
CA HIS A 739 -42.38 62.02 45.27
C HIS A 739 -41.24 62.56 44.45
N LEU A 740 -41.57 63.36 43.46
CA LEU A 740 -40.59 63.95 42.57
C LEU A 740 -40.45 65.40 42.81
N THR A 741 -39.25 65.88 42.77
CA THR A 741 -38.97 67.30 42.92
C THR A 741 -38.09 67.70 41.76
N THR A 742 -38.44 68.72 41.03
CA THR A 742 -37.65 69.10 39.88
C THR A 742 -36.98 70.46 39.97
N SER A 743 -35.84 70.66 39.30
CA SER A 743 -35.13 71.97 39.18
C SER A 743 -34.54 71.89 37.79
N GLU A 744 -34.00 72.98 37.30
CA GLU A 744 -33.40 72.93 35.97
C GLU A 744 -32.34 71.87 35.82
N MET A 745 -31.58 71.62 36.91
CA MET A 745 -30.40 70.70 36.85
C MET A 745 -30.69 69.31 37.36
N ASP A 746 -31.82 69.07 38.04
CA ASP A 746 -31.96 67.70 38.51
C ASP A 746 -33.36 67.26 38.66
N PHE A 747 -33.49 65.93 38.72
CA PHE A 747 -34.77 65.31 39.05
C PHE A 747 -34.46 64.51 40.32
N CYS A 748 -35.12 64.84 41.45
CA CYS A 748 -34.93 64.15 42.72
C CYS A 748 -36.21 63.38 43.09
N ILE A 749 -36.04 62.15 43.48
CA ILE A 749 -37.16 61.35 43.91
C ILE A 749 -36.88 60.86 45.32
N GLU A 750 -37.94 60.86 46.14
CA GLU A 750 -37.84 60.45 47.56
C GLU A 750 -38.89 59.47 47.89
N LEU A 751 -38.47 58.46 48.62
CA LEU A 751 -39.42 57.46 49.07
C LEU A 751 -38.95 56.93 50.39
N GLY A 752 -39.70 57.30 51.41
CA GLY A 752 -39.33 56.93 52.76
C GLY A 752 -37.88 57.34 53.04
N ASN A 753 -37.05 56.36 53.44
CA ASN A 753 -35.70 56.70 53.80
C ASN A 753 -34.84 56.74 52.58
N LYS A 754 -35.44 56.69 51.43
CA LYS A 754 -34.55 56.67 50.32
C LYS A 754 -34.75 57.84 49.39
N ARG A 755 -33.67 58.15 48.69
CA ARG A 755 -33.66 59.23 47.70
C ARG A 755 -32.82 58.95 46.49
N TRP A 756 -33.22 59.47 45.33
CA TRP A 756 -32.41 59.27 44.10
C TRP A 756 -32.24 60.61 43.44
N GLN A 757 -31.10 60.94 42.84
CA GLN A 757 -30.93 62.21 42.18
C GLN A 757 -30.42 61.93 40.80
N PHE A 758 -31.14 62.42 39.80
CA PHE A 758 -30.76 62.27 38.38
C PHE A 758 -30.38 63.66 37.84
N ASN A 759 -29.17 63.72 37.34
CA ASN A 759 -28.65 64.99 36.77
C ASN A 759 -29.21 65.28 35.38
N ARG A 760 -29.90 66.41 35.18
CA ARG A 760 -30.50 66.75 33.89
C ARG A 760 -29.54 67.23 32.86
N GLN A 761 -28.34 67.61 33.29
CA GLN A 761 -27.36 67.97 32.32
C GLN A 761 -26.62 66.70 31.79
N SER A 762 -26.24 65.77 32.67
CA SER A 762 -25.58 64.59 32.21
C SER A 762 -26.57 63.47 31.82
N GLY A 763 -27.73 63.42 32.48
CA GLY A 763 -28.68 62.36 32.10
C GLY A 763 -28.40 61.05 32.90
N PHE A 764 -27.56 61.15 33.91
CA PHE A 764 -27.37 59.95 34.72
C PHE A 764 -27.76 60.10 36.18
N LEU A 765 -27.92 58.93 36.82
CA LEU A 765 -28.16 58.86 38.25
C LEU A 765 -26.87 59.26 38.86
N SER A 766 -26.87 60.40 39.51
CA SER A 766 -25.63 60.88 40.10
C SER A 766 -25.52 60.59 41.56
N GLN A 767 -26.63 60.30 42.24
CA GLN A 767 -26.45 59.98 43.66
C GLN A 767 -27.67 59.27 44.19
N MET A 768 -27.43 58.48 45.27
CA MET A 768 -28.56 57.83 45.93
C MET A 768 -28.24 57.85 47.40
N TRP A 769 -29.26 57.97 48.25
CA TRP A 769 -29.08 57.97 49.70
C TRP A 769 -29.95 56.88 50.29
N ILE A 770 -29.43 56.20 51.31
CA ILE A 770 -30.18 55.21 52.04
C ILE A 770 -30.03 55.74 53.45
N GLY A 771 -31.17 56.03 54.08
CA GLY A 771 -31.01 56.64 55.36
C GLY A 771 -30.39 57.95 54.92
N ASP A 772 -29.41 58.37 55.58
CA ASP A 772 -29.13 59.60 54.88
C ASP A 772 -27.75 59.49 54.33
N LYS A 773 -27.31 58.24 54.02
CA LYS A 773 -25.93 58.11 53.53
C LYS A 773 -25.87 58.00 52.02
N LYS A 774 -25.00 58.79 51.45
CA LYS A 774 -24.74 58.79 50.02
C LYS A 774 -24.22 57.43 49.66
N GLN A 775 -24.65 56.93 48.53
CA GLN A 775 -24.24 55.59 48.12
C GLN A 775 -23.25 55.56 46.96
N LEU A 776 -23.11 56.64 46.21
CA LEU A 776 -22.22 56.53 45.06
C LEU A 776 -21.10 57.56 45.13
N LEU A 777 -19.94 57.21 44.57
CA LEU A 777 -18.73 58.08 44.43
C LEU A 777 -18.66 58.59 43.03
N THR A 778 -19.14 57.83 42.05
CA THR A 778 -19.18 58.31 40.67
C THR A 778 -20.58 57.89 40.17
N PRO A 779 -21.17 58.63 39.27
CA PRO A 779 -22.52 58.29 38.74
C PRO A 779 -22.61 56.96 37.98
N LEU A 780 -23.85 56.50 37.85
CA LEU A 780 -24.07 55.26 37.12
C LEU A 780 -24.09 55.54 35.62
N ARG A 781 -23.14 55.05 34.82
CA ARG A 781 -23.16 55.41 33.42
C ARG A 781 -22.92 54.13 32.56
N ASP A 782 -23.31 54.19 31.30
CA ASP A 782 -23.08 53.07 30.43
C ASP A 782 -21.57 52.93 30.27
N GLN A 783 -21.18 51.68 29.97
CA GLN A 783 -19.77 51.30 29.72
C GLN A 783 -19.74 50.32 28.53
N PHE A 784 -18.90 50.63 27.52
CA PHE A 784 -18.77 49.85 26.27
C PHE A 784 -17.40 49.28 26.05
N THR A 785 -16.49 49.55 27.06
CA THR A 785 -15.10 49.07 26.90
C THR A 785 -14.62 48.31 28.10
N ARG A 786 -13.47 47.65 27.93
CA ARG A 786 -12.82 46.98 29.05
C ARG A 786 -11.34 47.22 29.03
N ALA A 787 -10.69 47.12 30.18
CA ALA A 787 -9.26 47.27 30.28
C ALA A 787 -8.79 46.07 29.52
N PRO A 788 -8.10 46.23 28.41
CA PRO A 788 -7.79 45.13 27.49
C PRO A 788 -7.04 43.99 28.03
N LEU A 789 -7.51 42.82 27.59
CA LEU A 789 -6.86 41.56 28.01
C LEU A 789 -5.54 41.37 27.22
N ASP A 790 -4.63 40.50 27.61
CA ASP A 790 -3.47 40.23 26.76
C ASP A 790 -3.99 39.80 25.37
N ASN A 791 -5.11 39.03 25.25
CA ASN A 791 -5.62 38.58 23.96
C ASN A 791 -6.20 39.75 23.19
N ASP A 792 -6.59 40.82 23.87
CA ASP A 792 -7.11 41.95 23.11
C ASP A 792 -5.95 42.76 22.53
N ILE A 793 -4.82 42.75 23.21
CA ILE A 793 -3.66 43.55 22.80
C ILE A 793 -2.80 42.79 21.77
N GLY A 794 -2.66 41.50 21.98
CA GLY A 794 -1.80 40.68 21.13
C GLY A 794 -0.40 41.26 21.14
N VAL A 795 0.20 41.37 19.94
CA VAL A 795 1.56 41.87 19.85
C VAL A 795 1.62 43.40 19.74
N SER A 796 0.48 44.05 19.83
CA SER A 796 0.50 45.49 19.65
C SER A 796 1.28 46.18 20.75
N GLU A 797 2.01 47.18 20.30
CA GLU A 797 2.85 48.01 21.15
C GLU A 797 2.81 49.48 20.77
N ALA A 798 3.10 50.34 21.69
CA ALA A 798 3.07 51.72 21.29
C ALA A 798 4.03 52.07 20.13
N THR A 799 5.19 51.46 20.11
CA THR A 799 6.20 51.67 19.08
C THR A 799 5.92 50.90 17.80
N ARG A 800 4.96 49.99 17.84
CA ARG A 800 4.67 49.15 16.70
C ARG A 800 3.23 48.64 16.84
N ILE A 801 2.34 49.53 16.43
CA ILE A 801 0.94 49.21 16.57
C ILE A 801 0.50 48.07 15.68
N ASP A 802 -0.34 47.17 16.20
CA ASP A 802 -0.90 46.16 15.31
C ASP A 802 -2.37 46.56 15.08
N PRO A 803 -2.63 47.17 13.96
CA PRO A 803 -3.97 47.66 13.77
C PRO A 803 -5.13 46.64 13.77
N ASN A 804 -4.76 45.40 13.62
CA ASN A 804 -5.76 44.38 13.57
C ASN A 804 -6.16 43.89 14.94
N ALA A 805 -5.33 44.13 15.94
CA ALA A 805 -5.71 43.69 17.29
C ALA A 805 -6.95 44.42 17.80
N TRP A 806 -7.76 43.69 18.57
CA TRP A 806 -9.02 44.26 19.09
C TRP A 806 -8.78 45.61 19.76
N VAL A 807 -7.78 45.65 20.67
CA VAL A 807 -7.59 46.92 21.41
C VAL A 807 -7.41 48.13 20.47
N GLU A 808 -6.70 47.92 19.37
CA GLU A 808 -6.36 48.97 18.43
C GLU A 808 -7.59 49.28 17.59
N ARG A 809 -8.40 48.27 17.34
CA ARG A 809 -9.60 48.59 16.61
C ARG A 809 -10.52 49.47 17.48
N TRP A 810 -10.67 49.12 18.72
CA TRP A 810 -11.49 49.92 19.62
C TRP A 810 -10.88 51.30 19.78
N LYS A 811 -9.56 51.31 20.01
CA LYS A 811 -8.89 52.65 20.13
C LYS A 811 -9.15 53.53 18.92
N ALA A 812 -8.84 53.04 17.73
CA ALA A 812 -9.00 53.85 16.53
C ALA A 812 -10.41 54.26 16.25
N ALA A 813 -11.38 53.44 16.63
CA ALA A 813 -12.78 53.80 16.42
C ALA A 813 -13.26 54.83 17.47
N GLY A 814 -12.46 55.06 18.52
CA GLY A 814 -12.82 56.02 19.56
C GLY A 814 -13.62 55.49 20.72
N HIS A 815 -13.73 54.17 20.84
CA HIS A 815 -14.50 53.65 21.94
C HIS A 815 -14.01 54.15 23.29
N TYR A 816 -12.70 54.22 23.41
CA TYR A 816 -12.22 54.58 24.72
C TYR A 816 -12.28 56.07 24.91
N GLN A 817 -12.50 56.82 23.84
CA GLN A 817 -12.59 58.22 24.19
C GLN A 817 -13.95 58.89 23.93
N ALA A 818 -14.96 58.14 23.49
CA ALA A 818 -16.27 58.69 23.14
C ALA A 818 -16.97 59.35 24.33
N GLU A 819 -17.62 60.49 24.11
CA GLU A 819 -18.32 61.23 25.16
C GLU A 819 -19.84 61.06 24.99
N ALA A 820 -20.49 60.75 26.14
CA ALA A 820 -21.93 60.62 26.07
C ALA A 820 -22.55 61.99 25.75
N ALA A 821 -23.38 62.11 24.76
CA ALA A 821 -24.06 63.36 24.48
C ALA A 821 -25.51 63.09 24.90
N LEU A 822 -26.13 63.95 25.72
CA LEU A 822 -27.51 63.74 26.17
C LEU A 822 -28.51 64.03 25.09
N LEU A 823 -29.39 63.09 24.86
CA LEU A 823 -30.36 63.40 23.85
C LEU A 823 -31.69 63.69 24.46
N GLN A 824 -31.99 63.07 25.59
CA GLN A 824 -33.32 63.26 26.18
C GLN A 824 -33.26 62.89 27.62
N CYS A 825 -33.97 63.57 28.49
CA CYS A 825 -34.02 63.23 29.89
C CYS A 825 -35.37 63.74 30.38
N THR A 826 -36.30 62.84 30.72
CA THR A 826 -37.59 63.32 31.20
C THR A 826 -37.97 62.57 32.46
N ALA A 827 -38.93 63.11 33.17
CA ALA A 827 -39.42 62.50 34.37
C ALA A 827 -40.93 62.61 34.29
N ASP A 828 -41.63 61.58 34.68
CA ASP A 828 -43.08 61.48 34.73
C ASP A 828 -43.46 60.83 36.03
N THR A 829 -44.55 61.33 36.55
CA THR A 829 -45.12 60.84 37.80
C THR A 829 -46.27 59.92 37.44
N LEU A 830 -46.15 58.61 37.78
CA LEU A 830 -47.19 57.62 37.48
C LEU A 830 -48.13 57.36 38.63
N ALA A 831 -48.96 56.33 38.46
CA ALA A 831 -49.88 56.03 39.53
C ALA A 831 -49.20 55.82 40.86
N ASP A 832 -48.21 54.91 40.86
CA ASP A 832 -47.48 54.47 42.05
C ASP A 832 -45.95 54.51 41.90
N ALA A 833 -45.47 55.38 40.97
CA ALA A 833 -44.04 55.47 40.71
C ALA A 833 -43.65 56.72 40.00
N VAL A 834 -42.32 56.88 39.96
CA VAL A 834 -41.81 58.02 39.19
C VAL A 834 -41.01 57.38 38.06
N LEU A 835 -41.15 57.86 36.85
CA LEU A 835 -40.42 57.25 35.73
C LEU A 835 -39.44 58.24 35.12
N ILE A 836 -38.15 57.89 35.01
CA ILE A 836 -37.20 58.81 34.38
C ILE A 836 -36.83 58.11 33.10
N THR A 837 -36.86 58.83 32.00
CA THR A 837 -36.50 58.22 30.71
C THR A 837 -35.32 59.00 30.15
N THR A 838 -34.27 58.31 29.69
CA THR A 838 -33.13 59.04 29.09
C THR A 838 -32.68 58.38 27.78
N ALA A 839 -31.95 59.11 26.96
CA ALA A 839 -31.34 58.60 25.74
C ALA A 839 -30.04 59.41 25.61
N HIS A 840 -28.97 58.71 25.23
CA HIS A 840 -27.67 59.34 25.04
C HIS A 840 -27.04 58.73 23.82
N ALA A 841 -26.20 59.53 23.20
CA ALA A 841 -25.42 59.03 22.04
C ALA A 841 -23.94 59.19 22.35
N TRP A 842 -23.15 58.21 21.94
CA TRP A 842 -21.67 58.23 22.12
C TRP A 842 -21.13 58.42 20.77
N GLN A 843 -20.31 59.47 20.61
CA GLN A 843 -19.79 59.73 19.28
C GLN A 843 -18.31 60.00 19.29
N HIS A 844 -17.78 59.91 18.10
CA HIS A 844 -16.40 60.15 17.93
C HIS A 844 -16.12 60.79 16.58
N GLN A 845 -15.60 62.00 16.66
CA GLN A 845 -15.30 62.61 15.39
C GLN A 845 -16.46 62.63 14.41
N GLY A 846 -17.64 62.94 14.95
CA GLY A 846 -18.79 62.97 14.05
C GLY A 846 -19.55 61.64 13.91
N LYS A 847 -18.98 60.54 14.38
CA LYS A 847 -19.63 59.25 14.23
C LYS A 847 -20.34 58.80 15.50
N THR A 848 -21.58 58.33 15.27
CA THR A 848 -22.37 57.88 16.42
C THR A 848 -22.04 56.41 16.52
N LEU A 849 -21.39 56.08 17.60
CA LEU A 849 -20.97 54.70 17.81
C LEU A 849 -22.08 53.90 18.47
N PHE A 850 -22.62 54.44 19.56
CA PHE A 850 -23.65 53.68 20.30
C PHE A 850 -24.78 54.59 20.77
N ILE A 851 -25.99 54.08 20.88
CA ILE A 851 -27.08 54.90 21.43
C ILE A 851 -27.62 54.11 22.60
N SER A 852 -27.85 54.78 23.77
CA SER A 852 -28.38 54.11 24.99
C SER A 852 -29.69 54.76 25.39
N ARG A 853 -30.76 53.95 25.39
CA ARG A 853 -32.07 54.45 25.80
C ARG A 853 -32.47 53.71 27.03
N LYS A 854 -32.86 54.45 28.06
CA LYS A 854 -33.26 53.76 29.23
C LYS A 854 -34.50 54.32 29.91
N THR A 855 -35.08 53.52 30.83
CA THR A 855 -36.10 54.06 31.71
C THR A 855 -35.67 53.59 33.10
N TYR A 856 -35.97 54.44 34.13
CA TYR A 856 -35.72 54.05 35.50
C TYR A 856 -37.08 54.18 36.13
N ARG A 857 -37.60 53.11 36.66
CA ARG A 857 -38.93 53.22 37.29
C ARG A 857 -38.80 52.93 38.78
N ILE A 858 -39.11 53.95 39.56
CA ILE A 858 -38.99 53.87 40.98
C ILE A 858 -40.38 53.81 41.58
N ASP A 859 -40.67 52.70 42.25
CA ASP A 859 -42.01 52.53 42.78
C ASP A 859 -42.17 52.68 44.27
N GLY A 860 -43.42 52.54 44.71
CA GLY A 860 -43.62 52.72 46.14
C GLY A 860 -42.97 51.64 46.98
N SER A 861 -42.36 50.60 46.42
CA SER A 861 -41.71 49.65 47.33
C SER A 861 -40.25 50.03 47.48
N GLY A 862 -39.84 51.07 46.78
CA GLY A 862 -38.44 51.46 46.88
C GLY A 862 -37.49 50.75 45.91
N GLN A 863 -38.01 49.98 45.00
CA GLN A 863 -37.13 49.32 44.03
C GLN A 863 -36.99 50.19 42.83
N MET A 864 -35.82 50.18 42.17
CA MET A 864 -35.66 50.97 40.97
C MET A 864 -35.44 49.97 39.82
N ALA A 865 -36.36 49.89 38.90
CA ALA A 865 -36.26 49.00 37.75
C ALA A 865 -35.64 49.76 36.62
N ILE A 866 -34.52 49.25 36.09
CA ILE A 866 -33.86 49.96 35.02
C ILE A 866 -33.93 49.16 33.74
N THR A 867 -34.41 49.74 32.66
CA THR A 867 -34.44 48.99 31.38
C THR A 867 -33.46 49.63 30.45
N VAL A 868 -32.56 48.87 29.79
CA VAL A 868 -31.60 49.52 28.88
C VAL A 868 -31.65 48.89 27.49
N ASP A 869 -31.77 49.71 26.44
CA ASP A 869 -31.83 49.30 25.01
C ASP A 869 -30.76 50.04 24.28
N VAL A 870 -29.79 49.31 23.78
CA VAL A 870 -28.66 49.94 23.15
C VAL A 870 -28.57 49.56 21.69
N GLU A 871 -28.19 50.56 20.89
CA GLU A 871 -27.94 50.38 19.47
C GLU A 871 -26.44 50.63 19.24
N VAL A 872 -25.82 49.74 18.49
CA VAL A 872 -24.39 49.77 18.16
C VAL A 872 -24.23 49.87 16.66
N ALA A 873 -23.55 50.93 16.23
CA ALA A 873 -23.45 51.09 14.78
C ALA A 873 -22.83 49.82 14.18
N SER A 874 -23.40 49.28 13.11
CA SER A 874 -22.92 48.02 12.56
C SER A 874 -21.51 48.11 11.98
N ASP A 875 -21.08 49.31 11.61
CA ASP A 875 -19.75 49.45 11.06
C ASP A 875 -18.70 49.78 12.11
N THR A 876 -19.02 49.85 13.41
CA THR A 876 -17.93 50.16 14.34
C THR A 876 -17.47 48.78 14.83
N PRO A 877 -16.24 48.57 15.29
CA PRO A 877 -15.90 47.22 15.77
C PRO A 877 -16.73 46.81 16.94
N HIS A 878 -17.12 45.52 16.99
CA HIS A 878 -17.99 45.03 18.07
C HIS A 878 -17.34 45.40 19.40
N PRO A 879 -18.11 45.93 20.36
CA PRO A 879 -17.51 46.42 21.60
C PRO A 879 -17.27 45.35 22.57
N ALA A 880 -16.36 45.66 23.49
CA ALA A 880 -16.01 44.68 24.54
C ALA A 880 -17.16 44.28 25.48
N ARG A 881 -18.09 45.20 25.75
CA ARG A 881 -19.16 44.88 26.67
C ARG A 881 -20.27 45.88 26.45
N ILE A 882 -21.47 45.60 26.97
CA ILE A 882 -22.58 46.56 26.93
C ILE A 882 -23.11 46.55 28.36
N GLY A 883 -22.82 47.59 29.14
CA GLY A 883 -23.18 47.44 30.57
C GLY A 883 -23.21 48.84 31.25
N LEU A 884 -23.27 48.82 32.54
CA LEU A 884 -23.24 50.05 33.32
C LEU A 884 -22.12 49.90 34.33
N ASN A 885 -21.69 51.05 34.83
CA ASN A 885 -20.74 50.96 35.87
C ASN A 885 -20.86 52.12 36.84
N CYS A 886 -20.35 51.95 38.04
CA CYS A 886 -20.40 53.06 39.03
C CYS A 886 -19.40 52.76 40.13
N GLN A 887 -19.00 53.77 40.89
CA GLN A 887 -18.11 53.49 42.01
C GLN A 887 -19.04 53.66 43.22
N LEU A 888 -19.30 52.58 43.93
CA LEU A 888 -20.12 52.61 45.14
C LEU A 888 -19.31 53.24 46.27
N ALA A 889 -19.93 53.96 47.23
CA ALA A 889 -19.15 54.53 48.36
C ALA A 889 -18.61 53.52 49.39
N GLN A 890 -19.39 52.50 49.54
CA GLN A 890 -19.26 51.38 50.45
C GLN A 890 -18.20 50.32 50.11
N VAL A 891 -17.52 49.80 51.11
CA VAL A 891 -16.57 48.73 50.87
C VAL A 891 -17.10 47.67 51.77
N ALA A 892 -17.43 46.47 51.30
CA ALA A 892 -18.00 45.46 52.18
C ALA A 892 -17.13 44.23 52.16
N GLU A 893 -17.19 43.44 53.21
CA GLU A 893 -16.35 42.29 53.30
C GLU A 893 -16.69 41.16 52.30
N ARG A 894 -17.96 40.96 51.99
CA ARG A 894 -18.28 39.82 51.16
C ARG A 894 -19.12 40.22 49.98
N VAL A 895 -19.18 39.29 48.99
CA VAL A 895 -19.95 39.38 47.77
C VAL A 895 -20.77 38.08 47.65
N ASN A 896 -22.08 38.18 47.58
CA ASN A 896 -22.91 37.02 47.55
C ASN A 896 -23.76 37.14 46.29
N TRP A 897 -23.76 36.02 45.51
CA TRP A 897 -24.50 36.04 44.29
C TRP A 897 -25.12 34.71 43.92
N LEU A 898 -26.19 34.80 43.11
CA LEU A 898 -26.82 33.60 42.59
C LEU A 898 -26.49 33.59 41.12
N GLY A 899 -25.62 32.69 40.69
CA GLY A 899 -25.23 32.74 39.29
C GLY A 899 -24.01 31.85 39.14
N LEU A 900 -23.29 31.97 38.03
CA LEU A 900 -22.14 31.07 37.81
C LEU A 900 -20.93 31.30 38.69
N GLY A 901 -20.38 30.20 39.25
CA GLY A 901 -19.22 30.45 40.08
C GLY A 901 -18.68 29.14 40.65
N PRO A 902 -17.84 29.21 41.65
CA PRO A 902 -17.47 30.47 42.30
C PRO A 902 -16.35 31.28 41.63
N GLN A 903 -15.53 30.67 40.74
CA GLN A 903 -14.40 31.40 40.16
C GLN A 903 -14.78 32.28 39.00
N GLU A 904 -13.83 33.12 38.59
CA GLU A 904 -14.00 33.98 37.49
C GLU A 904 -14.42 33.19 36.27
N ASN A 905 -15.38 33.72 35.47
CA ASN A 905 -15.82 32.97 34.32
C ASN A 905 -16.30 33.92 33.25
N TYR A 906 -15.99 33.73 31.98
CA TYR A 906 -16.37 34.62 30.87
C TYR A 906 -17.15 33.81 29.87
N PRO A 907 -17.84 34.50 28.94
CA PRO A 907 -18.74 33.79 28.04
C PRO A 907 -18.19 32.55 27.34
N ASP A 908 -16.94 32.65 26.90
CA ASP A 908 -16.32 31.54 26.15
C ASP A 908 -15.48 30.70 27.11
N ARG A 909 -15.57 31.01 28.41
CA ARG A 909 -14.84 30.20 29.37
C ARG A 909 -15.69 30.10 30.62
N LEU A 910 -16.86 29.49 30.48
CA LEU A 910 -17.68 29.35 31.70
C LEU A 910 -18.19 27.90 31.90
N THR A 911 -17.71 26.89 31.11
CA THR A 911 -18.34 25.59 31.25
C THR A 911 -18.07 25.06 32.61
N ALA A 912 -16.92 25.42 33.18
CA ALA A 912 -16.65 24.76 34.50
C ALA A 912 -17.46 25.36 35.66
N ALA A 913 -17.96 26.58 35.45
CA ALA A 913 -18.66 27.30 36.55
C ALA A 913 -19.96 26.62 36.77
N CYS A 914 -20.51 26.67 37.99
CA CYS A 914 -21.78 26.03 38.25
C CYS A 914 -22.70 27.12 38.80
N PHE A 915 -23.99 27.02 38.52
CA PHE A 915 -24.93 28.03 39.01
C PHE A 915 -25.32 27.58 40.40
N ASP A 916 -25.19 28.48 41.33
CA ASP A 916 -25.53 28.15 42.67
C ASP A 916 -25.47 29.47 43.43
N ARG A 917 -25.66 29.40 44.75
CA ARG A 917 -25.54 30.63 45.53
C ARG A 917 -24.12 30.66 46.00
N TRP A 918 -23.33 31.69 45.70
CA TRP A 918 -21.90 31.68 46.15
C TRP A 918 -21.71 32.88 47.07
N ASP A 919 -20.69 32.86 47.93
CA ASP A 919 -20.45 33.94 48.88
C ASP A 919 -18.96 33.90 49.21
N LEU A 920 -18.27 34.92 48.74
CA LEU A 920 -16.82 35.03 48.83
C LEU A 920 -16.38 36.37 49.43
N PRO A 921 -15.12 36.40 49.94
CA PRO A 921 -14.57 37.66 50.40
C PRO A 921 -14.38 38.56 49.21
N LEU A 922 -14.56 39.88 49.38
CA LEU A 922 -14.38 40.78 48.24
C LEU A 922 -13.09 40.52 47.43
N SER A 923 -11.99 40.26 48.14
CA SER A 923 -10.74 40.12 47.39
C SER A 923 -10.73 38.94 46.44
N ASP A 924 -11.59 37.95 46.66
CA ASP A 924 -11.65 36.80 45.78
C ASP A 924 -12.33 37.11 44.46
N MET A 925 -12.95 38.27 44.38
CA MET A 925 -13.70 38.68 43.20
C MET A 925 -12.77 39.43 42.27
N TYR A 926 -11.47 39.46 42.63
CA TYR A 926 -10.45 40.07 41.78
C TYR A 926 -9.42 38.97 41.43
N THR A 927 -9.02 38.83 40.16
CA THR A 927 -7.98 37.85 39.81
C THR A 927 -6.67 38.64 39.55
N PRO A 928 -5.60 38.34 40.29
CA PRO A 928 -4.40 39.09 40.23
C PRO A 928 -3.48 38.67 39.14
N TYR A 929 -3.96 38.85 37.93
CA TYR A 929 -3.11 38.55 36.75
C TYR A 929 -1.92 39.48 36.89
N VAL A 930 -0.72 38.97 36.59
CA VAL A 930 0.52 39.77 36.70
C VAL A 930 0.42 41.04 35.90
N PHE A 931 -0.03 40.83 34.66
CA PHE A 931 -0.29 42.01 33.77
C PHE A 931 -1.80 42.31 33.94
N PRO A 932 -2.18 43.39 34.66
CA PRO A 932 -3.60 43.67 34.97
C PRO A 932 -4.50 43.91 33.78
N SER A 933 -5.72 43.44 33.85
CA SER A 933 -6.67 43.68 32.78
C SER A 933 -8.08 43.50 33.36
N GLU A 934 -9.10 43.63 32.50
CA GLU A 934 -10.45 43.31 32.98
C GLU A 934 -10.34 41.91 33.56
N ASN A 935 -10.97 41.67 34.69
CA ASN A 935 -10.83 40.34 35.31
C ASN A 935 -11.93 40.16 36.35
N GLY A 936 -12.15 38.97 36.82
CA GLY A 936 -13.11 38.68 37.88
C GLY A 936 -14.54 38.61 37.45
N LEU A 937 -14.86 38.70 36.16
CA LEU A 937 -16.26 38.61 35.85
C LEU A 937 -16.82 37.24 36.26
N ARG A 938 -18.13 37.22 36.58
CA ARG A 938 -18.94 36.06 36.83
C ARG A 938 -20.14 36.25 35.88
N CYS A 939 -20.50 35.22 35.12
CA CYS A 939 -21.61 35.38 34.21
C CYS A 939 -22.86 34.71 34.70
N GLY A 940 -23.94 34.84 33.93
CA GLY A 940 -25.23 34.17 34.26
C GLY A 940 -25.78 34.43 35.60
N THR A 941 -25.61 35.65 36.05
CA THR A 941 -26.03 36.00 37.41
C THR A 941 -27.45 36.55 37.50
N ARG A 942 -28.19 36.02 38.43
CA ARG A 942 -29.56 36.47 38.58
C ARG A 942 -29.77 37.37 39.76
N GLU A 943 -28.88 37.30 40.74
CA GLU A 943 -28.99 38.19 41.90
C GLU A 943 -27.61 38.43 42.44
N LEU A 944 -27.34 39.67 42.81
CA LEU A 944 -26.04 40.06 43.36
C LEU A 944 -26.26 40.89 44.64
N ASN A 945 -25.57 40.59 45.74
CA ASN A 945 -25.74 41.28 47.02
C ASN A 945 -24.41 41.82 47.46
N TYR A 946 -24.37 43.11 47.82
CA TYR A 946 -23.12 43.72 48.27
C TYR A 946 -23.46 44.80 49.27
N GLY A 947 -23.09 44.64 50.53
CA GLY A 947 -23.50 45.72 51.43
C GLY A 947 -25.01 45.69 51.51
N PRO A 948 -25.63 46.86 51.44
CA PRO A 948 -27.08 46.94 51.53
C PRO A 948 -27.75 46.78 50.20
N HIS A 949 -26.97 46.66 49.12
CA HIS A 949 -27.58 46.59 47.81
C HIS A 949 -27.85 45.18 47.31
N GLN A 950 -28.87 45.10 46.46
CA GLN A 950 -29.16 43.86 45.80
C GLN A 950 -29.51 44.27 44.35
N TRP A 951 -28.94 43.58 43.35
CA TRP A 951 -29.28 43.86 41.95
C TRP A 951 -29.80 42.53 41.38
N ARG A 952 -30.92 42.54 40.68
CA ARG A 952 -31.45 41.32 40.12
C ARG A 952 -31.72 41.49 38.67
N GLY A 953 -31.53 40.38 37.95
CA GLY A 953 -31.77 40.47 36.47
C GLY A 953 -31.17 39.20 35.84
N ASP A 954 -30.41 39.39 34.76
CA ASP A 954 -29.73 38.26 34.11
C ASP A 954 -28.53 38.92 33.48
N PHE A 955 -27.44 39.04 34.23
CA PHE A 955 -26.29 39.82 33.75
C PHE A 955 -24.98 39.18 34.14
N GLN A 956 -23.90 39.83 33.76
CA GLN A 956 -22.56 39.40 34.11
C GLN A 956 -21.97 40.53 34.95
N PHE A 957 -21.06 40.28 35.91
CA PHE A 957 -20.59 41.47 36.60
C PHE A 957 -19.20 41.23 37.14
N ASN A 958 -18.55 42.32 37.51
CA ASN A 958 -17.32 42.20 38.30
C ASN A 958 -17.39 43.29 39.42
N ILE A 959 -16.62 43.12 40.49
CA ILE A 959 -16.71 44.12 41.53
C ILE A 959 -15.40 44.06 42.27
N SER A 960 -14.79 45.22 42.46
CA SER A 960 -13.48 45.25 43.05
C SER A 960 -13.11 46.67 43.39
N ARG A 961 -11.94 46.74 43.96
CA ARG A 961 -11.44 48.03 44.36
C ARG A 961 -10.65 48.71 43.25
N TYR A 962 -10.67 48.21 42.01
CA TYR A 962 -9.85 48.80 40.98
C TYR A 962 -10.66 49.23 39.79
N SER A 963 -10.56 50.49 39.38
CA SER A 963 -11.32 50.91 38.24
C SER A 963 -10.82 50.29 36.96
N GLN A 964 -11.67 50.15 35.95
CA GLN A 964 -11.23 49.71 34.65
C GLN A 964 -10.11 50.66 34.15
N GLN A 965 -10.19 51.96 34.42
CA GLN A 965 -9.13 52.84 33.96
C GLN A 965 -7.84 52.49 34.64
N GLN A 966 -7.92 52.20 35.91
CA GLN A 966 -6.70 51.89 36.62
C GLN A 966 -6.07 50.63 36.08
N LEU A 967 -6.88 49.63 35.88
CA LEU A 967 -6.30 48.40 35.35
C LEU A 967 -5.70 48.55 33.92
N MET A 968 -6.25 49.38 33.11
CA MET A 968 -5.73 49.56 31.78
C MET A 968 -4.48 50.40 31.88
N GLU A 969 -4.33 51.21 32.92
CA GLU A 969 -3.13 52.04 32.88
C GLU A 969 -1.99 51.46 33.67
N THR A 970 -2.15 50.34 34.34
CA THR A 970 -1.11 49.77 35.18
C THR A 970 -0.53 48.50 34.57
N SER A 971 0.82 48.41 34.48
CA SER A 971 1.49 47.29 33.82
C SER A 971 1.76 46.08 34.70
N HIS A 972 1.71 46.26 36.02
CA HIS A 972 2.08 45.16 36.89
C HIS A 972 1.17 45.15 38.08
N ARG A 973 0.74 43.96 38.51
CA ARG A 973 -0.17 43.89 39.65
C ARG A 973 0.28 44.55 40.91
N HIS A 974 1.58 44.51 41.20
CA HIS A 974 1.93 45.08 42.51
C HIS A 974 1.85 46.60 42.54
N LEU A 975 1.63 47.25 41.41
CA LEU A 975 1.56 48.73 41.41
C LEU A 975 0.11 49.22 41.50
N LEU A 976 -0.83 48.29 41.55
CA LEU A 976 -2.27 48.68 41.65
C LEU A 976 -2.54 49.14 43.08
N HIS A 977 -3.43 50.08 43.29
CA HIS A 977 -3.78 50.61 44.62
C HIS A 977 -5.33 50.62 44.81
N ALA A 978 -5.81 50.11 45.92
CA ALA A 978 -7.25 50.09 46.04
C ALA A 978 -7.79 51.51 45.97
N GLU A 979 -8.86 51.76 45.26
CA GLU A 979 -9.49 53.07 45.16
C GLU A 979 -10.50 53.19 46.28
N GLU A 980 -11.04 54.39 46.46
CA GLU A 980 -12.02 54.54 47.55
C GLU A 980 -13.31 53.79 47.19
N GLY A 981 -14.00 53.17 48.11
CA GLY A 981 -15.22 52.50 47.60
C GLY A 981 -14.95 51.26 46.75
N THR A 982 -15.96 50.83 46.02
CA THR A 982 -15.87 49.61 45.24
C THR A 982 -16.39 49.85 43.84
N TRP A 983 -15.65 49.51 42.78
CA TRP A 983 -16.11 49.64 41.40
C TRP A 983 -16.93 48.43 41.01
N LEU A 984 -18.09 48.73 40.49
CA LEU A 984 -18.98 47.69 40.13
C LEU A 984 -19.26 47.86 38.66
N ASN A 985 -19.09 46.77 37.91
CA ASN A 985 -19.37 46.77 36.44
C ASN A 985 -20.44 45.71 36.24
N ILE A 986 -21.63 46.08 35.75
CA ILE A 986 -22.68 45.08 35.60
C ILE A 986 -23.02 45.18 34.16
N ASP A 987 -22.75 44.05 33.52
CA ASP A 987 -22.93 43.97 32.08
C ASP A 987 -24.16 43.18 31.65
N GLY A 988 -24.89 43.72 30.69
CA GLY A 988 -25.95 42.94 30.06
C GLY A 988 -25.27 41.92 29.14
N PHE A 989 -24.20 42.32 28.48
CA PHE A 989 -23.49 41.45 27.51
C PHE A 989 -21.99 41.70 27.61
N HIS A 990 -21.15 40.69 27.40
CA HIS A 990 -19.68 40.89 27.52
C HIS A 990 -19.05 40.04 26.45
N MET A 991 -18.09 40.55 25.74
CA MET A 991 -17.44 39.81 24.64
C MET A 991 -16.62 38.65 25.17
N GLY A 992 -16.41 37.64 24.31
CA GLY A 992 -15.59 36.53 24.77
C GLY A 992 -14.16 37.04 25.00
N ILE A 993 -13.35 36.22 25.69
CA ILE A 993 -11.94 36.62 25.95
C ILE A 993 -10.95 36.01 24.94
N GLY A 994 -11.35 34.96 24.22
CA GLY A 994 -10.42 34.38 23.28
C GLY A 994 -9.28 33.57 23.97
N GLY A 995 -8.25 33.24 23.11
CA GLY A 995 -7.11 32.53 23.59
C GLY A 995 -6.57 31.40 22.67
N ASP A 996 -7.23 31.11 21.54
CA ASP A 996 -6.67 30.06 20.62
C ASP A 996 -5.23 30.44 20.39
N ASP A 997 -4.94 31.74 20.42
CA ASP A 997 -3.53 32.22 20.44
C ASP A 997 -3.60 33.63 21.06
N SER A 998 -2.46 34.26 21.29
CA SER A 998 -2.44 35.59 21.93
C SER A 998 -1.71 36.60 21.02
N TRP A 999 -1.73 36.34 19.69
CA TRP A 999 -1.04 37.31 18.82
C TRP A 999 -1.83 37.68 17.60
N SER A 1000 -3.08 37.17 17.49
CA SER A 1000 -4.07 37.50 16.44
C SER A 1000 -5.45 37.45 17.08
N PRO A 1001 -6.43 38.19 16.58
CA PRO A 1001 -7.74 38.12 17.23
C PRO A 1001 -8.21 36.68 17.21
N SER A 1002 -8.73 36.17 18.34
CA SER A 1002 -9.14 34.80 18.41
C SER A 1002 -10.51 34.58 19.03
N VAL A 1003 -11.29 35.65 19.30
CA VAL A 1003 -12.64 35.49 19.87
C VAL A 1003 -13.52 35.02 18.73
N SER A 1004 -14.15 33.90 18.96
CA SER A 1004 -14.98 33.30 17.94
C SER A 1004 -16.21 34.19 17.64
N ALA A 1005 -16.67 34.12 16.41
CA ALA A 1005 -17.79 34.97 16.04
C ALA A 1005 -19.00 34.93 16.96
N GLU A 1006 -19.35 33.77 17.49
CA GLU A 1006 -20.53 33.69 18.27
C GLU A 1006 -20.42 34.36 19.66
N PHE A 1007 -19.20 34.77 19.95
CA PHE A 1007 -18.96 35.44 21.23
C PHE A 1007 -18.65 36.94 21.03
N GLN A 1008 -18.77 37.41 19.83
CA GLN A 1008 -18.55 38.83 19.54
C GLN A 1008 -19.90 39.54 19.67
N LEU A 1009 -19.93 40.77 20.16
CA LEU A 1009 -21.21 41.42 20.35
C LEU A 1009 -21.64 42.06 19.02
N SER A 1010 -22.12 41.29 18.02
CA SER A 1010 -22.43 41.99 16.77
C SER A 1010 -23.94 42.07 16.48
N ALA A 1011 -24.83 41.90 17.50
CA ALA A 1011 -26.28 41.91 17.24
C ALA A 1011 -26.83 43.26 16.80
N GLY A 1012 -26.05 44.36 17.05
CA GLY A 1012 -26.57 45.66 16.62
C GLY A 1012 -27.51 46.27 17.66
N ARG A 1013 -28.51 45.49 18.18
CA ARG A 1013 -29.44 46.00 19.19
C ARG A 1013 -29.37 45.10 20.42
N TYR A 1014 -29.28 45.66 21.63
CA TYR A 1014 -29.16 44.84 22.82
C TYR A 1014 -30.11 45.29 23.90
N HIS A 1015 -30.68 44.40 24.64
CA HIS A 1015 -31.57 44.79 25.67
C HIS A 1015 -31.22 44.10 26.96
N TYR A 1016 -31.22 44.86 28.06
CA TYR A 1016 -31.04 44.21 29.37
C TYR A 1016 -31.84 45.02 30.40
N GLN A 1017 -32.12 44.37 31.52
CA GLN A 1017 -32.92 44.98 32.56
C GLN A 1017 -32.50 44.52 33.92
N LEU A 1018 -32.48 45.47 34.84
CA LEU A 1018 -32.06 45.17 36.19
C LEU A 1018 -32.96 45.80 37.20
N VAL A 1019 -33.06 45.22 38.39
CA VAL A 1019 -33.79 45.91 39.47
C VAL A 1019 -32.78 46.16 40.56
N TRP A 1020 -32.68 47.40 41.07
CA TRP A 1020 -31.73 47.68 42.12
C TRP A 1020 -32.57 47.94 43.32
N CYS A 1021 -32.38 47.22 44.41
CA CYS A 1021 -33.15 47.50 45.58
C CYS A 1021 -32.27 47.32 46.80
N GLN A 1022 -32.85 47.43 47.98
CA GLN A 1022 -32.09 47.32 49.21
C GLN A 1022 -32.57 46.11 49.99
N LYS A 1023 -32.08 46.07 51.22
CA LYS A 1023 -32.34 45.04 52.20
C LYS A 1023 -31.25 45.12 53.27
N ARG B 13 -47.02 -21.98 -16.70
CA ARG B 13 -45.71 -21.63 -16.14
C ARG B 13 -45.66 -20.46 -15.18
N ARG B 14 -46.57 -19.52 -15.12
CA ARG B 14 -46.42 -18.42 -14.11
C ARG B 14 -44.97 -17.88 -13.97
N ASP B 15 -44.50 -17.49 -15.12
CA ASP B 15 -43.10 -17.01 -15.17
C ASP B 15 -42.90 -15.76 -14.32
N TRP B 16 -44.02 -15.11 -14.00
CA TRP B 16 -44.00 -13.88 -13.19
C TRP B 16 -43.94 -14.14 -11.71
N GLU B 17 -43.68 -15.38 -11.31
CA GLU B 17 -43.46 -15.67 -9.90
C GLU B 17 -42.23 -16.61 -9.82
N ASN B 18 -41.15 -16.25 -10.51
CA ASN B 18 -39.91 -17.03 -10.63
C ASN B 18 -38.79 -16.08 -11.05
N PRO B 19 -37.96 -15.73 -10.07
CA PRO B 19 -36.88 -14.79 -10.33
C PRO B 19 -35.88 -15.44 -11.22
N GLY B 20 -36.10 -16.74 -11.48
CA GLY B 20 -35.14 -17.44 -12.31
C GLY B 20 -35.45 -17.18 -13.79
N VAL B 21 -36.64 -16.61 -14.00
CA VAL B 21 -37.07 -16.38 -15.38
C VAL B 21 -37.37 -14.92 -15.46
N THR B 22 -36.43 -14.19 -16.03
CA THR B 22 -36.60 -12.76 -16.16
C THR B 22 -36.97 -12.38 -17.57
N GLN B 23 -36.93 -13.34 -18.47
CA GLN B 23 -37.22 -13.00 -19.84
C GLN B 23 -37.29 -14.33 -20.57
N LEU B 24 -37.90 -14.33 -21.78
CA LEU B 24 -37.88 -15.51 -22.65
C LEU B 24 -37.80 -14.94 -24.05
N ASN B 25 -36.82 -15.42 -24.81
CA ASN B 25 -36.65 -14.98 -26.21
C ASN B 25 -36.27 -13.51 -26.37
N ARG B 26 -35.84 -12.85 -25.30
CA ARG B 26 -35.48 -11.43 -25.41
C ARG B 26 -34.03 -11.30 -26.04
N LEU B 27 -33.78 -10.32 -26.92
CA LEU B 27 -32.50 -10.14 -27.60
C LEU B 27 -31.58 -9.42 -26.67
N ALA B 28 -30.31 -9.53 -26.95
CA ALA B 28 -29.29 -8.84 -26.17
C ALA B 28 -29.48 -7.32 -26.12
N ALA B 29 -29.04 -6.72 -25.01
CA ALA B 29 -29.07 -5.27 -24.84
C ALA B 29 -27.85 -4.63 -25.56
N HIS B 30 -27.99 -3.35 -25.97
CA HIS B 30 -26.95 -2.67 -26.78
C HIS B 30 -27.26 -1.17 -26.73
N PRO B 31 -26.35 -0.36 -27.25
CA PRO B 31 -26.51 1.02 -27.19
C PRO B 31 -27.56 1.43 -28.18
N PRO B 32 -27.99 2.69 -28.10
CA PRO B 32 -29.08 3.14 -29.03
C PRO B 32 -28.72 2.89 -30.47
N PHE B 33 -29.64 2.23 -31.22
CA PHE B 33 -29.44 1.94 -32.67
C PHE B 33 -30.55 2.61 -33.46
N ALA B 34 -30.27 2.78 -34.73
CA ALA B 34 -31.25 3.37 -35.67
C ALA B 34 -31.13 2.74 -37.07
N SER B 35 -30.08 1.91 -37.28
CA SER B 35 -29.83 1.24 -38.60
C SER B 35 -30.01 2.19 -39.79
N TRP B 36 -29.25 3.30 -39.76
CA TRP B 36 -29.31 4.19 -40.90
C TRP B 36 -28.72 3.43 -42.07
N ARG B 37 -29.18 3.71 -43.27
CA ARG B 37 -28.56 3.13 -44.47
C ARG B 37 -27.92 4.24 -45.33
N ASN B 38 -27.62 5.39 -44.70
CA ASN B 38 -26.97 6.53 -45.31
C ASN B 38 -26.11 7.14 -44.20
N SER B 39 -24.81 7.28 -44.42
CA SER B 39 -23.92 7.72 -43.37
C SER B 39 -24.06 9.13 -42.95
N GLU B 40 -24.55 9.97 -43.84
CA GLU B 40 -24.70 11.39 -43.53
C GLU B 40 -25.88 11.59 -42.61
N GLU B 41 -26.90 10.76 -42.80
CA GLU B 41 -28.08 10.86 -41.89
C GLU B 41 -27.62 10.44 -40.49
N ALA B 42 -26.71 9.45 -40.47
CA ALA B 42 -26.24 8.99 -39.17
C ALA B 42 -25.39 10.09 -38.59
N ARG B 43 -24.57 10.76 -39.42
CA ARG B 43 -23.74 11.80 -38.89
C ARG B 43 -24.56 12.89 -38.26
N THR B 44 -25.66 13.27 -38.90
CA THR B 44 -26.49 14.37 -38.42
C THR B 44 -27.57 13.99 -37.43
N ASP B 45 -27.65 12.69 -37.09
CA ASP B 45 -28.63 12.28 -36.10
C ASP B 45 -30.06 12.53 -36.56
N ARG B 46 -30.29 12.41 -37.87
CA ARG B 46 -31.63 12.61 -38.43
C ARG B 46 -32.48 11.38 -38.29
N PRO B 47 -33.78 11.58 -38.41
CA PRO B 47 -34.69 10.46 -38.25
C PRO B 47 -34.38 9.39 -39.28
N SER B 48 -34.45 8.12 -38.82
CA SER B 48 -34.08 7.00 -39.70
C SER B 48 -35.33 6.27 -40.17
N GLN B 49 -35.32 5.99 -41.45
CA GLN B 49 -36.47 5.31 -41.93
C GLN B 49 -36.50 3.91 -41.40
N GLN B 50 -35.38 3.42 -40.86
CA GLN B 50 -35.48 2.02 -40.36
C GLN B 50 -35.89 1.95 -38.91
N LEU B 51 -36.27 3.08 -38.30
CA LEU B 51 -36.66 3.03 -36.92
C LEU B 51 -38.03 3.65 -36.86
N ARG B 52 -39.05 2.85 -36.66
CA ARG B 52 -40.43 3.40 -36.62
C ARG B 52 -41.00 3.44 -35.20
N SER B 53 -41.79 4.48 -34.93
CA SER B 53 -42.49 4.58 -33.65
C SER B 53 -43.84 3.90 -33.78
N LEU B 54 -44.20 3.04 -32.82
CA LEU B 54 -45.52 2.47 -32.87
C LEU B 54 -46.35 3.19 -31.77
N ASN B 55 -45.91 4.35 -31.26
CA ASN B 55 -46.69 5.09 -30.22
C ASN B 55 -47.97 5.60 -30.89
N GLY B 56 -49.04 5.81 -30.13
CA GLY B 56 -50.26 6.37 -30.71
C GLY B 56 -51.43 5.64 -30.13
N GLU B 57 -52.51 5.48 -30.92
CA GLU B 57 -53.70 4.81 -30.43
C GLU B 57 -53.59 3.28 -30.48
N TRP B 58 -53.70 2.66 -29.31
CA TRP B 58 -53.71 1.21 -29.15
C TRP B 58 -55.09 0.80 -28.57
N ARG B 59 -55.35 -0.48 -28.45
CA ARG B 59 -56.56 -0.97 -27.83
C ARG B 59 -56.12 -1.51 -26.46
N PHE B 60 -57.04 -1.38 -25.51
CA PHE B 60 -56.71 -1.82 -24.18
C PHE B 60 -57.95 -2.30 -23.43
N ALA B 61 -57.75 -3.36 -22.63
CA ALA B 61 -58.77 -3.90 -21.72
C ALA B 61 -58.06 -4.22 -20.43
N TRP B 62 -58.70 -3.89 -19.31
CA TRP B 62 -58.20 -4.19 -18.03
C TRP B 62 -58.85 -5.48 -17.50
N PHE B 63 -58.06 -6.33 -16.82
CA PHE B 63 -58.57 -7.54 -16.20
C PHE B 63 -58.04 -7.64 -14.75
N PRO B 64 -58.75 -8.34 -13.89
CA PRO B 64 -58.30 -8.40 -12.49
C PRO B 64 -57.20 -9.42 -12.23
N ALA B 65 -56.97 -10.28 -13.22
CA ALA B 65 -55.98 -11.32 -13.13
C ALA B 65 -55.72 -11.89 -14.52
N PRO B 66 -54.51 -12.42 -14.76
CA PRO B 66 -54.21 -12.98 -16.06
C PRO B 66 -55.18 -14.12 -16.35
N GLU B 67 -55.64 -14.83 -15.30
CA GLU B 67 -56.58 -15.95 -15.53
C GLU B 67 -57.90 -15.54 -16.16
N ALA B 68 -58.19 -14.25 -16.13
CA ALA B 68 -59.47 -13.78 -16.62
C ALA B 68 -59.38 -13.30 -18.03
N VAL B 69 -58.20 -13.39 -18.61
CA VAL B 69 -58.05 -12.89 -19.98
C VAL B 69 -58.61 -13.92 -20.95
N PRO B 70 -59.55 -13.52 -21.80
CA PRO B 70 -60.14 -14.46 -22.76
C PRO B 70 -59.15 -14.94 -23.80
N GLU B 71 -59.19 -16.21 -24.13
CA GLU B 71 -58.24 -16.64 -25.16
C GLU B 71 -58.49 -16.03 -26.54
N SER B 72 -59.78 -15.63 -26.74
CA SER B 72 -60.11 -14.97 -27.99
C SER B 72 -59.23 -13.75 -28.24
N TRP B 73 -58.79 -13.07 -27.17
CA TRP B 73 -58.00 -11.84 -27.31
C TRP B 73 -56.69 -12.04 -28.12
N LEU B 74 -56.19 -13.26 -28.15
CA LEU B 74 -54.95 -13.43 -28.90
C LEU B 74 -55.09 -13.33 -30.39
N GLU B 75 -56.26 -13.73 -30.79
CA GLU B 75 -56.63 -13.79 -32.19
C GLU B 75 -57.39 -12.56 -32.61
N CYS B 76 -58.17 -11.98 -31.72
CA CYS B 76 -58.82 -10.79 -32.22
C CYS B 76 -59.29 -9.80 -31.19
N ASP B 77 -59.43 -8.59 -31.65
CA ASP B 77 -59.81 -7.50 -30.77
C ASP B 77 -60.99 -7.77 -29.89
N LEU B 78 -60.93 -7.33 -28.65
CA LEU B 78 -62.07 -7.54 -27.79
C LEU B 78 -62.94 -6.33 -27.97
N PRO B 79 -64.19 -6.59 -28.24
CA PRO B 79 -65.15 -5.52 -28.47
C PRO B 79 -65.26 -4.59 -27.25
N GLU B 80 -65.05 -5.15 -26.04
CA GLU B 80 -65.10 -4.36 -24.81
C GLU B 80 -63.88 -3.46 -24.65
N ALA B 81 -62.83 -3.69 -25.42
CA ALA B 81 -61.67 -2.82 -25.21
C ALA B 81 -61.96 -1.36 -25.55
N ASP B 82 -61.12 -0.47 -25.07
CA ASP B 82 -61.21 0.93 -25.42
C ASP B 82 -59.99 1.30 -26.29
N THR B 83 -60.05 2.44 -26.94
CA THR B 83 -58.90 2.95 -27.69
C THR B 83 -58.19 3.94 -26.77
N VAL B 84 -56.91 3.79 -26.49
CA VAL B 84 -56.19 4.66 -25.55
C VAL B 84 -54.81 5.02 -26.15
N VAL B 85 -54.19 6.05 -25.60
CA VAL B 85 -52.87 6.38 -26.10
C VAL B 85 -51.82 5.61 -25.34
N VAL B 86 -50.76 5.22 -26.09
CA VAL B 86 -49.60 4.49 -25.60
C VAL B 86 -48.42 5.34 -26.13
N PRO B 87 -47.36 5.64 -25.33
CA PRO B 87 -47.19 5.16 -23.96
C PRO B 87 -48.16 5.78 -22.93
N SER B 88 -48.47 5.02 -21.85
CA SER B 88 -49.30 5.49 -20.75
C SER B 88 -49.16 4.53 -19.60
N ASN B 89 -49.62 4.96 -18.39
CA ASN B 89 -49.76 4.12 -17.18
C ASN B 89 -51.28 4.01 -17.07
N TRP B 90 -51.76 2.77 -16.95
CA TRP B 90 -53.21 2.61 -16.95
C TRP B 90 -53.96 3.24 -15.82
N GLN B 91 -53.25 3.52 -14.73
CA GLN B 91 -53.89 4.20 -13.61
C GLN B 91 -54.26 5.64 -14.03
N MET B 92 -53.48 6.25 -14.96
CA MET B 92 -53.72 7.64 -15.35
C MET B 92 -54.92 7.71 -16.27
N HIS B 93 -55.40 6.52 -16.76
CA HIS B 93 -56.62 6.45 -17.62
C HIS B 93 -57.86 6.11 -16.75
N GLY B 94 -57.62 5.86 -15.44
CA GLY B 94 -58.69 5.59 -14.48
C GLY B 94 -59.02 4.12 -14.31
N TYR B 95 -58.26 3.20 -14.95
CA TYR B 95 -58.54 1.75 -14.90
C TYR B 95 -58.41 1.10 -13.56
N ASP B 96 -57.43 1.58 -12.80
CA ASP B 96 -57.23 1.11 -11.41
C ASP B 96 -56.49 2.23 -10.69
N ALA B 97 -56.30 2.18 -9.39
CA ALA B 97 -55.72 3.31 -8.70
C ALA B 97 -54.22 3.14 -8.53
N PRO B 98 -53.57 4.25 -8.65
CA PRO B 98 -52.11 4.25 -8.44
C PRO B 98 -51.92 4.15 -6.90
N ILE B 99 -50.84 3.57 -6.36
CA ILE B 99 -50.64 3.49 -4.93
C ILE B 99 -49.42 4.27 -4.49
N TYR B 100 -49.52 5.07 -3.43
CA TYR B 100 -48.30 5.73 -2.98
C TYR B 100 -47.91 5.11 -1.64
N THR B 101 -46.90 4.28 -1.71
CA THR B 101 -46.35 3.68 -0.49
C THR B 101 -44.82 3.89 -0.60
N ASN B 102 -44.19 4.22 0.56
CA ASN B 102 -42.76 4.51 0.62
C ASN B 102 -41.90 3.23 0.73
N VAL B 103 -41.73 2.75 1.94
CA VAL B 103 -40.90 1.56 2.19
C VAL B 103 -41.71 0.27 2.10
N THR B 104 -42.87 0.21 2.83
CA THR B 104 -43.69 -1.01 2.86
C THR B 104 -44.10 -1.46 1.43
N TYR B 105 -43.82 -2.70 1.10
CA TYR B 105 -44.22 -3.14 -0.24
C TYR B 105 -45.72 -3.05 -0.41
N PRO B 106 -46.12 -2.74 -1.65
CA PRO B 106 -47.56 -2.64 -1.95
C PRO B 106 -48.22 -3.99 -2.04
N ILE B 107 -47.44 -5.08 -1.95
CA ILE B 107 -48.02 -6.41 -1.94
C ILE B 107 -47.47 -7.15 -0.72
N THR B 108 -48.15 -8.23 -0.33
CA THR B 108 -47.62 -9.00 0.81
C THR B 108 -46.22 -9.51 0.51
N VAL B 109 -45.29 -9.48 1.49
CA VAL B 109 -43.95 -9.93 1.22
C VAL B 109 -43.88 -11.43 1.32
N ASN B 110 -43.83 -12.10 0.20
CA ASN B 110 -43.81 -13.57 0.20
C ASN B 110 -43.14 -14.00 -1.08
N PRO B 111 -41.87 -13.56 -1.26
CA PRO B 111 -41.15 -13.82 -2.50
C PRO B 111 -41.08 -15.29 -2.82
N PRO B 112 -41.16 -15.69 -4.10
CA PRO B 112 -41.27 -14.80 -5.22
C PRO B 112 -42.73 -14.62 -5.64
N PHE B 113 -43.66 -14.92 -4.75
CA PHE B 113 -45.07 -14.82 -5.17
C PHE B 113 -45.67 -13.44 -5.15
N VAL B 114 -46.74 -13.34 -5.96
CA VAL B 114 -47.50 -12.06 -6.02
C VAL B 114 -48.97 -12.31 -5.81
N PRO B 115 -49.81 -11.30 -5.58
CA PRO B 115 -51.25 -11.55 -5.29
C PRO B 115 -51.93 -12.29 -6.40
N THR B 116 -52.94 -13.07 -6.11
CA THR B 116 -53.64 -13.76 -7.20
C THR B 116 -54.48 -12.75 -7.95
N GLU B 117 -54.98 -11.76 -7.20
CA GLU B 117 -55.69 -10.66 -7.83
C GLU B 117 -54.56 -9.74 -8.29
N ASN B 118 -54.19 -9.86 -9.62
CA ASN B 118 -53.05 -9.17 -10.22
C ASN B 118 -53.48 -8.39 -11.46
N PRO B 119 -53.76 -7.10 -11.29
CA PRO B 119 -54.26 -6.31 -12.41
C PRO B 119 -53.44 -6.55 -13.66
N THR B 120 -54.13 -6.86 -14.72
CA THR B 120 -53.51 -7.20 -16.02
C THR B 120 -54.04 -6.26 -17.10
N GLY B 121 -53.12 -5.63 -17.81
CA GLY B 121 -53.59 -4.73 -18.84
C GLY B 121 -53.36 -5.42 -20.16
N CYS B 122 -54.37 -5.55 -20.98
CA CYS B 122 -54.24 -6.23 -22.27
C CYS B 122 -54.18 -5.19 -23.33
N TYR B 123 -53.00 -5.00 -23.88
CA TYR B 123 -52.95 -4.01 -24.93
C TYR B 123 -52.78 -4.69 -26.30
N SER B 124 -53.21 -4.04 -27.38
CA SER B 124 -53.03 -4.67 -28.72
C SER B 124 -52.99 -3.60 -29.74
N LEU B 125 -52.41 -3.93 -30.90
CA LEU B 125 -52.33 -2.91 -31.89
C LEU B 125 -52.36 -3.61 -33.21
N THR B 126 -53.18 -3.08 -34.13
CA THR B 126 -53.19 -3.62 -35.49
C THR B 126 -52.43 -2.65 -36.34
N PHE B 127 -51.44 -3.13 -37.07
CA PHE B 127 -50.63 -2.14 -37.84
C PHE B 127 -50.06 -2.76 -39.09
N ASN B 128 -49.53 -1.90 -39.91
CA ASN B 128 -48.97 -2.36 -41.17
C ASN B 128 -47.49 -2.59 -41.13
N VAL B 129 -47.07 -3.55 -41.94
CA VAL B 129 -45.65 -3.81 -42.11
C VAL B 129 -45.41 -3.92 -43.61
N ASP B 130 -44.42 -3.15 -44.08
CA ASP B 130 -44.01 -3.18 -45.49
C ASP B 130 -43.23 -4.44 -45.81
N GLU B 131 -43.53 -5.06 -46.98
CA GLU B 131 -42.84 -6.27 -47.42
C GLU B 131 -41.34 -6.00 -47.52
N SER B 132 -40.98 -4.73 -47.77
CA SER B 132 -39.54 -4.48 -47.86
C SER B 132 -38.81 -4.80 -46.57
N TRP B 133 -39.54 -4.74 -45.43
CA TRP B 133 -38.92 -5.04 -44.10
C TRP B 133 -38.80 -6.57 -43.85
N LEU B 134 -39.59 -7.32 -44.63
CA LEU B 134 -39.69 -8.75 -44.46
C LEU B 134 -38.96 -9.51 -45.51
N GLN B 135 -38.78 -8.89 -46.65
CA GLN B 135 -38.10 -9.63 -47.71
C GLN B 135 -36.63 -9.86 -47.41
N GLU B 136 -36.07 -9.08 -46.51
CA GLU B 136 -34.68 -9.33 -46.18
C GLU B 136 -34.48 -8.67 -44.78
N GLY B 137 -33.38 -9.00 -44.11
CA GLY B 137 -33.15 -8.39 -42.78
C GLY B 137 -33.99 -8.91 -41.65
N GLN B 138 -33.82 -8.17 -40.52
CA GLN B 138 -34.48 -8.56 -39.31
C GLN B 138 -35.36 -7.41 -38.81
N THR B 139 -36.60 -7.75 -38.41
CA THR B 139 -37.48 -6.69 -37.90
C THR B 139 -37.67 -7.00 -36.44
N ARG B 140 -37.25 -6.07 -35.56
CA ARG B 140 -37.52 -6.43 -34.13
C ARG B 140 -38.45 -5.34 -33.55
N ILE B 141 -39.12 -5.63 -32.42
CA ILE B 141 -39.94 -4.62 -31.75
C ILE B 141 -39.20 -4.35 -30.44
N ILE B 142 -39.25 -3.08 -30.04
CA ILE B 142 -38.54 -2.67 -28.85
C ILE B 142 -39.52 -2.00 -27.90
N PHE B 143 -39.65 -2.56 -26.69
CA PHE B 143 -40.53 -1.92 -25.68
C PHE B 143 -39.64 -1.18 -24.72
N ASP B 144 -39.58 0.15 -24.78
CA ASP B 144 -38.64 0.86 -23.94
C ASP B 144 -38.96 0.75 -22.46
N GLY B 145 -40.26 0.54 -22.13
CA GLY B 145 -40.61 0.46 -20.71
C GLY B 145 -41.97 -0.21 -20.54
N VAL B 146 -42.00 -1.36 -19.86
CA VAL B 146 -43.25 -2.11 -19.60
C VAL B 146 -43.21 -2.43 -18.08
N ASN B 147 -44.20 -1.91 -17.30
CA ASN B 147 -44.24 -2.06 -15.83
C ASN B 147 -45.41 -2.96 -15.39
N SER B 148 -45.12 -4.17 -14.82
CA SER B 148 -43.78 -4.65 -14.44
C SER B 148 -43.27 -5.88 -15.22
N ALA B 149 -44.15 -6.58 -15.96
CA ALA B 149 -43.68 -7.75 -16.70
C ALA B 149 -44.69 -8.01 -17.79
N PHE B 150 -44.29 -8.69 -18.83
CA PHE B 150 -45.32 -8.89 -19.85
C PHE B 150 -45.01 -10.05 -20.82
N HIS B 151 -46.08 -10.66 -21.41
CA HIS B 151 -45.98 -11.67 -22.44
C HIS B 151 -46.36 -10.96 -23.75
N LEU B 152 -45.75 -11.39 -24.90
CA LEU B 152 -46.02 -10.77 -26.16
C LEU B 152 -46.38 -11.84 -27.15
N TRP B 153 -47.41 -11.55 -27.93
CA TRP B 153 -47.85 -12.41 -29.01
C TRP B 153 -47.91 -11.54 -30.25
N CYS B 154 -47.66 -12.15 -31.41
CA CYS B 154 -47.75 -11.46 -32.70
C CYS B 154 -48.56 -12.37 -33.66
N ASN B 155 -49.71 -11.83 -34.14
CA ASN B 155 -50.53 -12.57 -35.05
C ASN B 155 -50.98 -13.88 -34.38
N GLY B 156 -51.23 -13.76 -33.08
CA GLY B 156 -51.72 -14.91 -32.31
C GLY B 156 -50.70 -15.90 -31.83
N ARG B 157 -49.43 -15.73 -32.25
CA ARG B 157 -48.41 -16.69 -31.82
C ARG B 157 -47.50 -16.04 -30.77
N TRP B 158 -47.17 -16.83 -29.74
CA TRP B 158 -46.37 -16.35 -28.61
C TRP B 158 -44.94 -16.07 -29.00
N VAL B 159 -44.47 -14.88 -28.61
CA VAL B 159 -43.12 -14.45 -28.92
C VAL B 159 -42.15 -14.56 -27.76
N GLY B 160 -42.48 -13.94 -26.62
CA GLY B 160 -41.48 -13.93 -25.56
C GLY B 160 -42.06 -13.21 -24.36
N TYR B 161 -41.21 -12.97 -23.36
CA TYR B 161 -41.62 -12.44 -22.08
C TYR B 161 -40.50 -11.51 -21.58
N GLY B 162 -40.83 -10.52 -20.76
CA GLY B 162 -39.74 -9.69 -20.29
C GLY B 162 -40.05 -9.09 -18.93
N GLN B 163 -38.99 -8.79 -18.15
CA GLN B 163 -39.07 -8.13 -16.84
C GLN B 163 -38.07 -6.98 -16.82
N ASP B 164 -38.13 -6.22 -15.71
CA ASP B 164 -37.34 -4.96 -15.51
C ASP B 164 -38.13 -3.85 -16.17
N SER B 165 -38.92 -3.11 -15.38
CA SER B 165 -39.76 -2.08 -15.98
C SER B 165 -39.00 -0.89 -16.48
N ARG B 166 -37.67 -0.84 -16.32
CA ARG B 166 -36.94 0.43 -16.68
C ARG B 166 -35.88 0.38 -17.77
N LEU B 167 -35.81 -0.79 -18.45
CA LEU B 167 -34.87 -0.99 -19.55
C LEU B 167 -35.69 -1.61 -20.68
N PRO B 168 -35.25 -1.35 -21.90
CA PRO B 168 -35.99 -1.83 -23.07
C PRO B 168 -35.96 -3.31 -23.26
N SER B 169 -37.06 -3.92 -23.67
CA SER B 169 -37.03 -5.36 -23.93
C SER B 169 -37.24 -5.47 -25.43
N GLU B 170 -36.41 -6.23 -26.18
CA GLU B 170 -36.51 -6.31 -27.65
C GLU B 170 -36.72 -7.73 -28.09
N PHE B 171 -37.47 -7.92 -29.15
CA PHE B 171 -37.70 -9.31 -29.61
C PHE B 171 -37.76 -9.33 -31.14
N ASP B 172 -37.18 -10.39 -31.68
CA ASP B 172 -37.18 -10.50 -33.13
C ASP B 172 -38.53 -10.95 -33.66
N LEU B 173 -39.22 -10.13 -34.49
CA LEU B 173 -40.58 -10.46 -35.03
C LEU B 173 -40.49 -10.91 -36.50
N SER B 174 -39.28 -11.04 -36.99
CA SER B 174 -39.10 -11.41 -38.41
C SER B 174 -39.96 -12.56 -38.87
N ALA B 175 -39.91 -13.64 -38.09
CA ALA B 175 -40.67 -14.83 -38.48
C ALA B 175 -42.16 -14.78 -38.17
N PHE B 176 -42.67 -13.79 -37.42
CA PHE B 176 -44.06 -13.69 -37.03
C PHE B 176 -44.88 -12.75 -37.87
N LEU B 177 -44.21 -11.86 -38.56
CA LEU B 177 -44.96 -10.87 -39.33
C LEU B 177 -45.26 -11.24 -40.78
N ARG B 178 -46.23 -10.56 -41.40
CA ARG B 178 -46.56 -10.76 -42.83
C ARG B 178 -46.78 -9.36 -43.42
N ALA B 179 -46.53 -9.22 -44.71
CA ALA B 179 -46.73 -7.92 -45.34
C ALA B 179 -48.18 -7.51 -45.14
N GLY B 180 -48.38 -6.24 -44.91
CA GLY B 180 -49.72 -5.73 -44.65
C GLY B 180 -50.01 -5.61 -43.14
N GLU B 181 -51.28 -5.93 -42.81
CA GLU B 181 -51.81 -5.80 -41.49
C GLU B 181 -51.36 -6.88 -40.56
N ASN B 182 -50.94 -6.49 -39.37
CA ASN B 182 -50.53 -7.45 -38.34
C ASN B 182 -51.11 -6.97 -37.00
N ARG B 183 -51.17 -7.90 -36.04
CA ARG B 183 -51.70 -7.54 -34.77
C ARG B 183 -50.75 -7.99 -33.65
N LEU B 184 -50.40 -7.05 -32.77
CA LEU B 184 -49.59 -7.40 -31.59
C LEU B 184 -50.59 -7.50 -30.41
N ALA B 185 -50.28 -8.39 -29.43
CA ALA B 185 -51.03 -8.56 -28.19
C ALA B 185 -50.03 -8.58 -27.05
N VAL B 186 -50.20 -7.64 -26.09
CA VAL B 186 -49.24 -7.57 -25.00
C VAL B 186 -50.00 -7.72 -23.68
N MET B 187 -49.69 -8.75 -22.92
CA MET B 187 -50.42 -8.86 -21.63
C MET B 187 -49.42 -8.36 -20.57
N VAL B 188 -49.76 -7.29 -19.93
CA VAL B 188 -48.87 -6.65 -18.92
C VAL B 188 -49.35 -6.96 -17.50
N LEU B 189 -48.49 -7.52 -16.63
CA LEU B 189 -48.85 -7.85 -15.24
C LEU B 189 -48.40 -6.74 -14.36
N ARG B 190 -49.28 -6.26 -13.50
CA ARG B 190 -48.92 -5.17 -12.60
C ARG B 190 -47.86 -5.68 -11.66
N TRP B 191 -48.07 -6.89 -11.13
CA TRP B 191 -47.11 -7.42 -10.16
C TRP B 191 -46.38 -8.66 -10.73
N SER B 192 -45.10 -8.82 -10.35
CA SER B 192 -44.27 -9.95 -10.75
C SER B 192 -43.13 -10.09 -9.76
N ASP B 193 -42.34 -11.17 -9.87
CA ASP B 193 -41.24 -11.29 -8.97
C ASP B 193 -40.36 -10.07 -9.25
N GLY B 194 -40.47 -9.41 -10.40
CA GLY B 194 -39.64 -8.22 -10.60
C GLY B 194 -40.02 -7.12 -9.59
N SER B 195 -41.28 -7.08 -9.14
CA SER B 195 -41.71 -6.02 -8.23
C SER B 195 -40.90 -6.09 -6.94
N TYR B 196 -40.32 -7.25 -6.62
CA TYR B 196 -39.56 -7.29 -5.37
C TYR B 196 -38.29 -6.46 -5.44
N LEU B 197 -37.88 -6.21 -6.66
CA LEU B 197 -36.67 -5.40 -6.91
C LEU B 197 -37.06 -3.93 -7.32
N GLU B 198 -38.36 -3.54 -7.14
CA GLU B 198 -38.84 -2.23 -7.59
C GLU B 198 -39.64 -1.55 -6.50
N ASP B 199 -39.02 -1.52 -5.34
CA ASP B 199 -39.70 -0.91 -4.20
C ASP B 199 -39.31 0.54 -3.98
N GLN B 200 -39.06 1.28 -5.03
CA GLN B 200 -38.73 2.68 -4.79
C GLN B 200 -39.94 3.50 -4.28
N ASP B 201 -39.58 4.57 -3.50
CA ASP B 201 -40.53 5.47 -2.86
C ASP B 201 -41.13 6.38 -3.91
N MET B 202 -42.20 5.93 -4.55
CA MET B 202 -42.87 6.74 -5.58
C MET B 202 -44.21 6.05 -5.82
N TRP B 203 -44.98 6.67 -6.68
CA TRP B 203 -46.26 6.01 -7.04
C TRP B 203 -45.99 4.69 -7.72
N ARG B 204 -46.82 3.68 -7.36
CA ARG B 204 -46.77 2.34 -7.91
C ARG B 204 -47.87 2.30 -8.99
N MET B 205 -47.39 2.29 -10.23
CA MET B 205 -48.22 2.30 -11.43
C MET B 205 -47.85 1.09 -12.33
N SER B 206 -48.47 0.99 -13.52
CA SER B 206 -48.13 -0.10 -14.42
C SER B 206 -48.52 0.24 -15.84
N GLY B 207 -48.05 -0.55 -16.78
CA GLY B 207 -48.48 -0.29 -18.16
C GLY B 207 -47.33 -0.21 -19.17
N ILE B 208 -47.58 0.10 -20.44
CA ILE B 208 -46.52 0.26 -21.45
C ILE B 208 -46.29 1.77 -21.46
N PHE B 209 -45.34 2.24 -20.64
CA PHE B 209 -45.22 3.68 -20.36
C PHE B 209 -44.03 4.43 -20.96
N ARG B 210 -43.27 3.74 -21.78
CA ARG B 210 -42.20 4.36 -22.54
C ARG B 210 -42.46 3.91 -23.98
N ASP B 211 -41.70 4.47 -24.94
CA ASP B 211 -41.84 4.15 -26.38
C ASP B 211 -41.84 2.70 -26.78
N VAL B 212 -42.64 2.43 -27.86
CA VAL B 212 -42.71 1.12 -28.54
C VAL B 212 -42.27 1.43 -29.98
N SER B 213 -41.30 0.67 -30.50
CA SER B 213 -40.83 0.96 -31.85
C SER B 213 -40.47 -0.33 -32.51
N LEU B 214 -40.35 -0.20 -33.83
CA LEU B 214 -39.91 -1.30 -34.73
C LEU B 214 -38.59 -0.86 -35.38
N LEU B 215 -37.62 -1.74 -35.33
CA LEU B 215 -36.29 -1.45 -35.91
C LEU B 215 -35.92 -2.55 -36.93
N HIS B 216 -35.55 -2.12 -38.12
CA HIS B 216 -35.14 -3.04 -39.12
C HIS B 216 -33.62 -3.02 -39.21
N LYS B 217 -32.98 -4.14 -39.07
CA LYS B 217 -31.53 -4.20 -39.19
C LYS B 217 -31.25 -5.25 -40.29
N PRO B 218 -30.11 -5.11 -40.96
CA PRO B 218 -29.80 -6.10 -42.03
C PRO B 218 -29.35 -7.35 -41.33
N THR B 219 -29.29 -8.50 -42.03
CA THR B 219 -28.88 -9.73 -41.44
C THR B 219 -27.45 -9.60 -40.98
N THR B 220 -26.61 -8.99 -41.81
CA THR B 220 -25.23 -8.76 -41.41
C THR B 220 -25.28 -7.33 -40.86
N GLN B 221 -25.01 -7.24 -39.57
CA GLN B 221 -25.22 -5.97 -38.89
C GLN B 221 -24.26 -5.70 -37.75
N ILE B 222 -24.25 -4.42 -37.37
CA ILE B 222 -23.48 -4.01 -36.17
C ILE B 222 -24.36 -4.46 -35.01
N SER B 223 -23.83 -5.33 -34.14
CA SER B 223 -24.66 -5.80 -33.01
C SER B 223 -24.29 -5.10 -31.69
N ASP B 224 -23.16 -4.36 -31.70
CA ASP B 224 -22.81 -3.61 -30.50
C ASP B 224 -21.61 -2.76 -30.80
N PHE B 225 -21.34 -1.70 -30.03
CA PHE B 225 -20.10 -0.94 -30.25
C PHE B 225 -19.90 -0.19 -28.94
N HIS B 226 -18.62 -0.07 -28.53
CA HIS B 226 -18.23 0.64 -27.29
C HIS B 226 -17.24 1.71 -27.64
N VAL B 227 -17.38 2.92 -27.12
CA VAL B 227 -16.41 3.97 -27.47
C VAL B 227 -15.67 4.43 -26.25
N ALA B 228 -14.36 4.42 -26.26
CA ALA B 228 -13.56 4.83 -25.08
C ALA B 228 -12.66 5.99 -25.50
N THR B 229 -12.32 6.90 -24.58
CA THR B 229 -11.43 7.98 -24.93
C THR B 229 -10.45 8.07 -23.82
N ARG B 230 -9.16 7.85 -24.11
CA ARG B 230 -8.05 7.90 -23.14
C ARG B 230 -7.12 9.06 -23.47
N PHE B 231 -6.48 9.62 -22.44
CA PHE B 231 -5.73 10.81 -22.70
C PHE B 231 -4.30 10.74 -22.16
N ASN B 232 -3.49 11.70 -22.63
CA ASN B 232 -2.12 11.86 -22.10
C ASN B 232 -2.24 12.72 -20.84
N ASP B 233 -1.11 12.98 -20.18
CA ASP B 233 -1.12 13.70 -18.96
C ASP B 233 -1.69 15.08 -18.99
N ASP B 234 -1.65 15.85 -20.05
CA ASP B 234 -2.25 17.14 -19.82
C ASP B 234 -3.45 17.29 -20.73
N PHE B 235 -4.02 16.17 -21.17
CA PHE B 235 -5.22 16.20 -22.02
C PHE B 235 -4.99 16.86 -23.37
N SER B 236 -3.77 16.96 -23.85
CA SER B 236 -3.53 17.64 -25.14
C SER B 236 -3.57 16.69 -26.34
N ARG B 237 -3.64 15.37 -25.99
CA ARG B 237 -3.79 14.27 -26.94
C ARG B 237 -4.70 13.19 -26.39
N ALA B 238 -5.46 12.64 -27.29
CA ALA B 238 -6.40 11.57 -26.94
C ALA B 238 -6.38 10.49 -28.00
N VAL B 239 -6.80 9.33 -27.56
CA VAL B 239 -6.97 8.18 -28.46
C VAL B 239 -8.44 7.82 -28.31
N LEU B 240 -9.21 7.85 -29.40
CA LEU B 240 -10.58 7.35 -29.39
C LEU B 240 -10.49 5.87 -29.78
N GLU B 241 -11.02 4.95 -28.99
CA GLU B 241 -10.98 3.52 -29.36
C GLU B 241 -12.40 2.98 -29.46
N ALA B 242 -12.74 2.39 -30.60
CA ALA B 242 -14.06 1.91 -30.83
C ALA B 242 -14.07 0.44 -31.09
N GLU B 243 -14.64 -0.34 -30.18
CA GLU B 243 -14.73 -1.77 -30.42
C GLU B 243 -16.11 -1.99 -31.07
N VAL B 244 -16.10 -2.71 -32.21
CA VAL B 244 -17.39 -2.94 -32.90
C VAL B 244 -17.62 -4.43 -33.02
N GLN B 245 -18.84 -4.89 -32.77
CA GLN B 245 -19.09 -6.33 -32.96
C GLN B 245 -20.18 -6.52 -34.06
N MET B 246 -20.08 -7.65 -34.80
CA MET B 246 -21.10 -7.90 -35.78
C MET B 246 -21.76 -9.22 -35.56
N CYS B 247 -22.97 -9.34 -36.14
CA CYS B 247 -23.78 -10.57 -36.24
C CYS B 247 -23.98 -10.76 -37.75
N GLY B 248 -24.17 -12.00 -38.22
CA GLY B 248 -24.31 -12.30 -39.64
C GLY B 248 -23.10 -13.15 -40.06
N GLU B 249 -23.04 -13.44 -41.33
CA GLU B 249 -21.95 -14.25 -41.83
C GLU B 249 -20.72 -13.45 -42.06
N LEU B 250 -19.63 -13.94 -41.47
CA LEU B 250 -18.36 -13.23 -41.60
C LEU B 250 -17.85 -13.41 -43.02
N ARG B 251 -17.29 -12.41 -43.61
CA ARG B 251 -16.78 -12.54 -45.00
C ARG B 251 -15.61 -11.64 -45.08
N ASP B 252 -14.65 -12.11 -45.82
CA ASP B 252 -13.46 -11.29 -45.92
C ASP B 252 -13.63 -9.93 -46.52
N TYR B 253 -14.68 -9.71 -47.33
CA TYR B 253 -14.83 -8.38 -47.90
C TYR B 253 -15.51 -7.39 -46.92
N LEU B 254 -15.92 -7.85 -45.72
CA LEU B 254 -16.58 -6.91 -44.79
C LEU B 254 -15.60 -5.92 -44.14
N ARG B 255 -16.06 -4.70 -43.85
CA ARG B 255 -15.17 -3.74 -43.22
C ARG B 255 -15.95 -2.90 -42.22
N VAL B 256 -15.21 -2.29 -41.30
CA VAL B 256 -15.90 -1.31 -40.46
C VAL B 256 -15.05 -0.04 -40.61
N THR B 257 -15.69 1.10 -40.82
CA THR B 257 -14.96 2.39 -40.83
C THR B 257 -15.54 3.14 -39.64
N VAL B 258 -14.69 3.71 -38.80
CA VAL B 258 -15.26 4.57 -37.77
C VAL B 258 -14.66 5.92 -38.04
N SER B 259 -15.54 6.91 -38.20
CA SER B 259 -15.07 8.28 -38.44
C SER B 259 -15.53 9.21 -37.33
N LEU B 260 -14.71 10.21 -37.05
CA LEU B 260 -15.02 11.12 -35.94
C LEU B 260 -15.15 12.54 -36.50
N TRP B 261 -16.27 13.20 -36.14
CA TRP B 261 -16.57 14.52 -36.68
C TRP B 261 -16.67 15.57 -35.61
N GLN B 262 -16.29 16.78 -35.97
CA GLN B 262 -16.45 17.94 -35.11
C GLN B 262 -17.20 18.87 -35.99
N GLY B 263 -18.50 18.84 -35.80
CA GLY B 263 -19.30 19.59 -36.71
C GLY B 263 -19.09 18.99 -38.07
N GLU B 264 -18.85 19.81 -39.07
CA GLU B 264 -18.69 19.37 -40.44
C GLU B 264 -17.27 18.92 -40.79
N THR B 265 -16.36 19.11 -39.88
CA THR B 265 -15.01 18.73 -40.17
C THR B 265 -14.79 17.31 -39.77
N GLN B 266 -14.18 16.52 -40.64
CA GLN B 266 -13.87 15.13 -40.28
C GLN B 266 -12.58 15.17 -39.55
N VAL B 267 -12.60 14.86 -38.30
CA VAL B 267 -11.36 14.90 -37.53
C VAL B 267 -10.45 13.70 -37.72
N ALA B 268 -11.01 12.48 -37.90
CA ALA B 268 -10.25 11.27 -38.05
C ALA B 268 -11.15 10.18 -38.60
N SER B 269 -10.53 9.14 -39.19
CA SER B 269 -11.28 8.06 -39.77
C SER B 269 -10.37 6.88 -39.90
N GLY B 270 -10.85 5.64 -39.67
CA GLY B 270 -9.99 4.45 -39.74
C GLY B 270 -10.83 3.30 -40.23
N THR B 271 -10.26 2.40 -41.04
CA THR B 271 -11.06 1.31 -41.54
C THR B 271 -10.29 0.03 -41.29
N ALA B 272 -11.03 -1.08 -41.09
CA ALA B 272 -10.43 -2.39 -40.87
C ALA B 272 -11.48 -3.46 -41.08
N PRO B 273 -10.96 -4.63 -41.47
CA PRO B 273 -11.82 -5.79 -41.65
C PRO B 273 -12.00 -6.38 -40.22
N PHE B 274 -12.91 -7.31 -40.06
CA PHE B 274 -13.13 -7.89 -38.73
C PHE B 274 -11.99 -8.84 -38.38
N GLY B 275 -11.76 -9.06 -37.09
CA GLY B 275 -10.70 -10.01 -36.66
C GLY B 275 -9.99 -9.37 -35.54
N GLY B 276 -10.37 -9.70 -34.28
CA GLY B 276 -9.69 -9.01 -33.17
C GLY B 276 -8.34 -9.64 -32.81
N GLU B 277 -7.58 -9.02 -31.91
CA GLU B 277 -6.29 -9.56 -31.50
C GLU B 277 -6.48 -10.86 -30.68
N ILE B 278 -5.44 -11.67 -30.57
CA ILE B 278 -5.51 -12.89 -29.80
C ILE B 278 -5.86 -12.54 -28.35
N ILE B 279 -6.82 -13.23 -27.75
CA ILE B 279 -7.25 -12.99 -26.37
C ILE B 279 -6.71 -14.15 -25.53
N ASP B 280 -6.80 -15.41 -26.02
CA ASP B 280 -6.34 -16.53 -25.17
C ASP B 280 -5.91 -17.71 -25.99
N GLU B 281 -5.71 -18.85 -25.36
CA GLU B 281 -5.23 -20.01 -26.10
C GLU B 281 -6.07 -20.41 -27.28
N ARG B 282 -7.34 -19.97 -27.31
CA ARG B 282 -8.22 -20.40 -28.40
C ARG B 282 -8.24 -19.34 -29.51
N GLY B 283 -7.60 -18.21 -29.31
CA GLY B 283 -7.60 -17.21 -30.39
C GLY B 283 -8.20 -15.92 -29.94
N GLY B 284 -8.90 -15.26 -30.88
CA GLY B 284 -9.53 -13.96 -30.56
C GLY B 284 -10.93 -13.93 -31.16
N TYR B 285 -11.57 -12.76 -31.16
CA TYR B 285 -12.93 -12.65 -31.68
C TYR B 285 -12.92 -12.32 -33.15
N ALA B 286 -13.28 -13.33 -33.95
CA ALA B 286 -13.25 -13.10 -35.39
C ALA B 286 -14.38 -12.14 -35.73
N ASP B 287 -15.37 -11.96 -34.86
CA ASP B 287 -16.53 -11.14 -35.22
C ASP B 287 -16.44 -9.76 -34.61
N ARG B 288 -15.25 -9.32 -34.22
CA ARG B 288 -15.20 -7.97 -33.65
C ARG B 288 -13.98 -7.29 -34.24
N VAL B 289 -13.87 -5.98 -34.06
CA VAL B 289 -12.67 -5.27 -34.51
C VAL B 289 -12.66 -3.95 -33.68
N THR B 290 -11.45 -3.48 -33.38
CA THR B 290 -11.22 -2.29 -32.64
C THR B 290 -10.49 -1.25 -33.53
N LEU B 291 -11.09 -0.06 -33.70
CA LEU B 291 -10.47 0.98 -34.51
C LEU B 291 -9.90 1.97 -33.50
N ARG B 292 -8.66 2.49 -33.74
CA ARG B 292 -8.11 3.47 -32.78
C ARG B 292 -7.87 4.74 -33.55
N LEU B 293 -8.41 5.91 -33.13
CA LEU B 293 -8.25 7.15 -33.86
C LEU B 293 -7.51 8.13 -32.94
N ASN B 294 -6.45 8.76 -33.44
CA ASN B 294 -5.68 9.74 -32.66
C ASN B 294 -6.29 11.10 -32.81
N VAL B 295 -6.44 11.80 -31.69
CA VAL B 295 -7.01 13.10 -31.74
C VAL B 295 -6.13 14.05 -30.95
N GLU B 296 -5.59 15.06 -31.66
CA GLU B 296 -4.74 16.11 -31.06
C GLU B 296 -5.58 17.20 -30.51
N ASN B 297 -5.23 17.70 -29.31
CA ASN B 297 -5.97 18.84 -28.79
C ASN B 297 -7.50 18.72 -28.82
N PRO B 298 -7.99 17.58 -28.36
CA PRO B 298 -9.46 17.44 -28.39
C PRO B 298 -10.15 18.52 -27.59
N LYS B 299 -11.38 18.90 -27.98
CA LYS B 299 -12.21 19.84 -27.19
C LYS B 299 -12.82 18.95 -26.12
N LEU B 300 -12.58 19.32 -24.85
CA LEU B 300 -13.03 18.44 -23.79
C LEU B 300 -14.49 18.63 -23.41
N TRP B 301 -15.14 17.54 -22.96
CA TRP B 301 -16.55 17.67 -22.57
C TRP B 301 -16.62 17.89 -21.05
N SER B 302 -17.53 18.74 -20.59
CA SER B 302 -17.84 18.91 -19.17
C SER B 302 -19.22 19.52 -19.10
N ALA B 303 -19.69 19.64 -17.88
CA ALA B 303 -21.02 20.23 -17.71
C ALA B 303 -20.85 21.70 -18.02
N GLU B 304 -19.68 22.27 -17.78
CA GLU B 304 -19.41 23.71 -18.04
C GLU B 304 -19.41 24.04 -19.54
N ILE B 305 -18.80 23.16 -20.31
CA ILE B 305 -18.79 23.36 -21.75
C ILE B 305 -18.92 21.95 -22.33
N PRO B 306 -20.13 21.58 -22.70
CA PRO B 306 -20.34 20.25 -23.20
C PRO B 306 -19.95 20.05 -24.64
N ASN B 307 -18.66 20.17 -24.96
CA ASN B 307 -18.15 19.95 -26.32
C ASN B 307 -18.43 18.53 -26.76
N LEU B 308 -19.02 18.34 -27.93
CA LEU B 308 -19.26 16.95 -28.39
C LEU B 308 -18.77 16.81 -29.83
N TYR B 309 -18.38 15.57 -30.18
CA TYR B 309 -17.96 15.18 -31.51
C TYR B 309 -19.01 14.13 -31.88
N ARG B 310 -19.01 13.67 -33.10
CA ARG B 310 -19.98 12.66 -33.54
C ARG B 310 -19.11 11.51 -34.11
N ALA B 311 -19.34 10.30 -33.59
CA ALA B 311 -18.66 9.07 -34.06
C ALA B 311 -19.67 8.35 -34.93
N VAL B 312 -19.26 7.98 -36.13
CA VAL B 312 -20.17 7.25 -37.04
C VAL B 312 -19.50 5.93 -37.31
N VAL B 313 -20.22 4.82 -37.13
CA VAL B 313 -19.62 3.52 -37.36
C VAL B 313 -20.33 2.94 -38.58
N GLU B 314 -19.56 2.68 -39.61
CA GLU B 314 -20.19 2.14 -40.80
C GLU B 314 -19.77 0.73 -41.04
N LEU B 315 -20.75 -0.13 -41.37
CA LEU B 315 -20.46 -1.53 -41.70
C LEU B 315 -20.59 -1.56 -43.20
N HIS B 316 -19.54 -1.97 -43.95
CA HIS B 316 -19.72 -1.89 -45.41
C HIS B 316 -18.88 -2.94 -46.07
N THR B 317 -18.94 -2.98 -47.40
CA THR B 317 -18.06 -3.93 -48.07
C THR B 317 -16.81 -3.20 -48.59
N ALA B 318 -15.77 -4.01 -48.90
CA ALA B 318 -14.49 -3.47 -49.36
C ALA B 318 -14.66 -2.68 -50.59
N ASP B 319 -15.67 -2.95 -51.40
CA ASP B 319 -15.82 -2.12 -52.59
C ASP B 319 -16.48 -0.79 -52.29
N GLY B 320 -16.86 -0.59 -51.07
CA GLY B 320 -17.43 0.67 -50.72
C GLY B 320 -18.92 0.65 -50.43
N THR B 321 -19.61 -0.43 -50.71
CA THR B 321 -21.04 -0.42 -50.49
C THR B 321 -21.45 -0.42 -49.04
N LEU B 322 -22.21 0.56 -48.62
CA LEU B 322 -22.68 0.64 -47.23
C LEU B 322 -23.71 -0.41 -46.88
N ILE B 323 -23.53 -1.13 -45.73
CA ILE B 323 -24.52 -2.10 -45.28
C ILE B 323 -25.42 -1.37 -44.29
N GLU B 324 -24.83 -0.74 -43.28
CA GLU B 324 -25.63 0.11 -42.41
C GLU B 324 -24.64 0.94 -41.62
N ALA B 325 -25.19 1.94 -40.87
CA ALA B 325 -24.38 2.79 -40.01
C ALA B 325 -25.10 3.06 -38.69
N GLU B 326 -24.33 3.12 -37.57
CA GLU B 326 -24.80 3.45 -36.27
C GLU B 326 -23.92 4.60 -35.88
N ALA B 327 -24.27 5.30 -34.81
CA ALA B 327 -23.51 6.51 -34.44
C ALA B 327 -23.77 6.96 -33.02
N CYS B 328 -22.90 7.83 -32.51
CA CYS B 328 -23.26 8.36 -31.20
C CYS B 328 -22.54 9.66 -30.98
N ASP B 329 -22.99 10.43 -30.03
CA ASP B 329 -22.24 11.63 -29.72
C ASP B 329 -21.09 11.20 -28.82
N VAL B 330 -19.97 11.87 -28.93
CA VAL B 330 -18.89 11.45 -28.09
C VAL B 330 -18.44 12.66 -27.30
N GLY B 331 -18.16 12.50 -26.03
CA GLY B 331 -17.63 13.61 -25.25
C GLY B 331 -16.28 13.18 -24.70
N PHE B 332 -15.20 13.93 -24.99
CA PHE B 332 -13.86 13.55 -24.54
C PHE B 332 -13.73 13.96 -23.12
N ARG B 333 -13.75 12.98 -22.22
CA ARG B 333 -13.54 13.37 -20.82
C ARG B 333 -13.09 12.14 -20.07
N GLU B 334 -12.29 12.36 -19.01
CA GLU B 334 -11.78 11.23 -18.20
C GLU B 334 -12.35 11.44 -16.79
N VAL B 335 -12.81 10.39 -16.19
CA VAL B 335 -13.31 10.47 -14.83
C VAL B 335 -12.47 9.49 -14.04
N ARG B 336 -11.88 9.99 -12.93
CA ARG B 336 -11.11 9.02 -12.15
C ARG B 336 -11.10 9.45 -10.69
N ILE B 337 -10.88 8.54 -9.77
CA ILE B 337 -10.72 8.97 -8.36
C ILE B 337 -9.22 8.89 -8.03
N GLU B 338 -8.60 9.98 -7.51
CA GLU B 338 -7.19 9.90 -7.23
C GLU B 338 -6.88 10.60 -5.98
N ASN B 339 -6.10 9.91 -5.15
CA ASN B 339 -5.71 10.49 -3.88
C ASN B 339 -6.95 10.93 -3.06
N GLY B 340 -8.06 10.22 -3.22
CA GLY B 340 -9.30 10.53 -2.45
C GLY B 340 -10.24 11.54 -3.07
N LEU B 341 -9.88 12.00 -4.25
CA LEU B 341 -10.74 13.00 -4.94
C LEU B 341 -11.25 12.54 -6.31
N LEU B 342 -12.52 12.85 -6.58
CA LEU B 342 -13.17 12.48 -7.86
C LEU B 342 -12.75 13.58 -8.87
N LEU B 343 -12.03 13.22 -9.95
CA LEU B 343 -11.63 14.27 -10.82
C LEU B 343 -12.30 14.06 -12.15
N LEU B 344 -12.46 15.17 -12.83
CA LEU B 344 -13.01 15.12 -14.18
C LEU B 344 -12.00 15.91 -15.03
N ASN B 345 -11.41 15.28 -16.10
CA ASN B 345 -10.39 15.97 -16.87
C ASN B 345 -9.29 16.52 -15.94
N GLY B 346 -9.00 15.73 -14.89
CA GLY B 346 -7.92 16.03 -13.93
C GLY B 346 -8.23 17.08 -12.88
N LYS B 347 -9.47 17.61 -12.82
CA LYS B 347 -9.80 18.66 -11.84
C LYS B 347 -10.92 18.11 -10.93
N PRO B 348 -10.86 18.43 -9.64
CA PRO B 348 -11.83 17.87 -8.73
C PRO B 348 -13.20 18.50 -8.87
N LEU B 349 -14.22 17.66 -9.00
CA LEU B 349 -15.53 18.23 -9.17
C LEU B 349 -16.16 18.67 -7.84
N LEU B 350 -17.17 19.55 -7.96
CA LEU B 350 -17.99 19.94 -6.82
C LEU B 350 -19.41 19.73 -7.37
N ILE B 351 -20.03 18.62 -6.98
CA ILE B 351 -21.32 18.23 -7.51
C ILE B 351 -22.47 19.04 -6.93
N ARG B 352 -23.12 19.83 -7.75
CA ARG B 352 -24.27 20.65 -7.34
C ARG B 352 -25.37 19.82 -7.95
N GLY B 353 -25.72 18.72 -7.23
CA GLY B 353 -26.67 17.78 -7.87
C GLY B 353 -28.04 17.77 -7.28
N VAL B 354 -28.89 17.03 -8.00
CA VAL B 354 -30.25 16.84 -7.52
C VAL B 354 -30.70 15.44 -7.97
N ASN B 355 -31.54 14.77 -7.16
CA ASN B 355 -32.11 13.45 -7.57
C ASN B 355 -33.39 13.83 -8.34
N ARG B 356 -33.68 13.12 -9.43
CA ARG B 356 -34.88 13.49 -10.16
C ARG B 356 -35.61 12.21 -10.60
N HIS B 357 -36.85 12.04 -10.11
CA HIS B 357 -37.71 10.95 -10.59
C HIS B 357 -38.36 11.37 -11.90
N GLU B 358 -38.80 10.34 -12.65
CA GLU B 358 -39.52 10.66 -13.87
C GLU B 358 -41.00 10.77 -13.51
N HIS B 359 -41.50 12.00 -13.35
CA HIS B 359 -42.89 12.13 -12.91
C HIS B 359 -43.60 13.27 -13.61
N HIS B 360 -44.82 13.07 -14.06
CA HIS B 360 -45.64 14.15 -14.70
C HIS B 360 -47.01 14.11 -13.95
N PRO B 361 -47.51 15.22 -13.48
CA PRO B 361 -48.75 15.20 -12.68
C PRO B 361 -49.97 14.69 -13.47
N LEU B 362 -49.89 14.81 -14.81
CA LEU B 362 -51.04 14.31 -15.58
C LEU B 362 -50.74 12.98 -16.22
N HIS B 363 -49.48 12.84 -16.70
CA HIS B 363 -49.22 11.59 -17.40
C HIS B 363 -48.56 10.50 -16.57
N GLY B 364 -48.36 10.77 -15.28
CA GLY B 364 -47.77 9.75 -14.41
C GLY B 364 -46.27 9.56 -14.63
N GLN B 365 -45.87 8.37 -15.13
CA GLN B 365 -44.46 8.05 -15.29
C GLN B 365 -43.96 8.05 -16.72
N VAL B 366 -44.83 8.55 -17.59
CA VAL B 366 -44.49 8.71 -18.97
C VAL B 366 -43.76 10.07 -19.11
N MET B 367 -42.61 10.08 -19.74
CA MET B 367 -41.74 11.22 -19.99
C MET B 367 -41.80 11.70 -21.44
N ASP B 368 -41.76 13.02 -21.59
CA ASP B 368 -41.79 13.64 -22.91
C ASP B 368 -40.62 14.59 -22.99
N GLU B 369 -40.22 14.91 -24.24
CA GLU B 369 -39.06 15.73 -24.39
C GLU B 369 -39.29 17.10 -23.82
N GLN B 370 -40.48 17.63 -24.00
CA GLN B 370 -40.72 18.98 -23.48
C GLN B 370 -40.50 19.08 -21.97
N THR B 371 -41.00 18.11 -21.23
CA THR B 371 -40.84 18.16 -19.77
C THR B 371 -39.38 17.99 -19.41
N MET B 372 -38.73 17.08 -20.17
CA MET B 372 -37.31 16.88 -19.87
C MET B 372 -36.48 18.15 -20.05
N VAL B 373 -36.72 18.79 -21.20
CA VAL B 373 -36.00 20.06 -21.51
C VAL B 373 -36.33 21.13 -20.43
N GLN B 374 -37.65 21.18 -20.08
CA GLN B 374 -38.01 22.14 -19.04
C GLN B 374 -37.24 21.89 -17.75
N ASP B 375 -37.11 20.60 -17.38
CA ASP B 375 -36.38 20.26 -16.16
C ASP B 375 -34.92 20.68 -16.30
N ILE B 376 -34.28 20.25 -17.36
CA ILE B 376 -32.87 20.60 -17.56
C ILE B 376 -32.60 22.08 -17.55
N LEU B 377 -33.46 22.82 -18.19
CA LEU B 377 -33.19 24.26 -18.16
C LEU B 377 -33.31 24.87 -16.75
N LEU B 378 -34.36 24.45 -15.99
CA LEU B 378 -34.56 25.04 -14.68
C LEU B 378 -33.36 24.63 -13.83
N MET B 379 -32.94 23.37 -14.05
CA MET B 379 -31.79 22.90 -13.26
C MET B 379 -30.55 23.80 -13.48
N LYS B 380 -30.20 23.94 -14.73
CA LYS B 380 -29.01 24.75 -15.08
C LYS B 380 -29.16 26.21 -14.63
N GLN B 381 -30.36 26.74 -14.82
CA GLN B 381 -30.66 28.12 -14.42
C GLN B 381 -30.54 28.28 -12.95
N ASN B 382 -30.73 27.14 -12.25
CA ASN B 382 -30.61 27.14 -10.81
C ASN B 382 -29.25 26.63 -10.26
N ASN B 383 -28.21 26.70 -11.12
CA ASN B 383 -26.89 26.33 -10.72
C ASN B 383 -26.66 24.88 -10.31
N PHE B 384 -27.44 23.97 -10.90
CA PHE B 384 -27.21 22.52 -10.71
C PHE B 384 -26.30 22.11 -11.89
N ASN B 385 -25.37 21.20 -11.63
CA ASN B 385 -24.52 20.68 -12.71
C ASN B 385 -24.60 19.15 -12.71
N ALA B 386 -25.48 18.49 -11.96
CA ALA B 386 -25.46 17.02 -11.99
C ALA B 386 -26.82 16.49 -11.57
N VAL B 387 -27.10 15.31 -12.01
CA VAL B 387 -28.40 14.73 -11.67
C VAL B 387 -28.19 13.23 -11.39
N ARG B 388 -28.91 12.66 -10.42
CA ARG B 388 -28.85 11.22 -10.12
C ARG B 388 -30.22 10.67 -10.59
N CYS B 389 -30.18 9.61 -11.41
CA CYS B 389 -31.37 8.94 -11.88
C CYS B 389 -32.01 8.08 -10.75
N SER B 390 -32.59 8.74 -9.71
CA SER B 390 -33.26 8.06 -8.64
C SER B 390 -34.47 7.36 -9.20
N HIS B 391 -34.58 6.00 -9.23
CA HIS B 391 -33.54 5.05 -8.84
C HIS B 391 -33.72 3.96 -9.87
N TYR B 392 -33.42 4.29 -11.12
CA TYR B 392 -33.58 3.33 -12.21
C TYR B 392 -33.05 4.03 -13.46
N PRO B 393 -32.77 3.24 -14.52
CA PRO B 393 -32.32 3.83 -15.73
C PRO B 393 -33.49 4.67 -16.31
N ASN B 394 -33.16 5.84 -16.88
CA ASN B 394 -34.18 6.74 -17.38
C ASN B 394 -34.56 6.50 -18.84
N HIS B 395 -35.58 7.22 -19.24
CA HIS B 395 -35.97 7.16 -20.67
C HIS B 395 -34.71 7.52 -21.47
N PRO B 396 -34.50 6.88 -22.61
CA PRO B 396 -33.27 7.10 -23.38
C PRO B 396 -33.00 8.54 -23.74
N LEU B 397 -34.04 9.30 -23.99
CA LEU B 397 -33.72 10.66 -24.40
C LEU B 397 -33.01 11.49 -23.33
N TRP B 398 -33.23 11.14 -22.08
CA TRP B 398 -32.64 11.92 -21.02
C TRP B 398 -31.13 12.05 -21.13
N TYR B 399 -30.48 10.91 -21.46
CA TYR B 399 -29.01 10.91 -21.55
C TYR B 399 -28.54 11.79 -22.73
N THR B 400 -29.29 11.73 -23.83
CA THR B 400 -28.98 12.59 -25.00
C THR B 400 -28.98 14.05 -24.58
N LEU B 401 -30.06 14.45 -23.87
CA LEU B 401 -30.17 15.88 -23.44
C LEU B 401 -29.05 16.22 -22.44
N CYS B 402 -28.75 15.27 -21.53
CA CYS B 402 -27.68 15.64 -20.58
C CYS B 402 -26.32 15.73 -21.30
N ASP B 403 -26.10 14.86 -22.30
CA ASP B 403 -24.85 14.95 -23.04
C ASP B 403 -24.73 16.31 -23.71
N ARG B 404 -25.84 16.79 -24.24
CA ARG B 404 -25.75 18.00 -25.04
C ARG B 404 -25.89 19.25 -24.30
N TYR B 405 -26.71 19.27 -23.25
CA TYR B 405 -26.85 20.52 -22.47
C TYR B 405 -25.75 20.60 -21.46
N GLY B 406 -25.30 19.44 -21.07
CA GLY B 406 -24.24 19.40 -20.10
C GLY B 406 -24.68 19.26 -18.62
N LEU B 407 -24.78 17.98 -18.14
CA LEU B 407 -25.03 17.68 -16.73
C LEU B 407 -24.27 16.40 -16.39
N TYR B 408 -23.63 16.27 -15.24
CA TYR B 408 -23.01 14.99 -14.94
C TYR B 408 -24.16 14.08 -14.47
N VAL B 409 -24.15 12.81 -14.80
CA VAL B 409 -25.22 11.91 -14.43
C VAL B 409 -24.71 10.67 -13.74
N VAL B 410 -25.48 10.30 -12.70
CA VAL B 410 -25.28 9.05 -11.97
C VAL B 410 -26.37 8.15 -12.59
N ASP B 411 -25.96 7.13 -13.39
CA ASP B 411 -26.94 6.18 -13.98
C ASP B 411 -27.10 4.99 -12.95
N GLU B 412 -28.36 4.65 -12.55
CA GLU B 412 -28.60 3.71 -11.46
C GLU B 412 -29.46 2.53 -11.81
N ALA B 413 -28.98 1.31 -11.47
CA ALA B 413 -29.78 0.13 -11.82
C ALA B 413 -31.08 0.11 -11.10
N ASN B 414 -32.09 -0.49 -11.75
CA ASN B 414 -33.44 -0.51 -11.15
C ASN B 414 -33.50 -1.63 -10.16
N ILE B 415 -32.83 -1.45 -9.00
CA ILE B 415 -32.90 -2.50 -7.99
C ILE B 415 -33.17 -1.80 -6.64
N GLU B 416 -34.34 -1.96 -5.99
CA GLU B 416 -34.51 -1.35 -4.64
C GLU B 416 -35.42 -2.36 -3.90
N THR B 417 -35.00 -2.88 -2.73
CA THR B 417 -35.78 -3.86 -2.01
C THR B 417 -35.94 -3.37 -0.59
N HIS B 418 -36.19 -2.07 -0.52
CA HIS B 418 -36.25 -1.40 0.79
C HIS B 418 -37.14 -2.08 1.85
N GLY B 419 -38.26 -2.63 1.43
CA GLY B 419 -39.34 -3.19 2.27
C GLY B 419 -39.01 -4.56 2.83
N MET B 420 -37.87 -5.12 2.45
CA MET B 420 -37.50 -6.46 2.99
C MET B 420 -36.98 -6.32 4.38
N VAL B 421 -36.96 -7.41 5.12
CA VAL B 421 -36.44 -7.29 6.48
C VAL B 421 -35.55 -8.50 6.69
N PRO B 422 -34.25 -8.29 6.93
CA PRO B 422 -33.60 -7.03 6.92
C PRO B 422 -33.53 -6.57 5.49
N MET B 423 -33.02 -5.34 5.25
CA MET B 423 -33.02 -4.77 3.89
C MET B 423 -32.23 -5.55 2.84
N ASN B 424 -31.20 -6.30 3.24
CA ASN B 424 -30.47 -7.06 2.23
C ASN B 424 -30.92 -8.57 2.13
N ARG B 425 -32.12 -8.96 2.59
CA ARG B 425 -32.55 -10.38 2.59
C ARG B 425 -32.41 -10.99 1.18
N LEU B 426 -32.79 -10.22 0.12
CA LEU B 426 -32.70 -10.71 -1.28
C LEU B 426 -31.32 -10.44 -1.88
N THR B 427 -30.72 -9.27 -1.57
CA THR B 427 -29.44 -8.93 -2.17
C THR B 427 -28.27 -9.76 -1.70
N ASP B 428 -28.43 -10.40 -0.56
CA ASP B 428 -27.38 -11.31 -0.06
C ASP B 428 -27.69 -12.78 -0.45
N ASP B 429 -28.77 -12.98 -1.20
CA ASP B 429 -29.22 -14.34 -1.55
C ASP B 429 -28.81 -14.66 -2.97
N PRO B 430 -27.99 -15.69 -3.22
CA PRO B 430 -27.46 -15.97 -4.54
C PRO B 430 -28.53 -16.34 -5.51
N ARG B 431 -29.64 -16.80 -4.98
CA ARG B 431 -30.72 -17.07 -5.92
C ARG B 431 -31.29 -15.82 -6.58
N TRP B 432 -31.03 -14.61 -6.05
CA TRP B 432 -31.53 -13.36 -6.64
C TRP B 432 -30.39 -12.70 -7.41
N LEU B 433 -29.22 -13.37 -7.38
CA LEU B 433 -28.11 -12.78 -8.15
C LEU B 433 -28.38 -12.63 -9.66
N PRO B 434 -28.96 -13.61 -10.27
CA PRO B 434 -29.25 -13.51 -11.70
C PRO B 434 -30.13 -12.34 -12.06
N ALA B 435 -31.27 -12.25 -11.40
CA ALA B 435 -32.19 -11.18 -11.65
C ALA B 435 -31.52 -9.85 -11.35
N MET B 436 -30.78 -9.79 -10.25
CA MET B 436 -30.17 -8.48 -10.04
C MET B 436 -29.13 -8.23 -11.09
N SER B 437 -28.41 -9.25 -11.46
CA SER B 437 -27.35 -8.96 -12.42
C SER B 437 -27.87 -8.33 -13.70
N GLU B 438 -28.98 -8.84 -14.19
CA GLU B 438 -29.49 -8.24 -15.46
C GLU B 438 -29.85 -6.77 -15.35
N ARG B 439 -30.25 -6.35 -14.12
CA ARG B 439 -30.64 -4.98 -13.95
C ARG B 439 -29.42 -4.06 -14.01
N VAL B 440 -28.27 -4.58 -13.65
CA VAL B 440 -27.03 -3.81 -13.73
C VAL B 440 -26.39 -3.99 -15.13
N THR B 441 -26.22 -5.22 -15.54
CA THR B 441 -25.52 -5.42 -16.83
C THR B 441 -26.20 -4.81 -18.01
N ARG B 442 -27.54 -4.94 -18.08
CA ARG B 442 -28.24 -4.42 -19.25
C ARG B 442 -28.22 -2.89 -19.27
N MET B 443 -28.07 -2.30 -18.10
CA MET B 443 -28.05 -0.83 -18.04
C MET B 443 -26.72 -0.35 -18.58
N VAL B 444 -25.66 -1.02 -18.14
CA VAL B 444 -24.35 -0.63 -18.62
C VAL B 444 -24.26 -0.87 -20.14
N GLN B 445 -24.82 -1.98 -20.61
CA GLN B 445 -24.78 -2.26 -22.06
C GLN B 445 -25.51 -1.22 -22.89
N ARG B 446 -26.51 -0.60 -22.28
CA ARG B 446 -27.27 0.43 -23.02
C ARG B 446 -26.65 1.80 -22.98
N ASP B 447 -26.16 2.19 -21.80
CA ASP B 447 -25.74 3.59 -21.60
C ASP B 447 -24.27 3.95 -21.59
N ARG B 448 -23.38 2.93 -21.72
CA ARG B 448 -21.95 3.11 -21.56
C ARG B 448 -21.29 4.10 -22.53
N ASN B 449 -21.92 4.45 -23.64
CA ASN B 449 -21.30 5.42 -24.59
C ASN B 449 -21.73 6.83 -24.31
N HIS B 450 -22.52 7.05 -23.26
CA HIS B 450 -22.92 8.43 -23.04
C HIS B 450 -21.90 9.18 -22.19
N PRO B 451 -21.32 10.26 -22.69
CA PRO B 451 -20.37 10.99 -21.86
C PRO B 451 -20.98 11.60 -20.61
N SER B 452 -22.26 11.97 -20.63
CA SER B 452 -22.83 12.57 -19.44
C SER B 452 -22.84 11.57 -18.21
N VAL B 453 -22.82 10.25 -18.45
CA VAL B 453 -22.82 9.30 -17.33
C VAL B 453 -21.40 9.29 -16.82
N ILE B 454 -21.18 9.71 -15.58
CA ILE B 454 -19.87 9.70 -15.04
C ILE B 454 -19.74 8.67 -13.94
N ILE B 455 -20.83 8.23 -13.38
CA ILE B 455 -20.73 7.26 -12.29
C ILE B 455 -21.87 6.26 -12.43
N TRP B 456 -21.58 5.01 -12.09
CA TRP B 456 -22.64 3.98 -12.10
C TRP B 456 -23.09 3.72 -10.65
N SER B 457 -24.37 3.42 -10.49
CA SER B 457 -24.85 3.12 -9.14
C SER B 457 -25.53 1.78 -9.15
N LEU B 458 -25.29 0.96 -8.13
CA LEU B 458 -25.88 -0.42 -8.10
C LEU B 458 -27.35 -0.51 -7.72
N GLY B 459 -27.97 0.63 -7.56
CA GLY B 459 -29.37 0.69 -7.16
C GLY B 459 -29.53 1.51 -5.90
N ASN B 460 -30.55 1.20 -5.12
CA ASN B 460 -30.90 2.00 -3.95
C ASN B 460 -31.59 1.19 -2.81
N GLU B 461 -31.24 1.55 -1.55
CA GLU B 461 -31.91 0.98 -0.41
C GLU B 461 -32.23 -0.48 -0.56
N SER B 462 -31.14 -1.26 -0.68
CA SER B 462 -31.28 -2.74 -0.76
C SER B 462 -30.30 -3.40 0.22
N GLY B 463 -30.00 -2.68 1.28
CA GLY B 463 -29.02 -3.18 2.23
C GLY B 463 -27.67 -3.37 1.47
N HIS B 464 -26.77 -4.19 2.05
CA HIS B 464 -25.53 -4.53 1.37
C HIS B 464 -25.49 -6.04 1.39
N GLY B 465 -25.50 -6.69 0.21
CA GLY B 465 -25.42 -8.15 0.14
C GLY B 465 -24.25 -8.58 -0.73
N ALA B 466 -23.91 -9.87 -0.70
CA ALA B 466 -22.79 -10.31 -1.53
C ALA B 466 -23.07 -10.04 -3.00
N ASN B 467 -24.38 -10.04 -3.43
CA ASN B 467 -24.65 -9.78 -4.88
C ASN B 467 -24.16 -8.44 -5.30
N HIS B 468 -24.20 -7.48 -4.36
CA HIS B 468 -23.72 -6.13 -4.68
C HIS B 468 -22.24 -6.18 -4.94
N ASP B 469 -21.49 -6.97 -4.13
CA ASP B 469 -20.06 -6.99 -4.32
C ASP B 469 -19.73 -7.70 -5.61
N ALA B 470 -20.48 -8.73 -5.94
CA ALA B 470 -20.17 -9.36 -7.22
C ALA B 470 -20.38 -8.37 -8.39
N LEU B 471 -21.51 -7.60 -8.32
CA LEU B 471 -21.89 -6.69 -9.45
C LEU B 471 -20.99 -5.45 -9.50
N TYR B 472 -20.57 -5.06 -8.30
CA TYR B 472 -19.61 -3.99 -8.26
C TYR B 472 -18.36 -4.39 -9.07
N ARG B 473 -17.86 -5.59 -8.84
CA ARG B 473 -16.68 -5.97 -9.56
C ARG B 473 -16.94 -6.22 -11.02
N TRP B 474 -18.12 -6.72 -11.34
CA TRP B 474 -18.37 -6.94 -12.75
C TRP B 474 -18.18 -5.55 -13.46
N ILE B 475 -18.79 -4.49 -12.89
CA ILE B 475 -18.68 -3.21 -13.59
C ILE B 475 -17.29 -2.70 -13.65
N LYS B 476 -16.61 -2.82 -12.52
CA LYS B 476 -15.26 -2.33 -12.52
C LYS B 476 -14.49 -3.02 -13.59
N SER B 477 -14.82 -4.24 -13.76
CA SER B 477 -14.06 -5.00 -14.76
C SER B 477 -14.44 -4.67 -16.18
N VAL B 478 -15.69 -4.52 -16.52
CA VAL B 478 -16.02 -4.19 -17.91
C VAL B 478 -15.89 -2.72 -18.27
N ASP B 479 -15.95 -1.79 -17.34
CA ASP B 479 -15.88 -0.39 -17.75
C ASP B 479 -15.12 0.35 -16.67
N PRO B 480 -13.82 0.37 -16.84
CA PRO B 480 -12.96 1.03 -15.90
C PRO B 480 -13.02 2.54 -15.98
N SER B 481 -13.75 3.02 -16.92
CA SER B 481 -13.76 4.45 -17.05
C SER B 481 -14.61 5.25 -16.05
N ARG B 482 -15.46 4.57 -15.27
CA ARG B 482 -16.34 5.32 -14.39
C ARG B 482 -16.38 4.70 -13.02
N PRO B 483 -16.35 5.52 -11.97
CA PRO B 483 -16.43 4.94 -10.64
C PRO B 483 -17.80 4.26 -10.44
N VAL B 484 -17.83 3.35 -9.43
CA VAL B 484 -19.06 2.69 -9.08
C VAL B 484 -19.47 3.11 -7.68
N GLN B 485 -20.72 3.49 -7.46
CA GLN B 485 -21.10 3.79 -6.09
C GLN B 485 -22.36 3.05 -5.72
N TYR B 486 -22.57 2.99 -4.38
CA TYR B 486 -23.79 2.34 -3.83
C TYR B 486 -23.87 2.68 -2.34
N GLU B 487 -25.03 3.18 -1.90
CA GLU B 487 -25.22 3.64 -0.53
C GLU B 487 -25.62 2.58 0.46
N GLY B 488 -26.24 1.47 0.05
CA GLY B 488 -26.79 0.51 1.01
C GLY B 488 -25.84 -0.10 1.95
N GLY B 489 -26.35 -0.45 3.13
CA GLY B 489 -25.45 -1.11 4.11
C GLY B 489 -24.49 -0.20 4.83
N GLY B 490 -24.77 1.14 4.88
CA GLY B 490 -23.85 1.98 5.68
C GLY B 490 -23.08 3.03 4.87
N ALA B 491 -23.31 3.05 3.52
CA ALA B 491 -22.76 4.08 2.59
C ALA B 491 -21.27 4.07 2.36
N ASP B 492 -20.56 3.19 3.03
CA ASP B 492 -19.10 3.13 2.87
C ASP B 492 -18.60 1.66 2.78
N THR B 493 -19.46 0.82 2.21
CA THR B 493 -19.11 -0.60 2.14
C THR B 493 -18.05 -0.86 1.07
N THR B 494 -17.72 -2.12 0.91
CA THR B 494 -16.77 -2.56 -0.11
C THR B 494 -17.41 -2.52 -1.52
N ALA B 495 -18.67 -2.17 -1.60
CA ALA B 495 -19.32 -2.10 -2.92
C ALA B 495 -19.41 -0.69 -3.45
N THR B 496 -18.65 0.25 -2.85
CA THR B 496 -18.72 1.64 -3.35
C THR B 496 -17.36 2.34 -3.40
N ASP B 497 -17.10 3.12 -4.46
CA ASP B 497 -15.86 3.85 -4.60
C ASP B 497 -15.97 5.21 -3.95
N ILE B 498 -17.21 5.56 -3.61
CA ILE B 498 -17.48 6.87 -3.05
C ILE B 498 -18.30 6.73 -1.76
N ILE B 499 -17.93 7.47 -0.69
CA ILE B 499 -18.79 7.39 0.52
C ILE B 499 -20.00 8.20 0.09
N CYS B 500 -21.17 7.57 0.06
CA CYS B 500 -22.26 8.32 -0.50
C CYS B 500 -23.52 8.23 0.36
N PRO B 501 -23.50 8.76 1.59
CA PRO B 501 -24.63 8.64 2.43
C PRO B 501 -25.83 9.42 1.97
N MET B 502 -26.99 9.08 2.61
CA MET B 502 -28.24 9.79 2.42
C MET B 502 -28.60 10.42 3.76
N TYR B 503 -28.75 11.74 3.76
CA TYR B 503 -29.17 12.47 4.94
C TYR B 503 -28.26 12.49 6.12
N ALA B 504 -26.98 12.26 5.82
CA ALA B 504 -26.01 12.44 6.88
C ALA B 504 -25.88 13.96 7.10
N ARG B 505 -25.84 14.41 8.37
CA ARG B 505 -25.77 15.84 8.68
C ARG B 505 -24.32 16.38 8.61
N VAL B 506 -24.18 17.71 8.65
CA VAL B 506 -22.86 18.29 8.49
C VAL B 506 -22.01 18.10 9.69
N ASP B 507 -22.59 18.49 10.83
CA ASP B 507 -21.80 18.43 12.05
C ASP B 507 -22.30 17.40 13.05
N GLU B 508 -23.54 17.04 12.89
CA GLU B 508 -24.10 16.12 13.89
C GLU B 508 -24.10 14.65 13.49
N ASP B 509 -23.62 13.80 14.41
CA ASP B 509 -23.60 12.37 14.16
C ASP B 509 -24.93 11.74 14.52
N GLN B 510 -25.33 10.69 13.82
CA GLN B 510 -26.54 9.93 14.12
C GLN B 510 -26.03 8.49 14.13
N PRO B 511 -25.55 8.12 15.28
CA PRO B 511 -24.90 6.85 15.40
C PRO B 511 -25.80 5.64 15.38
N PHE B 512 -26.66 5.45 14.39
CA PHE B 512 -27.47 4.23 14.45
C PHE B 512 -26.66 2.93 14.48
N PRO B 513 -27.19 1.88 15.09
CA PRO B 513 -26.42 0.66 15.10
C PRO B 513 -26.30 0.12 13.71
N ALA B 514 -25.11 -0.42 13.47
CA ALA B 514 -24.74 -1.07 12.22
C ALA B 514 -24.66 -0.17 11.00
N VAL B 515 -25.52 0.84 10.85
CA VAL B 515 -25.41 1.67 9.67
C VAL B 515 -25.48 3.10 10.13
N PRO B 516 -24.58 3.49 11.02
CA PRO B 516 -24.63 4.89 11.54
C PRO B 516 -24.50 5.87 10.38
N LYS B 517 -25.07 7.06 10.57
CA LYS B 517 -24.92 8.13 9.60
C LYS B 517 -23.96 9.19 10.27
N TRP B 518 -22.67 9.14 10.09
CA TRP B 518 -21.79 10.10 10.78
C TRP B 518 -21.92 11.51 10.19
N SER B 519 -21.53 12.52 10.98
CA SER B 519 -21.40 13.85 10.48
C SER B 519 -20.49 13.64 9.23
N ILE B 520 -20.73 14.33 8.12
CA ILE B 520 -19.87 14.14 6.92
C ILE B 520 -18.43 14.57 7.12
N LYS B 521 -18.22 15.61 7.91
CA LYS B 521 -16.85 16.07 8.18
C LYS B 521 -16.05 14.99 8.91
N LYS B 522 -16.71 14.40 9.87
CA LYS B 522 -16.07 13.33 10.63
C LYS B 522 -15.95 12.06 9.82
N TRP B 523 -16.94 11.72 9.00
CA TRP B 523 -16.86 10.49 8.27
C TRP B 523 -15.58 10.39 7.43
N LEU B 524 -15.20 11.47 6.75
CA LEU B 524 -14.06 11.45 5.91
C LEU B 524 -12.81 10.98 6.62
N SER B 525 -12.70 11.25 7.88
CA SER B 525 -11.49 10.97 8.57
C SER B 525 -11.55 9.80 9.48
N LEU B 526 -12.58 8.96 9.35
CA LEU B 526 -12.56 7.80 10.22
C LEU B 526 -11.29 7.02 9.96
N PRO B 527 -10.84 6.30 10.96
CA PRO B 527 -9.59 5.52 10.79
C PRO B 527 -9.56 4.70 9.50
N GLY B 528 -8.49 4.89 8.75
CA GLY B 528 -8.25 4.18 7.53
C GLY B 528 -9.05 4.67 6.36
N GLU B 529 -10.04 5.61 6.49
CA GLU B 529 -10.85 6.03 5.32
C GLU B 529 -10.15 7.00 4.41
N THR B 530 -10.26 6.80 3.11
CA THR B 530 -9.59 7.72 2.27
C THR B 530 -10.43 8.17 1.09
N ARG B 531 -11.65 7.70 0.96
CA ARG B 531 -12.41 8.00 -0.26
C ARG B 531 -13.07 9.38 -0.21
N PRO B 532 -13.51 9.85 -1.42
CA PRO B 532 -14.26 11.12 -1.52
C PRO B 532 -15.69 10.83 -0.99
N LEU B 533 -16.38 11.87 -0.48
CA LEU B 533 -17.72 11.63 0.00
C LEU B 533 -18.67 12.57 -0.77
N ILE B 534 -19.69 12.03 -1.43
CA ILE B 534 -20.67 12.88 -2.19
C ILE B 534 -22.01 12.32 -1.76
N LEU B 535 -22.85 13.15 -1.12
CA LEU B 535 -24.08 12.57 -0.61
C LEU B 535 -24.97 12.07 -1.74
N CYS B 536 -25.54 10.88 -1.68
CA CYS B 536 -26.39 10.49 -2.80
C CYS B 536 -27.75 11.18 -2.62
N GLN B 537 -28.08 11.58 -1.41
CA GLN B 537 -29.36 12.31 -1.15
C GLN B 537 -29.15 13.17 0.05
N TYR B 538 -29.49 14.45 -0.03
CA TYR B 538 -29.34 15.29 1.16
C TYR B 538 -30.33 16.44 1.02
N ALA B 539 -30.64 17.02 2.20
CA ALA B 539 -31.65 18.10 2.29
C ALA B 539 -33.01 17.83 1.65
C ALA B 539 -32.90 17.26 2.03
N HIS B 540 -33.85 17.16 2.41
N HIS B 540 -34.09 17.65 2.32
CA HIS B 540 -35.19 16.76 2.01
C HIS B 540 -36.22 17.86 1.85
N ALA B 541 -36.47 18.25 0.60
CA ALA B 541 -37.27 19.46 0.34
C ALA B 541 -38.76 19.22 0.39
N MET B 542 -39.20 18.64 1.49
CA MET B 542 -40.63 18.33 1.65
C MET B 542 -41.32 19.48 2.32
N GLY B 543 -42.28 20.13 1.66
CA GLY B 543 -43.00 21.22 2.31
C GLY B 543 -42.07 22.39 2.49
N ASN B 544 -42.27 23.13 3.57
CA ASN B 544 -41.41 24.31 3.82
C ASN B 544 -40.14 23.79 4.48
N SER B 545 -39.15 23.63 3.60
CA SER B 545 -37.92 22.95 3.98
C SER B 545 -36.61 23.53 3.44
N LEU B 546 -35.48 22.79 3.51
CA LEU B 546 -34.22 23.36 3.09
C LEU B 546 -33.60 24.21 4.18
N GLY B 547 -34.14 24.13 5.38
CA GLY B 547 -33.51 24.84 6.51
C GLY B 547 -32.13 24.19 6.76
N GLY B 548 -31.03 25.02 6.83
CA GLY B 548 -29.66 24.51 7.04
C GLY B 548 -28.94 24.14 5.77
N PHE B 549 -29.54 24.51 4.61
CA PHE B 549 -28.91 24.12 3.36
C PHE B 549 -27.55 24.76 3.25
N ALA B 550 -27.40 25.96 3.77
CA ALA B 550 -26.09 26.63 3.63
C ALA B 550 -24.97 25.97 4.41
N LYS B 551 -25.42 25.27 5.44
CA LYS B 551 -24.39 24.63 6.22
C LYS B 551 -23.69 23.57 5.37
N TYR B 552 -24.42 22.88 4.51
CA TYR B 552 -23.77 21.83 3.65
C TYR B 552 -22.74 22.44 2.73
N TRP B 553 -23.18 23.54 2.11
CA TRP B 553 -22.32 24.27 1.15
C TRP B 553 -21.10 24.84 1.77
N GLN B 554 -21.18 25.37 2.97
CA GLN B 554 -19.96 25.89 3.57
C GLN B 554 -19.00 24.74 3.85
N ALA B 555 -19.50 23.54 4.19
CA ALA B 555 -18.61 22.45 4.49
C ALA B 555 -18.01 21.87 3.22
N PHE B 556 -18.86 21.74 2.17
CA PHE B 556 -18.33 21.21 0.87
C PHE B 556 -17.21 22.17 0.39
N ARG B 557 -17.35 23.46 0.58
CA ARG B 557 -16.28 24.33 0.12
C ARG B 557 -15.03 24.26 0.96
N GLN B 558 -15.19 24.10 2.28
CA GLN B 558 -14.02 24.02 3.14
C GLN B 558 -13.21 22.71 3.02
N TYR B 559 -13.88 21.56 2.78
CA TYR B 559 -13.19 20.26 2.80
C TYR B 559 -13.06 19.69 1.41
N PRO B 560 -11.83 19.55 0.96
CA PRO B 560 -11.61 19.08 -0.37
C PRO B 560 -12.34 17.80 -0.66
N ARG B 561 -12.28 16.81 0.24
CA ARG B 561 -12.94 15.51 -0.04
C ARG B 561 -14.45 15.51 0.11
N LEU B 562 -15.01 16.63 0.62
CA LEU B 562 -16.48 16.69 0.62
C LEU B 562 -16.75 17.29 -0.77
N GLN B 563 -17.15 16.47 -1.73
CA GLN B 563 -17.39 16.94 -3.09
C GLN B 563 -18.82 17.16 -3.54
N GLY B 564 -19.72 17.50 -2.59
CA GLY B 564 -21.10 17.91 -2.88
C GLY B 564 -22.11 16.79 -2.62
N GLY B 565 -23.19 16.79 -3.43
CA GLY B 565 -24.26 15.85 -3.20
C GLY B 565 -25.42 16.07 -4.13
N PHE B 566 -26.39 15.17 -4.03
CA PHE B 566 -27.63 15.31 -4.82
C PHE B 566 -28.81 15.66 -3.88
N VAL B 567 -29.39 16.86 -3.96
CA VAL B 567 -30.53 17.21 -3.14
C VAL B 567 -31.69 16.24 -3.38
N TRP B 568 -32.45 16.00 -2.26
CA TRP B 568 -33.64 15.15 -2.36
C TRP B 568 -34.87 16.03 -2.21
N ASP B 569 -35.63 16.33 -3.32
CA ASP B 569 -35.37 15.86 -4.72
C ASP B 569 -35.89 16.98 -5.67
N TRP B 570 -35.94 16.68 -6.93
CA TRP B 570 -36.30 17.70 -7.88
C TRP B 570 -37.71 18.14 -7.90
N VAL B 571 -38.60 17.17 -8.11
CA VAL B 571 -40.02 17.51 -8.31
C VAL B 571 -41.04 16.77 -7.51
N ASP B 572 -42.01 17.48 -6.95
CA ASP B 572 -43.05 16.81 -6.17
C ASP B 572 -43.78 15.71 -6.97
N GLN B 573 -44.03 14.51 -6.38
CA GLN B 573 -44.77 13.53 -7.19
C GLN B 573 -46.24 13.72 -6.80
N SER B 574 -46.86 14.87 -7.06
CA SER B 574 -48.30 14.96 -6.72
C SER B 574 -49.00 14.64 -8.07
N LEU B 575 -50.25 14.14 -8.04
CA LEU B 575 -50.99 13.80 -9.27
C LEU B 575 -52.24 14.68 -9.31
N ILE B 576 -52.67 15.04 -10.51
CA ILE B 576 -53.85 15.86 -10.59
C ILE B 576 -55.15 15.07 -10.48
N LYS B 577 -56.09 15.53 -9.66
CA LYS B 577 -57.45 15.02 -9.47
C LYS B 577 -58.40 16.18 -9.75
N TYR B 578 -59.68 15.84 -10.00
CA TYR B 578 -60.65 16.89 -10.39
C TYR B 578 -61.81 16.86 -9.45
N ASP B 579 -62.24 18.03 -8.99
CA ASP B 579 -63.36 18.11 -8.05
C ASP B 579 -64.73 18.01 -8.79
N GLU B 580 -65.84 18.18 -8.05
CA GLU B 580 -67.19 18.11 -8.64
C GLU B 580 -67.35 19.01 -9.86
N ASN B 581 -66.79 20.22 -9.74
CA ASN B 581 -66.83 21.24 -10.80
C ASN B 581 -65.83 21.00 -11.90
N GLY B 582 -65.08 19.88 -11.88
CA GLY B 582 -64.10 19.67 -12.94
C GLY B 582 -62.81 20.49 -12.71
N ASN B 583 -62.68 21.13 -11.56
CA ASN B 583 -61.45 21.89 -11.34
C ASN B 583 -60.38 20.96 -10.79
N PRO B 584 -59.16 21.18 -11.21
CA PRO B 584 -58.05 20.31 -10.85
C PRO B 584 -57.44 20.64 -9.50
N TRP B 585 -56.94 19.62 -8.86
CA TRP B 585 -56.26 19.83 -7.59
C TRP B 585 -55.18 18.76 -7.43
N SER B 586 -54.15 19.13 -6.62
CA SER B 586 -52.98 18.24 -6.42
C SER B 586 -53.20 17.25 -5.31
N ALA B 587 -53.05 15.96 -5.65
CA ALA B 587 -53.30 14.85 -4.74
C ALA B 587 -52.03 14.11 -4.33
N TYR B 588 -52.10 13.48 -3.17
CA TYR B 588 -50.97 12.73 -2.68
C TYR B 588 -51.40 11.39 -2.17
N GLY B 589 -50.56 10.75 -1.38
CA GLY B 589 -50.82 9.39 -0.92
C GLY B 589 -52.17 9.22 -0.25
N GLY B 590 -52.95 8.22 -0.60
CA GLY B 590 -54.26 7.90 -0.02
C GLY B 590 -55.38 8.55 -0.81
N ASP B 591 -55.06 9.54 -1.65
CA ASP B 591 -56.13 10.27 -2.39
C ASP B 591 -56.81 9.51 -3.53
N PHE B 592 -56.35 8.31 -3.76
CA PHE B 592 -56.98 7.45 -4.76
C PHE B 592 -57.54 6.25 -4.01
N GLY B 593 -57.75 6.30 -2.68
CA GLY B 593 -58.28 5.08 -2.07
C GLY B 593 -57.19 4.09 -1.77
N ASP B 594 -55.97 4.46 -2.12
CA ASP B 594 -54.81 3.57 -1.88
C ASP B 594 -54.48 3.43 -0.39
N THR B 595 -54.45 2.20 0.11
CA THR B 595 -54.08 2.03 1.49
C THR B 595 -53.48 0.64 1.67
N PRO B 596 -52.43 0.53 2.49
CA PRO B 596 -51.86 1.62 3.24
C PRO B 596 -51.16 2.59 2.31
N ASN B 597 -50.85 3.79 2.75
CA ASN B 597 -50.16 4.77 1.86
C ASN B 597 -49.28 5.61 2.77
N ASP B 598 -48.40 6.41 2.18
CA ASP B 598 -47.54 7.28 2.98
C ASP B 598 -47.83 8.77 2.75
N ARG B 599 -49.09 9.04 2.55
CA ARG B 599 -49.58 10.41 2.46
C ARG B 599 -48.71 11.42 1.71
N GLN B 600 -48.36 12.58 2.33
CA GLN B 600 -47.62 13.62 1.60
C GLN B 600 -46.14 13.32 1.44
N PHE B 601 -45.65 12.12 1.84
CA PHE B 601 -44.19 11.87 1.68
C PHE B 601 -43.77 11.70 0.24
N CYS B 602 -44.68 11.71 -0.71
CA CYS B 602 -44.33 11.63 -2.15
C CYS B 602 -44.00 13.04 -2.71
N MET B 603 -44.20 14.07 -1.85
CA MET B 603 -43.89 15.45 -2.33
C MET B 603 -42.65 16.00 -1.61
N ASN B 604 -41.46 15.86 -2.23
CA ASN B 604 -40.21 16.31 -1.60
C ASN B 604 -39.46 17.21 -2.58
N GLY B 605 -40.13 17.78 -3.58
CA GLY B 605 -39.37 18.50 -4.59
C GLY B 605 -39.07 19.99 -4.38
N LEU B 606 -38.02 20.42 -5.11
CA LEU B 606 -37.63 21.83 -5.16
C LEU B 606 -38.68 22.55 -5.98
N VAL B 607 -39.30 21.83 -6.91
CA VAL B 607 -40.37 22.44 -7.69
C VAL B 607 -41.68 21.61 -7.47
N PHE B 608 -42.83 22.25 -7.65
CA PHE B 608 -44.14 21.59 -7.64
C PHE B 608 -44.18 20.73 -8.92
N ALA B 609 -45.16 19.80 -8.99
CA ALA B 609 -45.32 18.90 -10.09
C ALA B 609 -45.43 19.63 -11.41
N ASP B 610 -45.97 20.82 -11.36
CA ASP B 610 -46.11 21.59 -12.59
C ASP B 610 -44.87 22.42 -12.96
N ARG B 611 -43.79 22.21 -12.22
CA ARG B 611 -42.57 22.92 -12.51
C ARG B 611 -42.43 24.33 -11.94
N THR B 612 -43.45 24.85 -11.27
CA THR B 612 -43.37 26.13 -10.56
C THR B 612 -42.40 25.88 -9.37
N PRO B 613 -41.55 26.86 -9.10
CA PRO B 613 -40.57 26.60 -8.05
C PRO B 613 -41.14 26.77 -6.70
N HIS B 614 -40.61 26.04 -5.72
CA HIS B 614 -40.98 26.29 -4.37
C HIS B 614 -39.95 27.34 -3.97
N PRO B 615 -40.17 28.03 -2.85
CA PRO B 615 -39.18 29.02 -2.44
C PRO B 615 -37.76 28.40 -2.20
N ALA B 616 -37.65 27.13 -1.75
CA ALA B 616 -36.36 26.55 -1.45
C ALA B 616 -35.43 26.58 -2.69
N LEU B 617 -36.01 26.55 -3.89
CA LEU B 617 -35.17 26.53 -5.07
C LEU B 617 -34.21 27.71 -5.10
N THR B 618 -34.66 28.87 -4.65
CA THR B 618 -33.76 30.00 -4.74
C THR B 618 -32.63 29.85 -3.76
N GLU B 619 -32.89 29.15 -2.67
CA GLU B 619 -31.82 29.02 -1.70
C GLU B 619 -30.80 28.14 -2.31
N ALA B 620 -31.26 27.12 -2.99
CA ALA B 620 -30.27 26.18 -3.62
C ALA B 620 -29.44 26.91 -4.66
N LYS B 621 -30.16 27.67 -5.52
CA LYS B 621 -29.44 28.44 -6.56
C LYS B 621 -28.31 29.31 -6.02
N HIS B 622 -28.59 30.02 -4.91
CA HIS B 622 -27.62 30.89 -4.33
C HIS B 622 -26.52 30.10 -3.68
N GLN B 623 -26.81 29.04 -2.97
CA GLN B 623 -25.67 28.36 -2.28
C GLN B 623 -24.79 27.64 -3.30
N GLN B 624 -25.39 27.31 -4.43
CA GLN B 624 -24.62 26.63 -5.46
C GLN B 624 -24.00 27.55 -6.52
N GLN B 625 -23.89 28.84 -6.26
CA GLN B 625 -23.33 29.80 -7.18
C GLN B 625 -21.91 29.38 -7.49
N PHE B 626 -21.43 29.80 -8.68
CA PHE B 626 -20.09 29.49 -9.18
C PHE B 626 -19.01 30.56 -8.97
N PHE B 627 -19.48 31.66 -8.37
CA PHE B 627 -18.61 32.76 -8.07
C PHE B 627 -18.76 33.02 -6.58
N GLN B 628 -17.61 33.23 -5.85
CA GLN B 628 -17.55 33.52 -4.44
C GLN B 628 -17.07 35.00 -4.31
N PHE B 629 -17.49 35.75 -3.28
CA PHE B 629 -17.02 37.13 -3.29
C PHE B 629 -16.55 37.48 -1.94
N ARG B 630 -15.68 38.49 -1.83
CA ARG B 630 -15.29 38.94 -0.46
C ARG B 630 -15.17 40.42 -0.62
N LEU B 631 -15.37 41.18 0.46
CA LEU B 631 -15.24 42.63 0.22
C LEU B 631 -14.21 43.16 1.18
N SER B 632 -13.37 44.04 0.73
CA SER B 632 -12.39 44.65 1.59
C SER B 632 -12.20 46.07 1.12
N GLY B 633 -12.66 46.91 2.01
CA GLY B 633 -12.63 48.28 1.71
C GLY B 633 -13.60 48.51 0.61
N GLN B 634 -13.02 49.04 -0.46
CA GLN B 634 -13.71 49.38 -1.69
C GLN B 634 -13.47 48.26 -2.66
N THR B 635 -12.73 47.27 -2.15
CA THR B 635 -12.41 46.17 -3.02
C THR B 635 -13.30 44.94 -2.87
N ILE B 636 -13.85 44.57 -4.04
CA ILE B 636 -14.61 43.33 -4.16
C ILE B 636 -13.72 42.32 -4.86
N GLU B 637 -13.52 41.16 -4.26
CA GLU B 637 -12.71 40.09 -4.89
C GLU B 637 -13.65 38.95 -5.28
N VAL B 638 -13.63 38.68 -6.57
CA VAL B 638 -14.50 37.63 -7.15
C VAL B 638 -13.63 36.43 -7.44
N THR B 639 -14.01 35.28 -7.00
CA THR B 639 -13.26 34.08 -7.26
C THR B 639 -14.13 33.13 -8.07
N SER B 640 -13.60 32.51 -9.10
CA SER B 640 -14.43 31.63 -9.92
C SER B 640 -14.32 30.23 -9.43
N GLU B 641 -15.45 29.54 -9.29
CA GLU B 641 -15.31 28.13 -8.92
C GLU B 641 -15.42 27.19 -10.16
N TYR B 642 -15.47 27.74 -11.41
CA TYR B 642 -15.45 26.97 -12.67
C TYR B 642 -14.11 26.28 -12.75
N LEU B 643 -14.06 25.04 -13.28
CA LEU B 643 -12.81 24.31 -13.39
C LEU B 643 -12.16 24.48 -14.78
N PHE B 644 -12.99 24.76 -15.79
CA PHE B 644 -12.63 24.74 -17.18
C PHE B 644 -12.95 26.04 -17.91
N ARG B 645 -14.07 26.69 -17.75
CA ARG B 645 -14.29 27.89 -18.54
C ARG B 645 -13.93 29.21 -17.88
N HIS B 646 -13.58 30.20 -18.75
CA HIS B 646 -13.34 31.59 -18.31
C HIS B 646 -14.74 32.25 -18.21
N SER B 647 -14.86 33.35 -17.44
CA SER B 647 -16.13 34.00 -17.26
C SER B 647 -16.39 34.82 -18.54
N ASP B 648 -16.60 34.17 -19.65
CA ASP B 648 -16.82 34.91 -20.88
C ASP B 648 -18.22 35.29 -21.23
N ASN B 649 -19.11 35.26 -20.28
CA ASN B 649 -20.48 35.62 -20.61
C ASN B 649 -20.97 36.13 -19.26
N GLU B 650 -20.14 37.02 -18.68
CA GLU B 650 -20.60 37.51 -17.38
C GLU B 650 -20.13 38.94 -17.14
N LEU B 651 -21.01 39.70 -16.53
CA LEU B 651 -20.70 41.06 -16.09
C LEU B 651 -21.19 41.23 -14.62
N LEU B 652 -20.36 41.97 -13.83
CA LEU B 652 -20.77 42.23 -12.43
C LEU B 652 -21.46 43.54 -12.29
N HIS B 653 -22.65 43.50 -11.72
CA HIS B 653 -23.42 44.74 -11.49
C HIS B 653 -23.41 45.03 -9.99
N TRP B 654 -23.19 46.27 -9.58
CA TRP B 654 -23.20 46.58 -8.19
C TRP B 654 -24.11 47.76 -7.93
N MET B 655 -24.67 47.79 -6.73
CA MET B 655 -25.61 48.83 -6.38
C MET B 655 -25.57 49.10 -4.90
N VAL B 656 -25.48 50.39 -4.56
CA VAL B 656 -25.42 50.75 -3.12
C VAL B 656 -26.74 51.48 -2.82
N ALA B 657 -27.44 51.13 -1.76
CA ALA B 657 -28.74 51.72 -1.40
C ALA B 657 -28.83 51.96 0.08
N LEU B 658 -29.51 53.05 0.45
CA LEU B 658 -29.62 53.39 1.85
C LEU B 658 -31.00 53.01 2.22
N ASP B 659 -31.15 51.99 3.07
CA ASP B 659 -32.50 51.64 3.40
C ASP B 659 -33.37 51.51 2.17
N GLY B 660 -32.90 50.78 1.15
CA GLY B 660 -33.79 50.65 0.00
C GLY B 660 -33.72 51.75 -1.01
N LYS B 661 -33.22 52.95 -0.66
CA LYS B 661 -33.13 53.99 -1.68
C LYS B 661 -31.78 53.94 -2.34
N PRO B 662 -31.75 53.75 -3.65
CA PRO B 662 -30.51 53.66 -4.40
C PRO B 662 -29.72 54.95 -4.35
N LEU B 663 -28.45 54.79 -4.17
CA LEU B 663 -27.55 55.91 -4.07
C LEU B 663 -26.58 55.86 -5.23
N ALA B 664 -26.13 54.65 -5.64
CA ALA B 664 -25.18 54.50 -6.72
C ALA B 664 -25.05 53.07 -7.19
N SER B 665 -24.52 52.94 -8.42
CA SER B 665 -24.40 51.61 -8.99
C SER B 665 -23.58 51.63 -10.21
N GLY B 666 -23.13 50.48 -10.66
CA GLY B 666 -22.29 50.38 -11.85
C GLY B 666 -22.25 48.94 -12.35
N GLU B 667 -21.46 48.77 -13.39
CA GLU B 667 -21.23 47.49 -14.00
C GLU B 667 -19.77 47.42 -14.40
N VAL B 668 -19.18 46.24 -14.23
CA VAL B 668 -17.80 45.87 -14.52
C VAL B 668 -17.83 44.50 -15.20
N PRO B 669 -17.10 44.38 -16.28
CA PRO B 669 -17.05 43.13 -17.02
C PRO B 669 -16.26 42.15 -16.19
N LEU B 670 -16.66 40.87 -16.14
CA LEU B 670 -15.91 39.89 -15.35
C LEU B 670 -14.95 39.19 -16.23
N ASP B 671 -13.72 39.01 -15.77
CA ASP B 671 -12.85 38.30 -16.69
C ASP B 671 -12.02 37.44 -15.79
N VAL B 672 -12.61 36.36 -15.33
CA VAL B 672 -11.86 35.54 -14.40
C VAL B 672 -11.63 34.14 -14.98
N ALA B 673 -10.41 33.65 -14.91
CA ALA B 673 -10.06 32.33 -15.42
C ALA B 673 -10.67 31.29 -14.43
N PRO B 674 -10.81 30.01 -14.78
CA PRO B 674 -11.32 28.98 -13.84
C PRO B 674 -10.44 28.93 -12.59
N GLN B 675 -11.02 29.00 -11.39
CA GLN B 675 -10.27 29.02 -10.13
C GLN B 675 -9.52 30.30 -9.93
N GLY B 676 -9.63 31.30 -10.79
CA GLY B 676 -8.91 32.56 -10.63
C GLY B 676 -9.67 33.61 -9.81
N LYS B 677 -9.06 34.77 -9.64
CA LYS B 677 -9.70 35.84 -8.85
C LYS B 677 -9.63 37.13 -9.65
N GLN B 678 -10.56 38.05 -9.48
CA GLN B 678 -10.47 39.31 -10.14
C GLN B 678 -10.75 40.34 -9.07
N LEU B 679 -9.96 41.41 -9.00
CA LEU B 679 -10.24 42.47 -7.99
C LEU B 679 -10.96 43.60 -8.71
N ILE B 680 -12.01 44.16 -8.07
CA ILE B 680 -12.79 45.26 -8.57
C ILE B 680 -12.90 46.35 -7.52
N GLU B 681 -12.38 47.49 -7.91
CA GLU B 681 -12.42 48.57 -6.93
C GLU B 681 -13.62 49.47 -7.10
N LEU B 682 -14.45 49.57 -6.10
CA LEU B 682 -15.58 50.44 -6.29
C LEU B 682 -15.07 51.87 -6.30
N PRO B 683 -15.76 52.78 -6.93
CA PRO B 683 -15.35 54.17 -6.96
C PRO B 683 -15.68 54.81 -5.61
N GLU B 684 -15.13 55.99 -5.26
CA GLU B 684 -15.41 56.60 -3.96
C GLU B 684 -16.87 56.80 -3.55
N LEU B 685 -17.15 56.36 -2.33
CA LEU B 685 -18.50 56.41 -1.80
C LEU B 685 -18.92 57.75 -1.23
N PRO B 686 -19.62 58.50 -2.08
CA PRO B 686 -20.10 59.79 -1.60
C PRO B 686 -20.99 59.50 -0.40
N GLN B 687 -20.88 60.35 0.60
CA GLN B 687 -21.66 60.19 1.81
C GLN B 687 -23.16 60.35 1.57
N PRO B 688 -23.94 59.78 2.48
CA PRO B 688 -25.38 59.91 2.37
C PRO B 688 -25.85 60.98 3.34
N GLU B 689 -26.95 61.60 2.93
CA GLU B 689 -27.51 62.64 3.75
C GLU B 689 -28.81 62.24 4.42
N SER B 690 -28.72 61.25 5.30
CA SER B 690 -29.81 60.69 6.06
C SER B 690 -29.31 59.51 6.92
N ALA B 691 -29.96 59.29 8.04
CA ALA B 691 -29.59 58.17 8.89
C ALA B 691 -29.98 56.94 8.09
N GLY B 692 -29.48 55.75 8.42
CA GLY B 692 -29.93 54.60 7.66
C GLY B 692 -28.66 53.71 7.48
N GLN B 693 -28.84 52.49 7.00
CA GLN B 693 -27.74 51.51 6.78
C GLN B 693 -27.56 51.41 5.28
N LEU B 694 -26.35 51.57 4.80
CA LEU B 694 -26.03 51.42 3.38
C LEU B 694 -25.75 49.93 3.22
N TRP B 695 -26.31 49.44 2.10
CA TRP B 695 -26.12 48.05 1.73
C TRP B 695 -25.61 47.97 0.32
N LEU B 696 -24.62 47.07 0.12
CA LEU B 696 -24.03 46.83 -1.22
C LEU B 696 -24.55 45.49 -1.71
N THR B 697 -25.15 45.45 -2.92
CA THR B 697 -25.59 44.21 -3.58
C THR B 697 -24.82 44.08 -4.85
N VAL B 698 -24.39 42.91 -5.16
CA VAL B 698 -23.72 42.67 -6.43
C VAL B 698 -24.41 41.47 -7.06
N ARG B 699 -24.50 41.44 -8.37
CA ARG B 699 -25.08 40.31 -9.03
C ARG B 699 -24.20 40.06 -10.26
N VAL B 700 -24.22 38.81 -10.69
CA VAL B 700 -23.50 38.37 -11.90
C VAL B 700 -24.57 38.13 -12.94
N VAL B 701 -24.48 38.88 -14.06
CA VAL B 701 -25.49 38.78 -15.09
C VAL B 701 -24.83 38.29 -16.36
N GLN B 702 -25.53 37.42 -17.11
CA GLN B 702 -25.02 36.90 -18.38
C GLN B 702 -25.63 37.72 -19.51
N PRO B 703 -24.84 38.56 -20.18
CA PRO B 703 -25.46 39.40 -21.15
C PRO B 703 -25.98 38.61 -22.31
N ASN B 704 -25.37 37.49 -22.65
CA ASN B 704 -25.84 36.80 -23.86
C ASN B 704 -26.63 35.56 -23.60
N ALA B 705 -27.60 35.29 -24.46
CA ALA B 705 -28.39 34.06 -24.25
C ALA B 705 -27.53 32.82 -24.43
N THR B 706 -27.93 31.62 -23.94
CA THR B 706 -27.08 30.42 -24.13
C THR B 706 -28.02 29.32 -24.52
N ALA B 707 -27.56 28.07 -24.69
CA ALA B 707 -28.53 27.05 -24.98
C ALA B 707 -29.44 26.85 -23.80
N TRP B 708 -29.11 27.36 -22.60
CA TRP B 708 -29.95 27.02 -21.43
C TRP B 708 -30.47 28.24 -20.66
N SER B 709 -30.21 29.46 -21.15
CA SER B 709 -30.65 30.66 -20.44
C SER B 709 -30.80 31.84 -21.41
N GLU B 710 -31.58 32.82 -21.01
CA GLU B 710 -31.86 33.99 -21.85
C GLU B 710 -30.88 35.09 -21.51
N ALA B 711 -30.72 36.05 -22.38
CA ALA B 711 -29.83 37.14 -22.11
C ALA B 711 -30.32 37.78 -20.84
N GLY B 712 -29.43 38.30 -20.02
CA GLY B 712 -29.87 38.99 -18.79
C GLY B 712 -29.94 38.07 -17.58
N HIS B 713 -29.80 36.76 -17.81
CA HIS B 713 -29.84 35.75 -16.74
C HIS B 713 -28.93 36.11 -15.57
N ILE B 714 -29.48 36.13 -14.35
CA ILE B 714 -28.65 36.40 -13.18
C ILE B 714 -28.16 35.08 -12.61
N SER B 715 -26.84 34.90 -12.51
CA SER B 715 -26.38 33.58 -12.00
C SER B 715 -25.81 33.64 -10.57
N ALA B 716 -25.62 34.85 -10.00
CA ALA B 716 -25.07 34.83 -8.67
C ALA B 716 -25.29 36.18 -8.05
N TRP B 717 -25.32 36.22 -6.71
CA TRP B 717 -25.44 37.52 -6.03
C TRP B 717 -24.91 37.44 -4.61
N GLN B 718 -24.72 38.60 -3.99
CA GLN B 718 -24.25 38.69 -2.59
C GLN B 718 -24.49 40.10 -2.05
N GLN B 719 -24.65 40.24 -0.74
CA GLN B 719 -24.82 41.56 -0.22
C GLN B 719 -23.90 41.73 0.97
N TRP B 720 -23.65 42.99 1.32
CA TRP B 720 -22.88 43.27 2.53
C TRP B 720 -23.45 44.56 3.13
N ARG B 721 -23.34 44.70 4.42
CA ARG B 721 -23.70 45.99 4.97
C ARG B 721 -22.49 46.92 4.82
N LEU B 722 -22.68 48.19 4.46
CA LEU B 722 -21.58 49.13 4.43
C LEU B 722 -21.74 50.07 5.63
N ALA B 723 -21.43 51.35 5.50
CA ALA B 723 -21.58 52.22 6.66
C ALA B 723 -23.00 52.34 7.16
N GLU B 724 -23.17 52.61 8.44
CA GLU B 724 -24.52 52.82 8.96
C GLU B 724 -24.48 54.14 9.72
N ASN B 725 -25.51 54.95 9.61
CA ASN B 725 -25.46 56.18 10.39
C ASN B 725 -26.64 56.13 11.30
N LEU B 726 -26.44 55.91 12.62
CA LEU B 726 -27.62 55.80 13.51
C LEU B 726 -28.31 57.14 13.66
N SER B 727 -29.62 57.14 13.75
CA SER B 727 -30.30 58.38 13.87
C SER B 727 -30.22 58.84 15.30
N VAL B 728 -29.80 60.13 15.47
CA VAL B 728 -29.74 60.71 16.81
C VAL B 728 -30.62 61.96 16.89
N THR B 729 -31.39 62.15 15.86
CA THR B 729 -32.25 63.31 15.79
C THR B 729 -33.61 63.08 16.42
N LEU B 730 -33.87 63.95 17.38
CA LEU B 730 -35.08 64.00 18.16
C LEU B 730 -36.30 64.22 17.23
N PRO B 731 -37.42 63.54 17.51
CA PRO B 731 -38.58 63.63 16.65
C PRO B 731 -39.14 65.01 16.33
N ALA B 732 -39.55 65.71 17.41
CA ALA B 732 -40.23 67.03 17.40
C ALA B 732 -41.56 67.02 18.16
N ALA B 733 -41.77 68.11 18.94
CA ALA B 733 -42.96 68.34 19.75
C ALA B 733 -44.25 68.13 18.95
N SER B 734 -45.11 67.33 19.54
CA SER B 734 -46.36 66.97 18.93
C SER B 734 -47.36 68.08 19.14
N HIS B 735 -48.08 68.29 18.07
CA HIS B 735 -49.12 69.28 18.00
C HIS B 735 -50.28 68.92 18.95
N ALA B 736 -50.44 67.63 19.36
CA ALA B 736 -51.50 67.15 20.23
C ALA B 736 -51.12 66.14 21.36
N ILE B 737 -52.02 65.87 22.32
CA ILE B 737 -51.69 64.89 23.33
C ILE B 737 -52.81 63.89 23.40
N PRO B 738 -52.52 62.59 23.26
CA PRO B 738 -53.58 61.58 23.27
C PRO B 738 -54.27 61.65 24.61
N HIS B 739 -55.55 61.36 24.63
CA HIS B 739 -56.35 61.35 25.85
C HIS B 739 -56.68 59.91 26.32
N LEU B 740 -56.62 59.65 27.61
CA LEU B 740 -57.01 58.35 28.12
C LEU B 740 -58.43 58.42 28.75
N THR B 741 -59.32 57.51 28.32
CA THR B 741 -60.68 57.32 28.87
C THR B 741 -60.69 56.01 29.61
N THR B 742 -60.86 56.13 30.91
CA THR B 742 -60.89 54.89 31.68
C THR B 742 -62.31 54.48 32.05
N SER B 743 -62.67 53.20 31.90
CA SER B 743 -64.01 52.67 32.23
C SER B 743 -63.83 51.37 32.97
N GLU B 744 -64.84 50.81 33.57
CA GLU B 744 -64.59 49.58 34.30
C GLU B 744 -63.99 48.49 33.42
N MET B 745 -64.53 48.36 32.23
CA MET B 745 -63.99 47.28 31.43
C MET B 745 -62.92 47.65 30.38
N ASP B 746 -62.60 48.93 30.18
CA ASP B 746 -61.62 49.24 29.14
C ASP B 746 -60.83 50.50 29.40
N PHE B 747 -59.64 50.52 28.78
CA PHE B 747 -58.79 51.69 28.67
C PHE B 747 -58.80 52.07 27.16
N CYS B 748 -59.32 53.28 26.81
CA CYS B 748 -59.41 53.76 25.44
C CYS B 748 -58.56 54.98 25.36
N ILE B 749 -57.94 55.12 24.20
CA ILE B 749 -57.08 56.24 23.97
C ILE B 749 -57.59 56.92 22.75
N GLU B 750 -57.66 58.25 22.73
CA GLU B 750 -58.07 58.91 21.47
C GLU B 750 -57.03 59.93 21.11
N LEU B 751 -56.79 60.01 19.82
CA LEU B 751 -55.85 61.00 19.30
C LEU B 751 -56.33 61.37 17.94
N GLY B 752 -56.83 62.61 17.76
CA GLY B 752 -57.31 63.02 16.43
C GLY B 752 -58.43 62.14 15.96
N ASN B 753 -58.41 61.62 14.74
CA ASN B 753 -59.53 60.75 14.39
C ASN B 753 -59.24 59.28 14.68
N LYS B 754 -58.28 58.96 15.53
CA LYS B 754 -57.97 57.57 15.83
C LYS B 754 -58.34 57.24 17.27
N ARG B 755 -58.64 55.92 17.52
CA ARG B 755 -58.95 55.49 18.88
C ARG B 755 -58.39 54.08 19.05
N TRP B 756 -57.95 53.71 20.24
CA TRP B 756 -57.48 52.39 20.49
C TRP B 756 -58.28 51.95 21.71
N GLN B 757 -58.60 50.65 21.80
CA GLN B 757 -59.29 50.15 22.95
C GLN B 757 -58.60 48.94 23.52
N PHE B 758 -58.26 49.06 24.79
CA PHE B 758 -57.62 47.96 25.55
C PHE B 758 -58.62 47.40 26.54
N ASN B 759 -59.04 46.16 26.33
CA ASN B 759 -60.00 45.52 27.24
C ASN B 759 -59.33 45.16 28.57
N ARG B 760 -59.90 45.60 29.71
CA ARG B 760 -59.26 45.38 30.99
C ARG B 760 -59.33 43.96 31.55
N GLN B 761 -60.25 43.10 31.03
CA GLN B 761 -60.35 41.71 31.50
C GLN B 761 -59.42 40.80 30.70
N SER B 762 -59.29 41.11 29.43
CA SER B 762 -58.39 40.30 28.54
C SER B 762 -56.95 40.84 28.57
N GLY B 763 -56.79 42.17 28.68
CA GLY B 763 -55.47 42.72 28.74
C GLY B 763 -54.89 42.86 27.34
N PHE B 764 -55.70 42.82 26.32
CA PHE B 764 -55.19 43.05 24.96
C PHE B 764 -55.89 44.22 24.27
N LEU B 765 -55.20 44.71 23.26
CA LEU B 765 -55.75 45.74 22.32
C LEU B 765 -56.83 45.00 21.55
N SER B 766 -58.07 45.31 21.84
CA SER B 766 -59.11 44.60 21.14
C SER B 766 -59.70 45.28 19.94
N GLN B 767 -59.53 46.59 19.81
CA GLN B 767 -60.07 47.32 18.69
C GLN B 767 -59.29 48.62 18.43
N MET B 768 -59.21 49.03 17.19
CA MET B 768 -58.52 50.23 16.79
C MET B 768 -59.37 50.83 15.69
N TRP B 769 -59.64 52.15 15.75
CA TRP B 769 -60.46 52.79 14.70
C TRP B 769 -59.73 53.91 13.98
N ILE B 770 -59.97 53.99 12.68
CA ILE B 770 -59.52 55.15 11.92
C ILE B 770 -60.84 55.85 11.60
N GLY B 771 -61.17 56.96 12.24
CA GLY B 771 -62.49 57.55 12.04
C GLY B 771 -63.45 56.58 12.69
N ASP B 772 -64.50 56.29 11.99
CA ASP B 772 -65.47 55.34 12.53
C ASP B 772 -65.18 53.96 12.03
N LYS B 773 -64.03 53.73 11.36
CA LYS B 773 -63.72 52.39 10.82
C LYS B 773 -62.87 51.48 11.72
N LYS B 774 -63.47 50.34 12.10
CA LYS B 774 -62.78 49.33 12.93
C LYS B 774 -61.66 48.69 12.08
N GLN B 775 -60.47 48.49 12.69
CA GLN B 775 -59.31 47.90 12.03
C GLN B 775 -59.01 46.46 12.36
N LEU B 776 -59.61 45.96 13.43
CA LEU B 776 -59.38 44.59 13.82
C LEU B 776 -60.65 43.71 13.76
N LEU B 777 -60.47 42.42 13.47
CA LEU B 777 -61.51 41.38 13.50
C LEU B 777 -61.18 40.54 14.69
N THR B 778 -59.93 40.44 15.09
CA THR B 778 -59.63 39.68 16.31
C THR B 778 -58.62 40.44 17.10
N PRO B 779 -58.60 40.45 18.38
CA PRO B 779 -57.58 41.20 19.08
C PRO B 779 -56.12 40.87 18.78
N LEU B 780 -55.20 41.78 19.15
CA LEU B 780 -53.78 41.60 18.94
C LEU B 780 -53.31 40.80 20.16
N ARG B 781 -52.90 39.56 19.93
CA ARG B 781 -52.48 38.69 21.05
C ARG B 781 -51.14 37.94 20.75
N ASP B 782 -50.45 37.58 21.83
CA ASP B 782 -49.19 36.87 21.63
C ASP B 782 -49.51 35.54 20.97
N GLN B 783 -48.53 34.97 20.25
CA GLN B 783 -48.69 33.72 19.58
C GLN B 783 -47.37 33.00 19.73
N PHE B 784 -47.41 31.75 20.25
CA PHE B 784 -46.17 30.98 20.48
C PHE B 784 -46.13 29.74 19.66
N THR B 785 -47.09 29.54 18.76
CA THR B 785 -47.12 28.30 17.98
C THR B 785 -47.27 28.57 16.50
N ARG B 786 -47.03 27.51 15.65
CA ARG B 786 -47.23 27.71 14.22
C ARG B 786 -47.95 26.53 13.67
N ALA B 787 -48.67 26.67 12.56
CA ALA B 787 -49.28 25.50 11.95
C ALA B 787 -48.08 24.66 11.51
N PRO B 788 -47.98 23.45 12.00
CA PRO B 788 -46.85 22.60 11.84
C PRO B 788 -46.42 22.33 10.43
N LEU B 789 -45.11 22.49 10.18
CA LEU B 789 -44.58 22.14 8.87
C LEU B 789 -44.45 20.64 8.75
N ASP B 790 -44.21 20.11 7.52
CA ASP B 790 -43.93 18.69 7.36
C ASP B 790 -42.77 18.30 8.27
N ASN B 791 -41.75 19.18 8.38
CA ASN B 791 -40.62 18.80 9.20
C ASN B 791 -40.99 18.78 10.65
N ASP B 792 -42.01 19.54 11.05
CA ASP B 792 -42.37 19.52 12.50
C ASP B 792 -43.12 18.25 12.86
N ILE B 793 -43.83 17.78 11.83
CA ILE B 793 -44.68 16.56 12.00
C ILE B 793 -43.88 15.28 11.88
N GLY B 794 -43.01 15.23 10.89
CA GLY B 794 -42.22 13.99 10.75
C GLY B 794 -43.16 12.84 10.35
N VAL B 795 -42.90 11.65 10.97
CA VAL B 795 -43.75 10.53 10.67
C VAL B 795 -44.93 10.49 11.58
N SER B 796 -45.03 11.44 12.47
CA SER B 796 -46.15 11.36 13.40
C SER B 796 -47.51 11.31 12.76
N GLU B 797 -48.40 10.50 13.36
CA GLU B 797 -49.77 10.33 12.83
C GLU B 797 -50.73 10.10 13.97
N ALA B 798 -51.96 10.56 13.80
CA ALA B 798 -53.01 10.44 14.83
C ALA B 798 -53.17 9.03 15.33
N THR B 799 -53.04 8.14 14.36
CA THR B 799 -53.12 6.72 14.58
C THR B 799 -51.78 6.21 15.14
N ARG B 800 -50.70 6.96 15.08
CA ARG B 800 -49.42 6.50 15.60
C ARG B 800 -48.45 7.68 15.75
N ILE B 801 -48.65 8.31 16.89
CA ILE B 801 -47.88 9.44 17.32
C ILE B 801 -46.37 9.17 17.47
N ASP B 802 -45.50 10.07 17.02
CA ASP B 802 -44.08 9.95 17.25
C ASP B 802 -43.87 11.02 18.31
N PRO B 803 -43.78 10.63 19.55
CA PRO B 803 -43.64 11.60 20.62
C PRO B 803 -42.43 12.45 20.56
N ASN B 804 -41.42 12.07 19.78
CA ASN B 804 -40.22 12.86 19.65
C ASN B 804 -40.37 13.96 18.58
N ALA B 805 -41.40 13.93 17.71
CA ALA B 805 -41.52 14.97 16.72
C ALA B 805 -41.83 16.30 17.40
N TRP B 806 -41.37 17.40 16.78
CA TRP B 806 -41.67 18.71 17.38
C TRP B 806 -43.16 18.96 17.59
N VAL B 807 -43.97 18.65 16.60
CA VAL B 807 -45.38 18.94 16.82
C VAL B 807 -45.93 18.20 18.05
N GLU B 808 -45.44 16.99 18.33
CA GLU B 808 -45.92 16.18 19.47
C GLU B 808 -45.39 16.69 20.78
N ARG B 809 -44.20 17.19 20.71
CA ARG B 809 -43.65 17.87 21.91
C ARG B 809 -44.47 19.12 22.29
N TRP B 810 -44.77 19.91 21.26
CA TRP B 810 -45.55 21.10 21.52
C TRP B 810 -46.97 20.75 21.98
N LYS B 811 -47.59 19.77 21.29
CA LYS B 811 -48.95 19.42 21.73
C LYS B 811 -48.96 18.93 23.17
N ALA B 812 -48.11 17.98 23.45
CA ALA B 812 -48.03 17.34 24.74
C ALA B 812 -47.80 18.36 25.81
N ALA B 813 -47.07 19.43 25.50
CA ALA B 813 -46.76 20.46 26.51
C ALA B 813 -47.89 21.44 26.71
N GLY B 814 -48.85 21.37 25.85
CA GLY B 814 -49.99 22.30 25.92
C GLY B 814 -49.82 23.59 25.12
N HIS B 815 -48.75 23.64 24.28
CA HIS B 815 -48.57 24.88 23.54
C HIS B 815 -49.79 25.28 22.71
N TYR B 816 -50.47 24.31 22.09
CA TYR B 816 -51.61 24.71 21.29
C TYR B 816 -52.89 24.86 22.10
N GLN B 817 -52.88 24.49 23.34
CA GLN B 817 -54.10 24.66 24.10
C GLN B 817 -53.99 25.74 25.16
N ALA B 818 -52.78 26.22 25.47
CA ALA B 818 -52.58 27.21 26.57
C ALA B 818 -53.37 28.49 26.45
N GLU B 819 -53.88 28.91 27.56
CA GLU B 819 -54.67 30.12 27.47
C GLU B 819 -54.06 31.24 28.32
N ALA B 820 -54.17 32.44 27.75
CA ALA B 820 -53.68 33.65 28.39
C ALA B 820 -54.46 33.94 29.69
N ALA B 821 -53.74 34.07 30.78
CA ALA B 821 -54.34 34.44 32.03
C ALA B 821 -53.85 35.85 32.36
N LEU B 822 -54.70 36.79 32.63
CA LEU B 822 -54.16 38.12 32.90
C LEU B 822 -53.58 38.26 34.27
N LEU B 823 -52.42 38.92 34.38
CA LEU B 823 -51.74 39.18 35.65
C LEU B 823 -51.81 40.64 35.97
N GLN B 824 -51.73 41.47 34.91
CA GLN B 824 -51.77 42.94 35.17
C GLN B 824 -52.20 43.74 33.97
N CYS B 825 -52.97 44.81 34.15
CA CYS B 825 -53.30 45.72 33.04
C CYS B 825 -53.46 47.13 33.60
N THR B 826 -52.47 48.01 33.47
CA THR B 826 -52.65 49.34 34.04
C THR B 826 -52.48 50.38 32.97
N ALA B 827 -52.90 51.60 33.28
CA ALA B 827 -52.77 52.73 32.32
C ALA B 827 -52.29 53.94 33.08
N ASP B 828 -51.39 54.65 32.47
CA ASP B 828 -50.84 55.84 33.05
C ASP B 828 -50.76 56.88 31.95
N THR B 829 -50.84 58.12 32.39
CA THR B 829 -50.74 59.19 31.43
C THR B 829 -49.34 59.78 31.63
N LEU B 830 -48.57 60.04 30.58
CA LEU B 830 -47.24 60.64 30.76
C LEU B 830 -47.35 62.03 30.15
N ALA B 831 -46.28 62.84 30.17
CA ALA B 831 -46.36 64.22 29.65
C ALA B 831 -47.04 64.37 28.27
N ASP B 832 -46.65 63.53 27.34
CA ASP B 832 -47.09 63.54 25.94
C ASP B 832 -47.61 62.20 25.46
N ALA B 833 -48.03 61.33 26.39
CA ALA B 833 -48.43 60.06 25.83
C ALA B 833 -49.23 59.32 26.88
N VAL B 834 -49.82 58.21 26.45
CA VAL B 834 -50.52 57.41 27.43
C VAL B 834 -49.75 56.09 27.39
N LEU B 835 -49.63 55.48 28.54
CA LEU B 835 -48.89 54.24 28.61
C LEU B 835 -49.71 53.09 29.16
N ILE B 836 -49.89 51.99 28.41
CA ILE B 836 -50.66 50.83 28.94
C ILE B 836 -49.67 49.74 29.30
N THR B 837 -49.72 49.16 30.47
CA THR B 837 -48.78 48.08 30.83
C THR B 837 -49.55 46.80 31.03
N THR B 838 -49.08 45.66 30.48
CA THR B 838 -49.91 44.40 30.69
C THR B 838 -49.00 43.25 31.01
N ALA B 839 -49.49 42.23 31.70
CA ALA B 839 -48.67 41.04 31.95
C ALA B 839 -49.61 39.86 31.81
N HIS B 840 -49.24 38.81 31.08
CA HIS B 840 -50.09 37.61 30.93
C HIS B 840 -49.26 36.35 31.17
N ALA B 841 -49.87 35.32 31.65
CA ALA B 841 -49.16 34.07 31.82
C ALA B 841 -49.95 33.11 30.96
N TRP B 842 -49.23 32.21 30.32
CA TRP B 842 -49.89 31.13 29.58
C TRP B 842 -49.61 29.84 30.30
N GLN B 843 -50.69 29.12 30.66
CA GLN B 843 -50.53 27.95 31.43
C GLN B 843 -51.27 26.76 30.86
N HIS B 844 -50.72 25.63 31.36
CA HIS B 844 -51.24 24.34 30.98
C HIS B 844 -51.03 23.38 32.10
N GLN B 845 -52.15 22.72 32.49
CA GLN B 845 -52.18 21.78 33.59
C GLN B 845 -51.44 22.35 34.73
N GLY B 846 -51.70 23.63 34.99
CA GLY B 846 -51.07 24.25 36.10
C GLY B 846 -49.62 24.64 36.01
N LYS B 847 -49.04 24.51 34.84
CA LYS B 847 -47.64 24.92 34.72
C LYS B 847 -47.66 26.20 33.93
N THR B 848 -46.77 27.16 34.31
CA THR B 848 -46.68 28.35 33.50
C THR B 848 -45.74 28.05 32.33
N LEU B 849 -46.22 28.13 31.08
CA LEU B 849 -45.31 27.85 29.98
C LEU B 849 -44.64 29.13 29.55
N PHE B 850 -45.40 30.20 29.42
CA PHE B 850 -44.79 31.51 28.95
C PHE B 850 -45.37 32.69 29.75
N ILE B 851 -44.60 33.76 29.90
CA ILE B 851 -45.13 34.97 30.57
C ILE B 851 -44.82 36.11 29.58
N SER B 852 -45.79 36.96 29.25
CA SER B 852 -45.46 38.03 28.30
C SER B 852 -45.74 39.33 29.06
N ARG B 853 -44.78 40.26 29.09
CA ARG B 853 -44.91 41.56 29.69
C ARG B 853 -44.76 42.59 28.59
N LYS B 854 -45.67 43.54 28.53
CA LYS B 854 -45.60 44.59 27.51
C LYS B 854 -46.01 45.95 27.98
N THR B 855 -45.60 46.96 27.22
CA THR B 855 -46.02 48.36 27.38
C THR B 855 -46.48 48.80 25.99
N TYR B 856 -47.49 49.66 25.95
CA TYR B 856 -47.94 50.20 24.67
C TYR B 856 -47.81 51.68 24.96
N ARG B 857 -47.03 52.42 24.23
CA ARG B 857 -46.91 53.80 24.57
C ARG B 857 -47.45 54.56 23.35
N ILE B 858 -48.56 55.33 23.50
CA ILE B 858 -49.14 56.04 22.34
C ILE B 858 -48.88 57.50 22.46
N ASP B 859 -48.21 58.10 21.47
CA ASP B 859 -47.94 59.48 21.66
C ASP B 859 -48.66 60.45 20.72
N GLY B 860 -48.29 61.70 20.91
CA GLY B 860 -48.87 62.82 20.20
C GLY B 860 -48.74 62.69 18.74
N SER B 861 -47.80 61.88 18.33
CA SER B 861 -47.68 61.64 16.91
C SER B 861 -48.60 60.55 16.42
N GLY B 862 -49.34 59.89 17.28
CA GLY B 862 -50.17 58.84 16.73
C GLY B 862 -49.46 57.47 16.57
N GLN B 863 -48.22 57.39 16.92
CA GLN B 863 -47.53 56.12 16.81
C GLN B 863 -47.76 55.26 18.04
N MET B 864 -47.91 53.95 17.91
CA MET B 864 -48.09 53.20 19.17
C MET B 864 -46.83 52.37 19.26
N ALA B 865 -45.98 52.61 20.27
CA ALA B 865 -44.74 51.81 20.45
C ALA B 865 -45.07 50.65 21.40
N ILE B 866 -44.80 49.44 20.94
CA ILE B 866 -45.05 48.21 21.70
C ILE B 866 -43.76 47.54 22.10
N THR B 867 -43.56 47.33 23.38
CA THR B 867 -42.36 46.60 23.80
C THR B 867 -42.81 45.30 24.39
N VAL B 868 -42.15 44.18 24.00
CA VAL B 868 -42.56 42.86 24.48
C VAL B 868 -41.38 42.15 25.11
N ASP B 869 -41.58 41.66 26.33
CA ASP B 869 -40.53 40.90 26.98
C ASP B 869 -41.14 39.58 27.41
N VAL B 870 -40.66 38.47 26.87
CA VAL B 870 -41.30 37.20 27.19
C VAL B 870 -40.36 36.28 27.96
N GLU B 871 -40.92 35.47 28.87
CA GLU B 871 -40.15 34.49 29.58
C GLU B 871 -40.70 33.16 29.13
N VAL B 872 -39.83 32.15 28.84
CA VAL B 872 -40.26 30.81 28.41
C VAL B 872 -39.68 29.81 29.40
N ALA B 873 -40.51 29.04 30.10
CA ALA B 873 -39.98 28.11 31.10
C ALA B 873 -38.92 27.25 30.44
N SER B 874 -37.86 27.03 31.21
CA SER B 874 -36.77 26.26 30.61
C SER B 874 -37.09 24.83 30.29
N ASP B 875 -38.04 24.26 30.99
CA ASP B 875 -38.28 22.87 30.75
C ASP B 875 -39.37 22.71 29.77
N THR B 876 -39.87 23.77 29.17
CA THR B 876 -40.92 23.44 28.19
C THR B 876 -40.22 23.28 26.83
N PRO B 877 -40.71 22.48 25.87
CA PRO B 877 -40.00 22.44 24.56
C PRO B 877 -39.92 23.86 23.96
N HIS B 878 -38.77 24.17 23.36
CA HIS B 878 -38.65 25.51 22.80
C HIS B 878 -39.82 25.72 21.76
N PRO B 879 -40.44 26.91 21.85
CA PRO B 879 -41.57 27.20 21.03
C PRO B 879 -41.29 27.49 19.59
N ALA B 880 -42.30 27.31 18.76
CA ALA B 880 -42.12 27.59 17.35
C ALA B 880 -41.90 29.06 17.03
N ARG B 881 -42.43 29.98 17.83
CA ARG B 881 -42.19 31.41 17.52
C ARG B 881 -42.52 32.20 18.78
N ILE B 882 -42.22 33.50 18.78
CA ILE B 882 -42.55 34.37 19.90
C ILE B 882 -42.93 35.66 19.19
N GLY B 883 -44.24 35.88 19.04
CA GLY B 883 -44.72 37.05 18.26
C GLY B 883 -46.14 37.41 18.69
N LEU B 884 -46.75 38.21 17.83
CA LEU B 884 -48.09 38.66 18.07
C LEU B 884 -48.86 38.37 16.84
N ASN B 885 -50.17 38.30 17.00
CA ASN B 885 -50.97 38.13 15.79
C ASN B 885 -52.31 38.79 15.90
N CYS B 886 -52.87 39.08 14.73
CA CYS B 886 -54.18 39.67 14.76
C CYS B 886 -54.84 39.44 13.41
N GLN B 887 -56.19 39.56 13.37
CA GLN B 887 -56.90 39.46 12.10
C GLN B 887 -57.32 40.87 11.80
N LEU B 888 -56.71 41.47 10.82
CA LEU B 888 -57.00 42.86 10.40
C LEU B 888 -58.35 42.93 9.73
N ALA B 889 -59.10 44.04 9.81
CA ALA B 889 -60.43 44.02 9.19
C ALA B 889 -60.37 44.23 7.69
N GLN B 890 -59.39 44.91 7.26
CA GLN B 890 -59.43 45.08 5.85
C GLN B 890 -58.46 44.26 5.03
N VAL B 891 -58.75 44.22 3.75
CA VAL B 891 -57.88 43.54 2.83
C VAL B 891 -57.28 44.57 1.88
N ALA B 892 -56.00 44.54 1.52
CA ALA B 892 -55.37 45.45 0.59
C ALA B 892 -54.69 44.64 -0.53
N GLU B 893 -54.47 45.28 -1.68
CA GLU B 893 -53.86 44.69 -2.87
C GLU B 893 -52.37 44.35 -2.75
N ARG B 894 -51.60 45.25 -2.14
CA ARG B 894 -50.13 45.02 -2.07
C ARG B 894 -49.58 44.93 -0.68
N VAL B 895 -48.39 44.37 -0.62
CA VAL B 895 -47.66 44.29 0.63
C VAL B 895 -46.28 44.89 0.33
N ASN B 896 -45.84 45.89 1.11
CA ASN B 896 -44.57 46.54 0.81
C ASN B 896 -43.74 46.52 2.09
N TRP B 897 -42.49 46.06 1.98
CA TRP B 897 -41.65 46.01 3.19
C TRP B 897 -40.19 46.28 2.84
N LEU B 898 -39.49 46.66 3.93
CA LEU B 898 -38.03 46.89 3.88
C LEU B 898 -37.45 45.78 4.72
N GLY B 899 -36.89 44.80 4.03
CA GLY B 899 -36.41 43.65 4.80
C GLY B 899 -35.93 42.59 3.81
N LEU B 900 -35.81 41.33 4.24
CA LEU B 900 -35.30 40.30 3.31
C LEU B 900 -36.36 39.74 2.39
N GLY B 901 -36.01 39.56 1.14
CA GLY B 901 -36.98 39.02 0.19
C GLY B 901 -36.39 39.00 -1.24
N PRO B 902 -37.25 38.92 -2.28
CA PRO B 902 -38.71 39.01 -2.16
C PRO B 902 -39.43 37.74 -1.74
N GLN B 903 -38.80 36.61 -1.93
CA GLN B 903 -39.49 35.35 -1.60
C GLN B 903 -39.46 35.00 -0.16
N GLU B 904 -40.34 34.06 0.16
CA GLU B 904 -40.45 33.50 1.51
C GLU B 904 -39.05 33.13 2.06
N ASN B 905 -38.80 33.47 3.33
CA ASN B 905 -37.48 33.05 3.89
C ASN B 905 -37.60 32.84 5.39
N TYR B 906 -36.82 31.89 5.99
CA TYR B 906 -36.93 31.55 7.37
C TYR B 906 -35.54 31.65 7.96
N PRO B 907 -35.40 31.60 9.31
CA PRO B 907 -34.09 31.84 9.89
C PRO B 907 -32.94 30.97 9.35
N ASP B 908 -33.24 29.71 9.11
CA ASP B 908 -32.27 28.77 8.63
C ASP B 908 -32.33 28.61 7.13
N ARG B 909 -33.11 29.45 6.50
CA ARG B 909 -33.21 29.42 5.03
C ARG B 909 -33.48 30.80 4.54
N LEU B 910 -32.50 31.69 4.76
CA LEU B 910 -32.68 33.08 4.30
C LEU B 910 -31.41 33.58 3.63
N THR B 911 -30.44 32.70 3.29
CA THR B 911 -29.26 33.25 2.68
C THR B 911 -29.47 33.88 1.30
N ALA B 912 -30.34 33.24 0.51
CA ALA B 912 -30.62 33.75 -0.85
C ALA B 912 -31.38 35.07 -0.82
N ALA B 913 -32.14 35.36 0.26
CA ALA B 913 -32.94 36.59 0.35
C ALA B 913 -32.05 37.84 0.41
N CYS B 914 -32.55 38.93 -0.20
CA CYS B 914 -31.78 40.17 -0.14
C CYS B 914 -32.55 41.26 0.64
N PHE B 915 -31.80 42.12 1.32
CA PHE B 915 -32.42 43.18 2.07
C PHE B 915 -32.61 44.32 1.11
N ASP B 916 -33.83 44.76 1.02
CA ASP B 916 -34.13 45.87 0.13
C ASP B 916 -35.60 46.26 0.33
N ARG B 917 -36.15 47.04 -0.62
CA ARG B 917 -37.55 47.38 -0.47
C ARG B 917 -38.37 46.57 -1.47
N TRP B 918 -39.24 45.73 -1.00
CA TRP B 918 -39.96 44.86 -1.92
C TRP B 918 -41.44 45.24 -1.88
N ASP B 919 -42.14 44.93 -2.95
CA ASP B 919 -43.55 45.23 -3.00
C ASP B 919 -44.18 44.16 -3.87
N LEU B 920 -45.09 43.34 -3.30
CA LEU B 920 -45.77 42.28 -4.04
C LEU B 920 -47.22 42.31 -3.75
N PRO B 921 -47.95 41.69 -4.65
CA PRO B 921 -49.37 41.53 -4.44
C PRO B 921 -49.54 40.60 -3.20
N LEU B 922 -50.58 40.78 -2.39
CA LEU B 922 -50.78 39.96 -1.22
C LEU B 922 -50.69 38.48 -1.54
N SER B 923 -51.31 38.01 -2.62
CA SER B 923 -51.24 36.54 -2.81
C SER B 923 -49.84 35.96 -2.87
N ASP B 924 -48.85 36.74 -3.35
CA ASP B 924 -47.46 36.28 -3.42
C ASP B 924 -46.88 36.10 -2.03
N MET B 925 -47.59 36.60 -1.01
CA MET B 925 -47.14 36.48 0.36
C MET B 925 -47.61 35.19 1.02
N TYR B 926 -48.21 34.34 0.17
CA TYR B 926 -48.64 33.03 0.69
C TYR B 926 -48.00 32.03 -0.27
N THR B 927 -47.42 30.93 0.28
CA THR B 927 -46.78 29.90 -0.55
C THR B 927 -47.71 28.70 -0.56
N PRO B 928 -48.19 28.35 -1.74
CA PRO B 928 -49.21 27.29 -1.78
C PRO B 928 -48.70 25.85 -1.65
N TYR B 929 -48.07 25.53 -0.51
CA TYR B 929 -47.57 24.15 -0.34
C TYR B 929 -48.78 23.23 -0.41
N VAL B 930 -48.68 22.10 -1.08
CA VAL B 930 -49.86 21.23 -1.23
C VAL B 930 -50.42 20.82 0.11
N PHE B 931 -49.48 20.46 1.02
CA PHE B 931 -49.87 20.18 2.41
C PHE B 931 -49.68 21.52 3.17
N PRO B 932 -50.74 22.24 3.52
CA PRO B 932 -50.59 23.54 4.13
C PRO B 932 -49.95 23.58 5.49
N SER B 933 -49.25 24.65 5.76
CA SER B 933 -48.60 24.79 7.07
C SER B 933 -48.23 26.31 7.15
N GLU B 934 -47.51 26.66 8.22
CA GLU B 934 -46.95 27.97 8.37
C GLU B 934 -46.16 28.19 7.09
N ASN B 935 -46.30 29.40 6.53
CA ASN B 935 -45.63 29.65 5.28
C ASN B 935 -45.60 31.18 5.03
N GLY B 936 -44.75 31.61 4.09
CA GLY B 936 -44.70 32.99 3.63
C GLY B 936 -43.96 33.92 4.55
N LEU B 937 -43.32 33.40 5.59
CA LEU B 937 -42.63 34.37 6.39
C LEU B 937 -41.50 35.06 5.54
N ARG B 938 -41.15 36.30 5.94
CA ARG B 938 -40.03 37.09 5.47
C ARG B 938 -39.35 37.51 6.79
N CYS B 939 -38.03 37.37 6.88
CA CYS B 939 -37.33 37.76 8.10
C CYS B 939 -36.56 39.07 7.93
N GLY B 940 -35.86 39.47 8.98
CA GLY B 940 -35.04 40.68 8.92
C GLY B 940 -35.76 41.95 8.40
N THR B 941 -37.02 42.11 8.80
CA THR B 941 -37.81 43.22 8.26
C THR B 941 -37.83 44.37 9.25
N ARG B 942 -37.56 45.58 8.72
CA ARG B 942 -37.49 46.77 9.57
C ARG B 942 -38.74 47.66 9.41
N GLU B 943 -39.43 47.43 8.31
CA GLU B 943 -40.65 48.20 8.04
C GLU B 943 -41.58 47.38 7.16
N LEU B 944 -42.87 47.37 7.57
CA LEU B 944 -43.87 46.65 6.80
C LEU B 944 -45.08 47.56 6.55
N ASN B 945 -45.60 47.58 5.33
CA ASN B 945 -46.73 48.49 5.04
C ASN B 945 -47.90 47.69 4.44
N TYR B 946 -49.10 47.93 4.92
CA TYR B 946 -50.22 47.21 4.38
C TYR B 946 -51.46 48.11 4.57
N GLY B 947 -52.13 48.49 3.50
CA GLY B 947 -53.28 49.39 3.63
C GLY B 947 -52.79 50.69 4.25
N PRO B 948 -53.50 51.25 5.20
CA PRO B 948 -52.97 52.49 5.78
C PRO B 948 -52.01 52.21 6.93
N HIS B 949 -51.75 50.91 7.22
CA HIS B 949 -50.89 50.61 8.35
C HIS B 949 -49.40 50.43 8.08
N GLN B 950 -48.60 50.82 9.05
CA GLN B 950 -47.16 50.60 8.95
C GLN B 950 -46.65 50.08 10.32
N TRP B 951 -45.76 49.03 10.30
CA TRP B 951 -45.17 48.47 11.53
C TRP B 951 -43.69 48.62 11.31
N ARG B 952 -42.99 49.17 12.31
CA ARG B 952 -41.51 49.31 12.19
C ARG B 952 -40.86 48.60 13.38
N GLY B 953 -39.69 48.01 13.18
CA GLY B 953 -39.02 47.29 14.31
C GLY B 953 -37.87 46.44 13.66
N ASP B 954 -37.71 45.17 14.07
CA ASP B 954 -36.73 44.28 13.52
C ASP B 954 -37.38 42.94 13.79
N PHE B 955 -38.23 42.53 12.85
CA PHE B 955 -39.01 41.35 13.10
C PHE B 955 -39.12 40.49 11.83
N GLN B 956 -39.86 39.39 12.02
CA GLN B 956 -40.14 38.48 10.92
C GLN B 956 -41.70 38.52 10.78
N PHE B 957 -42.25 38.36 9.59
CA PHE B 957 -43.69 38.40 9.51
C PHE B 957 -44.24 37.54 8.38
N ASN B 958 -45.55 37.22 8.44
CA ASN B 958 -46.23 36.61 7.29
C ASN B 958 -47.61 37.28 7.37
N ILE B 959 -48.25 37.38 6.22
CA ILE B 959 -49.55 38.06 6.09
C ILE B 959 -50.32 37.39 4.96
N SER B 960 -51.57 37.03 5.26
CA SER B 960 -52.35 36.27 4.29
C SER B 960 -53.85 36.22 4.71
N ARG B 961 -54.69 35.60 3.83
CA ARG B 961 -56.09 35.45 4.16
C ARG B 961 -56.29 34.15 4.93
N TYR B 962 -55.25 33.46 5.46
CA TYR B 962 -55.58 32.21 6.13
C TYR B 962 -54.99 32.18 7.49
N SER B 963 -55.79 31.82 8.45
CA SER B 963 -55.30 31.78 9.82
C SER B 963 -54.35 30.60 10.04
N GLN B 964 -53.52 30.63 11.08
CA GLN B 964 -52.65 29.48 11.37
C GLN B 964 -53.55 28.30 11.69
N GLN B 965 -54.67 28.62 12.38
CA GLN B 965 -55.65 27.62 12.73
C GLN B 965 -56.16 26.86 11.50
N GLN B 966 -56.59 27.60 10.51
CA GLN B 966 -57.05 26.94 9.32
C GLN B 966 -55.95 26.13 8.66
N LEU B 967 -54.78 26.72 8.60
CA LEU B 967 -53.72 25.99 7.89
C LEU B 967 -53.45 24.66 8.59
N MET B 968 -53.48 24.75 9.92
CA MET B 968 -53.19 23.53 10.63
C MET B 968 -54.31 22.55 10.56
N GLU B 969 -55.53 23.00 10.29
CA GLU B 969 -56.63 22.05 10.23
C GLU B 969 -56.88 21.58 8.82
N THR B 970 -56.10 22.04 7.84
CA THR B 970 -56.44 21.68 6.46
C THR B 970 -55.31 20.86 5.86
N SER B 971 -55.67 19.74 5.22
CA SER B 971 -54.57 18.89 4.71
C SER B 971 -54.25 19.05 3.27
N HIS B 972 -55.04 19.82 2.52
CA HIS B 972 -54.81 19.97 1.08
C HIS B 972 -55.10 21.44 0.71
N ARG B 973 -54.17 22.05 0.01
CA ARG B 973 -54.32 23.46 -0.31
C ARG B 973 -55.64 23.83 -0.99
N HIS B 974 -56.22 22.94 -1.78
CA HIS B 974 -57.41 23.28 -2.52
C HIS B 974 -58.63 23.45 -1.65
N LEU B 975 -58.50 23.02 -0.43
CA LEU B 975 -59.62 23.15 0.46
C LEU B 975 -59.53 24.38 1.34
N LEU B 976 -58.47 25.15 1.22
CA LEU B 976 -58.42 26.38 2.03
C LEU B 976 -59.37 27.46 1.46
N HIS B 977 -59.96 28.28 2.33
CA HIS B 977 -60.84 29.39 1.92
C HIS B 977 -60.37 30.68 2.59
N ALA B 978 -60.36 31.78 1.83
CA ALA B 978 -59.89 33.04 2.37
C ALA B 978 -60.78 33.45 3.49
N GLU B 979 -60.24 33.83 4.62
CA GLU B 979 -61.06 34.26 5.71
C GLU B 979 -61.39 35.74 5.60
N GLU B 980 -62.29 36.29 6.43
CA GLU B 980 -62.53 37.70 6.25
C GLU B 980 -61.28 38.48 6.67
N GLY B 981 -61.03 39.59 6.02
CA GLY B 981 -59.85 40.41 6.45
C GLY B 981 -58.49 39.76 6.17
N THR B 982 -57.49 40.13 6.94
CA THR B 982 -56.15 39.62 6.68
C THR B 982 -55.47 39.19 7.98
N TRP B 983 -54.90 37.96 8.04
CA TRP B 983 -54.21 37.53 9.27
C TRP B 983 -52.74 37.95 9.20
N LEU B 984 -52.29 38.59 10.28
CA LEU B 984 -50.95 39.11 10.29
C LEU B 984 -50.24 38.47 11.41
N ASN B 985 -49.11 37.85 11.12
CA ASN B 985 -48.35 37.28 12.21
C ASN B 985 -47.03 38.07 12.22
N ILE B 986 -46.69 38.75 13.29
CA ILE B 986 -45.43 39.50 13.36
C ILE B 986 -44.63 38.92 14.52
N ASP B 987 -43.48 38.34 14.17
CA ASP B 987 -42.69 37.65 15.16
C ASP B 987 -41.46 38.38 15.60
N GLY B 988 -41.22 38.44 16.94
CA GLY B 988 -39.91 38.97 17.32
C GLY B 988 -38.85 37.89 16.92
N PHE B 989 -39.23 36.60 17.05
CA PHE B 989 -38.34 35.47 16.82
C PHE B 989 -39.12 34.29 16.28
N HIS B 990 -38.49 33.48 15.44
CA HIS B 990 -39.20 32.38 14.83
C HIS B 990 -38.22 31.22 14.73
N MET B 991 -38.73 30.00 15.01
CA MET B 991 -37.84 28.85 15.00
C MET B 991 -37.40 28.47 13.58
N GLY B 992 -36.20 27.88 13.45
CA GLY B 992 -35.80 27.41 12.13
C GLY B 992 -36.79 26.31 11.64
N ILE B 993 -36.76 26.04 10.34
CA ILE B 993 -37.67 25.02 9.76
C ILE B 993 -37.02 23.65 9.56
N GLY B 994 -35.69 23.60 9.59
CA GLY B 994 -34.93 22.35 9.45
C GLY B 994 -35.19 21.71 8.08
N GLY B 995 -34.91 20.40 7.98
CA GLY B 995 -35.09 19.68 6.70
C GLY B 995 -33.90 18.73 6.38
N ASP B 996 -32.85 18.59 7.25
CA ASP B 996 -31.77 17.62 6.96
C ASP B 996 -32.44 16.31 6.63
N ASP B 997 -33.58 16.08 7.28
CA ASP B 997 -34.46 14.97 6.92
C ASP B 997 -35.86 15.36 7.40
N SER B 998 -36.90 14.64 7.03
CA SER B 998 -38.25 15.01 7.43
C SER B 998 -38.87 13.88 8.21
N TRP B 999 -38.04 13.13 8.91
CA TRP B 999 -38.65 12.08 9.74
C TRP B 999 -38.08 12.07 11.17
N SER B 1000 -37.22 13.04 11.48
CA SER B 1000 -36.70 13.12 12.84
C SER B 1000 -36.47 14.60 13.03
N PRO B 1001 -36.42 15.10 14.27
CA PRO B 1001 -36.20 16.55 14.48
C PRO B 1001 -34.87 16.96 13.83
N SER B 1002 -34.91 18.04 13.05
CA SER B 1002 -33.71 18.41 12.30
C SER B 1002 -33.37 19.91 12.38
N VAL B 1003 -34.03 20.68 13.25
CA VAL B 1003 -33.70 22.08 13.43
C VAL B 1003 -32.50 22.12 14.34
N SER B 1004 -31.44 22.71 13.79
CA SER B 1004 -30.15 22.86 14.50
C SER B 1004 -30.27 23.70 15.78
N ALA B 1005 -29.49 23.45 16.83
CA ALA B 1005 -29.62 24.14 18.09
C ALA B 1005 -29.63 25.61 17.98
N GLU B 1006 -28.77 26.08 17.10
CA GLU B 1006 -28.64 27.53 16.94
C GLU B 1006 -29.88 28.23 16.42
N PHE B 1007 -30.80 27.43 15.92
CA PHE B 1007 -32.07 27.94 15.38
C PHE B 1007 -33.29 27.61 16.24
N GLN B 1008 -33.08 27.05 17.42
CA GLN B 1008 -34.15 26.76 18.39
C GLN B 1008 -34.28 27.95 19.37
N LEU B 1009 -35.50 28.30 19.77
CA LEU B 1009 -35.71 29.48 20.64
C LEU B 1009 -35.55 29.03 22.11
N SER B 1010 -34.24 28.88 22.46
CA SER B 1010 -33.93 28.39 23.79
C SER B 1010 -33.41 29.42 24.78
N ALA B 1011 -33.33 30.70 24.44
CA ALA B 1011 -32.76 31.68 25.30
C ALA B 1011 -33.48 31.89 26.59
N GLY B 1012 -34.74 31.53 26.72
CA GLY B 1012 -35.41 31.70 28.00
C GLY B 1012 -36.07 33.06 28.15
N ARG B 1013 -35.43 34.16 27.87
CA ARG B 1013 -36.07 35.45 27.94
C ARG B 1013 -35.80 36.12 26.59
N TYR B 1014 -36.79 36.72 26.00
CA TYR B 1014 -36.77 37.33 24.69
C TYR B 1014 -37.39 38.72 24.73
N HIS B 1015 -36.83 39.63 23.92
CA HIS B 1015 -37.34 40.99 23.92
C HIS B 1015 -37.50 41.43 22.52
N TYR B 1016 -38.58 42.15 22.19
CA TYR B 1016 -38.70 42.72 20.83
C TYR B 1016 -39.59 43.96 20.98
N GLN B 1017 -39.49 44.84 19.99
CA GLN B 1017 -40.26 46.05 20.08
C GLN B 1017 -40.66 46.47 18.71
N LEU B 1018 -41.85 46.98 18.60
CA LEU B 1018 -42.35 47.37 17.27
C LEU B 1018 -43.15 48.67 17.46
N VAL B 1019 -43.27 49.42 16.38
CA VAL B 1019 -44.09 50.63 16.42
C VAL B 1019 -45.20 50.43 15.38
N TRP B 1020 -46.47 50.66 15.76
CA TRP B 1020 -47.53 50.56 14.79
C TRP B 1020 -48.04 51.97 14.62
N CYS B 1021 -48.10 52.43 13.37
CA CYS B 1021 -48.60 53.78 13.13
C CYS B 1021 -49.41 53.84 11.83
N GLN B 1022 -50.14 54.91 11.51
CA GLN B 1022 -50.91 54.99 10.25
C GLN B 1022 -50.08 55.63 9.16
N LYS B 1023 -50.39 55.23 7.95
CA LYS B 1023 -49.76 55.66 6.73
C LYS B 1023 -50.96 56.09 5.88
N ARG C 13 -41.29 -26.05 -24.07
CA ARG C 13 -40.38 -24.95 -23.72
C ARG C 13 -38.92 -25.21 -24.06
N ARG C 14 -38.58 -26.46 -24.24
CA ARG C 14 -37.17 -26.76 -24.57
C ARG C 14 -36.29 -26.04 -23.59
N ASP C 15 -36.59 -26.26 -22.33
CA ASP C 15 -35.74 -25.57 -21.31
C ASP C 15 -34.23 -25.93 -21.40
N TRP C 16 -33.93 -27.03 -22.07
CA TRP C 16 -32.57 -27.54 -22.22
C TRP C 16 -31.83 -26.81 -23.34
N GLU C 17 -32.47 -25.79 -23.90
CA GLU C 17 -31.73 -25.01 -24.88
C GLU C 17 -31.89 -23.54 -24.48
N ASN C 18 -31.73 -23.25 -23.22
CA ASN C 18 -31.93 -21.90 -22.67
C ASN C 18 -31.10 -21.72 -21.39
N PRO C 19 -29.98 -21.00 -21.49
CA PRO C 19 -29.12 -20.84 -20.33
C PRO C 19 -29.76 -19.95 -19.28
N GLY C 20 -30.90 -19.35 -19.64
CA GLY C 20 -31.71 -18.55 -18.70
C GLY C 20 -32.54 -19.46 -17.78
N VAL C 21 -32.63 -20.76 -18.12
CA VAL C 21 -33.40 -21.70 -17.24
C VAL C 21 -32.48 -22.87 -16.89
N THR C 22 -31.96 -22.82 -15.69
CA THR C 22 -31.01 -23.85 -15.26
C THR C 22 -31.68 -24.79 -14.30
N GLN C 23 -32.91 -24.41 -13.94
CA GLN C 23 -33.71 -25.18 -12.98
C GLN C 23 -35.11 -24.66 -12.94
N LEU C 24 -36.01 -25.53 -12.50
CA LEU C 24 -37.39 -25.15 -12.22
C LEU C 24 -37.80 -25.89 -10.95
N ASN C 25 -38.25 -25.15 -9.97
CA ASN C 25 -38.74 -25.68 -8.69
C ASN C 25 -37.69 -26.36 -7.86
N ARG C 26 -36.43 -26.05 -8.10
CA ARG C 26 -35.43 -26.75 -7.31
C ARG C 26 -35.28 -26.07 -5.94
N LEU C 27 -34.93 -26.85 -4.89
CA LEU C 27 -34.80 -26.21 -3.60
C LEU C 27 -33.45 -25.58 -3.41
N ALA C 28 -33.31 -24.69 -2.44
CA ALA C 28 -32.00 -24.12 -2.25
C ALA C 28 -30.90 -25.14 -1.94
N ALA C 29 -29.63 -24.80 -2.22
CA ALA C 29 -28.52 -25.70 -1.89
C ALA C 29 -28.12 -25.49 -0.41
N HIS C 30 -27.41 -26.46 0.22
CA HIS C 30 -27.11 -26.41 1.65
C HIS C 30 -26.15 -27.52 1.98
N PRO C 31 -25.56 -27.50 3.19
CA PRO C 31 -24.61 -28.49 3.49
C PRO C 31 -25.28 -29.83 3.64
N PRO C 32 -24.52 -30.91 3.71
CA PRO C 32 -25.12 -32.28 3.88
C PRO C 32 -26.11 -32.37 5.07
N PHE C 33 -27.37 -32.82 4.88
CA PHE C 33 -28.27 -32.93 6.01
C PHE C 33 -28.67 -34.39 6.11
N ALA C 34 -29.24 -34.75 7.27
CA ALA C 34 -29.73 -36.09 7.49
C ALA C 34 -30.97 -36.08 8.34
N SER C 35 -31.32 -34.89 8.91
CA SER C 35 -32.47 -34.74 9.82
C SER C 35 -32.49 -35.84 10.88
N TRP C 36 -31.39 -35.91 11.69
CA TRP C 36 -31.50 -36.91 12.72
C TRP C 36 -32.63 -36.52 13.68
N ARG C 37 -33.27 -37.53 14.30
CA ARG C 37 -34.30 -37.22 15.35
C ARG C 37 -33.79 -37.76 16.69
N ASN C 38 -32.47 -38.03 16.73
CA ASN C 38 -31.80 -38.49 17.94
C ASN C 38 -30.44 -37.79 17.93
N SER C 39 -30.12 -37.04 18.94
CA SER C 39 -28.86 -36.31 18.92
C SER C 39 -27.61 -37.13 19.01
N GLU C 40 -27.69 -38.26 19.72
CA GLU C 40 -26.48 -39.10 19.84
C GLU C 40 -26.08 -39.67 18.47
N GLU C 41 -27.09 -39.98 17.62
CA GLU C 41 -26.82 -40.47 16.29
C GLU C 41 -26.12 -39.40 15.52
N ALA C 42 -26.60 -38.19 15.72
CA ALA C 42 -25.98 -37.07 14.97
C ALA C 42 -24.51 -36.88 15.39
N ARG C 43 -24.25 -37.11 16.67
CA ARG C 43 -22.87 -36.93 17.17
C ARG C 43 -21.93 -37.93 16.56
N THR C 44 -22.43 -39.17 16.38
CA THR C 44 -21.52 -40.18 15.87
C THR C 44 -21.61 -40.44 14.40
N ASP C 45 -22.42 -39.62 13.71
CA ASP C 45 -22.58 -39.75 12.27
C ASP C 45 -23.19 -41.11 11.89
N ARG C 46 -24.13 -41.58 12.71
CA ARG C 46 -24.79 -42.88 12.42
C ARG C 46 -25.85 -42.74 11.31
N PRO C 47 -26.22 -43.80 10.60
CA PRO C 47 -27.26 -43.66 9.57
C PRO C 47 -28.54 -43.09 10.21
N SER C 48 -29.28 -42.25 9.44
CA SER C 48 -30.51 -41.60 9.91
C SER C 48 -31.70 -42.25 9.27
N GLN C 49 -32.68 -42.62 10.05
CA GLN C 49 -33.83 -43.23 9.39
C GLN C 49 -34.55 -42.22 8.56
N GLN C 50 -34.30 -40.95 8.77
CA GLN C 50 -34.95 -39.91 7.96
C GLN C 50 -34.25 -39.68 6.61
N LEU C 51 -33.12 -40.34 6.32
CA LEU C 51 -32.41 -40.13 5.05
C LEU C 51 -32.29 -41.52 4.38
N ARG C 52 -33.17 -41.74 3.41
CA ARG C 52 -33.28 -43.06 2.75
C ARG C 52 -32.67 -43.06 1.40
N SER C 53 -32.07 -44.18 1.08
CA SER C 53 -31.46 -44.31 -0.24
C SER C 53 -32.42 -44.92 -1.18
N LEU C 54 -32.46 -44.38 -2.41
CA LEU C 54 -33.33 -44.93 -3.43
C LEU C 54 -32.43 -45.62 -4.44
N ASN C 55 -31.16 -45.78 -4.07
CA ASN C 55 -30.28 -46.48 -5.06
C ASN C 55 -30.67 -47.95 -5.26
N GLY C 56 -30.39 -48.60 -6.39
CA GLY C 56 -30.71 -50.03 -6.58
C GLY C 56 -31.31 -50.23 -7.94
N GLU C 57 -32.28 -51.15 -8.02
CA GLU C 57 -32.86 -51.38 -9.34
C GLU C 57 -33.99 -50.49 -9.69
N TRP C 58 -33.73 -49.88 -10.81
CA TRP C 58 -34.70 -48.96 -11.42
C TRP C 58 -35.08 -49.51 -12.83
N ARG C 59 -36.05 -48.84 -13.50
CA ARG C 59 -36.52 -49.13 -14.87
C ARG C 59 -35.92 -48.10 -15.79
N PHE C 60 -35.42 -48.50 -16.99
CA PHE C 60 -34.78 -47.57 -17.87
C PHE C 60 -35.03 -47.91 -19.34
N ALA C 61 -35.31 -46.86 -20.12
CA ALA C 61 -35.47 -47.05 -21.54
C ALA C 61 -34.72 -45.92 -22.21
N TRP C 62 -34.08 -46.15 -23.32
CA TRP C 62 -33.32 -45.17 -24.06
C TRP C 62 -34.07 -44.74 -25.29
N PHE C 63 -34.06 -43.46 -25.63
CA PHE C 63 -34.71 -42.93 -26.83
C PHE C 63 -33.73 -42.00 -27.53
N PRO C 64 -33.90 -41.79 -28.80
CA PRO C 64 -32.94 -40.97 -29.52
C PRO C 64 -33.14 -39.49 -29.40
N ALA C 65 -34.32 -39.09 -28.89
CA ALA C 65 -34.64 -37.69 -28.68
C ALA C 65 -35.83 -37.60 -27.74
N PRO C 66 -35.91 -36.47 -27.08
CA PRO C 66 -37.02 -36.31 -26.15
C PRO C 66 -38.38 -36.43 -26.86
N GLU C 67 -38.38 -36.03 -28.13
CA GLU C 67 -39.60 -36.11 -28.93
C GLU C 67 -40.07 -37.54 -29.11
N ALA C 68 -39.21 -38.51 -28.91
CA ALA C 68 -39.62 -39.88 -29.14
C ALA C 68 -40.16 -40.50 -27.87
N VAL C 69 -40.16 -39.79 -26.77
CA VAL C 69 -40.60 -40.48 -25.58
C VAL C 69 -42.12 -40.61 -25.55
N PRO C 70 -42.68 -41.80 -25.31
CA PRO C 70 -44.12 -41.89 -25.26
C PRO C 70 -44.77 -41.30 -24.02
N GLU C 71 -45.90 -40.58 -24.21
CA GLU C 71 -46.65 -40.01 -23.07
C GLU C 71 -47.01 -41.07 -22.06
N SER C 72 -47.28 -42.28 -22.57
CA SER C 72 -47.65 -43.34 -21.63
C SER C 72 -46.65 -43.53 -20.48
N TRP C 73 -45.36 -43.25 -20.72
CA TRP C 73 -44.33 -43.49 -19.73
C TRP C 73 -44.55 -42.68 -18.49
N LEU C 74 -45.18 -41.49 -18.62
CA LEU C 74 -45.39 -40.72 -17.39
C LEU C 74 -46.28 -41.38 -16.35
N GLU C 75 -47.24 -42.14 -16.80
CA GLU C 75 -48.17 -42.78 -15.89
C GLU C 75 -47.97 -44.27 -15.61
N CYS C 76 -47.31 -44.96 -16.55
CA CYS C 76 -47.09 -46.38 -16.48
C CYS C 76 -45.73 -46.85 -17.00
N ASP C 77 -45.20 -47.88 -16.35
CA ASP C 77 -43.94 -48.47 -16.82
C ASP C 77 -43.99 -48.87 -18.28
N LEU C 78 -42.95 -48.63 -19.08
CA LEU C 78 -42.92 -49.06 -20.49
C LEU C 78 -42.59 -50.54 -20.47
N PRO C 79 -43.39 -51.33 -21.14
CA PRO C 79 -43.06 -52.77 -21.07
C PRO C 79 -41.70 -53.07 -21.63
N GLU C 80 -41.23 -52.27 -22.57
CA GLU C 80 -39.94 -52.54 -23.15
C GLU C 80 -38.79 -52.07 -22.30
N ALA C 81 -39.05 -51.40 -21.22
CA ALA C 81 -37.90 -50.96 -20.50
C ALA C 81 -37.11 -52.11 -19.95
N ASP C 82 -35.88 -51.86 -19.52
CA ASP C 82 -35.15 -52.91 -18.82
C ASP C 82 -34.99 -52.51 -17.33
N THR C 83 -34.59 -53.46 -16.50
CA THR C 83 -34.27 -53.18 -15.09
C THR C 83 -32.75 -52.97 -14.98
N VAL C 84 -32.26 -51.86 -14.45
CA VAL C 84 -30.76 -51.63 -14.41
C VAL C 84 -30.40 -51.04 -13.06
N VAL C 85 -29.17 -51.08 -12.65
CA VAL C 85 -28.82 -50.45 -11.37
C VAL C 85 -28.61 -48.95 -11.61
N VAL C 86 -28.99 -48.20 -10.54
CA VAL C 86 -28.80 -46.75 -10.42
C VAL C 86 -28.11 -46.55 -9.06
N PRO C 87 -27.08 -45.68 -8.97
CA PRO C 87 -26.55 -44.85 -10.06
C PRO C 87 -25.76 -45.62 -11.09
N SER C 88 -25.75 -45.09 -12.31
CA SER C 88 -24.97 -45.65 -13.42
C SER C 88 -24.92 -44.61 -14.55
N ASN C 89 -23.94 -44.80 -15.47
CA ASN C 89 -23.93 -44.00 -16.67
C ASN C 89 -24.46 -44.94 -17.75
N TRP C 90 -25.47 -44.53 -18.50
CA TRP C 90 -26.06 -45.44 -19.48
C TRP C 90 -25.16 -45.97 -20.56
N GLN C 91 -24.07 -45.25 -20.85
CA GLN C 91 -23.07 -45.78 -21.79
C GLN C 91 -22.43 -47.06 -21.20
N MET C 92 -22.27 -47.12 -19.91
CA MET C 92 -21.63 -48.26 -19.32
C MET C 92 -22.53 -49.53 -19.40
N HIS C 93 -23.77 -49.37 -19.73
CA HIS C 93 -24.73 -50.47 -19.84
C HIS C 93 -24.89 -50.78 -21.32
N GLY C 94 -24.24 -50.03 -22.17
CA GLY C 94 -24.28 -50.30 -23.62
C GLY C 94 -25.37 -49.65 -24.43
N TYR C 95 -26.16 -48.76 -23.87
CA TYR C 95 -27.27 -48.17 -24.58
C TYR C 95 -26.83 -47.23 -25.65
N ASP C 96 -25.69 -46.53 -25.47
CA ASP C 96 -25.14 -45.70 -26.52
C ASP C 96 -23.64 -45.60 -26.23
N ALA C 97 -22.86 -44.94 -27.10
CA ALA C 97 -21.43 -44.91 -26.87
C ALA C 97 -20.95 -43.72 -26.06
N PRO C 98 -19.97 -43.99 -25.20
CA PRO C 98 -19.32 -42.90 -24.51
C PRO C 98 -18.38 -42.25 -25.57
N ILE C 99 -18.02 -40.98 -25.44
CA ILE C 99 -17.18 -40.24 -26.41
C ILE C 99 -15.99 -39.66 -25.71
N TYR C 100 -14.79 -39.87 -26.25
CA TYR C 100 -13.63 -39.26 -25.61
C TYR C 100 -13.15 -38.16 -26.49
N THR C 101 -13.44 -36.91 -26.12
CA THR C 101 -12.92 -35.74 -26.91
C THR C 101 -12.29 -34.84 -25.88
N ASN C 102 -11.12 -34.26 -26.16
CA ASN C 102 -10.45 -33.37 -25.22
C ASN C 102 -10.99 -31.94 -25.27
N VAL C 103 -10.59 -31.15 -26.26
CA VAL C 103 -11.04 -29.75 -26.33
C VAL C 103 -12.27 -29.51 -27.16
N THR C 104 -12.28 -30.10 -28.33
CA THR C 104 -13.40 -29.85 -29.22
C THR C 104 -14.68 -30.33 -28.63
N TYR C 105 -15.69 -29.48 -28.72
CA TYR C 105 -16.96 -29.96 -28.13
C TYR C 105 -17.49 -31.18 -28.88
N PRO C 106 -18.16 -32.08 -28.17
CA PRO C 106 -18.74 -33.29 -28.76
C PRO C 106 -20.01 -32.99 -29.55
N ILE C 107 -20.44 -31.74 -29.53
CA ILE C 107 -21.64 -31.38 -30.27
C ILE C 107 -21.26 -30.13 -31.03
N THR C 108 -21.99 -29.85 -32.08
CA THR C 108 -21.73 -28.61 -32.84
C THR C 108 -21.77 -27.34 -31.97
N VAL C 109 -20.85 -26.41 -32.21
CA VAL C 109 -20.83 -25.22 -31.39
C VAL C 109 -21.86 -24.25 -31.89
N ASN C 110 -23.05 -24.19 -31.26
CA ASN C 110 -24.10 -23.25 -31.67
C ASN C 110 -25.00 -22.92 -30.49
N PRO C 111 -24.34 -22.34 -29.51
CA PRO C 111 -24.98 -22.04 -28.26
C PRO C 111 -26.27 -21.28 -28.50
N PRO C 112 -27.32 -21.53 -27.78
CA PRO C 112 -27.39 -22.49 -26.69
C PRO C 112 -28.01 -23.75 -27.17
N PHE C 113 -27.99 -23.92 -28.48
CA PHE C 113 -28.65 -25.09 -29.01
C PHE C 113 -27.87 -26.36 -28.89
N VAL C 114 -28.57 -27.48 -28.91
CA VAL C 114 -27.99 -28.80 -28.90
C VAL C 114 -28.58 -29.64 -30.06
N PRO C 115 -28.00 -30.80 -30.35
CA PRO C 115 -28.51 -31.50 -31.50
C PRO C 115 -29.92 -31.96 -31.35
N THR C 116 -30.56 -32.10 -32.49
CA THR C 116 -31.89 -32.64 -32.40
C THR C 116 -31.92 -34.10 -32.01
N GLU C 117 -30.96 -34.92 -32.41
CA GLU C 117 -30.89 -36.33 -31.96
C GLU C 117 -30.13 -36.22 -30.68
N ASN C 118 -30.83 -36.21 -29.60
CA ASN C 118 -30.22 -35.98 -28.28
C ASN C 118 -30.65 -37.15 -27.40
N PRO C 119 -29.78 -38.09 -27.20
CA PRO C 119 -30.02 -39.32 -26.42
C PRO C 119 -30.69 -39.02 -25.10
N THR C 120 -31.81 -39.64 -24.87
CA THR C 120 -32.69 -39.38 -23.73
C THR C 120 -32.85 -40.66 -22.91
N GLY C 121 -32.52 -40.60 -21.62
CA GLY C 121 -32.61 -41.83 -20.83
C GLY C 121 -33.84 -41.64 -19.91
N CYS C 122 -34.80 -42.54 -20.03
CA CYS C 122 -36.03 -42.49 -19.28
C CYS C 122 -35.94 -43.42 -18.11
N TYR C 123 -35.79 -42.83 -16.94
CA TYR C 123 -35.65 -43.71 -15.76
C TYR C 123 -36.89 -43.65 -14.91
N SER C 124 -37.26 -44.73 -14.25
CA SER C 124 -38.44 -44.63 -13.36
C SER C 124 -38.26 -45.62 -12.17
N LEU C 125 -38.97 -45.44 -11.11
CA LEU C 125 -38.84 -46.29 -9.94
C LEU C 125 -40.20 -46.30 -9.23
N THR C 126 -40.67 -47.49 -8.79
CA THR C 126 -41.89 -47.56 -8.05
C THR C 126 -41.37 -47.85 -6.66
N PHE C 127 -41.77 -47.11 -5.67
CA PHE C 127 -41.19 -47.28 -4.36
C PHE C 127 -42.24 -46.93 -3.34
N ASN C 128 -42.01 -47.41 -2.14
CA ASN C 128 -42.97 -47.16 -1.09
C ASN C 128 -42.69 -45.94 -0.21
N VAL C 129 -43.76 -45.28 0.25
CA VAL C 129 -43.53 -44.20 1.20
C VAL C 129 -44.49 -44.45 2.35
N ASP C 130 -44.02 -44.46 3.58
CA ASP C 130 -44.87 -44.73 4.74
C ASP C 130 -45.67 -43.52 5.09
N GLU C 131 -46.89 -43.72 5.58
CA GLU C 131 -47.76 -42.59 5.92
C GLU C 131 -47.15 -41.60 6.92
N SER C 132 -46.29 -42.14 7.75
CA SER C 132 -45.70 -41.32 8.76
C SER C 132 -44.87 -40.20 8.18
N TRP C 133 -44.35 -40.38 6.97
CA TRP C 133 -43.53 -39.31 6.35
C TRP C 133 -44.41 -38.21 5.77
N LEU C 134 -45.69 -38.60 5.54
CA LEU C 134 -46.63 -37.71 4.90
C LEU C 134 -47.66 -37.06 5.87
N GLN C 135 -47.76 -37.58 7.06
CA GLN C 135 -48.71 -36.94 7.95
C GLN C 135 -48.17 -35.59 8.43
N GLU C 136 -46.84 -35.37 8.48
CA GLU C 136 -46.26 -34.14 9.00
C GLU C 136 -44.94 -33.90 8.29
N GLY C 137 -44.52 -32.63 8.20
CA GLY C 137 -43.19 -32.56 7.58
C GLY C 137 -43.12 -32.50 6.08
N GLN C 138 -41.86 -32.50 5.63
CA GLN C 138 -41.58 -32.35 4.24
C GLN C 138 -40.74 -33.50 3.79
N THR C 139 -41.15 -34.00 2.64
CA THR C 139 -40.42 -35.09 2.00
C THR C 139 -39.83 -34.60 0.71
N ARG C 140 -38.50 -34.57 0.66
CA ARG C 140 -37.83 -34.12 -0.57
C ARG C 140 -37.04 -35.23 -1.21
N ILE C 141 -36.82 -35.12 -2.53
CA ILE C 141 -35.98 -36.10 -3.25
C ILE C 141 -34.64 -35.40 -3.57
N ILE C 142 -33.53 -36.10 -3.49
CA ILE C 142 -32.25 -35.49 -3.77
C ILE C 142 -31.56 -36.32 -4.85
N PHE C 143 -31.23 -35.75 -6.02
CA PHE C 143 -30.44 -36.44 -7.07
C PHE C 143 -29.04 -35.83 -6.99
N ASP C 144 -28.05 -36.55 -6.46
CA ASP C 144 -26.74 -35.98 -6.29
C ASP C 144 -26.00 -35.74 -7.59
N GLY C 145 -26.38 -36.45 -8.64
CA GLY C 145 -25.67 -36.24 -9.89
C GLY C 145 -26.49 -36.75 -11.08
N VAL C 146 -26.89 -35.83 -11.96
CA VAL C 146 -27.66 -36.29 -13.15
C VAL C 146 -27.02 -35.56 -14.36
N ASN C 147 -26.55 -36.32 -15.38
CA ASN C 147 -25.80 -35.73 -16.47
C ASN C 147 -26.59 -35.81 -17.77
N SER C 148 -26.98 -34.70 -18.45
CA SER C 148 -26.62 -33.33 -18.04
C SER C 148 -27.77 -32.46 -17.59
N ALA C 149 -28.98 -32.88 -17.86
CA ALA C 149 -30.13 -32.08 -17.41
C ALA C 149 -31.32 -33.05 -17.32
N PHE C 150 -32.35 -32.69 -16.58
CA PHE C 150 -33.50 -33.65 -16.60
C PHE C 150 -34.82 -32.99 -16.11
N HIS C 151 -35.94 -33.64 -16.47
CA HIS C 151 -37.23 -33.22 -15.91
C HIS C 151 -37.64 -34.37 -14.98
N LEU C 152 -38.39 -34.05 -13.92
CA LEU C 152 -38.85 -35.06 -12.98
C LEU C 152 -40.36 -34.96 -12.84
N TRP C 153 -40.98 -36.11 -12.80
CA TRP C 153 -42.41 -36.24 -12.58
C TRP C 153 -42.57 -37.23 -11.40
N CYS C 154 -43.70 -37.10 -10.62
CA CYS C 154 -43.94 -37.99 -9.50
C CYS C 154 -45.44 -38.25 -9.61
N ASN C 155 -45.69 -39.54 -9.69
CA ASN C 155 -47.03 -40.08 -9.88
C ASN C 155 -47.73 -39.39 -11.05
N GLY C 156 -46.99 -39.18 -12.15
CA GLY C 156 -47.58 -38.58 -13.35
C GLY C 156 -47.63 -37.08 -13.36
N ARG C 157 -47.34 -36.44 -12.23
CA ARG C 157 -47.42 -34.99 -12.24
C ARG C 157 -46.03 -34.37 -12.33
N TRP C 158 -45.84 -33.32 -13.11
CA TRP C 158 -44.52 -32.69 -13.28
C TRP C 158 -44.15 -31.96 -12.04
N VAL C 159 -42.91 -32.15 -11.59
CA VAL C 159 -42.39 -31.56 -10.36
C VAL C 159 -41.36 -30.51 -10.67
N GLY C 160 -40.36 -30.80 -11.55
CA GLY C 160 -39.39 -29.72 -11.79
C GLY C 160 -38.31 -30.15 -12.77
N TYR C 161 -37.20 -29.35 -12.85
CA TYR C 161 -36.13 -29.57 -13.84
C TYR C 161 -34.80 -29.11 -13.26
N GLY C 162 -33.72 -29.69 -13.77
CA GLY C 162 -32.44 -29.23 -13.23
C GLY C 162 -31.28 -29.43 -14.18
N GLN C 163 -30.22 -28.60 -14.01
CA GLN C 163 -29.00 -28.72 -14.74
C GLN C 163 -27.87 -28.69 -13.71
N ASP C 164 -26.65 -28.77 -14.23
CA ASP C 164 -25.33 -28.89 -13.51
C ASP C 164 -25.18 -30.30 -13.08
N SER C 165 -24.43 -31.02 -13.93
CA SER C 165 -24.32 -32.45 -13.70
C SER C 165 -23.56 -32.85 -12.43
N ARG C 166 -22.91 -31.94 -11.69
CA ARG C 166 -22.02 -32.31 -10.58
C ARG C 166 -22.41 -31.77 -9.22
N LEU C 167 -23.64 -31.31 -9.11
CA LEU C 167 -24.16 -30.83 -7.81
C LEU C 167 -25.56 -31.43 -7.65
N PRO C 168 -25.94 -31.61 -6.39
CA PRO C 168 -27.28 -32.22 -6.10
C PRO C 168 -28.41 -31.28 -6.47
N SER C 169 -29.50 -31.86 -7.06
CA SER C 169 -30.75 -31.10 -7.39
C SER C 169 -31.81 -31.68 -6.45
N GLU C 170 -32.44 -30.83 -5.65
CA GLU C 170 -33.41 -31.34 -4.64
C GLU C 170 -34.84 -30.80 -4.92
N PHE C 171 -35.87 -31.66 -4.78
CA PHE C 171 -37.25 -31.15 -5.03
C PHE C 171 -38.15 -31.55 -3.89
N ASP C 172 -39.09 -30.66 -3.51
CA ASP C 172 -40.00 -31.05 -2.43
C ASP C 172 -41.08 -31.99 -3.03
N LEU C 173 -41.18 -33.20 -2.54
CA LEU C 173 -42.23 -34.03 -3.13
C LEU C 173 -43.46 -34.18 -2.24
N SER C 174 -43.51 -33.37 -1.18
CA SER C 174 -44.57 -33.46 -0.22
C SER C 174 -45.99 -33.55 -0.75
N ALA C 175 -46.29 -32.68 -1.69
CA ALA C 175 -47.67 -32.60 -2.17
C ALA C 175 -47.91 -33.57 -3.28
N PHE C 176 -46.91 -34.38 -3.62
CA PHE C 176 -47.04 -35.30 -4.77
C PHE C 176 -47.10 -36.76 -4.36
N LEU C 177 -46.76 -37.10 -3.12
CA LEU C 177 -46.70 -38.53 -2.84
C LEU C 177 -47.91 -38.97 -2.07
N ARG C 178 -48.12 -40.29 -1.93
CA ARG C 178 -49.22 -40.84 -1.18
C ARG C 178 -48.73 -42.05 -0.48
N ALA C 179 -49.39 -42.43 0.58
CA ALA C 179 -48.88 -43.56 1.33
C ALA C 179 -48.86 -44.80 0.45
N GLY C 180 -47.83 -45.59 0.64
CA GLY C 180 -47.77 -46.80 -0.17
C GLY C 180 -46.95 -46.57 -1.42
N GLU C 181 -47.34 -47.26 -2.48
CA GLU C 181 -46.60 -47.17 -3.71
C GLU C 181 -46.75 -45.87 -4.45
N ASN C 182 -45.61 -45.43 -4.98
CA ASN C 182 -45.52 -44.21 -5.74
C ASN C 182 -44.53 -44.50 -6.90
N ARG C 183 -44.63 -43.70 -7.99
CA ARG C 183 -43.70 -43.88 -9.13
C ARG C 183 -43.11 -42.55 -9.55
N LEU C 184 -41.77 -42.53 -9.70
CA LEU C 184 -41.01 -41.37 -10.16
C LEU C 184 -40.76 -41.59 -11.66
N ALA C 185 -40.63 -40.53 -12.43
CA ALA C 185 -40.24 -40.67 -13.84
C ALA C 185 -39.23 -39.55 -14.07
N VAL C 186 -38.01 -39.88 -14.57
CA VAL C 186 -36.99 -38.87 -14.76
C VAL C 186 -36.55 -38.97 -16.22
N MET C 187 -36.71 -37.85 -16.91
CA MET C 187 -36.32 -37.86 -18.31
C MET C 187 -34.97 -37.17 -18.36
N VAL C 188 -33.90 -37.88 -18.72
CA VAL C 188 -32.55 -37.30 -18.63
C VAL C 188 -32.00 -37.02 -19.99
N LEU C 189 -31.62 -35.77 -20.26
CA LEU C 189 -31.11 -35.42 -21.57
C LEU C 189 -29.60 -35.52 -21.56
N ARG C 190 -29.06 -36.13 -22.60
CA ARG C 190 -27.60 -36.23 -22.68
C ARG C 190 -27.02 -34.82 -22.90
N TRP C 191 -27.58 -34.03 -23.81
CA TRP C 191 -27.01 -32.75 -24.13
C TRP C 191 -27.96 -31.65 -23.75
N SER C 192 -27.37 -30.56 -23.28
CA SER C 192 -28.22 -29.41 -22.92
C SER C 192 -27.41 -28.13 -22.95
N ASP C 193 -28.02 -26.96 -22.69
CA ASP C 193 -27.16 -25.76 -22.73
C ASP C 193 -26.12 -25.86 -21.60
N GLY C 194 -26.38 -26.70 -20.57
CA GLY C 194 -25.38 -26.89 -19.52
C GLY C 194 -24.14 -27.56 -20.12
N SER C 195 -24.30 -28.32 -21.26
CA SER C 195 -23.14 -28.99 -21.89
C SER C 195 -22.08 -27.97 -22.34
N TYR C 196 -22.56 -26.77 -22.59
CA TYR C 196 -21.63 -25.74 -22.99
C TYR C 196 -20.61 -25.40 -21.91
N LEU C 197 -21.04 -25.64 -20.67
CA LEU C 197 -20.21 -25.39 -19.46
C LEU C 197 -19.56 -26.64 -18.94
N GLU C 198 -19.70 -27.75 -19.69
CA GLU C 198 -19.14 -29.06 -19.28
C GLU C 198 -18.20 -29.67 -20.34
N ASP C 199 -17.22 -28.89 -20.77
CA ASP C 199 -16.29 -29.35 -21.78
C ASP C 199 -15.00 -29.92 -21.22
N GLN C 200 -15.04 -30.54 -20.04
CA GLN C 200 -13.77 -31.08 -19.51
C GLN C 200 -13.22 -32.22 -20.39
N ASP C 201 -11.88 -32.34 -20.40
CA ASP C 201 -11.15 -33.38 -21.13
C ASP C 201 -11.31 -34.71 -20.39
N MET C 202 -12.42 -35.39 -20.71
CA MET C 202 -12.75 -36.70 -20.07
C MET C 202 -13.80 -37.36 -20.95
N TRP C 203 -14.12 -38.62 -20.67
CA TRP C 203 -15.21 -39.26 -21.42
C TRP C 203 -16.54 -38.50 -21.21
N ARG C 204 -17.29 -38.36 -22.30
CA ARG C 204 -18.58 -37.71 -22.26
C ARG C 204 -19.64 -38.78 -22.11
N MET C 205 -20.33 -38.80 -20.96
CA MET C 205 -21.33 -39.82 -20.69
C MET C 205 -22.61 -39.09 -20.19
N SER C 206 -23.54 -39.87 -19.68
CA SER C 206 -24.77 -39.21 -19.17
C SER C 206 -25.53 -40.21 -18.29
N GLY C 207 -26.52 -39.73 -17.54
CA GLY C 207 -27.25 -40.65 -16.70
C GLY C 207 -27.42 -40.19 -15.28
N ILE C 208 -28.05 -41.02 -14.50
CA ILE C 208 -28.25 -40.74 -13.05
C ILE C 208 -27.14 -41.49 -12.40
N PHE C 209 -26.01 -40.75 -12.32
CA PHE C 209 -24.71 -41.32 -11.92
C PHE C 209 -24.20 -41.15 -10.52
N ARG C 210 -24.90 -40.43 -9.67
CA ARG C 210 -24.62 -40.27 -8.23
C ARG C 210 -25.92 -40.65 -7.50
N ASP C 211 -25.84 -40.78 -6.18
CA ASP C 211 -26.95 -41.27 -5.37
C ASP C 211 -28.25 -40.55 -5.51
N VAL C 212 -29.31 -41.26 -5.23
CA VAL C 212 -30.66 -40.68 -5.19
C VAL C 212 -31.15 -41.06 -3.82
N SER C 213 -31.73 -40.05 -3.15
CA SER C 213 -32.21 -40.34 -1.78
C SER C 213 -33.46 -39.57 -1.47
N LEU C 214 -34.06 -39.88 -0.35
CA LEU C 214 -35.26 -39.19 0.01
C LEU C 214 -34.99 -38.73 1.40
N LEU C 215 -35.28 -37.46 1.71
CA LEU C 215 -35.03 -36.90 3.05
C LEU C 215 -36.29 -36.33 3.62
N HIS C 216 -36.53 -36.70 4.84
CA HIS C 216 -37.73 -36.15 5.55
C HIS C 216 -37.27 -35.07 6.52
N LYS C 217 -37.82 -33.86 6.46
CA LYS C 217 -37.41 -32.85 7.43
C LYS C 217 -38.69 -32.35 8.11
N PRO C 218 -38.63 -31.87 9.34
CA PRO C 218 -39.89 -31.37 9.95
C PRO C 218 -40.22 -30.04 9.25
N THR C 219 -41.47 -29.56 9.40
CA THR C 219 -41.84 -28.30 8.78
C THR C 219 -40.99 -27.20 9.39
N THR C 220 -40.77 -27.25 10.71
CA THR C 220 -39.88 -26.25 11.29
C THR C 220 -38.51 -26.94 11.28
N GLN C 221 -37.54 -26.36 10.60
CA GLN C 221 -36.30 -27.07 10.43
C GLN C 221 -35.09 -26.19 10.24
N ILE C 222 -33.95 -26.90 10.41
CA ILE C 222 -32.67 -26.24 10.17
C ILE C 222 -32.54 -26.22 8.63
N SER C 223 -32.48 -25.02 8.04
CA SER C 223 -32.36 -25.01 6.59
C SER C 223 -30.96 -24.73 6.06
N ASP C 224 -30.06 -24.27 6.93
CA ASP C 224 -28.69 -24.02 6.54
C ASP C 224 -27.93 -23.80 7.82
N PHE C 225 -26.60 -24.01 7.79
CA PHE C 225 -25.71 -23.76 8.94
C PHE C 225 -24.28 -23.62 8.40
N HIS C 226 -23.53 -22.62 8.90
CA HIS C 226 -22.17 -22.37 8.47
C HIS C 226 -21.32 -22.39 9.75
N VAL C 227 -20.20 -23.09 9.63
CA VAL C 227 -19.31 -23.17 10.78
C VAL C 227 -18.01 -22.47 10.44
N ALA C 228 -17.56 -21.58 11.34
CA ALA C 228 -16.25 -20.93 11.10
C ALA C 228 -15.34 -21.13 12.29
N THR C 229 -14.00 -21.14 12.13
CA THR C 229 -13.21 -21.22 13.36
C THR C 229 -12.17 -20.14 13.25
N ARG C 230 -12.01 -19.29 14.24
CA ARG C 230 -11.04 -18.18 14.23
C ARG C 230 -10.10 -18.28 15.43
N PHE C 231 -8.87 -17.83 15.22
CA PHE C 231 -7.88 -18.08 16.23
C PHE C 231 -7.17 -16.82 16.69
N ASN C 232 -6.47 -16.99 17.84
CA ASN C 232 -5.56 -15.90 18.34
C ASN C 232 -4.24 -16.13 17.61
N ASP C 233 -3.32 -15.29 17.94
CA ASP C 233 -2.10 -15.28 17.22
C ASP C 233 -1.25 -16.53 17.27
N ASP C 234 -1.29 -17.34 18.31
CA ASP C 234 -0.43 -18.51 18.25
C ASP C 234 -1.28 -19.73 18.18
N PHE C 235 -2.59 -19.57 17.88
CA PHE C 235 -3.41 -20.78 17.72
C PHE C 235 -3.65 -21.52 19.01
N SER C 236 -3.48 -20.89 20.15
CA SER C 236 -3.71 -21.53 21.44
C SER C 236 -5.17 -21.31 21.90
N ARG C 237 -5.92 -20.43 21.22
CA ARG C 237 -7.34 -20.20 21.52
C ARG C 237 -8.08 -20.04 20.21
N ALA C 238 -9.29 -20.57 20.13
CA ALA C 238 -10.10 -20.38 18.94
C ALA C 238 -11.51 -20.07 19.41
N VAL C 239 -12.28 -19.56 18.51
CA VAL C 239 -13.72 -19.32 18.77
C VAL C 239 -14.38 -20.03 17.62
N LEU C 240 -15.28 -20.95 17.88
CA LEU C 240 -16.06 -21.59 16.85
C LEU C 240 -17.38 -20.76 16.75
N GLU C 241 -17.77 -20.37 15.50
CA GLU C 241 -18.95 -19.58 15.25
C GLU C 241 -19.83 -20.33 14.28
N ALA C 242 -21.06 -20.59 14.74
CA ALA C 242 -21.96 -21.36 13.92
C ALA C 242 -23.19 -20.52 13.66
N GLU C 243 -23.40 -20.13 12.40
CA GLU C 243 -24.60 -19.39 12.10
C GLU C 243 -25.61 -20.45 11.63
N VAL C 244 -26.82 -20.39 12.21
CA VAL C 244 -27.89 -21.34 11.90
C VAL C 244 -29.12 -20.65 11.37
N GLN C 245 -29.70 -21.21 10.29
CA GLN C 245 -30.90 -20.67 9.71
C GLN C 245 -32.06 -21.63 9.80
N MET C 246 -33.27 -21.12 9.98
CA MET C 246 -34.41 -22.02 9.99
C MET C 246 -35.45 -21.60 9.02
N CYS C 247 -36.26 -22.56 8.69
CA CYS C 247 -37.47 -22.36 7.88
C CYS C 247 -38.62 -22.89 8.73
N GLY C 248 -39.82 -22.41 8.45
CA GLY C 248 -40.96 -22.89 9.26
C GLY C 248 -41.45 -21.78 10.20
N GLU C 249 -42.38 -22.04 11.09
CA GLU C 249 -42.89 -20.92 11.89
C GLU C 249 -42.05 -20.46 13.08
N LEU C 250 -41.71 -19.19 13.10
CA LEU C 250 -40.93 -18.69 14.22
C LEU C 250 -41.73 -18.69 15.50
N ARG C 251 -41.17 -19.14 16.58
CA ARG C 251 -41.90 -19.15 17.84
C ARG C 251 -40.89 -18.87 18.93
N ASP C 252 -41.31 -18.10 19.96
CA ASP C 252 -40.39 -17.73 21.00
C ASP C 252 -39.82 -18.89 21.72
N TYR C 253 -40.55 -19.97 21.71
CA TYR C 253 -39.99 -21.10 22.46
C TYR C 253 -38.93 -21.94 21.68
N LEU C 254 -38.68 -21.62 20.43
CA LEU C 254 -37.67 -22.41 19.72
C LEU C 254 -36.29 -22.01 20.17
N ARG C 255 -35.41 -23.00 20.08
CA ARG C 255 -34.02 -22.81 20.44
C ARG C 255 -33.09 -23.60 19.53
N VAL C 256 -31.85 -23.13 19.45
CA VAL C 256 -30.80 -23.86 18.76
C VAL C 256 -29.70 -24.12 19.78
N THR C 257 -29.28 -25.34 19.87
CA THR C 257 -28.15 -25.65 20.70
C THR C 257 -27.00 -26.12 19.77
N VAL C 258 -25.82 -25.54 19.88
CA VAL C 258 -24.70 -26.08 19.11
C VAL C 258 -23.70 -26.60 20.16
N SER C 259 -23.33 -27.90 20.05
CA SER C 259 -22.40 -28.53 20.98
C SER C 259 -21.18 -28.97 20.19
N LEU C 260 -20.00 -28.95 20.80
CA LEU C 260 -18.79 -29.36 20.10
C LEU C 260 -18.19 -30.50 20.89
N TRP C 261 -17.79 -31.58 20.22
CA TRP C 261 -17.21 -32.75 20.89
C TRP C 261 -15.91 -33.16 20.32
N GLN C 262 -15.02 -33.66 21.18
CA GLN C 262 -13.72 -34.16 20.68
C GLN C 262 -13.83 -35.60 21.07
N GLY C 263 -14.10 -36.43 20.11
CA GLY C 263 -14.33 -37.80 20.52
C GLY C 263 -15.61 -37.87 21.36
N GLU C 264 -15.46 -38.52 22.49
CA GLU C 264 -16.58 -38.69 23.40
C GLU C 264 -16.67 -37.63 24.46
N THR C 265 -15.80 -36.66 24.41
CA THR C 265 -15.82 -35.55 25.35
C THR C 265 -16.45 -34.29 24.80
N GLN C 266 -17.38 -33.72 25.57
CA GLN C 266 -18.00 -32.51 25.16
C GLN C 266 -17.11 -31.40 25.55
N VAL C 267 -16.72 -30.59 24.58
CA VAL C 267 -15.80 -29.49 24.77
C VAL C 267 -16.53 -28.21 25.07
N ALA C 268 -17.67 -27.99 24.42
CA ALA C 268 -18.36 -26.74 24.70
C ALA C 268 -19.82 -26.87 24.18
N SER C 269 -20.66 -25.99 24.65
CA SER C 269 -22.02 -26.07 24.14
C SER C 269 -22.62 -24.73 24.38
N GLY C 270 -23.56 -24.28 23.55
CA GLY C 270 -24.21 -22.99 23.69
C GLY C 270 -25.63 -23.05 23.14
N THR C 271 -26.58 -22.37 23.74
CA THR C 271 -27.97 -22.39 23.31
C THR C 271 -28.46 -20.99 23.18
N ALA C 272 -29.31 -20.76 22.20
CA ALA C 272 -29.87 -19.42 22.00
C ALA C 272 -31.19 -19.51 21.22
N PRO C 273 -32.05 -18.53 21.46
CA PRO C 273 -33.32 -18.47 20.72
C PRO C 273 -33.02 -17.84 19.35
N PHE C 274 -33.92 -17.96 18.36
CA PHE C 274 -33.62 -17.30 17.10
C PHE C 274 -33.70 -15.78 17.21
N GLY C 275 -33.00 -15.09 16.31
CA GLY C 275 -33.00 -13.64 16.32
C GLY C 275 -31.57 -13.16 16.18
N GLY C 276 -31.17 -12.76 14.96
CA GLY C 276 -29.78 -12.28 14.80
C GLY C 276 -29.58 -10.78 15.13
N GLU C 277 -28.30 -10.34 15.21
CA GLU C 277 -28.06 -8.95 15.48
C GLU C 277 -28.56 -8.04 14.31
N ILE C 278 -28.77 -6.74 14.56
CA ILE C 278 -29.21 -5.78 13.55
C ILE C 278 -28.17 -5.79 12.39
N ILE C 279 -28.64 -5.83 11.18
CA ILE C 279 -27.77 -5.87 10.00
C ILE C 279 -27.88 -4.50 9.32
N ASP C 280 -29.10 -3.92 9.23
CA ASP C 280 -29.21 -2.61 8.52
C ASP C 280 -30.43 -1.88 9.04
N GLU C 281 -30.86 -0.83 8.33
CA GLU C 281 -32.00 -0.01 8.74
C GLU C 281 -33.29 -0.78 8.96
N ARG C 282 -33.39 -1.96 8.36
CA ARG C 282 -34.65 -2.74 8.51
C ARG C 282 -34.63 -3.77 9.62
N GLY C 283 -33.48 -3.86 10.26
CA GLY C 283 -33.39 -4.86 11.34
C GLY C 283 -32.36 -5.94 11.05
N GLY C 284 -32.66 -7.15 11.55
CA GLY C 284 -31.73 -8.28 11.44
C GLY C 284 -32.49 -9.49 10.89
N TYR C 285 -31.90 -10.68 10.90
CA TYR C 285 -32.59 -11.88 10.46
C TYR C 285 -33.18 -12.53 11.69
N ALA C 286 -34.50 -12.48 11.77
CA ALA C 286 -35.24 -13.05 12.93
C ALA C 286 -35.23 -14.60 12.84
N ASP C 287 -34.95 -15.11 11.62
CA ASP C 287 -34.87 -16.53 11.30
C ASP C 287 -33.47 -17.09 11.39
N ARG C 288 -32.52 -16.38 11.98
CA ARG C 288 -31.18 -16.95 12.13
C ARG C 288 -30.66 -16.69 13.55
N VAL C 289 -29.66 -17.43 13.91
CA VAL C 289 -28.99 -17.23 15.21
C VAL C 289 -27.54 -17.65 14.97
N THR C 290 -26.61 -16.98 15.62
CA THR C 290 -25.19 -17.32 15.59
C THR C 290 -24.71 -17.71 17.04
N LEU C 291 -24.24 -18.93 17.20
CA LEU C 291 -23.71 -19.42 18.48
C LEU C 291 -22.17 -19.26 18.39
N ARG C 292 -21.52 -18.83 19.48
CA ARG C 292 -20.07 -18.64 19.51
C ARG C 292 -19.52 -19.47 20.68
N LEU C 293 -18.63 -20.38 20.41
CA LEU C 293 -18.11 -21.28 21.43
C LEU C 293 -16.60 -21.11 21.52
N ASN C 294 -16.10 -20.91 22.75
CA ASN C 294 -14.66 -20.76 23.00
C ASN C 294 -14.04 -22.11 23.16
N VAL C 295 -12.86 -22.23 22.50
CA VAL C 295 -12.11 -23.48 22.57
C VAL C 295 -10.67 -23.17 22.94
N GLU C 296 -10.24 -23.66 24.09
CA GLU C 296 -8.90 -23.39 24.55
C GLU C 296 -8.02 -24.52 24.07
N ASN C 297 -6.82 -24.16 23.61
CA ASN C 297 -5.87 -25.18 23.10
C ASN C 297 -6.50 -26.14 22.14
N PRO C 298 -7.20 -25.72 21.14
CA PRO C 298 -7.75 -26.69 20.19
C PRO C 298 -6.68 -27.55 19.50
N LYS C 299 -7.06 -28.82 19.25
CA LYS C 299 -6.25 -29.70 18.50
C LYS C 299 -6.49 -29.29 17.04
N LEU C 300 -5.48 -28.76 16.37
CA LEU C 300 -5.65 -28.20 15.01
C LEU C 300 -5.70 -29.25 13.89
N TRP C 301 -6.43 -28.98 12.81
CA TRP C 301 -6.50 -29.91 11.70
C TRP C 301 -5.41 -29.56 10.66
N SER C 302 -4.90 -30.64 10.06
CA SER C 302 -3.91 -30.55 8.98
C SER C 302 -3.88 -31.86 8.23
N ALA C 303 -3.25 -31.90 7.06
CA ALA C 303 -3.18 -33.18 6.38
C ALA C 303 -2.22 -34.08 7.17
N GLU C 304 -1.34 -33.48 7.96
CA GLU C 304 -0.34 -34.22 8.75
C GLU C 304 -1.03 -34.89 9.90
N ILE C 305 -1.92 -34.19 10.57
CA ILE C 305 -2.69 -34.76 11.65
C ILE C 305 -4.10 -34.18 11.56
N PRO C 306 -4.97 -34.95 10.92
CA PRO C 306 -6.32 -34.53 10.65
C PRO C 306 -7.22 -34.56 11.89
N ASN C 307 -6.86 -33.84 12.91
CA ASN C 307 -7.67 -33.83 14.11
C ASN C 307 -9.04 -33.24 13.84
N LEU C 308 -10.08 -33.96 14.30
CA LEU C 308 -11.46 -33.49 14.07
C LEU C 308 -12.30 -33.44 15.33
N TYR C 309 -13.16 -32.44 15.33
CA TYR C 309 -14.15 -32.35 16.38
C TYR C 309 -15.48 -32.62 15.57
N ARG C 310 -16.62 -32.72 16.32
CA ARG C 310 -17.98 -32.89 15.77
C ARG C 310 -18.84 -31.76 16.30
N ALA C 311 -19.44 -30.96 15.40
CA ALA C 311 -20.42 -29.93 15.79
C ALA C 311 -21.80 -30.56 15.61
N VAL C 312 -22.65 -30.49 16.59
CA VAL C 312 -23.99 -31.08 16.49
C VAL C 312 -24.89 -29.89 16.68
N VAL C 313 -25.78 -29.70 15.68
CA VAL C 313 -26.68 -28.55 15.71
C VAL C 313 -28.08 -29.06 16.00
N GLU C 314 -28.61 -28.72 17.16
CA GLU C 314 -29.95 -29.15 17.54
C GLU C 314 -30.97 -28.05 17.51
N LEU C 315 -32.11 -28.35 16.85
CA LEU C 315 -33.25 -27.44 16.77
C LEU C 315 -34.22 -28.00 17.78
N HIS C 316 -34.61 -27.23 18.79
CA HIS C 316 -35.51 -27.85 19.77
C HIS C 316 -36.37 -26.78 20.45
N THR C 317 -37.21 -27.23 21.39
CA THR C 317 -38.02 -26.25 22.16
C THR C 317 -37.38 -26.06 23.51
N ALA C 318 -37.79 -24.95 24.09
CA ALA C 318 -37.23 -24.57 25.36
C ALA C 318 -37.46 -25.63 26.41
N ASP C 319 -38.61 -26.30 26.31
CA ASP C 319 -38.88 -27.28 27.34
C ASP C 319 -38.07 -28.54 27.13
N GLY C 320 -37.31 -28.60 26.03
CA GLY C 320 -36.47 -29.80 25.89
C GLY C 320 -36.88 -30.80 24.83
N THR C 321 -37.85 -30.50 24.01
CA THR C 321 -38.12 -31.53 23.01
C THR C 321 -37.27 -31.30 21.76
N LEU C 322 -36.61 -32.38 21.33
CA LEU C 322 -35.85 -32.23 20.10
C LEU C 322 -36.77 -32.21 18.91
N ILE C 323 -36.53 -31.25 17.99
CA ILE C 323 -37.24 -31.17 16.71
C ILE C 323 -36.39 -31.94 15.66
N GLU C 324 -35.11 -31.58 15.52
CA GLU C 324 -34.20 -32.37 14.68
C GLU C 324 -32.81 -31.88 14.98
N ALA C 325 -31.86 -32.63 14.44
CA ALA C 325 -30.45 -32.31 14.56
C ALA C 325 -29.72 -32.54 13.25
N GLU C 326 -28.73 -31.69 12.99
CA GLU C 326 -27.86 -31.80 11.84
C GLU C 326 -26.45 -31.75 12.46
N ALA C 327 -25.41 -31.96 11.69
CA ALA C 327 -24.09 -31.91 12.34
C ALA C 327 -22.99 -32.02 11.29
N CYS C 328 -21.74 -31.75 11.68
CA CYS C 328 -20.66 -31.95 10.74
C CYS C 328 -19.34 -32.17 11.46
N ASP C 329 -18.30 -32.63 10.71
CA ASP C 329 -16.97 -32.81 11.31
C ASP C 329 -16.35 -31.44 11.23
N VAL C 330 -15.61 -31.01 12.26
CA VAL C 330 -15.05 -29.66 12.22
C VAL C 330 -13.55 -29.83 12.40
N GLY C 331 -12.81 -29.15 11.49
CA GLY C 331 -11.37 -29.20 11.61
C GLY C 331 -10.91 -27.77 11.93
N PHE C 332 -10.22 -27.59 13.08
CA PHE C 332 -9.81 -26.25 13.43
C PHE C 332 -8.59 -25.89 12.58
N ARG C 333 -8.68 -25.01 11.60
CA ARG C 333 -7.49 -24.60 10.88
C ARG C 333 -7.84 -23.30 10.22
N GLU C 334 -6.76 -22.55 10.00
CA GLU C 334 -6.89 -21.24 9.35
C GLU C 334 -6.11 -21.31 8.06
N VAL C 335 -6.66 -20.72 6.99
CA VAL C 335 -5.95 -20.70 5.73
C VAL C 335 -5.82 -19.22 5.35
N ARG C 336 -4.62 -18.77 5.02
CA ARG C 336 -4.55 -17.36 4.64
C ARG C 336 -3.28 -17.13 3.80
N ILE C 337 -3.23 -16.08 3.01
CA ILE C 337 -2.06 -15.74 2.21
C ILE C 337 -1.57 -14.50 2.84
N GLU C 338 -0.31 -14.57 3.20
CA GLU C 338 0.31 -13.45 3.85
C GLU C 338 1.72 -13.23 3.31
N ASN C 339 1.96 -12.00 2.88
CA ASN C 339 3.31 -11.71 2.41
C ASN C 339 3.77 -12.63 1.28
N GLY C 340 2.80 -13.04 0.49
CA GLY C 340 3.08 -13.83 -0.71
C GLY C 340 3.13 -15.30 -0.51
N LEU C 341 2.77 -15.75 0.70
CA LEU C 341 2.83 -17.16 0.96
C LEU C 341 1.49 -17.70 1.46
N LEU C 342 1.11 -18.90 1.02
CA LEU C 342 -0.12 -19.55 1.48
C LEU C 342 0.24 -20.28 2.78
N LEU C 343 -0.45 -19.88 3.88
CA LEU C 343 -0.21 -20.42 5.20
C LEU C 343 -1.40 -21.23 5.70
N LEU C 344 -1.04 -22.30 6.40
CA LEU C 344 -2.07 -23.14 7.01
C LEU C 344 -1.69 -23.14 8.47
N ASN C 345 -2.56 -22.69 9.35
CA ASN C 345 -2.15 -22.61 10.73
C ASN C 345 -0.89 -21.80 10.93
N GLY C 346 -0.75 -20.77 10.13
CA GLY C 346 0.40 -19.89 10.25
C GLY C 346 1.66 -20.42 9.62
N LYS C 347 1.71 -21.58 9.00
CA LYS C 347 2.96 -22.10 8.43
C LYS C 347 2.79 -22.31 6.95
N PRO C 348 3.86 -22.12 6.21
CA PRO C 348 3.73 -22.19 4.79
C PRO C 348 3.62 -23.59 4.20
N LEU C 349 2.56 -23.78 3.43
CA LEU C 349 2.38 -25.11 2.81
C LEU C 349 3.36 -25.37 1.65
N LEU C 350 3.55 -26.66 1.38
CA LEU C 350 4.32 -27.24 0.29
C LEU C 350 3.36 -28.30 -0.24
N ILE C 351 2.63 -27.92 -1.26
CA ILE C 351 1.58 -28.77 -1.78
C ILE C 351 2.12 -29.95 -2.61
N ARG C 352 1.96 -31.17 -2.15
CA ARG C 352 2.38 -32.33 -2.90
C ARG C 352 1.02 -32.87 -3.39
N GLY C 353 0.56 -32.17 -4.49
CA GLY C 353 -0.79 -32.47 -4.98
C GLY C 353 -0.96 -33.31 -6.26
N VAL C 354 -2.22 -33.73 -6.50
CA VAL C 354 -2.51 -34.44 -7.72
C VAL C 354 -3.93 -34.03 -8.11
N ASN C 355 -4.19 -33.91 -9.43
CA ASN C 355 -5.56 -33.69 -9.95
C ASN C 355 -6.17 -35.10 -9.98
N ARG C 356 -7.43 -35.21 -9.66
CA ARG C 356 -8.06 -36.56 -9.70
C ARG C 356 -9.47 -36.46 -10.25
N HIS C 357 -9.69 -37.12 -11.38
CA HIS C 357 -11.04 -37.10 -11.88
C HIS C 357 -11.79 -38.28 -11.22
N GLU C 358 -13.16 -38.33 -11.33
CA GLU C 358 -13.99 -39.47 -10.83
C GLU C 358 -14.12 -40.46 -11.97
N HIS C 359 -13.32 -41.54 -11.99
CA HIS C 359 -13.37 -42.44 -13.15
C HIS C 359 -13.15 -43.84 -12.67
N HIS C 360 -13.91 -44.77 -13.19
CA HIS C 360 -13.79 -46.23 -12.79
C HIS C 360 -13.83 -47.00 -14.11
N PRO C 361 -12.91 -47.90 -14.38
CA PRO C 361 -12.90 -48.59 -15.67
C PRO C 361 -14.15 -49.39 -16.04
N LEU C 362 -14.91 -49.80 -15.07
CA LEU C 362 -16.14 -50.54 -15.37
C LEU C 362 -17.38 -49.69 -15.12
N HIS C 363 -17.35 -48.87 -14.06
CA HIS C 363 -18.55 -48.09 -13.70
C HIS C 363 -18.63 -46.65 -14.28
N GLY C 364 -17.60 -46.32 -15.07
CA GLY C 364 -17.66 -44.99 -15.69
C GLY C 364 -17.36 -43.87 -14.71
N GLN C 365 -18.36 -43.03 -14.50
CA GLN C 365 -18.16 -41.87 -13.65
C GLN C 365 -18.90 -42.00 -12.34
N VAL C 366 -19.38 -43.19 -12.09
CA VAL C 366 -20.01 -43.52 -10.82
C VAL C 366 -18.92 -43.84 -9.80
N MET C 367 -18.96 -43.21 -8.66
CA MET C 367 -17.93 -43.49 -7.62
C MET C 367 -18.48 -44.33 -6.47
N ASP C 368 -17.61 -45.08 -5.85
CA ASP C 368 -18.02 -45.91 -4.73
C ASP C 368 -17.01 -45.72 -3.60
N GLU C 369 -17.43 -45.98 -2.39
CA GLU C 369 -16.58 -45.78 -1.25
C GLU C 369 -15.31 -46.59 -1.33
N GLN C 370 -15.36 -47.85 -1.81
CA GLN C 370 -14.09 -48.63 -1.83
C GLN C 370 -12.99 -47.99 -2.64
N THR C 371 -13.38 -47.52 -3.84
CA THR C 371 -12.49 -46.89 -4.78
C THR C 371 -11.98 -45.59 -4.26
N MET C 372 -12.89 -44.79 -3.71
CA MET C 372 -12.45 -43.54 -3.09
C MET C 372 -11.35 -43.80 -2.01
N VAL C 373 -11.61 -44.74 -1.12
CA VAL C 373 -10.67 -45.05 -0.04
C VAL C 373 -9.40 -45.56 -0.61
N GLN C 374 -9.49 -46.46 -1.57
CA GLN C 374 -8.30 -47.00 -2.20
C GLN C 374 -7.48 -45.82 -2.78
N ASP C 375 -8.13 -44.88 -3.48
CA ASP C 375 -7.34 -43.79 -4.02
C ASP C 375 -6.63 -42.98 -2.91
N ILE C 376 -7.34 -42.67 -1.81
CA ILE C 376 -6.72 -41.81 -0.82
C ILE C 376 -5.61 -42.51 -0.13
N LEU C 377 -5.79 -43.79 0.07
CA LEU C 377 -4.69 -44.50 0.76
C LEU C 377 -3.46 -44.56 -0.15
N LEU C 378 -3.66 -44.75 -1.46
CA LEU C 378 -2.44 -44.82 -2.27
C LEU C 378 -1.77 -43.47 -2.35
N MET C 379 -2.64 -42.45 -2.36
CA MET C 379 -2.12 -41.07 -2.46
C MET C 379 -1.21 -40.83 -1.25
N LYS C 380 -1.76 -41.05 -0.04
CA LYS C 380 -1.00 -40.77 1.18
C LYS C 380 0.25 -41.58 1.28
N GLN C 381 0.11 -42.84 0.87
CA GLN C 381 1.22 -43.74 0.92
C GLN C 381 2.27 -43.31 -0.04
N ASN C 382 1.86 -42.52 -1.05
CA ASN C 382 2.81 -42.03 -2.05
C ASN C 382 3.19 -40.57 -1.80
N ASN C 383 3.02 -40.13 -0.54
CA ASN C 383 3.46 -38.81 -0.17
C ASN C 383 2.78 -37.63 -0.81
N PHE C 384 1.53 -37.88 -1.19
CA PHE C 384 0.70 -36.75 -1.66
C PHE C 384 -0.01 -36.16 -0.43
N ASN C 385 -0.23 -34.86 -0.37
CA ASN C 385 -0.98 -34.36 0.78
C ASN C 385 -2.15 -33.50 0.31
N ALA C 386 -2.41 -33.52 -0.99
CA ALA C 386 -3.44 -32.62 -1.50
C ALA C 386 -3.98 -33.11 -2.84
N VAL C 387 -5.22 -32.71 -3.10
CA VAL C 387 -5.90 -33.15 -4.34
C VAL C 387 -6.75 -32.03 -4.91
N ARG C 388 -6.78 -31.94 -6.26
CA ARG C 388 -7.56 -30.91 -6.90
C ARG C 388 -8.77 -31.62 -7.54
N CYS C 389 -10.01 -31.17 -7.27
CA CYS C 389 -11.19 -31.76 -7.85
C CYS C 389 -11.31 -31.35 -9.34
N SER C 390 -10.41 -31.90 -10.18
CA SER C 390 -10.49 -31.49 -11.62
C SER C 390 -11.70 -32.20 -12.26
N HIS C 391 -12.74 -31.50 -12.80
CA HIS C 391 -12.84 -30.06 -12.77
C HIS C 391 -14.29 -29.83 -12.40
N TYR C 392 -14.70 -30.26 -11.20
CA TYR C 392 -16.11 -30.13 -10.83
C TYR C 392 -16.21 -30.56 -9.39
N PRO C 393 -17.31 -30.24 -8.74
CA PRO C 393 -17.48 -30.67 -7.35
C PRO C 393 -17.61 -32.19 -7.39
N ASN C 394 -17.08 -32.87 -6.36
CA ASN C 394 -17.12 -34.33 -6.37
C ASN C 394 -18.28 -34.88 -5.62
N HIS C 395 -18.38 -36.22 -5.61
CA HIS C 395 -19.37 -36.97 -4.83
C HIS C 395 -19.11 -36.62 -3.40
N PRO C 396 -20.17 -36.39 -2.66
CA PRO C 396 -20.07 -35.85 -1.34
C PRO C 396 -19.14 -36.59 -0.41
N LEU C 397 -19.05 -37.90 -0.62
CA LEU C 397 -18.27 -38.70 0.33
C LEU C 397 -16.81 -38.38 0.25
N TRP C 398 -16.43 -37.84 -0.93
CA TRP C 398 -14.99 -37.57 -1.08
C TRP C 398 -14.52 -36.59 -0.04
N TYR C 399 -15.31 -35.57 0.20
CA TYR C 399 -14.92 -34.55 1.16
C TYR C 399 -14.84 -35.12 2.57
N THR C 400 -15.83 -35.93 2.95
CA THR C 400 -15.76 -36.55 4.29
C THR C 400 -14.45 -37.39 4.42
N LEU C 401 -14.06 -38.14 3.36
CA LEU C 401 -12.81 -38.92 3.42
C LEU C 401 -11.61 -38.01 3.55
N CYS C 402 -11.60 -36.94 2.76
CA CYS C 402 -10.42 -36.06 2.87
C CYS C 402 -10.36 -35.42 4.25
N ASP C 403 -11.53 -35.05 4.81
CA ASP C 403 -11.50 -34.44 6.14
C ASP C 403 -10.87 -35.42 7.10
N ARG C 404 -11.30 -36.70 7.04
CA ARG C 404 -10.89 -37.69 8.09
C ARG C 404 -9.53 -38.29 7.91
N TYR C 405 -9.13 -38.52 6.65
CA TYR C 405 -7.78 -39.06 6.35
C TYR C 405 -6.73 -37.98 6.34
N GLY C 406 -7.21 -36.80 5.96
CA GLY C 406 -6.34 -35.65 5.93
C GLY C 406 -5.69 -35.41 4.56
N LEU C 407 -6.37 -34.65 3.71
CA LEU C 407 -5.80 -34.20 2.47
C LEU C 407 -6.33 -32.80 2.24
N TYR C 408 -5.50 -31.90 1.73
CA TYR C 408 -5.95 -30.53 1.39
C TYR C 408 -6.68 -30.63 0.05
N VAL C 409 -7.82 -29.98 -0.02
CA VAL C 409 -8.58 -30.06 -1.29
C VAL C 409 -8.85 -28.73 -1.95
N VAL C 410 -8.75 -28.73 -3.31
CA VAL C 410 -9.14 -27.59 -4.15
C VAL C 410 -10.50 -27.97 -4.69
N ASP C 411 -11.56 -27.31 -4.22
CA ASP C 411 -12.94 -27.59 -4.68
C ASP C 411 -13.22 -26.64 -5.82
N GLU C 412 -13.64 -27.18 -6.97
CA GLU C 412 -13.75 -26.43 -8.24
C GLU C 412 -15.09 -26.47 -8.91
N ALA C 413 -15.59 -25.31 -9.31
CA ALA C 413 -16.89 -25.25 -9.94
C ALA C 413 -16.90 -26.03 -11.24
N ASN C 414 -18.06 -26.62 -11.59
CA ASN C 414 -18.24 -27.41 -12.85
C ASN C 414 -18.51 -26.41 -13.99
N ILE C 415 -17.42 -25.69 -14.35
CA ILE C 415 -17.43 -24.70 -15.44
C ILE C 415 -16.18 -24.89 -16.29
N GLU C 416 -16.34 -25.43 -17.50
CA GLU C 416 -15.20 -25.50 -18.42
C GLU C 416 -15.73 -25.28 -19.81
N THR C 417 -15.25 -24.24 -20.52
CA THR C 417 -15.77 -24.01 -21.89
C THR C 417 -14.62 -24.03 -22.84
N HIS C 418 -13.70 -24.97 -22.63
CA HIS C 418 -12.46 -24.97 -23.44
C HIS C 418 -12.64 -24.85 -25.00
N GLY C 419 -13.66 -25.51 -25.55
CA GLY C 419 -13.82 -25.56 -26.99
C GLY C 419 -14.33 -24.29 -27.60
N MET C 420 -14.66 -23.29 -26.80
CA MET C 420 -15.19 -22.01 -27.41
C MET C 420 -14.06 -21.27 -28.14
N VAL C 421 -14.41 -20.35 -29.07
CA VAL C 421 -13.33 -19.57 -29.71
C VAL C 421 -13.77 -18.13 -29.62
N PRO C 422 -13.04 -17.25 -28.94
CA PRO C 422 -11.87 -17.50 -28.12
C PRO C 422 -12.40 -18.23 -26.86
N MET C 423 -11.50 -18.72 -25.99
CA MET C 423 -11.99 -19.50 -24.83
C MET C 423 -12.94 -18.82 -23.91
N ASN C 424 -12.86 -17.51 -23.78
CA ASN C 424 -13.76 -16.79 -22.85
C ASN C 424 -15.05 -16.31 -23.51
N ARG C 425 -15.42 -16.85 -24.72
CA ARG C 425 -16.60 -16.28 -25.38
C ARG C 425 -17.88 -16.30 -24.53
N LEU C 426 -18.05 -17.38 -23.75
CA LEU C 426 -19.23 -17.41 -22.88
C LEU C 426 -18.95 -16.75 -21.56
N THR C 427 -17.77 -16.91 -21.00
CA THR C 427 -17.54 -16.40 -19.65
C THR C 427 -17.40 -14.90 -19.65
N ASP C 428 -17.23 -14.28 -20.84
CA ASP C 428 -17.19 -12.82 -20.80
C ASP C 428 -18.57 -12.26 -21.15
N ASP C 429 -19.55 -13.14 -21.34
CA ASP C 429 -20.93 -12.82 -21.81
C ASP C 429 -21.92 -12.74 -20.65
N PRO C 430 -22.48 -11.59 -20.37
CA PRO C 430 -23.33 -11.54 -19.17
C PRO C 430 -24.52 -12.45 -19.26
N ARG C 431 -24.92 -12.80 -20.43
CA ARG C 431 -26.07 -13.66 -20.44
C ARG C 431 -25.78 -15.01 -19.91
N TRP C 432 -24.48 -15.33 -19.75
CA TRP C 432 -24.09 -16.63 -19.20
C TRP C 432 -23.71 -16.48 -17.72
N LEU C 433 -23.77 -15.23 -17.21
CA LEU C 433 -23.41 -15.10 -15.81
C LEU C 433 -24.33 -15.90 -14.84
N PRO C 434 -25.66 -15.89 -15.04
CA PRO C 434 -26.56 -16.66 -14.19
C PRO C 434 -26.19 -18.13 -14.07
N ALA C 435 -26.08 -18.82 -15.22
CA ALA C 435 -25.73 -20.21 -15.24
C ALA C 435 -24.40 -20.43 -14.55
N MET C 436 -23.45 -19.53 -14.84
CA MET C 436 -22.16 -19.74 -14.22
C MET C 436 -22.26 -19.48 -12.73
N SER C 437 -23.03 -18.42 -12.37
CA SER C 437 -23.15 -18.16 -10.95
C SER C 437 -23.62 -19.38 -10.13
N GLU C 438 -24.63 -20.11 -10.66
CA GLU C 438 -25.12 -21.22 -9.81
C GLU C 438 -24.10 -22.29 -9.70
N ARG C 439 -23.21 -22.42 -10.71
CA ARG C 439 -22.22 -23.46 -10.61
C ARG C 439 -21.21 -23.15 -9.49
N VAL C 440 -20.93 -21.86 -9.31
CA VAL C 440 -20.04 -21.50 -8.20
C VAL C 440 -20.80 -21.41 -6.88
N THR C 441 -21.93 -20.69 -6.87
CA THR C 441 -22.63 -20.48 -5.58
C THR C 441 -23.11 -21.73 -4.91
N ARG C 442 -23.67 -22.66 -5.71
CA ARG C 442 -24.20 -23.90 -5.14
C ARG C 442 -23.15 -24.79 -4.61
N MET C 443 -21.93 -24.66 -5.18
CA MET C 443 -20.85 -25.46 -4.68
C MET C 443 -20.41 -24.98 -3.29
N VAL C 444 -20.26 -23.69 -3.15
CA VAL C 444 -19.79 -23.11 -1.86
C VAL C 444 -20.86 -23.43 -0.81
N GLN C 445 -22.14 -23.31 -1.25
CA GLN C 445 -23.21 -23.53 -0.27
C GLN C 445 -23.18 -24.95 0.28
N ARG C 446 -22.80 -25.85 -0.61
CA ARG C 446 -22.75 -27.24 -0.17
C ARG C 446 -21.52 -27.62 0.63
N ASP C 447 -20.33 -27.12 0.21
CA ASP C 447 -19.05 -27.60 0.74
C ASP C 447 -18.30 -26.76 1.76
N ARG C 448 -18.82 -25.58 2.06
CA ARG C 448 -18.13 -24.64 2.93
C ARG C 448 -17.85 -25.05 4.38
N ASN C 449 -18.44 -26.09 4.89
CA ASN C 449 -18.13 -26.52 6.27
C ASN C 449 -17.07 -27.62 6.27
N HIS C 450 -16.52 -28.05 5.12
CA HIS C 450 -15.53 -29.13 5.19
C HIS C 450 -14.15 -28.58 5.44
N PRO C 451 -13.48 -29.02 6.51
CA PRO C 451 -12.21 -28.45 6.73
C PRO C 451 -11.23 -28.83 5.63
N SER C 452 -11.39 -29.98 4.99
CA SER C 452 -10.42 -30.35 3.98
C SER C 452 -10.37 -29.34 2.78
N VAL C 453 -11.49 -28.68 2.46
CA VAL C 453 -11.40 -27.73 1.38
C VAL C 453 -10.66 -26.55 1.89
N ILE C 454 -9.54 -26.27 1.27
CA ILE C 454 -8.77 -25.05 1.68
C ILE C 454 -8.78 -23.90 0.63
N ILE C 455 -9.12 -24.20 -0.62
CA ILE C 455 -9.09 -23.23 -1.67
C ILE C 455 -10.26 -23.49 -2.58
N TRP C 456 -10.95 -22.42 -3.04
CA TRP C 456 -12.02 -22.59 -4.03
C TRP C 456 -11.49 -22.29 -5.45
N SER C 457 -11.93 -23.01 -6.48
CA SER C 457 -11.55 -22.68 -7.85
C SER C 457 -12.81 -22.36 -8.66
N LEU C 458 -12.73 -21.34 -9.50
CA LEU C 458 -13.78 -20.93 -10.38
C LEU C 458 -14.05 -21.77 -11.61
N GLY C 459 -13.36 -22.88 -11.75
CA GLY C 459 -13.56 -23.75 -12.90
C GLY C 459 -12.24 -23.98 -13.61
N ASN C 460 -12.31 -24.31 -14.91
CA ASN C 460 -11.10 -24.67 -15.64
C ASN C 460 -11.28 -24.32 -17.11
N GLU C 461 -10.16 -23.88 -17.74
CA GLU C 461 -10.07 -23.61 -19.18
C GLU C 461 -11.34 -23.03 -19.76
N SER C 462 -11.67 -21.82 -19.25
CA SER C 462 -12.82 -21.09 -19.77
C SER C 462 -12.35 -19.65 -20.03
N GLY C 463 -11.07 -19.48 -20.38
CA GLY C 463 -10.46 -18.16 -20.65
C GLY C 463 -10.60 -17.27 -19.40
N HIS C 464 -10.57 -15.95 -19.57
CA HIS C 464 -10.84 -15.08 -18.44
C HIS C 464 -11.90 -14.13 -18.91
N GLY C 465 -13.06 -14.16 -18.26
CA GLY C 465 -14.15 -13.25 -18.66
C GLY C 465 -14.67 -12.47 -17.41
N ALA C 466 -15.42 -11.42 -17.66
CA ALA C 466 -15.89 -10.64 -16.55
C ALA C 466 -16.75 -11.46 -15.59
N ASN C 467 -17.42 -12.49 -16.11
CA ASN C 467 -18.21 -13.36 -15.20
C ASN C 467 -17.33 -13.89 -14.10
N HIS C 468 -16.06 -14.19 -14.46
CA HIS C 468 -15.09 -14.74 -13.47
C HIS C 468 -14.78 -13.75 -12.36
N ASP C 469 -14.54 -12.51 -12.81
CA ASP C 469 -14.28 -11.49 -11.83
C ASP C 469 -15.43 -11.30 -10.84
N ALA C 470 -16.65 -11.29 -11.37
CA ALA C 470 -17.83 -11.11 -10.49
C ALA C 470 -17.90 -12.23 -9.49
N LEU C 471 -17.64 -13.47 -9.99
CA LEU C 471 -17.76 -14.64 -9.12
C LEU C 471 -16.64 -14.75 -8.13
N TYR C 472 -15.47 -14.32 -8.59
CA TYR C 472 -14.35 -14.39 -7.67
C TYR C 472 -14.75 -13.51 -6.45
N ARG C 473 -15.29 -12.33 -6.72
CA ARG C 473 -15.63 -11.39 -5.63
C ARG C 473 -16.74 -11.95 -4.80
N TRP C 474 -17.69 -12.62 -5.46
CA TRP C 474 -18.76 -13.16 -4.66
C TRP C 474 -18.19 -14.07 -3.59
N ILE C 475 -17.30 -14.98 -4.04
CA ILE C 475 -16.76 -15.93 -3.02
C ILE C 475 -15.98 -15.19 -1.96
N LYS C 476 -15.13 -14.27 -2.35
CA LYS C 476 -14.34 -13.53 -1.38
C LYS C 476 -15.23 -12.89 -0.35
N SER C 477 -16.40 -12.44 -0.77
CA SER C 477 -17.35 -11.81 0.14
C SER C 477 -18.07 -12.80 1.01
N VAL C 478 -18.53 -13.89 0.49
CA VAL C 478 -19.24 -14.74 1.41
C VAL C 478 -18.35 -15.68 2.25
N ASP C 479 -17.12 -15.98 1.79
CA ASP C 479 -16.27 -16.89 2.52
C ASP C 479 -14.84 -16.43 2.47
N PRO C 480 -14.52 -15.58 3.35
CA PRO C 480 -13.19 -15.06 3.41
C PRO C 480 -12.17 -16.04 3.99
N SER C 481 -12.66 -17.18 4.49
CA SER C 481 -11.76 -18.11 5.10
C SER C 481 -10.87 -18.85 4.12
N ARG C 482 -11.15 -18.76 2.81
CA ARG C 482 -10.29 -19.55 1.93
C ARG C 482 -9.96 -18.75 0.69
N PRO C 483 -8.77 -18.90 0.19
CA PRO C 483 -8.36 -18.23 -1.06
C PRO C 483 -9.12 -18.77 -2.26
N VAL C 484 -9.22 -17.94 -3.26
CA VAL C 484 -9.86 -18.28 -4.52
C VAL C 484 -8.80 -18.26 -5.65
N GLN C 485 -8.79 -19.35 -6.43
CA GLN C 485 -7.84 -19.41 -7.57
C GLN C 485 -8.57 -19.75 -8.86
N TYR C 486 -7.90 -19.47 -9.95
CA TYR C 486 -8.52 -19.77 -11.25
C TYR C 486 -7.37 -19.57 -12.28
N GLU C 487 -7.15 -20.53 -13.17
CA GLU C 487 -5.99 -20.41 -14.08
C GLU C 487 -6.27 -19.73 -15.45
N GLY C 488 -7.56 -19.68 -15.83
CA GLY C 488 -7.87 -19.22 -17.13
C GLY C 488 -7.34 -17.85 -17.46
N GLY C 489 -7.09 -17.60 -18.78
CA GLY C 489 -6.67 -16.25 -19.17
C GLY C 489 -5.25 -15.87 -18.81
N GLY C 490 -4.34 -16.82 -18.56
CA GLY C 490 -2.97 -16.38 -18.27
C GLY C 490 -2.45 -16.79 -16.89
N ALA C 491 -3.31 -17.43 -16.06
CA ALA C 491 -2.89 -17.96 -14.73
C ALA C 491 -2.62 -16.94 -13.61
N ASP C 492 -2.60 -15.68 -13.94
CA ASP C 492 -2.30 -14.65 -13.01
C ASP C 492 -3.24 -13.44 -13.21
N THR C 493 -4.50 -13.66 -13.59
CA THR C 493 -5.37 -12.53 -13.73
C THR C 493 -5.93 -11.97 -12.42
N THR C 494 -6.84 -11.00 -12.50
CA THR C 494 -7.48 -10.42 -11.33
C THR C 494 -8.50 -11.35 -10.69
N ALA C 495 -8.66 -12.54 -11.21
CA ALA C 495 -9.63 -13.51 -10.68
C ALA C 495 -8.91 -14.59 -9.92
N THR C 496 -7.64 -14.40 -9.49
CA THR C 496 -6.96 -15.49 -8.77
C THR C 496 -6.05 -14.94 -7.70
N ASP C 497 -6.12 -15.53 -6.52
CA ASP C 497 -5.29 -15.08 -5.42
C ASP C 497 -3.97 -15.81 -5.52
N ILE C 498 -3.91 -16.81 -6.39
CA ILE C 498 -2.70 -17.59 -6.48
C ILE C 498 -2.25 -17.73 -7.93
N ILE C 499 -0.94 -17.58 -8.26
CA ILE C 499 -0.51 -17.81 -9.69
C ILE C 499 -0.62 -19.28 -9.89
N CYS C 500 -1.56 -19.74 -10.75
CA CYS C 500 -1.76 -21.21 -10.79
C CYS C 500 -1.68 -21.84 -12.19
N PRO C 501 -0.52 -21.65 -12.86
CA PRO C 501 -0.38 -22.13 -14.22
C PRO C 501 -0.54 -23.61 -14.41
N MET C 502 -0.77 -24.00 -15.69
CA MET C 502 -0.82 -25.45 -15.95
C MET C 502 0.37 -25.69 -16.86
N TYR C 503 1.22 -26.64 -16.52
CA TYR C 503 2.38 -26.99 -17.38
C TYR C 503 3.43 -25.96 -17.64
N ALA C 504 3.52 -24.99 -16.77
CA ALA C 504 4.61 -24.08 -16.88
C ALA C 504 5.88 -24.84 -16.49
N ARG C 505 6.98 -24.58 -17.20
CA ARG C 505 8.24 -25.24 -16.98
C ARG C 505 9.07 -24.57 -15.89
N VAL C 506 10.09 -25.28 -15.39
CA VAL C 506 10.83 -24.78 -14.29
C VAL C 506 11.72 -23.67 -14.69
N ASP C 507 12.57 -23.92 -15.72
CA ASP C 507 13.51 -22.87 -16.13
C ASP C 507 13.21 -22.28 -17.52
N GLU C 508 12.43 -23.02 -18.33
CA GLU C 508 12.14 -22.60 -19.68
C GLU C 508 10.88 -21.82 -19.87
N ASP C 509 10.99 -20.61 -20.39
CA ASP C 509 9.76 -19.81 -20.69
C ASP C 509 9.06 -20.30 -22.00
N GLN C 510 7.76 -20.17 -22.11
CA GLN C 510 7.04 -20.53 -23.35
C GLN C 510 6.20 -19.29 -23.58
N PRO C 511 6.82 -18.32 -24.24
CA PRO C 511 6.14 -17.01 -24.31
C PRO C 511 4.99 -16.85 -25.27
N PHE C 512 3.96 -17.67 -25.15
CA PHE C 512 2.78 -17.57 -26.03
C PHE C 512 2.17 -16.18 -25.96
N PRO C 513 1.65 -15.69 -27.08
CA PRO C 513 1.04 -14.42 -27.02
C PRO C 513 -0.19 -14.48 -26.13
N ALA C 514 -0.37 -13.36 -25.44
CA ALA C 514 -1.47 -13.04 -24.54
C ALA C 514 -1.47 -13.88 -23.31
N VAL C 515 -1.12 -15.13 -23.40
CA VAL C 515 -1.19 -16.01 -22.26
C VAL C 515 0.08 -16.81 -22.16
N PRO C 516 1.23 -16.12 -22.00
CA PRO C 516 2.50 -16.84 -21.87
C PRO C 516 2.53 -17.75 -20.67
N LYS C 517 3.33 -18.80 -20.76
CA LYS C 517 3.59 -19.70 -19.67
C LYS C 517 5.06 -19.45 -19.29
N TRP C 518 5.34 -18.54 -18.36
CA TRP C 518 6.75 -18.27 -18.00
C TRP C 518 7.34 -19.39 -17.19
N SER C 519 8.67 -19.52 -17.18
CA SER C 519 9.31 -20.41 -16.24
C SER C 519 8.71 -20.00 -14.86
N ILE C 520 8.44 -20.99 -14.03
CA ILE C 520 7.87 -20.65 -12.72
C ILE C 520 8.74 -19.79 -11.85
N LYS C 521 10.05 -20.00 -11.93
CA LYS C 521 10.96 -19.20 -11.10
C LYS C 521 10.94 -17.76 -11.54
N LYS C 522 10.85 -17.60 -12.82
CA LYS C 522 10.81 -16.25 -13.35
C LYS C 522 9.46 -15.57 -13.10
N TRP C 523 8.42 -16.34 -13.18
CA TRP C 523 7.05 -15.80 -13.03
C TRP C 523 6.92 -15.11 -11.72
N LEU C 524 7.42 -15.71 -10.65
CA LEU C 524 7.27 -15.12 -9.32
C LEU C 524 7.77 -13.66 -9.23
N SER C 525 8.79 -13.35 -9.97
CA SER C 525 9.40 -12.08 -9.83
C SER C 525 9.12 -11.06 -10.91
N LEU C 526 8.11 -11.29 -11.75
CA LEU C 526 7.84 -10.27 -12.79
C LEU C 526 7.52 -9.02 -12.04
N PRO C 527 7.71 -7.89 -12.72
CA PRO C 527 7.51 -6.60 -12.07
C PRO C 527 6.14 -6.50 -11.43
N GLY C 528 6.12 -6.07 -10.17
CA GLY C 528 4.88 -5.89 -9.46
C GLY C 528 4.27 -7.18 -8.91
N GLU C 529 4.75 -8.36 -9.25
CA GLU C 529 4.14 -9.62 -8.75
C GLU C 529 4.51 -9.99 -7.35
N THR C 530 3.54 -10.42 -6.54
CA THR C 530 3.88 -10.79 -5.15
C THR C 530 3.14 -12.04 -4.71
N ARG C 531 2.31 -12.65 -5.57
CA ARG C 531 1.50 -13.83 -5.13
C ARG C 531 2.28 -15.15 -5.01
N PRO C 532 1.73 -16.14 -4.25
CA PRO C 532 2.39 -17.43 -4.20
C PRO C 532 2.07 -18.10 -5.54
N LEU C 533 2.87 -19.08 -5.95
CA LEU C 533 2.59 -19.78 -7.20
C LEU C 533 2.51 -21.28 -6.89
N ILE C 534 1.38 -21.90 -7.28
CA ILE C 534 1.14 -23.36 -7.06
C ILE C 534 0.55 -23.82 -8.36
N LEU C 535 1.27 -24.66 -9.11
CA LEU C 535 0.70 -25.10 -10.43
C LEU C 535 -0.60 -25.87 -10.32
N CYS C 536 -1.62 -25.50 -11.10
CA CYS C 536 -2.84 -26.23 -10.97
C CYS C 536 -2.71 -27.57 -11.64
N GLN C 537 -1.77 -27.68 -12.60
CA GLN C 537 -1.53 -28.95 -13.33
C GLN C 537 -0.10 -28.91 -13.73
N TYR C 538 0.63 -30.01 -13.42
CA TYR C 538 2.02 -30.04 -13.88
C TYR C 538 2.42 -31.47 -14.04
N ALA C 539 3.47 -31.67 -14.82
CA ALA C 539 3.96 -33.03 -15.13
C ALA C 539 2.97 -34.07 -15.58
C ALA C 539 2.77 -33.52 -15.97
N HIS C 540 2.70 -34.02 -16.85
N HIS C 540 2.91 -34.48 -16.82
CA HIS C 540 1.74 -34.84 -17.59
C HIS C 540 2.07 -36.33 -17.74
N ALA C 541 1.54 -37.12 -16.83
CA ALA C 541 1.96 -38.51 -16.75
C ALA C 541 1.33 -39.43 -17.78
N MET C 542 1.42 -39.04 -19.06
CA MET C 542 0.81 -39.85 -20.08
C MET C 542 1.85 -40.85 -20.58
N GLY C 543 1.53 -42.13 -20.38
CA GLY C 543 2.47 -43.07 -20.90
C GLY C 543 3.78 -43.03 -20.18
N ASN C 544 4.92 -43.34 -20.86
CA ASN C 544 6.21 -43.39 -20.18
C ASN C 544 6.64 -41.95 -19.96
N SER C 545 6.40 -41.45 -18.75
CA SER C 545 6.59 -39.98 -18.58
C SER C 545 7.07 -39.62 -17.20
N LEU C 546 6.87 -38.36 -16.82
CA LEU C 546 7.38 -37.86 -15.57
C LEU C 546 8.89 -37.56 -15.65
N GLY C 547 9.46 -37.47 -16.87
CA GLY C 547 10.84 -37.11 -17.05
C GLY C 547 10.98 -35.64 -16.63
N GLY C 548 11.95 -35.30 -15.80
CA GLY C 548 12.05 -33.90 -15.38
C GLY C 548 11.30 -33.65 -14.08
N PHE C 549 10.65 -34.66 -13.48
CA PHE C 549 9.91 -34.39 -12.25
C PHE C 549 10.76 -33.80 -11.15
N ALA C 550 11.96 -34.34 -10.97
CA ALA C 550 12.77 -33.83 -9.87
C ALA C 550 13.15 -32.35 -9.94
N LYS C 551 13.16 -31.84 -11.16
CA LYS C 551 13.51 -30.43 -11.40
C LYS C 551 12.43 -29.55 -10.76
N TYR C 552 11.17 -30.01 -10.76
CA TYR C 552 10.16 -29.20 -10.10
C TYR C 552 10.40 -29.17 -8.60
N TRP C 553 10.63 -30.35 -8.02
CA TRP C 553 10.78 -30.42 -6.59
C TRP C 553 11.97 -29.63 -6.14
N GLN C 554 13.07 -29.63 -6.89
CA GLN C 554 14.21 -28.92 -6.39
C GLN C 554 13.85 -27.45 -6.38
N ALA C 555 13.10 -27.01 -7.41
CA ALA C 555 12.72 -25.57 -7.42
C ALA C 555 11.72 -25.25 -6.30
N PHE C 556 10.73 -26.12 -6.08
CA PHE C 556 9.77 -25.84 -5.03
C PHE C 556 10.51 -25.71 -3.71
N ARG C 557 11.52 -26.55 -3.47
CA ARG C 557 12.21 -26.46 -2.17
C ARG C 557 13.10 -25.26 -2.04
N GLN C 558 13.64 -24.79 -3.13
CA GLN C 558 14.55 -23.64 -2.98
C GLN C 558 13.85 -22.29 -2.89
N TYR C 559 12.70 -22.17 -3.53
CA TYR C 559 12.01 -20.89 -3.59
C TYR C 559 10.83 -20.88 -2.68
N PRO C 560 10.84 -20.03 -1.68
CA PRO C 560 9.71 -20.01 -0.78
C PRO C 560 8.36 -19.89 -1.43
N ARG C 561 8.18 -18.93 -2.35
CA ARG C 561 6.88 -18.69 -3.01
C ARG C 561 6.46 -19.75 -4.04
N LEU C 562 7.37 -20.70 -4.39
CA LEU C 562 6.95 -21.82 -5.26
C LEU C 562 6.43 -22.82 -4.25
N GLN C 563 5.10 -22.92 -4.11
CA GLN C 563 4.52 -23.77 -3.06
C GLN C 563 3.94 -25.12 -3.50
N GLY C 564 4.43 -25.54 -4.66
CA GLY C 564 4.03 -26.87 -5.09
C GLY C 564 3.16 -26.89 -6.31
N GLY C 565 2.34 -27.97 -6.33
CA GLY C 565 1.52 -28.14 -7.49
C GLY C 565 0.72 -29.43 -7.44
N PHE C 566 -0.21 -29.58 -8.45
CA PHE C 566 -1.05 -30.74 -8.57
C PHE C 566 -0.66 -31.43 -9.87
N VAL C 567 -0.11 -32.61 -9.71
CA VAL C 567 0.38 -33.43 -10.82
C VAL C 567 -0.78 -33.76 -11.73
N TRP C 568 -0.56 -33.84 -13.03
CA TRP C 568 -1.61 -34.21 -13.99
C TRP C 568 -1.30 -35.60 -14.54
N ASP C 569 -2.06 -36.65 -14.17
CA ASP C 569 -3.12 -36.59 -13.16
C ASP C 569 -3.11 -37.96 -12.41
N TRP C 570 -4.13 -38.25 -11.57
CA TRP C 570 -4.05 -39.43 -10.76
C TRP C 570 -4.21 -40.74 -11.53
N VAL C 571 -5.34 -40.93 -12.21
CA VAL C 571 -5.67 -42.23 -12.83
C VAL C 571 -6.05 -42.20 -14.29
N ASP C 572 -5.53 -43.16 -15.03
CA ASP C 572 -5.88 -43.19 -16.46
C ASP C 572 -7.37 -43.31 -16.66
N GLN C 573 -7.98 -42.57 -17.56
CA GLN C 573 -9.40 -42.81 -17.85
C GLN C 573 -9.51 -43.83 -18.99
N SER C 574 -9.05 -45.07 -18.77
CA SER C 574 -9.24 -46.10 -19.79
C SER C 574 -10.52 -46.85 -19.40
N LEU C 575 -11.24 -47.46 -20.38
CA LEU C 575 -12.48 -48.16 -20.04
C LEU C 575 -12.33 -49.64 -20.45
N ILE C 576 -12.96 -50.54 -19.76
CA ILE C 576 -12.83 -51.93 -20.14
C ILE C 576 -13.80 -52.32 -21.25
N LYS C 577 -13.29 -53.01 -22.27
CA LYS C 577 -14.11 -53.59 -23.36
C LYS C 577 -13.79 -55.09 -23.29
N TYR C 578 -14.57 -55.90 -23.97
CA TYR C 578 -14.37 -57.36 -24.00
C TYR C 578 -14.15 -57.86 -25.45
N ASP C 579 -13.12 -58.73 -25.67
CA ASP C 579 -12.90 -59.23 -27.02
C ASP C 579 -13.87 -60.36 -27.37
N GLU C 580 -13.65 -60.93 -28.55
CA GLU C 580 -14.46 -61.99 -29.08
C GLU C 580 -14.51 -63.18 -28.13
N ASN C 581 -13.46 -63.34 -27.32
CA ASN C 581 -13.37 -64.41 -26.33
C ASN C 581 -13.86 -64.02 -24.94
N GLY C 582 -14.36 -62.81 -24.80
CA GLY C 582 -14.87 -62.42 -23.51
C GLY C 582 -13.75 -61.89 -22.63
N ASN C 583 -12.54 -61.77 -23.17
CA ASN C 583 -11.49 -61.29 -22.30
C ASN C 583 -11.45 -59.80 -22.23
N PRO C 584 -11.24 -59.23 -21.08
CA PRO C 584 -11.25 -57.78 -21.03
C PRO C 584 -10.04 -57.10 -21.62
N TRP C 585 -10.25 -55.87 -22.10
CA TRP C 585 -9.04 -55.14 -22.53
C TRP C 585 -9.26 -53.63 -22.28
N SER C 586 -8.15 -52.83 -22.08
CA SER C 586 -8.22 -51.38 -21.83
C SER C 586 -8.37 -50.54 -23.11
N ALA C 587 -9.44 -49.75 -23.16
CA ALA C 587 -9.72 -48.98 -24.36
C ALA C 587 -9.61 -47.50 -24.14
N TYR C 588 -9.40 -46.78 -25.24
CA TYR C 588 -9.30 -45.36 -25.08
C TYR C 588 -10.12 -44.65 -26.16
N GLY C 589 -9.83 -43.34 -26.43
CA GLY C 589 -10.59 -42.59 -27.42
C GLY C 589 -10.74 -43.31 -28.76
N GLY C 590 -11.98 -43.29 -29.32
CA GLY C 590 -12.26 -43.88 -30.63
C GLY C 590 -12.58 -45.35 -30.53
N ASP C 591 -12.28 -46.03 -29.41
CA ASP C 591 -12.57 -47.47 -29.27
C ASP C 591 -14.08 -47.80 -29.17
N PHE C 592 -14.94 -46.78 -29.09
CA PHE C 592 -16.38 -47.10 -29.00
C PHE C 592 -17.01 -46.63 -30.29
N GLY C 593 -16.23 -46.33 -31.31
CA GLY C 593 -16.81 -45.82 -32.56
C GLY C 593 -16.98 -44.28 -32.44
N ASP C 594 -16.52 -43.71 -31.31
CA ASP C 594 -16.67 -42.29 -31.10
C ASP C 594 -15.75 -41.48 -32.03
N THR C 595 -16.32 -40.44 -32.66
CA THR C 595 -15.47 -39.62 -33.48
C THR C 595 -16.12 -38.28 -33.79
N PRO C 596 -15.34 -37.20 -33.85
CA PRO C 596 -13.90 -37.25 -33.61
C PRO C 596 -13.61 -37.66 -32.15
N ASN C 597 -12.37 -38.03 -31.92
CA ASN C 597 -11.89 -38.42 -30.62
C ASN C 597 -10.44 -38.03 -30.45
N ASP C 598 -10.00 -38.05 -29.24
CA ASP C 598 -8.61 -37.68 -28.92
C ASP C 598 -7.77 -38.88 -28.45
N ARG C 599 -8.16 -40.03 -28.91
CA ARG C 599 -7.38 -41.23 -28.75
C ARG C 599 -6.81 -41.44 -27.37
N GLN C 600 -5.49 -41.67 -27.23
CA GLN C 600 -4.99 -42.02 -25.90
C GLN C 600 -4.80 -40.83 -24.91
N PHE C 601 -5.15 -39.63 -25.34
CA PHE C 601 -4.94 -38.53 -24.39
C PHE C 601 -5.80 -38.58 -23.15
N CYS C 602 -6.74 -39.55 -23.11
CA CYS C 602 -7.56 -39.67 -21.91
C CYS C 602 -6.76 -40.45 -20.84
N MET C 603 -5.52 -40.93 -21.14
CA MET C 603 -4.79 -41.71 -20.11
C MET C 603 -3.55 -40.96 -19.74
N ASN C 604 -3.61 -40.30 -18.59
CA ASN C 604 -2.46 -39.48 -18.21
C ASN C 604 -2.15 -39.72 -16.75
N GLY C 605 -2.53 -40.88 -16.17
CA GLY C 605 -2.41 -40.98 -14.74
C GLY C 605 -1.14 -41.64 -14.24
N LEU C 606 -0.87 -41.40 -12.96
CA LEU C 606 0.27 -42.02 -12.24
C LEU C 606 -0.14 -43.48 -12.02
N VAL C 607 -1.48 -43.74 -12.04
CA VAL C 607 -1.89 -45.15 -11.86
C VAL C 607 -2.79 -45.55 -13.01
N PHE C 608 -2.81 -46.86 -13.25
CA PHE C 608 -3.67 -47.43 -14.29
C PHE C 608 -5.12 -47.34 -13.80
N ALA C 609 -6.11 -47.50 -14.74
CA ALA C 609 -7.51 -47.42 -14.31
C ALA C 609 -7.81 -48.40 -13.20
N ASP C 610 -7.16 -49.56 -13.08
CA ASP C 610 -7.48 -50.46 -11.94
C ASP C 610 -6.70 -50.12 -10.67
N ARG C 611 -5.99 -48.97 -10.71
CA ARG C 611 -5.24 -48.65 -9.51
C ARG C 611 -3.87 -49.26 -9.38
N THR C 612 -3.49 -50.10 -10.31
CA THR C 612 -2.10 -50.57 -10.34
C THR C 612 -1.22 -49.35 -10.65
N PRO C 613 -0.10 -49.16 -9.93
CA PRO C 613 0.75 -47.99 -10.28
C PRO C 613 1.52 -48.11 -11.56
N HIS C 614 1.74 -46.98 -12.18
CA HIS C 614 2.64 -46.97 -13.26
C HIS C 614 4.00 -46.70 -12.50
N PRO C 615 5.16 -46.90 -13.18
CA PRO C 615 6.48 -46.69 -12.59
C PRO C 615 6.70 -45.25 -12.16
N ALA C 616 6.03 -44.31 -12.84
CA ALA C 616 6.20 -42.92 -12.46
C ALA C 616 5.75 -42.63 -11.02
N LEU C 617 4.83 -43.43 -10.46
CA LEU C 617 4.35 -43.07 -9.12
C LEU C 617 5.48 -43.14 -8.12
N THR C 618 6.45 -44.08 -8.29
CA THR C 618 7.53 -44.14 -7.34
C THR C 618 8.42 -42.89 -7.38
N GLU C 619 8.56 -42.35 -8.57
CA GLU C 619 9.33 -41.10 -8.77
C GLU C 619 8.67 -39.98 -7.95
N ALA C 620 7.33 -39.88 -8.04
CA ALA C 620 6.55 -38.88 -7.31
C ALA C 620 6.71 -39.12 -5.84
N LYS C 621 6.61 -40.39 -5.44
CA LYS C 621 6.74 -40.65 -4.03
C LYS C 621 8.05 -40.17 -3.46
N HIS C 622 9.15 -40.45 -4.17
CA HIS C 622 10.44 -40.03 -3.66
C HIS C 622 10.66 -38.55 -3.65
N GLN C 623 10.27 -37.92 -4.75
CA GLN C 623 10.50 -36.47 -4.77
C GLN C 623 9.68 -35.72 -3.73
N GLN C 624 8.50 -36.30 -3.37
CA GLN C 624 7.55 -35.72 -2.43
C GLN C 624 7.85 -36.14 -0.95
N GLN C 625 8.99 -36.79 -0.69
CA GLN C 625 9.37 -37.21 0.67
C GLN C 625 9.27 -36.03 1.62
N PHE C 626 9.03 -36.32 2.93
CA PHE C 626 8.94 -35.26 3.95
C PHE C 626 10.17 -35.14 4.82
N PHE C 627 11.17 -35.96 4.49
CA PHE C 627 12.42 -35.87 5.22
C PHE C 627 13.50 -35.66 4.17
N GLN C 628 14.43 -34.70 4.37
CA GLN C 628 15.56 -34.43 3.46
C GLN C 628 16.80 -34.85 4.20
N PHE C 629 17.80 -35.29 3.44
CA PHE C 629 19.03 -35.83 4.06
C PHE C 629 20.31 -35.28 3.52
N ARG C 630 21.32 -35.16 4.37
CA ARG C 630 22.67 -34.79 3.91
C ARG C 630 23.66 -35.70 4.61
N LEU C 631 24.79 -35.95 3.95
CA LEU C 631 25.80 -36.82 4.54
C LEU C 631 27.11 -36.05 4.61
N SER C 632 27.75 -36.11 5.77
CA SER C 632 29.05 -35.44 5.87
C SER C 632 29.89 -36.35 6.70
N GLY C 633 30.78 -36.97 6.00
CA GLY C 633 31.54 -37.97 6.68
C GLY C 633 30.68 -39.22 6.73
N GLN C 634 30.48 -39.58 7.99
CA GLN C 634 29.67 -40.65 8.53
C GLN C 634 28.50 -40.00 9.27
N THR C 635 28.27 -38.72 9.00
CA THR C 635 27.17 -38.10 9.72
C THR C 635 26.02 -37.85 8.77
N ILE C 636 24.90 -38.49 9.09
CA ILE C 636 23.68 -38.24 8.33
C ILE C 636 22.82 -37.18 9.02
N GLU C 637 22.43 -36.17 8.27
CA GLU C 637 21.59 -35.15 8.82
C GLU C 637 20.24 -35.31 8.18
N VAL C 638 19.24 -35.41 9.08
CA VAL C 638 17.85 -35.60 8.71
C VAL C 638 17.10 -34.33 9.03
N THR C 639 16.44 -33.75 8.04
CA THR C 639 15.69 -32.57 8.28
C THR C 639 14.24 -32.92 7.99
N SER C 640 13.33 -32.50 8.83
CA SER C 640 11.92 -32.77 8.64
C SER C 640 11.27 -31.61 7.89
N GLU C 641 10.43 -31.98 6.92
CA GLU C 641 9.65 -30.97 6.19
C GLU C 641 8.24 -30.93 6.73
N TYR C 642 7.92 -31.66 7.82
CA TYR C 642 6.58 -31.55 8.40
C TYR C 642 6.49 -30.15 9.06
N LEU C 643 5.28 -29.57 9.11
CA LEU C 643 5.10 -28.29 9.64
C LEU C 643 4.60 -28.43 11.04
N PHE C 644 3.87 -29.50 11.27
CA PHE C 644 3.22 -29.65 12.56
C PHE C 644 3.58 -30.87 13.39
N ARG C 645 3.84 -32.00 12.77
CA ARG C 645 4.07 -33.14 13.65
C ARG C 645 5.53 -33.46 13.91
N HIS C 646 5.79 -34.16 15.07
CA HIS C 646 7.15 -34.62 15.35
C HIS C 646 7.25 -35.98 14.66
N SER C 647 8.42 -36.52 14.39
CA SER C 647 8.50 -37.78 13.69
C SER C 647 8.24 -38.93 14.70
N ASP C 648 7.02 -39.06 15.17
CA ASP C 648 6.76 -40.05 16.19
C ASP C 648 6.28 -41.40 15.78
N ASN C 649 6.49 -41.70 14.54
CA ASN C 649 6.14 -43.01 14.00
C ASN C 649 7.22 -43.23 12.92
N GLU C 650 8.46 -43.14 13.32
CA GLU C 650 9.48 -43.28 12.30
C GLU C 650 10.83 -43.70 12.88
N LEU C 651 11.51 -44.59 12.16
CA LEU C 651 12.88 -44.95 12.55
C LEU C 651 13.69 -44.95 11.29
N LEU C 652 14.98 -44.68 11.43
CA LEU C 652 15.83 -44.75 10.23
C LEU C 652 16.65 -46.04 10.15
N HIS C 653 16.50 -46.75 9.03
CA HIS C 653 17.25 -47.94 8.69
C HIS C 653 18.36 -47.56 7.70
N TRP C 654 19.58 -48.01 7.99
CA TRP C 654 20.67 -47.71 7.08
C TRP C 654 21.39 -49.03 6.81
N MET C 655 21.82 -49.09 5.58
CA MET C 655 22.54 -50.26 5.08
C MET C 655 23.66 -49.84 4.15
N VAL C 656 24.81 -50.48 4.26
CA VAL C 656 26.00 -50.25 3.39
C VAL C 656 26.28 -51.56 2.68
N ALA C 657 26.43 -51.52 1.38
CA ALA C 657 26.66 -52.71 0.64
C ALA C 657 27.78 -52.45 -0.38
N LEU C 658 28.54 -53.47 -0.68
CA LEU C 658 29.65 -53.36 -1.61
C LEU C 658 29.19 -54.06 -2.86
N ASP C 659 29.11 -53.26 -3.93
CA ASP C 659 28.57 -53.85 -5.15
C ASP C 659 27.34 -54.75 -4.89
N GLY C 660 26.36 -54.32 -4.09
CA GLY C 660 25.18 -55.17 -3.85
C GLY C 660 25.36 -56.18 -2.74
N LYS C 661 26.59 -56.35 -2.31
CA LYS C 661 26.92 -57.30 -1.23
C LYS C 661 26.84 -56.59 0.09
N PRO C 662 25.96 -57.01 0.96
CA PRO C 662 25.75 -56.33 2.26
C PRO C 662 26.90 -56.40 3.23
N LEU C 663 27.30 -55.25 3.73
CA LEU C 663 28.39 -55.15 4.66
C LEU C 663 27.95 -54.87 6.07
N ALA C 664 26.95 -53.99 6.23
CA ALA C 664 26.49 -53.66 7.55
C ALA C 664 25.23 -52.86 7.43
N SER C 665 24.53 -52.75 8.53
CA SER C 665 23.28 -52.02 8.61
C SER C 665 22.89 -51.79 10.05
N GLY C 666 22.00 -50.86 10.27
CA GLY C 666 21.55 -50.57 11.61
C GLY C 666 20.22 -49.82 11.55
N GLU C 667 19.78 -49.46 12.73
CA GLU C 667 18.58 -48.68 12.94
C GLU C 667 18.79 -47.62 13.99
N VAL C 668 18.14 -46.50 13.82
CA VAL C 668 18.24 -45.45 14.80
C VAL C 668 16.89 -44.77 14.82
N PRO C 669 16.36 -44.55 15.98
CA PRO C 669 15.03 -43.93 16.13
C PRO C 669 15.09 -42.48 15.62
N LEU C 670 14.05 -41.96 14.95
CA LEU C 670 14.13 -40.60 14.48
C LEU C 670 13.34 -39.79 15.43
N ASP C 671 13.93 -38.71 15.88
CA ASP C 671 13.17 -37.91 16.80
C ASP C 671 13.35 -36.45 16.33
N VAL C 672 12.60 -36.03 15.33
CA VAL C 672 12.78 -34.71 14.69
C VAL C 672 11.55 -33.86 14.80
N ALA C 673 11.76 -32.68 15.30
CA ALA C 673 10.58 -31.86 15.41
C ALA C 673 10.24 -31.33 14.01
N PRO C 674 9.03 -30.73 13.81
CA PRO C 674 8.67 -30.15 12.48
C PRO C 674 9.66 -29.05 12.16
N GLN C 675 10.29 -29.17 11.00
CA GLN C 675 11.26 -28.24 10.50
C GLN C 675 12.61 -28.39 11.13
N GLY C 676 12.77 -29.33 12.04
CA GLY C 676 14.02 -29.54 12.77
C GLY C 676 15.01 -30.47 12.08
N LYS C 677 16.18 -30.65 12.69
CA LYS C 677 17.19 -31.56 12.14
C LYS C 677 17.57 -32.55 13.18
N GLN C 678 18.06 -33.70 12.77
CA GLN C 678 18.56 -34.72 13.70
C GLN C 678 19.89 -35.11 13.08
N LEU C 679 20.95 -35.30 13.87
CA LEU C 679 22.28 -35.75 13.42
C LEU C 679 22.46 -37.19 13.85
N ILE C 680 22.79 -38.07 12.94
CA ILE C 680 22.98 -39.46 13.29
C ILE C 680 24.38 -39.87 12.92
N GLU C 681 25.13 -40.41 13.87
CA GLU C 681 26.48 -40.72 13.46
C GLU C 681 26.60 -42.17 13.08
N LEU C 682 27.02 -42.52 11.91
CA LEU C 682 27.07 -43.97 11.79
C LEU C 682 28.32 -44.46 12.50
N PRO C 683 28.26 -45.72 12.88
CA PRO C 683 29.36 -46.42 13.51
C PRO C 683 30.51 -46.64 12.53
N GLU C 684 31.69 -46.95 13.07
CA GLU C 684 32.84 -47.16 12.20
C GLU C 684 32.60 -48.27 11.23
N LEU C 685 33.03 -47.99 10.00
CA LEU C 685 32.96 -48.99 8.98
C LEU C 685 34.30 -49.56 8.53
N PRO C 686 34.41 -50.80 9.01
CA PRO C 686 35.50 -51.71 8.73
C PRO C 686 35.73 -51.71 7.21
N GLN C 687 36.95 -52.05 6.81
CA GLN C 687 37.28 -52.09 5.39
C GLN C 687 36.81 -53.35 4.65
N PRO C 688 36.06 -53.10 3.59
CA PRO C 688 35.50 -54.12 2.73
C PRO C 688 36.56 -55.07 2.27
N GLU C 689 36.11 -56.32 2.06
CA GLU C 689 36.90 -57.47 1.61
C GLU C 689 37.66 -57.31 0.27
N SER C 690 37.03 -56.70 -0.74
CA SER C 690 37.65 -56.50 -2.04
C SER C 690 37.34 -55.15 -2.71
N ALA C 691 37.78 -55.04 -3.96
CA ALA C 691 37.53 -53.86 -4.77
C ALA C 691 36.03 -53.61 -4.97
N GLY C 692 35.71 -52.34 -5.28
CA GLY C 692 34.32 -52.00 -5.56
C GLY C 692 33.89 -50.68 -4.91
N GLN C 693 32.63 -50.38 -5.15
CA GLN C 693 31.95 -49.17 -4.66
C GLN C 693 31.05 -49.50 -3.50
N LEU C 694 31.29 -48.79 -2.42
CA LEU C 694 30.42 -48.98 -1.28
C LEU C 694 29.31 -47.98 -1.46
N TRP C 695 28.10 -48.43 -1.15
CA TRP C 695 26.94 -47.55 -1.23
C TRP C 695 26.16 -47.58 0.07
N LEU C 696 25.68 -46.38 0.46
CA LEU C 696 24.85 -46.24 1.65
C LEU C 696 23.42 -45.94 1.22
N THR C 697 22.45 -46.74 1.73
CA THR C 697 21.02 -46.56 1.52
C THR C 697 20.35 -46.36 2.87
N VAL C 698 19.56 -45.31 2.99
CA VAL C 698 18.85 -45.17 4.27
C VAL C 698 17.38 -45.10 3.89
N ARG C 699 16.53 -45.58 4.80
CA ARG C 699 15.10 -45.50 4.54
C ARG C 699 14.43 -45.10 5.85
N VAL C 700 13.31 -44.38 5.76
CA VAL C 700 12.52 -44.06 6.95
C VAL C 700 11.38 -45.09 6.96
N VAL C 701 11.26 -45.83 8.02
CA VAL C 701 10.21 -46.85 8.12
C VAL C 701 9.28 -46.41 9.25
N GLN C 702 7.97 -46.56 9.06
CA GLN C 702 7.03 -46.25 10.12
C GLN C 702 6.72 -47.60 10.83
N PRO C 703 7.14 -47.79 12.06
CA PRO C 703 6.94 -49.10 12.63
C PRO C 703 5.53 -49.40 12.97
N ASN C 704 4.73 -48.40 13.24
CA ASN C 704 3.34 -48.67 13.62
C ASN C 704 2.34 -48.34 12.53
N ALA C 705 1.27 -49.13 12.42
CA ALA C 705 0.21 -48.89 11.44
C ALA C 705 -0.46 -47.55 11.78
N THR C 706 -1.08 -46.94 10.72
CA THR C 706 -1.83 -45.69 10.83
C THR C 706 -3.16 -45.86 10.16
N ALA C 707 -4.00 -44.82 10.11
CA ALA C 707 -5.21 -45.09 9.42
C ALA C 707 -4.90 -45.26 7.96
N TRP C 708 -3.78 -44.75 7.47
CA TRP C 708 -3.56 -44.82 6.03
C TRP C 708 -2.40 -45.70 5.59
N SER C 709 -1.75 -46.37 6.58
CA SER C 709 -0.61 -47.21 6.16
C SER C 709 -0.40 -48.45 7.09
N GLU C 710 0.31 -49.51 6.59
CA GLU C 710 0.57 -50.71 7.39
C GLU C 710 1.81 -50.53 8.20
N ALA C 711 2.04 -51.30 9.25
CA ALA C 711 3.27 -51.17 10.01
C ALA C 711 4.41 -51.52 9.05
N GLY C 712 5.55 -50.89 9.15
CA GLY C 712 6.65 -51.21 8.28
C GLY C 712 6.62 -50.37 7.00
N HIS C 713 5.64 -49.50 6.83
CA HIS C 713 5.61 -48.70 5.59
C HIS C 713 6.89 -47.86 5.47
N ILE C 714 7.46 -47.78 4.24
CA ILE C 714 8.66 -46.97 4.00
C ILE C 714 8.18 -45.64 3.38
N SER C 715 8.53 -44.54 4.02
CA SER C 715 8.07 -43.27 3.57
C SER C 715 9.13 -42.44 2.84
N ALA C 716 10.40 -42.86 2.98
CA ALA C 716 11.42 -42.00 2.35
C ALA C 716 12.68 -42.80 2.27
N TRP C 717 13.51 -42.46 1.28
CA TRP C 717 14.82 -43.18 1.16
C TRP C 717 15.81 -42.30 0.44
N GLN C 718 17.08 -42.61 0.52
CA GLN C 718 18.13 -41.82 -0.18
C GLN C 718 19.38 -42.66 -0.13
N GLN C 719 20.23 -42.41 -1.11
CA GLN C 719 21.51 -43.19 -1.16
C GLN C 719 22.69 -42.30 -1.42
N TRP C 720 23.88 -42.79 -1.09
CA TRP C 720 25.06 -42.02 -1.43
C TRP C 720 26.17 -43.01 -1.75
N ARG C 721 27.08 -42.61 -2.56
CA ARG C 721 28.19 -43.49 -2.76
C ARG C 721 29.15 -43.19 -1.61
N LEU C 722 29.76 -44.24 -1.02
CA LEU C 722 30.75 -44.11 0.03
C LEU C 722 32.15 -44.30 -0.58
N ALA C 723 33.09 -44.95 0.11
CA ALA C 723 34.43 -45.17 -0.45
C ALA C 723 34.38 -46.09 -1.62
N GLU C 724 35.27 -45.91 -2.60
CA GLU C 724 35.42 -46.79 -3.77
C GLU C 724 36.85 -47.28 -3.75
N ASN C 725 37.14 -48.57 -3.97
CA ASN C 725 38.52 -49.06 -4.07
C ASN C 725 38.54 -49.59 -5.44
N LEU C 726 39.19 -48.86 -6.35
CA LEU C 726 39.19 -49.32 -7.76
C LEU C 726 40.03 -50.62 -7.87
N SER C 727 39.60 -51.50 -8.72
CA SER C 727 40.30 -52.75 -8.92
C SER C 727 41.57 -52.57 -9.71
N VAL C 728 42.68 -53.00 -9.11
CA VAL C 728 44.02 -52.89 -9.73
C VAL C 728 44.62 -54.28 -9.91
N THR C 729 43.84 -55.31 -9.70
CA THR C 729 44.41 -56.61 -9.84
C THR C 729 44.07 -57.21 -11.16
N LEU C 730 45.18 -57.66 -11.69
CA LEU C 730 45.43 -58.38 -12.90
C LEU C 730 44.77 -59.76 -12.78
N PRO C 731 44.10 -60.08 -13.85
CA PRO C 731 43.46 -61.36 -13.86
C PRO C 731 44.48 -62.44 -14.20
N ALA C 732 44.24 -63.61 -13.60
CA ALA C 732 45.09 -64.74 -13.88
C ALA C 732 44.88 -65.04 -15.35
N ALA C 733 45.99 -65.07 -16.11
CA ALA C 733 46.00 -65.31 -17.55
C ALA C 733 45.51 -66.67 -18.05
N SER C 734 44.60 -66.58 -19.03
CA SER C 734 43.91 -67.67 -19.71
C SER C 734 44.69 -68.98 -19.80
N HIS C 735 44.03 -70.11 -19.48
CA HIS C 735 44.73 -71.39 -19.62
C HIS C 735 44.52 -71.98 -21.03
N ALA C 736 44.20 -71.08 -22.00
CA ALA C 736 43.95 -71.35 -23.42
C ALA C 736 43.80 -70.08 -24.29
N ILE C 737 44.04 -70.21 -25.58
CA ILE C 737 43.91 -69.01 -26.39
C ILE C 737 42.91 -69.22 -27.53
N PRO C 738 42.04 -68.28 -27.90
CA PRO C 738 41.03 -68.52 -28.90
C PRO C 738 41.56 -68.71 -30.30
N HIS C 739 40.84 -69.54 -31.06
CA HIS C 739 41.22 -69.79 -32.45
C HIS C 739 40.32 -69.13 -33.53
N LEU C 740 40.92 -68.39 -34.44
CA LEU C 740 40.19 -67.76 -35.54
C LEU C 740 40.18 -68.60 -36.78
N THR C 741 39.03 -68.69 -37.39
CA THR C 741 38.91 -69.30 -38.70
C THR C 741 38.37 -68.23 -39.65
N THR C 742 39.07 -67.98 -40.75
CA THR C 742 38.67 -66.95 -41.72
C THR C 742 38.13 -67.60 -42.96
N SER C 743 37.08 -67.08 -43.46
CA SER C 743 36.53 -67.62 -44.63
C SER C 743 36.08 -66.39 -45.39
N GLU C 744 35.76 -66.59 -46.64
CA GLU C 744 35.35 -65.43 -47.39
C GLU C 744 34.11 -64.85 -46.72
N MET C 745 33.23 -65.74 -46.24
CA MET C 745 31.98 -65.34 -45.65
C MET C 745 32.01 -64.92 -44.19
N ASP C 746 32.85 -65.58 -43.42
CA ASP C 746 32.86 -65.23 -42.02
C ASP C 746 34.18 -65.28 -41.35
N PHE C 747 34.22 -64.68 -40.18
CA PHE C 747 35.34 -64.75 -39.27
C PHE C 747 34.75 -65.55 -38.09
N CYS C 748 35.24 -66.76 -37.80
CA CYS C 748 34.73 -67.53 -36.66
C CYS C 748 35.80 -67.66 -35.62
N ILE C 749 35.37 -67.64 -34.37
CA ILE C 749 36.32 -67.72 -33.29
C ILE C 749 35.84 -68.86 -32.41
N GLU C 750 36.77 -69.72 -32.00
CA GLU C 750 36.40 -70.85 -31.16
C GLU C 750 37.27 -70.82 -29.94
N LEU C 751 36.65 -71.22 -28.86
CA LEU C 751 37.36 -71.27 -27.57
C LEU C 751 36.57 -72.24 -26.79
N GLY C 752 37.17 -73.38 -26.59
CA GLY C 752 36.50 -74.40 -25.86
C GLY C 752 35.16 -74.73 -26.46
N ASN C 753 34.16 -74.60 -25.57
CA ASN C 753 32.77 -74.89 -25.86
C ASN C 753 32.16 -73.66 -26.48
N LYS C 754 32.94 -72.66 -26.73
CA LYS C 754 32.19 -71.55 -27.28
C LYS C 754 32.58 -71.22 -28.69
N ARG C 755 31.73 -70.51 -29.40
CA ARG C 755 32.11 -70.14 -30.73
C ARG C 755 31.41 -68.82 -31.08
N TRP C 756 32.07 -67.94 -31.75
CA TRP C 756 31.41 -66.69 -32.14
C TRP C 756 31.49 -66.55 -33.64
N GLN C 757 30.39 -66.18 -34.35
CA GLN C 757 30.45 -65.97 -35.79
C GLN C 757 30.13 -64.54 -36.29
N PHE C 758 31.10 -63.94 -36.95
CA PHE C 758 30.99 -62.60 -37.50
C PHE C 758 30.79 -62.63 -39.01
N ASN C 759 29.62 -62.19 -39.47
CA ASN C 759 29.35 -62.20 -40.92
C ASN C 759 30.17 -61.15 -41.64
N ARG C 760 30.96 -61.54 -42.65
CA ARG C 760 31.84 -60.55 -43.25
C ARG C 760 31.14 -59.61 -44.19
N GLN C 761 29.93 -60.02 -44.60
CA GLN C 761 29.26 -59.11 -45.55
C GLN C 761 28.47 -58.11 -44.75
N SER C 762 27.98 -58.47 -43.56
CA SER C 762 27.22 -57.49 -42.77
C SER C 762 28.09 -56.74 -41.74
N GLY C 763 29.12 -57.40 -41.21
CA GLY C 763 30.01 -56.78 -40.28
C GLY C 763 29.46 -56.92 -38.88
N PHE C 764 28.49 -57.79 -38.73
CA PHE C 764 27.90 -58.04 -37.41
C PHE C 764 28.13 -59.48 -36.87
N LEU C 765 28.05 -59.56 -35.54
CA LEU C 765 28.14 -60.86 -34.84
C LEU C 765 26.86 -61.52 -35.17
N SER C 766 26.86 -62.50 -36.08
CA SER C 766 25.55 -63.07 -36.39
C SER C 766 25.10 -64.31 -35.65
N GLN C 767 26.04 -64.95 -34.94
CA GLN C 767 25.62 -66.13 -34.21
C GLN C 767 26.64 -66.43 -33.13
N MET C 768 26.21 -67.06 -32.06
CA MET C 768 27.09 -67.55 -31.00
C MET C 768 26.55 -68.89 -30.53
N TRP C 769 27.47 -69.73 -30.10
CA TRP C 769 27.05 -71.04 -29.63
C TRP C 769 27.78 -71.36 -28.33
N ILE C 770 27.04 -72.06 -27.46
CA ILE C 770 27.47 -72.66 -26.20
C ILE C 770 27.12 -74.15 -26.44
N GLY C 771 28.16 -74.95 -26.56
CA GLY C 771 27.94 -76.32 -26.86
C GLY C 771 27.34 -76.36 -28.25
N ASP C 772 26.31 -77.14 -28.40
CA ASP C 772 25.77 -77.10 -29.73
C ASP C 772 24.50 -76.23 -29.79
N LYS C 773 24.28 -75.37 -28.80
CA LYS C 773 23.12 -74.49 -28.78
C LYS C 773 23.37 -73.06 -29.32
N LYS C 774 22.64 -72.65 -30.38
CA LYS C 774 22.79 -71.30 -30.96
C LYS C 774 22.20 -70.33 -29.97
N GLN C 775 22.77 -69.15 -29.84
CA GLN C 775 22.25 -68.26 -28.81
C GLN C 775 21.49 -67.05 -29.32
N LEU C 776 21.64 -66.85 -30.64
CA LEU C 776 20.96 -65.69 -31.24
C LEU C 776 19.90 -66.04 -32.29
N LEU C 777 18.79 -65.26 -32.34
CA LEU C 777 17.74 -65.38 -33.35
C LEU C 777 17.91 -64.24 -34.33
N THR C 778 18.44 -63.10 -33.90
CA THR C 778 18.76 -62.05 -34.81
C THR C 778 20.14 -61.54 -34.39
N PRO C 779 20.99 -61.16 -35.30
CA PRO C 779 22.32 -60.65 -35.01
C PRO C 779 22.32 -59.44 -34.08
N LEU C 780 23.51 -59.17 -33.53
CA LEU C 780 23.75 -58.06 -32.60
C LEU C 780 24.04 -56.86 -33.44
N ARG C 781 23.12 -55.84 -33.39
CA ARG C 781 23.37 -54.67 -34.24
C ARG C 781 23.17 -53.35 -33.55
N ASP C 782 23.77 -52.29 -34.12
CA ASP C 782 23.57 -51.00 -33.53
C ASP C 782 22.09 -50.60 -33.59
N GLN C 783 21.64 -49.81 -32.59
CA GLN C 783 20.26 -49.36 -32.56
C GLN C 783 20.23 -47.87 -32.17
N PHE C 784 19.56 -46.97 -32.96
CA PHE C 784 19.59 -45.52 -32.67
C PHE C 784 18.19 -44.95 -32.49
N THR C 785 17.18 -45.84 -32.51
CA THR C 785 15.78 -45.47 -32.39
C THR C 785 15.06 -46.19 -31.26
N ARG C 786 13.87 -45.64 -30.94
CA ARG C 786 13.06 -46.30 -29.92
C ARG C 786 11.65 -46.31 -30.44
N ALA C 787 10.87 -47.27 -29.96
CA ALA C 787 9.44 -47.30 -30.26
C ALA C 787 8.97 -46.02 -29.54
N PRO C 788 8.44 -45.06 -30.25
CA PRO C 788 8.13 -43.75 -29.72
C PRO C 788 7.21 -43.67 -28.54
N LEU C 789 7.64 -42.89 -27.54
CA LEU C 789 6.74 -42.72 -26.42
C LEU C 789 5.56 -41.75 -26.74
N ASP C 790 4.52 -41.69 -25.85
CA ASP C 790 3.49 -40.72 -26.09
C ASP C 790 4.12 -39.30 -26.19
N ASN C 791 5.11 -39.04 -25.32
CA ASN C 791 5.76 -37.72 -25.37
C ASN C 791 6.61 -37.51 -26.67
N ASP C 792 7.08 -38.57 -27.34
CA ASP C 792 7.85 -38.37 -28.57
C ASP C 792 6.86 -38.04 -29.69
N ILE C 793 5.63 -38.55 -29.56
CA ILE C 793 4.60 -38.42 -30.63
C ILE C 793 3.77 -37.15 -30.45
N GLY C 794 3.41 -36.80 -29.18
CA GLY C 794 2.67 -35.56 -28.97
C GLY C 794 1.37 -35.64 -29.73
N VAL C 795 1.00 -34.55 -30.41
CA VAL C 795 -0.26 -34.48 -31.13
C VAL C 795 -0.08 -34.98 -32.52
N SER C 796 1.11 -35.39 -32.89
CA SER C 796 1.22 -35.85 -34.28
C SER C 796 0.35 -37.08 -34.59
N GLU C 797 -0.16 -37.06 -35.83
CA GLU C 797 -1.00 -38.17 -36.33
C GLU C 797 -0.83 -38.26 -37.83
N ALA C 798 -1.04 -39.46 -38.39
CA ALA C 798 -0.91 -39.72 -39.85
C ALA C 798 -1.57 -38.72 -40.79
N THR C 799 -2.79 -38.34 -40.45
CA THR C 799 -3.51 -37.39 -41.26
C THR C 799 -3.17 -35.98 -40.85
N ARG C 800 -2.36 -35.87 -39.85
CA ARG C 800 -2.07 -34.52 -39.46
C ARG C 800 -0.75 -34.53 -38.66
N ILE C 801 0.32 -34.58 -39.41
CA ILE C 801 1.64 -34.63 -38.86
C ILE C 801 2.08 -33.37 -38.12
N ASP C 802 2.81 -33.49 -37.02
CA ASP C 802 3.33 -32.32 -36.31
C ASP C 802 4.83 -32.43 -36.58
N PRO C 803 5.30 -31.77 -37.57
CA PRO C 803 6.70 -31.89 -37.89
C PRO C 803 7.68 -31.56 -36.79
N ASN C 804 7.20 -30.89 -35.76
CA ASN C 804 8.06 -30.53 -34.63
C ASN C 804 8.17 -31.67 -33.58
N ALA C 805 7.27 -32.63 -33.55
CA ALA C 805 7.32 -33.73 -32.61
C ALA C 805 8.60 -34.57 -32.82
N TRP C 806 9.22 -35.04 -31.72
CA TRP C 806 10.46 -35.81 -31.87
C TRP C 806 10.25 -36.93 -32.86
N VAL C 807 9.11 -37.61 -32.75
CA VAL C 807 8.95 -38.73 -33.67
C VAL C 807 9.04 -38.36 -35.15
N GLU C 808 8.46 -37.23 -35.48
CA GLU C 808 8.46 -36.82 -36.86
C GLU C 808 9.83 -36.33 -37.27
N ARG C 809 10.56 -35.72 -36.33
CA ARG C 809 11.89 -35.27 -36.68
C ARG C 809 12.70 -36.52 -37.02
N TRP C 810 12.66 -37.55 -36.18
CA TRP C 810 13.44 -38.73 -36.46
C TRP C 810 13.00 -39.39 -37.79
N LYS C 811 11.69 -39.43 -37.99
CA LYS C 811 11.18 -40.08 -39.18
C LYS C 811 11.67 -39.35 -40.38
N ALA C 812 11.50 -38.02 -40.34
CA ALA C 812 11.90 -37.23 -41.47
C ALA C 812 13.39 -37.35 -41.75
N ALA C 813 14.23 -37.55 -40.74
CA ALA C 813 15.64 -37.66 -40.93
C ALA C 813 16.01 -39.03 -41.43
N GLY C 814 15.09 -40.00 -41.38
CA GLY C 814 15.41 -41.33 -41.88
C GLY C 814 15.95 -42.24 -40.83
N HIS C 815 15.88 -41.75 -39.58
CA HIS C 815 16.41 -42.58 -38.51
C HIS C 815 15.79 -43.98 -38.46
N TYR C 816 14.48 -44.10 -38.75
CA TYR C 816 13.83 -45.44 -38.63
C TYR C 816 14.09 -46.24 -39.87
N GLN C 817 14.42 -45.57 -40.95
CA GLN C 817 14.66 -46.37 -42.14
C GLN C 817 16.12 -46.60 -42.55
N ALA C 818 17.09 -45.96 -41.95
CA ALA C 818 18.45 -46.13 -42.42
C ALA C 818 18.98 -47.55 -42.29
N GLU C 819 19.78 -47.88 -43.30
CA GLU C 819 20.43 -49.18 -43.37
C GLU C 819 21.94 -49.02 -43.24
N ALA C 820 22.51 -49.99 -42.50
CA ALA C 820 23.94 -49.99 -42.27
C ALA C 820 24.72 -50.32 -43.50
N ALA C 821 25.78 -49.57 -43.77
CA ALA C 821 26.64 -49.83 -44.88
C ALA C 821 27.92 -50.24 -44.21
N LEU C 822 28.50 -51.35 -44.62
CA LEU C 822 29.72 -51.78 -43.99
C LEU C 822 30.87 -51.03 -44.60
N LEU C 823 31.73 -50.49 -43.77
CA LEU C 823 32.88 -49.77 -44.28
C LEU C 823 34.15 -50.54 -44.04
N GLN C 824 34.15 -51.37 -43.01
CA GLN C 824 35.36 -52.08 -42.66
C GLN C 824 35.07 -53.23 -41.73
N CYS C 825 35.69 -54.36 -41.95
CA CYS C 825 35.55 -55.57 -41.15
C CYS C 825 36.88 -56.34 -41.20
N THR C 826 37.66 -56.33 -40.16
CA THR C 826 38.97 -57.02 -40.22
C THR C 826 39.18 -57.92 -39.01
N ALA C 827 40.09 -58.90 -39.12
CA ALA C 827 40.36 -59.78 -37.97
C ALA C 827 41.85 -59.85 -37.71
N ASP C 828 42.23 -59.78 -36.45
CA ASP C 828 43.62 -59.87 -36.09
C ASP C 828 43.83 -60.81 -34.93
N THR C 829 44.98 -61.46 -34.90
CA THR C 829 45.25 -62.31 -33.76
C THR C 829 46.29 -61.67 -32.88
N LEU C 830 45.97 -61.67 -31.58
CA LEU C 830 46.91 -61.14 -30.60
C LEU C 830 47.48 -62.29 -29.81
N ALA C 831 48.36 -61.96 -28.88
CA ALA C 831 49.02 -63.03 -28.14
C ALA C 831 48.10 -63.89 -27.38
N ASP C 832 46.99 -63.28 -26.93
CA ASP C 832 46.05 -64.01 -26.11
C ASP C 832 44.61 -63.83 -26.55
N ALA C 833 44.35 -63.36 -27.75
CA ALA C 833 42.93 -63.14 -28.06
C ALA C 833 42.76 -62.93 -29.52
N VAL C 834 41.51 -62.85 -29.92
CA VAL C 834 41.29 -62.57 -31.32
C VAL C 834 40.59 -61.19 -31.36
N LEU C 835 40.96 -60.33 -32.29
CA LEU C 835 40.38 -59.00 -32.35
C LEU C 835 39.62 -58.67 -33.65
N ILE C 836 38.29 -58.51 -33.57
CA ILE C 836 37.51 -58.15 -34.79
C ILE C 836 37.20 -56.65 -34.72
N THR C 837 37.46 -55.97 -35.83
CA THR C 837 37.28 -54.53 -35.97
C THR C 837 36.29 -54.21 -37.06
N THR C 838 35.21 -53.44 -36.76
CA THR C 838 34.20 -53.06 -37.76
C THR C 838 33.93 -51.57 -37.79
N ALA C 839 33.37 -51.16 -38.88
CA ALA C 839 32.97 -49.77 -38.95
C ALA C 839 31.77 -49.78 -39.87
N HIS C 840 30.66 -49.14 -39.47
CA HIS C 840 29.49 -49.08 -40.35
C HIS C 840 28.97 -47.66 -40.44
N ALA C 841 28.34 -47.27 -41.55
CA ALA C 841 27.73 -45.96 -41.71
C ALA C 841 26.25 -46.17 -41.89
N TRP C 842 25.46 -45.34 -41.24
CA TRP C 842 24.01 -45.42 -41.44
C TRP C 842 23.68 -44.25 -42.22
N GLN C 843 22.99 -44.51 -43.35
CA GLN C 843 22.67 -43.42 -44.23
C GLN C 843 21.23 -43.33 -44.70
N HIS C 844 20.88 -42.12 -45.11
CA HIS C 844 19.55 -41.86 -45.58
C HIS C 844 19.59 -40.83 -46.67
N GLN C 845 19.06 -41.29 -47.84
CA GLN C 845 19.01 -40.48 -49.02
C GLN C 845 20.33 -39.78 -49.26
N GLY C 846 21.41 -40.56 -49.19
CA GLY C 846 22.66 -39.88 -49.39
C GLY C 846 23.31 -39.25 -48.16
N LYS C 847 22.59 -39.13 -47.07
CA LYS C 847 23.17 -38.51 -45.90
C LYS C 847 23.63 -39.57 -44.92
N THR C 848 24.84 -39.32 -44.43
CA THR C 848 25.42 -40.20 -43.40
C THR C 848 24.98 -39.69 -42.01
N LEU C 849 24.10 -40.47 -41.39
CA LEU C 849 23.54 -40.12 -40.07
C LEU C 849 24.45 -40.42 -38.86
N PHE C 850 24.91 -41.64 -38.84
CA PHE C 850 25.73 -42.11 -37.75
C PHE C 850 26.79 -43.08 -38.31
N ILE C 851 27.92 -43.08 -37.65
CA ILE C 851 29.05 -43.98 -37.97
C ILE C 851 29.36 -44.75 -36.67
N SER C 852 29.38 -46.08 -36.72
CA SER C 852 29.70 -46.93 -35.55
C SER C 852 30.99 -47.71 -35.81
N ARG C 853 32.01 -47.44 -34.98
CA ARG C 853 33.30 -48.13 -35.03
C ARG C 853 33.42 -48.97 -33.76
N LYS C 854 33.72 -50.25 -33.97
CA LYS C 854 33.85 -51.18 -32.87
C LYS C 854 35.02 -52.08 -32.99
N THR C 855 35.29 -52.64 -31.83
CA THR C 855 36.26 -53.72 -31.69
C THR C 855 35.60 -54.72 -30.75
N TYR C 856 35.83 -55.96 -31.11
CA TYR C 856 35.37 -57.07 -30.29
C TYR C 856 36.67 -57.82 -30.01
N ARG C 857 36.95 -58.06 -28.79
CA ARG C 857 38.19 -58.74 -28.44
C ARG C 857 37.82 -59.93 -27.59
N ILE C 858 38.07 -61.13 -28.10
CA ILE C 858 37.68 -62.36 -27.40
C ILE C 858 38.94 -62.99 -26.87
N ASP C 859 38.99 -63.23 -25.57
CA ASP C 859 40.21 -63.74 -25.02
C ASP C 859 40.06 -65.14 -24.51
N GLY C 860 41.20 -65.66 -24.02
CA GLY C 860 41.33 -67.02 -23.50
C GLY C 860 40.40 -67.29 -22.35
N SER C 861 39.95 -66.24 -21.66
CA SER C 861 38.98 -66.43 -20.59
C SER C 861 37.58 -66.61 -21.16
N GLY C 862 37.30 -66.40 -22.45
CA GLY C 862 35.97 -66.63 -22.95
C GLY C 862 35.11 -65.38 -22.95
N GLN C 863 35.72 -64.30 -22.54
CA GLN C 863 35.01 -63.04 -22.52
C GLN C 863 35.13 -62.27 -23.80
N MET C 864 34.00 -61.71 -24.21
CA MET C 864 34.09 -60.90 -25.41
C MET C 864 33.93 -59.44 -25.00
N ALA C 865 34.97 -58.65 -25.18
CA ALA C 865 34.88 -57.24 -24.83
C ALA C 865 34.53 -56.43 -26.06
N ILE C 866 33.41 -55.68 -26.00
CA ILE C 866 33.02 -54.88 -27.18
C ILE C 866 33.24 -53.38 -26.89
N THR C 867 33.99 -52.70 -27.73
CA THR C 867 34.16 -51.27 -27.52
C THR C 867 33.43 -50.56 -28.66
N VAL C 868 32.68 -49.54 -28.37
CA VAL C 868 31.90 -48.88 -29.44
C VAL C 868 32.13 -47.36 -29.36
N ASP C 869 32.37 -46.75 -30.49
CA ASP C 869 32.57 -45.31 -30.59
C ASP C 869 31.69 -44.89 -31.78
N VAL C 870 30.67 -44.11 -31.48
CA VAL C 870 29.70 -43.64 -32.48
C VAL C 870 29.86 -42.19 -32.80
N GLU C 871 29.66 -41.81 -34.06
CA GLU C 871 29.65 -40.38 -34.40
C GLU C 871 28.25 -40.05 -34.89
N VAL C 872 27.65 -38.94 -34.47
CA VAL C 872 26.34 -38.54 -34.84
C VAL C 872 26.45 -37.19 -35.52
N ALA C 873 25.98 -37.15 -36.77
CA ALA C 873 26.07 -35.91 -37.51
C ALA C 873 25.40 -34.84 -36.66
N SER C 874 26.10 -33.70 -36.53
CA SER C 874 25.62 -32.57 -35.76
C SER C 874 24.26 -32.05 -36.23
N ASP C 875 23.95 -32.14 -37.51
CA ASP C 875 22.71 -31.59 -38.06
C ASP C 875 21.59 -32.61 -38.13
N THR C 876 21.78 -33.82 -37.61
CA THR C 876 20.62 -34.72 -37.64
C THR C 876 19.94 -34.56 -36.27
N PRO C 877 18.63 -34.76 -36.17
CA PRO C 877 18.00 -34.66 -34.85
C PRO C 877 18.68 -35.63 -33.89
N HIS C 878 18.87 -35.19 -32.62
CA HIS C 878 19.54 -36.06 -31.68
C HIS C 878 18.72 -37.36 -31.57
N PRO C 879 19.45 -38.49 -31.59
CA PRO C 879 18.82 -39.79 -31.62
C PRO C 879 18.23 -40.26 -30.28
N ALA C 880 17.23 -41.14 -30.31
CA ALA C 880 16.59 -41.60 -29.10
C ALA C 880 17.49 -42.38 -28.18
N ARG C 881 18.44 -43.04 -28.81
CA ARG C 881 19.36 -43.90 -28.07
C ARG C 881 20.58 -44.23 -28.88
N ILE C 882 21.60 -44.72 -28.16
CA ILE C 882 22.82 -45.16 -28.81
C ILE C 882 23.14 -46.54 -28.20
N GLY C 883 22.83 -47.66 -28.86
CA GLY C 883 23.15 -48.91 -28.16
C GLY C 883 23.18 -50.07 -29.15
N LEU C 884 22.99 -51.28 -28.60
CA LEU C 884 22.96 -52.44 -29.51
C LEU C 884 21.72 -53.19 -29.24
N ASN C 885 21.36 -54.03 -30.19
CA ASN C 885 20.24 -54.87 -29.79
C ASN C 885 20.30 -56.22 -30.46
N CYS C 886 19.62 -57.17 -29.89
CA CYS C 886 19.59 -58.51 -30.45
C CYS C 886 18.45 -59.32 -29.90
N GLN C 887 18.03 -60.36 -30.59
CA GLN C 887 16.98 -61.23 -30.10
C GLN C 887 17.66 -62.53 -29.67
N LEU C 888 17.66 -62.80 -28.38
CA LEU C 888 18.35 -63.98 -27.94
C LEU C 888 17.43 -65.15 -28.18
N ALA C 889 18.00 -66.34 -28.36
CA ALA C 889 17.20 -67.56 -28.53
C ALA C 889 16.47 -68.08 -27.29
N GLN C 890 16.98 -67.79 -26.15
CA GLN C 890 16.40 -68.26 -24.92
C GLN C 890 15.38 -67.36 -24.25
N VAL C 891 14.52 -67.99 -23.46
CA VAL C 891 13.53 -67.34 -22.62
C VAL C 891 13.83 -67.82 -21.23
N ALA C 892 14.33 -66.99 -20.34
CA ALA C 892 14.59 -67.48 -19.01
C ALA C 892 13.62 -66.89 -18.04
N GLU C 893 13.51 -67.52 -16.88
CA GLU C 893 12.55 -67.01 -15.92
C GLU C 893 12.90 -65.69 -15.18
N ARG C 894 14.18 -65.47 -14.83
CA ARG C 894 14.58 -64.31 -14.04
C ARG C 894 15.57 -63.38 -14.75
N VAL C 895 15.55 -62.09 -14.31
CA VAL C 895 16.45 -61.06 -14.78
C VAL C 895 17.17 -60.56 -13.53
N ASN C 896 18.48 -60.63 -13.58
CA ASN C 896 19.18 -60.23 -12.37
C ASN C 896 20.20 -59.19 -12.74
N TRP C 897 20.27 -58.05 -11.99
CA TRP C 897 21.20 -57.04 -12.43
C TRP C 897 21.70 -56.22 -11.24
N LEU C 898 22.85 -55.56 -11.44
CA LEU C 898 23.45 -54.68 -10.46
C LEU C 898 23.35 -53.33 -11.15
N GLY C 899 22.39 -52.53 -10.64
CA GLY C 899 22.16 -51.23 -11.27
C GLY C 899 20.97 -50.56 -10.61
N LEU C 900 20.43 -49.53 -11.29
CA LEU C 900 19.33 -48.82 -10.64
C LEU C 900 18.03 -49.61 -10.75
N GLY C 901 17.22 -49.59 -9.72
CA GLY C 901 15.97 -50.35 -9.85
C GLY C 901 15.25 -50.34 -8.50
N PRO C 902 14.30 -51.27 -8.25
CA PRO C 902 13.95 -52.32 -9.16
C PRO C 902 13.09 -51.85 -10.32
N GLN C 903 12.38 -50.74 -10.20
CA GLN C 903 11.42 -50.44 -11.28
C GLN C 903 12.01 -49.76 -12.47
N GLU C 904 11.23 -49.69 -13.55
CA GLU C 904 11.65 -48.99 -14.78
C GLU C 904 12.18 -47.63 -14.43
N ASN C 905 13.25 -47.21 -15.05
CA ASN C 905 13.82 -45.90 -14.81
C ASN C 905 14.56 -45.37 -16.00
N TYR C 906 14.44 -44.06 -16.27
CA TYR C 906 15.01 -43.39 -17.46
C TYR C 906 15.86 -42.23 -16.97
N PRO C 907 16.69 -41.69 -17.86
CA PRO C 907 17.66 -40.68 -17.42
C PRO C 907 17.17 -39.50 -16.59
N ASP C 908 16.03 -38.99 -17.06
CA ASP C 908 15.38 -37.85 -16.49
C ASP C 908 14.27 -38.36 -15.55
N ARG C 909 14.22 -39.68 -15.24
CA ARG C 909 13.26 -40.15 -14.27
C ARG C 909 13.91 -41.33 -13.56
N LEU C 910 15.01 -41.09 -12.85
CA LEU C 910 15.68 -42.21 -12.16
C LEU C 910 16.00 -41.86 -10.72
N THR C 911 15.50 -40.73 -10.22
CA THR C 911 15.94 -40.46 -8.87
C THR C 911 15.44 -41.43 -7.79
N ALA C 912 14.20 -41.93 -7.98
CA ALA C 912 13.68 -42.85 -6.96
C ALA C 912 14.35 -44.18 -7.02
N ALA C 913 14.96 -44.54 -8.19
CA ALA C 913 15.59 -45.87 -8.28
C ALA C 913 16.83 -45.96 -7.36
N CYS C 914 17.13 -47.17 -6.88
CA CYS C 914 18.33 -47.27 -6.05
C CYS C 914 19.28 -48.28 -6.69
N PHE C 915 20.57 -48.01 -6.50
CA PHE C 915 21.67 -48.85 -7.02
C PHE C 915 21.82 -50.02 -6.06
N ASP C 916 21.56 -51.21 -6.54
CA ASP C 916 21.62 -52.39 -5.68
C ASP C 916 21.56 -53.63 -6.58
N ARG C 917 21.47 -54.82 -5.97
CA ARG C 917 21.37 -56.01 -6.78
C ARG C 917 19.91 -56.37 -6.82
N TRP C 918 19.34 -56.41 -8.02
CA TRP C 918 17.91 -56.71 -8.14
C TRP C 918 17.66 -58.00 -8.95
N ASP C 919 16.57 -58.69 -8.65
CA ASP C 919 16.22 -59.94 -9.36
C ASP C 919 14.70 -60.02 -9.43
N LEU C 920 14.22 -60.01 -10.67
CA LEU C 920 12.77 -60.04 -10.85
C LEU C 920 12.39 -61.06 -11.94
N PRO C 921 11.15 -61.53 -11.97
CA PRO C 921 10.76 -62.39 -13.06
C PRO C 921 10.85 -61.54 -14.30
N LEU C 922 11.12 -62.18 -15.43
CA LEU C 922 11.23 -61.45 -16.70
C LEU C 922 9.99 -60.59 -16.95
N SER C 923 8.75 -61.02 -16.63
CA SER C 923 7.63 -60.12 -17.01
C SER C 923 7.60 -58.77 -16.35
N ASP C 924 8.24 -58.66 -15.18
CA ASP C 924 8.30 -57.39 -14.48
C ASP C 924 9.20 -56.42 -15.16
N MET C 925 9.96 -56.94 -16.13
CA MET C 925 10.89 -56.15 -16.88
C MET C 925 10.20 -55.46 -18.06
N TYR C 926 8.85 -55.64 -18.13
CA TYR C 926 8.03 -55.02 -19.19
C TYR C 926 6.98 -54.18 -18.49
N THR C 927 6.76 -52.93 -18.92
CA THR C 927 5.73 -52.13 -18.28
C THR C 927 4.60 -52.11 -19.25
N PRO C 928 3.44 -52.57 -18.90
CA PRO C 928 2.34 -52.66 -19.85
C PRO C 928 1.54 -51.37 -20.08
N TYR C 929 2.23 -50.33 -20.50
CA TYR C 929 1.46 -49.13 -20.83
C TYR C 929 0.36 -49.51 -21.88
N VAL C 930 -0.84 -48.90 -21.69
CA VAL C 930 -1.94 -49.21 -22.58
C VAL C 930 -1.60 -49.02 -24.07
N PHE C 931 -0.96 -47.85 -24.32
CA PHE C 931 -0.55 -47.51 -25.68
C PHE C 931 0.90 -47.98 -25.61
N PRO C 932 1.29 -49.02 -26.35
CA PRO C 932 2.66 -49.52 -26.19
C PRO C 932 3.76 -48.64 -26.74
N SER C 933 4.94 -48.65 -26.07
CA SER C 933 6.09 -47.87 -26.54
C SER C 933 7.36 -48.42 -25.86
N GLU C 934 8.47 -47.76 -26.14
CA GLU C 934 9.70 -48.21 -25.47
C GLU C 934 9.38 -48.17 -24.02
N ASN C 935 9.81 -49.15 -23.23
CA ASN C 935 9.44 -49.20 -21.86
C ASN C 935 10.37 -50.19 -21.13
N GLY C 936 10.35 -50.13 -19.80
CA GLY C 936 11.17 -51.13 -19.08
C GLY C 936 12.65 -50.88 -18.97
N LEU C 937 13.18 -49.75 -19.41
CA LEU C 937 14.61 -49.50 -19.22
C LEU C 937 14.95 -49.40 -17.74
N ARG C 938 16.21 -49.81 -17.43
CA ARG C 938 16.85 -49.70 -16.15
C ARG C 938 18.19 -49.04 -16.47
N CYS C 939 18.54 -47.95 -15.79
CA CYS C 939 19.76 -47.26 -16.14
C CYS C 939 20.88 -47.51 -15.11
N GLY C 940 22.10 -46.95 -15.30
CA GLY C 940 23.21 -47.11 -14.32
C GLY C 940 23.55 -48.56 -13.99
N THR C 941 23.44 -49.43 -15.04
CA THR C 941 23.67 -50.87 -14.79
C THR C 941 25.09 -51.30 -15.11
N ARG C 942 25.72 -51.96 -14.14
CA ARG C 942 27.13 -52.39 -14.28
C ARG C 942 27.20 -53.89 -14.54
N GLU C 943 26.11 -54.64 -14.31
CA GLU C 943 26.12 -56.06 -14.59
C GLU C 943 24.69 -56.51 -14.84
N LEU C 944 24.51 -57.37 -15.84
CA LEU C 944 23.13 -57.86 -16.10
C LEU C 944 23.24 -59.36 -16.36
N ASN C 945 22.38 -60.18 -15.77
CA ASN C 945 22.47 -61.60 -15.95
C ASN C 945 21.16 -62.10 -16.49
N TYR C 946 21.20 -62.96 -17.52
CA TYR C 946 20.01 -63.56 -18.10
C TYR C 946 20.38 -64.90 -18.70
N GLY C 947 19.74 -65.92 -18.19
CA GLY C 947 20.04 -67.26 -18.65
C GLY C 947 21.52 -67.49 -18.37
N PRO C 948 22.24 -67.98 -19.34
CA PRO C 948 23.64 -68.24 -19.16
C PRO C 948 24.54 -67.02 -19.40
N HIS C 949 23.94 -65.91 -19.82
CA HIS C 949 24.70 -64.73 -20.20
C HIS C 949 24.86 -63.70 -19.13
N GLN C 950 25.99 -63.05 -19.21
CA GLN C 950 26.25 -61.96 -18.31
C GLN C 950 26.81 -60.82 -19.17
N TRP C 951 26.38 -59.56 -18.97
CA TRP C 951 27.02 -58.44 -19.68
C TRP C 951 27.44 -57.47 -18.57
N ARG C 952 28.61 -56.87 -18.70
CA ARG C 952 29.15 -55.94 -17.71
C ARG C 952 29.57 -54.65 -18.37
N GLY C 953 29.51 -53.57 -17.67
CA GLY C 953 29.93 -52.30 -18.26
C GLY C 953 29.27 -51.16 -17.46
N ASP C 954 28.67 -50.16 -18.16
CA ASP C 954 27.97 -49.05 -17.48
C ASP C 954 26.92 -48.64 -18.50
N PHE C 955 25.79 -49.31 -18.46
CA PHE C 955 24.86 -49.06 -19.54
C PHE C 955 23.42 -49.05 -19.00
N GLN C 956 22.50 -48.84 -19.93
CA GLN C 956 21.07 -48.84 -19.66
C GLN C 956 20.53 -50.03 -20.44
N PHE C 957 19.50 -50.71 -19.97
CA PHE C 957 19.02 -51.85 -20.81
C PHE C 957 17.54 -52.06 -20.66
N ASN C 958 16.93 -52.78 -21.61
CA ASN C 958 15.57 -53.28 -21.41
C ASN C 958 15.58 -54.72 -21.96
N ILE C 959 14.67 -55.59 -21.56
CA ILE C 959 14.70 -56.97 -22.06
C ILE C 959 13.27 -57.47 -21.86
N SER C 960 12.76 -58.08 -22.94
CA SER C 960 11.38 -58.49 -22.88
C SER C 960 11.08 -59.30 -24.13
N ARG C 961 9.84 -59.75 -24.25
CA ARG C 961 9.59 -60.55 -25.42
C ARG C 961 9.02 -59.75 -26.53
N TYR C 962 9.11 -58.44 -26.49
CA TYR C 962 8.50 -57.66 -27.59
C TYR C 962 9.58 -56.82 -28.24
N SER C 963 9.70 -56.88 -29.53
CA SER C 963 10.70 -56.09 -30.21
C SER C 963 10.26 -54.61 -30.26
N GLN C 964 11.25 -53.71 -30.49
CA GLN C 964 10.91 -52.29 -30.68
C GLN C 964 9.95 -52.16 -31.86
N GLN C 965 10.22 -52.96 -32.88
CA GLN C 965 9.34 -52.82 -34.00
C GLN C 965 7.90 -53.16 -33.64
N GLN C 966 7.68 -54.22 -32.92
CA GLN C 966 6.33 -54.58 -32.59
C GLN C 966 5.69 -53.49 -31.74
N LEU C 967 6.47 -53.02 -30.74
CA LEU C 967 5.95 -51.96 -29.90
C LEU C 967 5.55 -50.72 -30.72
N MET C 968 6.34 -50.32 -31.66
CA MET C 968 5.93 -49.16 -32.38
C MET C 968 4.79 -49.43 -33.32
N GLU C 969 4.52 -50.69 -33.67
CA GLU C 969 3.42 -50.89 -34.63
C GLU C 969 2.10 -51.22 -33.95
N THR C 970 2.11 -51.36 -32.65
CA THR C 970 0.92 -51.77 -31.94
C THR C 970 0.35 -50.61 -31.13
N SER C 971 -0.96 -50.43 -31.27
CA SER C 971 -1.58 -49.30 -30.56
C SER C 971 -2.20 -49.65 -29.25
N HIS C 972 -2.40 -50.96 -28.93
CA HIS C 972 -3.06 -51.33 -27.70
C HIS C 972 -2.34 -52.54 -27.14
N ARG C 973 -2.00 -52.46 -25.86
CA ARG C 973 -1.23 -53.54 -25.23
C ARG C 973 -1.83 -54.91 -25.38
N HIS C 974 -3.15 -55.00 -25.43
CA HIS C 974 -3.84 -56.32 -25.49
C HIS C 974 -3.51 -57.02 -26.81
N LEU C 975 -2.98 -56.26 -27.78
CA LEU C 975 -2.72 -56.88 -29.05
C LEU C 975 -1.30 -57.38 -29.18
N LEU C 976 -0.51 -57.09 -28.20
CA LEU C 976 0.86 -57.53 -28.32
C LEU C 976 0.94 -59.07 -28.19
N HIS C 977 1.97 -59.67 -28.84
CA HIS C 977 2.15 -61.12 -28.73
C HIS C 977 3.64 -61.35 -28.45
N ALA C 978 3.95 -62.23 -27.51
CA ALA C 978 5.35 -62.50 -27.18
C ALA C 978 6.06 -63.09 -28.39
N GLU C 979 7.27 -62.63 -28.74
CA GLU C 979 8.00 -63.13 -29.89
C GLU C 979 8.85 -64.29 -29.44
N GLU C 980 9.43 -65.04 -30.41
CA GLU C 980 10.26 -66.19 -30.03
C GLU C 980 11.47 -65.58 -29.28
N GLY C 981 11.94 -66.24 -28.29
CA GLY C 981 13.13 -65.59 -27.72
C GLY C 981 12.96 -64.33 -26.88
N THR C 982 14.06 -63.59 -26.66
CA THR C 982 14.00 -62.43 -25.79
C THR C 982 14.76 -61.32 -26.45
N TRP C 983 14.09 -60.17 -26.58
CA TRP C 983 14.72 -59.00 -27.23
C TRP C 983 15.51 -58.24 -26.17
N LEU C 984 16.80 -58.04 -26.43
CA LEU C 984 17.60 -57.32 -25.48
C LEU C 984 18.02 -56.03 -26.09
N ASN C 985 17.83 -54.94 -25.37
CA ASN C 985 18.33 -53.65 -25.87
C ASN C 985 19.28 -53.12 -24.82
N ILE C 986 20.57 -53.03 -25.17
CA ILE C 986 21.64 -52.54 -24.28
C ILE C 986 22.17 -51.22 -24.80
N ASP C 987 21.94 -50.11 -24.06
CA ASP C 987 22.35 -48.81 -24.55
C ASP C 987 23.51 -48.23 -23.81
N GLY C 988 24.43 -47.65 -24.55
CA GLY C 988 25.50 -46.91 -23.91
C GLY C 988 24.81 -45.64 -23.39
N PHE C 989 23.90 -45.08 -24.21
CA PHE C 989 23.19 -43.82 -23.89
C PHE C 989 21.71 -43.83 -24.31
N HIS C 990 20.86 -43.18 -23.53
CA HIS C 990 19.45 -43.18 -23.90
C HIS C 990 18.91 -41.80 -23.74
N MET C 991 18.08 -41.32 -24.64
CA MET C 991 17.57 -39.96 -24.40
C MET C 991 16.49 -39.88 -23.26
N GLY C 992 16.31 -38.71 -22.63
CA GLY C 992 15.25 -38.50 -21.63
C GLY C 992 13.86 -38.78 -22.26
N ILE C 993 12.88 -39.01 -21.37
CA ILE C 993 11.54 -39.27 -21.86
C ILE C 993 10.65 -38.01 -21.79
N GLY C 994 11.05 -36.96 -21.04
CA GLY C 994 10.24 -35.76 -21.05
C GLY C 994 8.93 -35.94 -20.32
N GLY C 995 8.01 -34.96 -20.47
CA GLY C 995 6.76 -35.04 -19.77
C GLY C 995 6.28 -33.72 -19.20
N ASP C 996 7.06 -32.63 -19.28
CA ASP C 996 6.46 -31.39 -18.76
C ASP C 996 5.09 -31.22 -19.41
N ASP C 997 4.95 -31.67 -20.65
CA ASP C 997 3.60 -31.73 -21.29
C ASP C 997 3.68 -32.83 -22.32
N SER C 998 2.59 -33.24 -22.93
CA SER C 998 2.64 -34.34 -23.94
C SER C 998 2.19 -33.82 -25.29
N TRP C 999 2.41 -32.52 -25.56
CA TRP C 999 1.94 -32.02 -26.87
C TRP C 999 2.99 -31.19 -27.53
N SER C 1000 4.10 -31.03 -26.86
CA SER C 1000 5.23 -30.27 -27.42
C SER C 1000 6.57 -30.89 -26.94
N PRO C 1001 7.69 -30.79 -27.67
CA PRO C 1001 8.94 -31.43 -27.19
C PRO C 1001 9.20 -30.94 -25.80
N SER C 1002 9.45 -31.89 -24.92
CA SER C 1002 9.66 -31.55 -23.53
C SER C 1002 10.91 -32.14 -22.89
N VAL C 1003 11.77 -32.77 -23.71
CA VAL C 1003 13.03 -33.36 -23.16
C VAL C 1003 14.04 -32.24 -23.00
N SER C 1004 14.46 -32.04 -21.77
CA SER C 1004 15.38 -30.95 -21.51
C SER C 1004 16.72 -31.16 -22.21
N ALA C 1005 17.43 -30.07 -22.60
CA ALA C 1005 18.69 -30.18 -23.34
C ALA C 1005 19.74 -31.09 -22.74
N GLU C 1006 19.78 -31.10 -21.39
CA GLU C 1006 20.78 -31.90 -20.79
C GLU C 1006 20.51 -33.38 -20.91
N PHE C 1007 19.30 -33.73 -21.34
CA PHE C 1007 19.00 -35.18 -21.48
C PHE C 1007 18.90 -35.60 -22.93
N GLN C 1008 19.26 -34.67 -23.86
CA GLN C 1008 19.27 -34.92 -25.34
C GLN C 1008 20.68 -35.47 -25.71
N LEU C 1009 20.79 -36.40 -26.68
CA LEU C 1009 22.10 -36.98 -27.03
C LEU C 1009 22.73 -36.12 -28.11
N SER C 1010 23.23 -34.96 -27.70
CA SER C 1010 23.77 -33.96 -28.64
C SER C 1010 25.29 -33.94 -28.60
N ALA C 1011 25.92 -34.84 -27.91
CA ALA C 1011 27.40 -34.69 -27.83
C ALA C 1011 28.15 -34.91 -29.12
N GLY C 1012 27.58 -35.56 -30.15
CA GLY C 1012 28.36 -35.72 -31.40
C GLY C 1012 29.12 -37.04 -31.45
N ARG C 1013 29.88 -37.30 -30.42
CA ARG C 1013 30.72 -38.49 -30.29
C ARG C 1013 30.42 -39.19 -29.00
N TYR C 1014 30.16 -40.49 -29.05
CA TYR C 1014 29.85 -41.24 -27.87
C TYR C 1014 30.68 -42.49 -27.75
N HIS C 1015 31.04 -42.83 -26.50
CA HIS C 1015 31.82 -44.06 -26.35
C HIS C 1015 31.22 -44.92 -25.29
N TYR C 1016 31.22 -46.21 -25.51
CA TYR C 1016 30.79 -47.09 -24.46
C TYR C 1016 31.48 -48.43 -24.66
N GLN C 1017 31.49 -49.19 -23.60
CA GLN C 1017 32.13 -50.52 -23.59
C GLN C 1017 31.35 -51.59 -22.78
N LEU C 1018 31.16 -52.74 -23.42
CA LEU C 1018 30.45 -53.90 -22.85
C LEU C 1018 31.37 -55.12 -22.85
N VAL C 1019 31.24 -55.97 -21.83
CA VAL C 1019 31.94 -57.23 -21.81
C VAL C 1019 30.77 -58.26 -21.81
N TRP C 1020 30.76 -59.24 -22.73
CA TRP C 1020 29.71 -60.24 -22.74
C TRP C 1020 30.39 -61.54 -22.45
N CYS C 1021 29.90 -62.24 -21.46
CA CYS C 1021 30.53 -63.50 -21.15
C CYS C 1021 29.54 -64.53 -20.63
N GLN C 1022 29.99 -65.72 -20.26
CA GLN C 1022 29.06 -66.72 -19.74
C GLN C 1022 29.14 -66.65 -18.22
N LYS C 1023 28.11 -67.10 -17.55
CA LYS C 1023 28.18 -67.11 -16.10
C LYS C 1023 27.91 -68.53 -15.64
N ARG D 13 46.68 20.31 19.73
CA ARG D 13 45.80 19.11 19.77
C ARG D 13 46.21 18.12 18.66
N ARG D 14 45.75 16.93 18.84
CA ARG D 14 46.03 15.91 17.86
C ARG D 14 44.73 15.77 17.14
N ASP D 15 44.40 16.73 16.30
CA ASP D 15 43.09 16.68 15.66
C ASP D 15 42.84 15.41 14.81
N TRP D 16 43.94 14.75 14.47
CA TRP D 16 43.97 13.51 13.68
C TRP D 16 43.65 12.28 14.54
N GLU D 17 43.28 12.46 15.77
CA GLU D 17 42.86 11.31 16.57
C GLU D 17 41.56 11.70 17.27
N ASN D 18 40.66 12.32 16.53
CA ASN D 18 39.41 12.80 17.03
C ASN D 18 38.42 12.92 15.87
N PRO D 19 37.47 11.97 15.84
CA PRO D 19 36.46 11.92 14.78
C PRO D 19 35.46 13.03 14.89
N GLY D 20 35.53 13.83 15.97
CA GLY D 20 34.64 14.95 16.12
C GLY D 20 35.17 16.18 15.39
N VAL D 21 36.47 16.13 15.01
CA VAL D 21 37.16 17.17 14.26
C VAL D 21 37.56 16.58 12.95
N THR D 22 36.82 16.85 11.91
CA THR D 22 37.19 16.32 10.62
C THR D 22 37.70 17.44 9.74
N GLN D 23 37.69 18.71 10.24
CA GLN D 23 38.18 19.86 9.49
C GLN D 23 38.20 21.06 10.37
N LEU D 24 39.02 22.09 10.00
CA LEU D 24 38.96 23.32 10.78
C LEU D 24 39.08 24.40 9.72
N ASN D 25 38.16 25.35 9.73
CA ASN D 25 38.14 26.49 8.82
C ASN D 25 37.94 26.08 7.39
N ARG D 26 37.37 24.87 7.17
CA ARG D 26 37.23 24.46 5.82
C ARG D 26 36.01 25.10 5.16
N LEU D 27 36.12 25.49 3.90
CA LEU D 27 34.94 26.09 3.21
C LEU D 27 33.88 25.03 2.81
N ALA D 28 32.65 25.47 2.58
CA ALA D 28 31.55 24.54 2.20
C ALA D 28 31.81 23.89 0.84
N ALA D 29 31.29 22.65 0.55
CA ALA D 29 31.51 21.94 -0.67
C ALA D 29 30.50 22.48 -1.65
N HIS D 30 30.76 22.26 -2.93
CA HIS D 30 29.88 22.87 -3.93
C HIS D 30 30.26 22.24 -5.26
N PRO D 31 29.53 22.44 -6.35
CA PRO D 31 29.83 21.83 -7.64
C PRO D 31 31.06 22.54 -8.22
N PRO D 32 31.69 21.95 -9.24
CA PRO D 32 32.92 22.54 -9.77
C PRO D 32 32.73 24.02 -10.21
N PHE D 33 33.65 24.87 -9.80
CA PHE D 33 33.54 26.27 -10.14
C PHE D 33 34.79 26.72 -10.86
N ALA D 34 34.67 27.83 -11.63
CA ALA D 34 35.79 28.43 -12.30
C ALA D 34 35.75 29.97 -12.20
N SER D 35 34.69 30.57 -11.58
CA SER D 35 34.65 32.05 -11.53
C SER D 35 34.89 32.68 -12.89
N TRP D 36 34.16 32.22 -13.92
CA TRP D 36 34.40 32.85 -15.20
C TRP D 36 33.94 34.30 -15.11
N ARG D 37 34.60 35.22 -15.76
CA ARG D 37 34.14 36.64 -15.71
C ARG D 37 33.70 37.04 -17.08
N ASN D 38 33.51 36.02 -17.94
CA ASN D 38 33.06 36.27 -19.33
C ASN D 38 32.09 35.16 -19.66
N SER D 39 30.83 35.49 -19.93
CA SER D 39 29.86 34.42 -20.17
C SER D 39 30.14 33.50 -21.32
N GLU D 40 30.73 34.02 -22.36
CA GLU D 40 31.01 33.19 -23.54
C GLU D 40 32.10 32.16 -23.26
N GLU D 41 33.08 32.58 -22.46
CA GLU D 41 34.11 31.58 -22.07
C GLU D 41 33.44 30.46 -21.20
N ALA D 42 32.51 30.86 -20.31
CA ALA D 42 31.84 29.92 -19.44
C ALA D 42 31.01 28.97 -20.33
N ARG D 43 30.36 29.55 -21.32
CA ARG D 43 29.52 28.74 -22.22
C ARG D 43 30.38 27.65 -22.93
N THR D 44 31.58 28.03 -23.39
CA THR D 44 32.42 27.11 -24.17
C THR D 44 33.30 26.30 -23.31
N ASP D 45 33.24 26.42 -22.03
CA ASP D 45 34.08 25.58 -21.21
C ASP D 45 35.57 25.89 -21.30
N ARG D 46 35.92 27.13 -21.72
CA ARG D 46 37.34 27.48 -21.82
C ARG D 46 37.92 27.84 -20.48
N PRO D 47 39.22 27.94 -20.45
CA PRO D 47 39.92 28.27 -19.22
C PRO D 47 39.48 29.56 -18.65
N SER D 48 39.57 29.60 -17.29
CA SER D 48 39.24 30.80 -16.53
C SER D 48 40.50 31.37 -15.95
N GLN D 49 40.79 32.63 -16.19
CA GLN D 49 41.99 33.11 -15.58
C GLN D 49 41.82 33.28 -14.11
N GLN D 50 40.58 33.11 -13.58
CA GLN D 50 40.41 33.22 -12.12
C GLN D 50 40.69 31.87 -11.42
N LEU D 51 41.02 30.85 -12.23
CA LEU D 51 41.33 29.52 -11.68
C LEU D 51 42.69 29.06 -12.19
N ARG D 52 43.61 28.89 -11.31
CA ARG D 52 44.98 28.55 -11.65
C ARG D 52 45.38 27.23 -11.01
N SER D 53 46.20 26.46 -11.73
CA SER D 53 46.66 25.24 -11.08
C SER D 53 47.99 25.48 -10.37
N LEU D 54 48.20 24.88 -9.22
CA LEU D 54 49.52 24.95 -8.58
C LEU D 54 50.23 23.58 -8.72
N ASN D 55 49.74 22.72 -9.63
CA ASN D 55 50.42 21.45 -9.80
C ASN D 55 51.82 21.71 -10.39
N GLY D 56 52.80 20.82 -10.13
CA GLY D 56 54.12 21.02 -10.68
C GLY D 56 55.15 20.71 -9.63
N GLU D 57 56.29 21.40 -9.66
CA GLU D 57 57.32 21.12 -8.62
C GLU D 57 57.16 21.83 -7.27
N TRP D 58 57.06 21.04 -6.20
CA TRP D 58 56.94 21.52 -4.84
C TRP D 58 58.13 21.06 -4.06
N ARG D 59 58.25 21.48 -2.83
CA ARG D 59 59.35 21.03 -2.05
C ARG D 59 58.80 20.06 -1.06
N PHE D 60 59.53 18.99 -0.76
CA PHE D 60 58.98 17.98 0.15
C PHE D 60 60.01 17.33 1.08
N ALA D 61 59.57 17.02 2.28
CA ALA D 61 60.45 16.34 3.21
C ALA D 61 59.62 15.35 3.93
N TRP D 62 60.15 14.15 4.22
CA TRP D 62 59.44 13.13 4.94
C TRP D 62 59.89 13.02 6.39
N PHE D 63 58.95 12.85 7.35
CA PHE D 63 59.30 12.66 8.75
C PHE D 63 58.56 11.44 9.32
N PRO D 64 59.14 10.78 10.32
CA PRO D 64 58.53 9.60 10.91
C PRO D 64 57.25 9.80 11.74
N ALA D 65 57.04 11.04 12.15
CA ALA D 65 55.92 11.49 12.98
C ALA D 65 55.80 13.01 12.95
N PRO D 66 54.64 13.55 13.31
CA PRO D 66 54.48 15.00 13.29
C PRO D 66 55.32 15.63 14.36
N GLU D 67 55.54 14.91 15.43
CA GLU D 67 56.42 15.46 16.44
C GLU D 67 57.82 15.73 15.88
N ALA D 68 58.24 15.15 14.77
CA ALA D 68 59.60 15.43 14.33
C ALA D 68 59.76 16.64 13.40
N VAL D 69 58.69 17.27 13.02
CA VAL D 69 58.83 18.35 12.06
C VAL D 69 59.29 19.55 12.82
N PRO D 70 60.35 20.17 12.35
CA PRO D 70 60.88 21.34 12.99
C PRO D 70 60.09 22.57 12.63
N GLU D 71 59.99 23.39 13.69
CA GLU D 71 59.23 24.60 13.63
C GLU D 71 59.68 25.52 12.54
N SER D 72 60.98 25.42 12.28
CA SER D 72 61.54 26.22 11.23
C SER D 72 60.86 26.05 9.87
N TRP D 73 60.34 24.84 9.67
CA TRP D 73 59.72 24.54 8.39
C TRP D 73 58.59 25.49 8.00
N LEU D 74 57.96 26.00 9.03
CA LEU D 74 56.84 26.92 8.75
C LEU D 74 57.30 28.24 8.18
N GLU D 75 58.51 28.67 8.58
CA GLU D 75 58.97 29.96 8.12
C GLU D 75 59.82 29.84 6.87
N CYS D 76 60.57 28.76 6.72
CA CYS D 76 61.34 28.67 5.50
C CYS D 76 61.71 27.26 5.10
N ASP D 77 61.99 27.16 3.80
CA ASP D 77 62.38 25.91 3.21
C ASP D 77 63.43 25.07 3.94
N LEU D 78 63.23 23.75 4.02
CA LEU D 78 64.20 22.89 4.69
C LEU D 78 65.23 22.62 3.62
N PRO D 79 66.48 22.80 3.97
CA PRO D 79 67.53 22.57 3.02
C PRO D 79 67.59 21.12 2.70
N GLU D 80 67.21 20.28 3.68
CA GLU D 80 67.24 18.90 3.31
C GLU D 80 66.00 18.44 2.52
N ALA D 81 65.05 19.28 2.18
CA ALA D 81 63.92 18.77 1.43
C ALA D 81 64.30 18.54 -0.01
N ASP D 82 63.51 17.77 -0.73
CA ASP D 82 63.80 17.54 -2.13
C ASP D 82 62.68 18.25 -2.92
N THR D 83 62.91 18.43 -4.18
CA THR D 83 61.90 19.01 -5.08
C THR D 83 61.23 17.81 -5.77
N VAL D 84 59.92 17.68 -5.62
CA VAL D 84 59.13 16.55 -6.20
C VAL D 84 57.93 17.11 -6.98
N VAL D 85 57.35 16.25 -7.79
CA VAL D 85 56.18 16.62 -8.52
C VAL D 85 54.96 16.35 -7.64
N VAL D 86 54.04 17.30 -7.73
CA VAL D 86 52.76 17.19 -7.06
C VAL D 86 51.75 17.39 -8.20
N PRO D 87 50.68 16.61 -8.28
CA PRO D 87 50.31 15.55 -7.34
C PRO D 87 51.14 14.31 -7.43
N SER D 88 51.25 13.67 -6.24
CA SER D 88 51.96 12.42 -6.11
C SER D 88 51.57 11.69 -4.85
N ASN D 89 51.89 10.36 -4.78
CA ASN D 89 51.75 9.62 -3.54
C ASN D 89 53.20 9.55 -3.10
N TRP D 90 53.58 9.82 -1.86
CA TRP D 90 54.99 9.78 -1.56
C TRP D 90 55.64 8.44 -1.62
N GLN D 91 54.83 7.39 -1.46
CA GLN D 91 55.39 6.04 -1.60
C GLN D 91 55.95 5.80 -3.01
N MET D 92 55.35 6.52 -3.98
CA MET D 92 55.74 6.35 -5.35
C MET D 92 57.09 6.97 -5.63
N HIS D 93 57.50 7.85 -4.76
CA HIS D 93 58.78 8.51 -4.84
C HIS D 93 59.75 7.74 -3.93
N GLY D 94 59.30 6.64 -3.33
CA GLY D 94 60.21 5.86 -2.47
C GLY D 94 60.47 6.41 -1.08
N TYR D 95 59.69 7.33 -0.53
CA TYR D 95 60.01 7.77 0.83
C TYR D 95 59.68 6.80 1.92
N ASP D 96 58.62 6.00 1.69
CA ASP D 96 58.22 4.90 2.59
C ASP D 96 57.48 3.84 1.73
N ALA D 97 57.11 2.71 2.31
CA ALA D 97 56.53 1.69 1.47
C ALA D 97 54.99 1.76 1.39
N PRO D 98 54.38 1.46 0.24
CA PRO D 98 52.90 1.37 0.11
C PRO D 98 52.57 0.03 0.78
N ILE D 99 51.41 -0.13 1.40
CA ILE D 99 51.07 -1.38 2.06
C ILE D 99 49.83 -2.03 1.38
N TYR D 100 49.90 -3.31 1.02
CA TYR D 100 48.74 -3.92 0.43
C TYR D 100 48.06 -4.85 1.44
N THR D 101 46.98 -4.37 2.09
CA THR D 101 46.15 -5.19 2.97
C THR D 101 44.68 -5.09 2.47
N ASN D 102 43.95 -6.17 2.63
CA ASN D 102 42.60 -6.25 2.15
C ASN D 102 41.63 -5.82 3.21
N VAL D 103 41.31 -6.78 4.11
CA VAL D 103 40.30 -6.46 5.12
C VAL D 103 40.93 -5.89 6.41
N THR D 104 41.91 -6.63 6.91
CA THR D 104 42.53 -6.21 8.20
C THR D 104 43.12 -4.78 8.13
N TYR D 105 42.78 -3.88 9.08
CA TYR D 105 43.39 -2.56 8.97
C TYR D 105 44.92 -2.58 8.99
N PRO D 106 45.56 -1.56 8.35
CA PRO D 106 46.99 -1.47 8.31
C PRO D 106 47.49 -0.90 9.59
N ILE D 107 46.60 -0.51 10.50
CA ILE D 107 47.01 -0.04 11.80
C ILE D 107 46.29 -0.83 12.83
N THR D 108 46.83 -0.79 14.07
CA THR D 108 46.13 -1.45 15.18
C THR D 108 44.72 -0.91 15.34
N VAL D 109 43.70 -1.74 15.54
CA VAL D 109 42.37 -1.25 15.63
C VAL D 109 42.14 -0.71 17.03
N ASN D 110 42.20 0.60 17.21
CA ASN D 110 42.00 1.19 18.56
C ASN D 110 41.45 2.61 18.41
N PRO D 111 40.25 2.71 17.88
CA PRO D 111 39.69 4.03 17.54
C PRO D 111 39.57 4.89 18.74
N PRO D 112 39.87 6.18 18.59
CA PRO D 112 40.19 6.80 17.36
C PRO D 112 41.66 6.99 17.19
N PHE D 113 42.48 6.27 17.90
CA PHE D 113 43.89 6.49 17.84
C PHE D 113 44.62 5.89 16.64
N VAL D 114 45.78 6.46 16.35
CA VAL D 114 46.61 5.94 15.28
C VAL D 114 48.04 5.73 15.84
N PRO D 115 48.94 5.08 15.06
CA PRO D 115 50.30 4.86 15.51
C PRO D 115 51.08 6.13 15.88
N THR D 116 51.93 6.04 16.88
CA THR D 116 52.74 7.21 17.26
C THR D 116 53.68 7.54 16.09
N GLU D 117 54.17 6.44 15.49
CA GLU D 117 55.00 6.52 14.29
C GLU D 117 54.04 6.68 13.15
N ASN D 118 53.84 7.90 12.74
CA ASN D 118 52.86 8.17 11.70
C ASN D 118 53.56 8.98 10.66
N PRO D 119 53.94 8.37 9.55
CA PRO D 119 54.67 9.07 8.52
C PRO D 119 53.99 10.35 8.15
N THR D 120 54.83 11.40 8.15
CA THR D 120 54.38 12.75 7.86
C THR D 120 55.15 13.32 6.66
N GLY D 121 54.34 13.86 5.74
CA GLY D 121 54.83 14.44 4.50
C GLY D 121 54.74 15.98 4.55
N CYS D 122 55.87 16.70 4.52
CA CYS D 122 55.89 18.16 4.60
C CYS D 122 56.05 18.73 3.27
N TYR D 123 54.99 19.31 2.78
CA TYR D 123 55.10 19.82 1.45
C TYR D 123 55.07 21.33 1.46
N SER D 124 55.78 21.98 0.53
CA SER D 124 55.69 23.43 0.51
C SER D 124 55.86 24.00 -0.85
N LEU D 125 55.44 25.25 -1.01
CA LEU D 125 55.57 25.85 -2.32
C LEU D 125 55.67 27.38 -2.17
N THR D 126 56.55 28.01 -2.93
CA THR D 126 56.58 29.47 -2.92
C THR D 126 55.79 29.93 -4.13
N PHE D 127 54.90 30.91 -4.02
CA PHE D 127 54.14 31.31 -5.21
C PHE D 127 53.77 32.78 -5.13
N ASN D 128 53.09 33.27 -6.14
CA ASN D 128 52.61 34.64 -5.99
C ASN D 128 51.31 34.83 -6.69
N VAL D 129 50.62 35.95 -6.48
CA VAL D 129 49.34 36.18 -7.12
C VAL D 129 49.26 37.48 -7.87
N ASP D 130 48.33 37.56 -8.78
CA ASP D 130 48.13 38.79 -9.54
C ASP D 130 47.79 39.90 -8.53
N GLU D 131 48.25 41.08 -8.85
CA GLU D 131 48.01 42.24 -8.02
C GLU D 131 46.56 42.40 -7.67
N SER D 132 45.76 42.19 -8.70
CA SER D 132 44.36 42.42 -8.45
C SER D 132 43.77 41.52 -7.38
N TRP D 133 44.40 40.36 -7.18
CA TRP D 133 43.89 39.43 -6.19
C TRP D 133 44.20 39.91 -4.84
N LEU D 134 45.23 40.74 -4.78
CA LEU D 134 45.62 41.33 -3.50
C LEU D 134 44.70 42.49 -3.29
N GLN D 135 44.23 43.09 -4.38
CA GLN D 135 43.31 44.20 -4.23
C GLN D 135 41.95 43.84 -3.61
N GLU D 136 41.29 42.83 -4.17
CA GLU D 136 39.98 42.53 -3.65
C GLU D 136 39.54 41.11 -3.96
N GLY D 137 38.40 40.71 -3.42
CA GLY D 137 37.88 39.38 -3.77
C GLY D 137 38.43 38.30 -2.87
N GLN D 138 37.88 37.13 -3.03
CA GLN D 138 38.28 36.04 -2.18
C GLN D 138 39.14 35.02 -2.95
N THR D 139 40.32 34.74 -2.45
CA THR D 139 41.21 33.79 -3.08
C THR D 139 41.24 32.57 -2.18
N ARG D 140 40.80 31.46 -2.75
CA ARG D 140 40.85 30.25 -1.91
C ARG D 140 41.79 29.24 -2.54
N ILE D 141 42.26 28.24 -1.73
CA ILE D 141 43.09 27.19 -2.28
C ILE D 141 42.22 25.93 -2.19
N ILE D 142 42.31 25.05 -3.20
CA ILE D 142 41.54 23.85 -3.23
C ILE D 142 42.54 22.71 -3.39
N PHE D 143 42.48 21.75 -2.47
CA PHE D 143 43.23 20.50 -2.49
C PHE D 143 42.20 19.45 -2.85
N ASP D 144 42.21 18.95 -4.11
CA ASP D 144 41.22 17.95 -4.60
C ASP D 144 41.43 16.62 -3.91
N GLY D 145 42.60 16.38 -3.37
CA GLY D 145 42.78 15.11 -2.67
C GLY D 145 44.05 15.06 -1.84
N VAL D 146 43.90 14.86 -0.54
CA VAL D 146 45.11 14.74 0.32
C VAL D 146 44.84 13.55 1.21
N ASN D 147 45.77 12.62 1.23
CA ASN D 147 45.58 11.36 1.99
C ASN D 147 46.52 11.21 3.20
N SER D 148 46.06 11.15 4.48
CA SER D 148 44.65 11.08 4.91
C SER D 148 44.14 12.33 5.58
N ALA D 149 45.04 13.20 6.04
CA ALA D 149 44.55 14.38 6.75
C ALA D 149 45.68 15.44 6.71
N PHE D 150 45.42 16.72 6.87
CA PHE D 150 46.53 17.62 6.79
C PHE D 150 46.25 18.94 7.45
N HIS D 151 47.33 19.64 7.85
CA HIS D 151 47.27 20.98 8.42
C HIS D 151 47.89 21.86 7.31
N LEU D 152 47.37 23.08 7.18
CA LEU D 152 47.86 24.01 6.17
C LEU D 152 48.27 25.34 6.83
N TRP D 153 49.41 25.90 6.39
CA TRP D 153 49.87 27.21 6.85
C TRP D 153 50.12 28.07 5.64
N CYS D 154 50.04 29.42 5.74
CA CYS D 154 50.42 30.24 4.59
C CYS D 154 51.18 31.41 5.22
N ASN D 155 52.35 31.68 4.66
CA ASN D 155 53.30 32.71 5.11
C ASN D 155 53.49 32.52 6.59
N GLY D 156 53.65 31.25 7.01
CA GLY D 156 53.90 30.86 8.40
C GLY D 156 52.69 30.88 9.34
N ARG D 157 51.51 31.29 8.86
CA ARG D 157 50.37 31.40 9.76
C ARG D 157 49.43 30.22 9.50
N TRP D 158 48.95 29.60 10.54
CA TRP D 158 48.06 28.47 10.40
C TRP D 158 46.74 28.89 9.79
N VAL D 159 46.31 28.07 8.81
CA VAL D 159 45.08 28.32 8.07
C VAL D 159 43.98 27.34 8.42
N GLY D 160 44.22 26.05 8.34
CA GLY D 160 43.15 25.09 8.66
C GLY D 160 43.59 23.65 8.59
N TYR D 161 42.58 22.78 8.72
CA TYR D 161 42.84 21.33 8.74
C TYR D 161 41.70 20.64 7.97
N GLY D 162 42.03 19.49 7.36
CA GLY D 162 41.02 18.74 6.63
C GLY D 162 41.23 17.21 6.69
N GLN D 163 40.18 16.41 6.59
CA GLN D 163 40.11 14.93 6.50
C GLN D 163 39.17 14.55 5.30
N ASP D 164 39.11 13.25 4.94
CA ASP D 164 38.43 12.67 3.79
C ASP D 164 39.37 12.76 2.63
N SER D 165 40.09 11.70 2.37
CA SER D 165 41.11 11.70 1.33
C SER D 165 40.59 11.82 -0.05
N ARG D 166 39.25 11.74 -0.21
CA ARG D 166 38.65 11.64 -1.56
C ARG D 166 37.78 12.77 -2.04
N LEU D 167 37.75 13.86 -1.24
CA LEU D 167 36.97 15.01 -1.71
C LEU D 167 37.83 16.26 -1.51
N PRO D 168 37.54 17.31 -2.29
CA PRO D 168 38.35 18.52 -2.17
C PRO D 168 38.20 19.22 -0.83
N SER D 169 39.32 19.74 -0.29
CA SER D 169 39.23 20.55 0.94
C SER D 169 39.69 21.94 0.52
N GLU D 170 38.87 22.95 0.80
CA GLU D 170 39.12 24.38 0.38
C GLU D 170 39.20 25.31 1.59
N PHE D 171 40.13 26.29 1.45
CA PHE D 171 40.37 27.26 2.52
C PHE D 171 40.56 28.64 1.93
N ASP D 172 40.01 29.61 2.64
CA ASP D 172 40.12 30.99 2.13
C ASP D 172 41.50 31.58 2.51
N LEU D 173 42.32 31.93 1.55
CA LEU D 173 43.63 32.49 1.93
C LEU D 173 43.61 34.00 1.84
N SER D 174 42.50 34.62 1.44
CA SER D 174 42.43 36.07 1.27
C SER D 174 43.23 36.88 2.28
N ALA D 175 43.06 36.60 3.54
CA ALA D 175 43.72 37.36 4.55
C ALA D 175 45.14 36.95 4.84
N PHE D 176 45.62 35.96 4.16
CA PHE D 176 46.95 35.55 4.49
C PHE D 176 47.84 36.01 3.40
N LEU D 177 47.30 36.28 2.24
CA LEU D 177 48.20 36.60 1.14
C LEU D 177 48.93 37.95 1.23
N ARG D 178 50.11 38.00 0.59
CA ARG D 178 50.87 39.26 0.61
C ARG D 178 51.53 39.50 -0.71
N ALA D 179 51.95 40.77 -0.85
CA ALA D 179 52.64 41.21 -2.05
C ALA D 179 53.92 40.41 -2.18
N GLY D 180 54.29 40.06 -3.40
CA GLY D 180 55.49 39.27 -3.68
C GLY D 180 55.33 37.75 -3.46
N GLU D 181 56.37 37.14 -2.94
CA GLU D 181 56.46 35.71 -2.71
C GLU D 181 55.66 35.32 -1.52
N ASN D 182 54.88 34.21 -1.66
CA ASN D 182 54.09 33.71 -0.52
C ASN D 182 54.55 32.25 -0.37
N ARG D 183 54.32 31.68 0.80
CA ARG D 183 54.73 30.27 0.93
C ARG D 183 53.67 29.39 1.63
N LEU D 184 53.32 28.25 0.97
CA LEU D 184 52.34 27.34 1.57
C LEU D 184 53.16 26.29 2.25
N ALA D 185 52.68 25.76 3.37
CA ALA D 185 53.31 24.67 4.08
C ALA D 185 52.14 23.72 4.42
N VAL D 186 52.24 22.48 3.97
CA VAL D 186 51.17 21.53 4.20
C VAL D 186 51.75 20.34 4.86
N MET D 187 51.20 20.10 6.05
CA MET D 187 51.64 18.92 6.85
C MET D 187 50.67 17.77 6.66
N VAL D 188 51.09 16.78 5.86
CA VAL D 188 50.15 15.70 5.60
C VAL D 188 50.47 14.47 6.45
N LEU D 189 49.46 13.95 7.14
CA LEU D 189 49.59 12.74 8.00
C LEU D 189 49.13 11.50 7.26
N ARG D 190 49.95 10.47 7.30
CA ARG D 190 49.55 9.23 6.70
C ARG D 190 48.30 8.64 7.37
N TRP D 191 48.34 8.55 8.70
CA TRP D 191 47.23 7.95 9.38
C TRP D 191 46.43 8.98 10.14
N SER D 192 45.09 8.84 10.25
CA SER D 192 44.25 9.73 11.06
C SER D 192 43.03 8.98 11.45
N ASP D 193 42.13 9.60 12.21
CA ASP D 193 40.91 8.90 12.64
C ASP D 193 40.13 8.65 11.33
N GLY D 194 40.48 9.46 10.34
CA GLY D 194 39.81 9.33 9.00
C GLY D 194 40.11 7.95 8.39
N SER D 195 41.28 7.35 8.71
CA SER D 195 41.74 6.03 8.22
C SER D 195 40.78 4.92 8.67
N TYR D 196 40.04 5.14 9.79
CA TYR D 196 39.08 4.11 10.21
C TYR D 196 37.94 4.00 9.24
N LEU D 197 37.71 5.07 8.47
CA LEU D 197 36.66 5.03 7.44
C LEU D 197 37.24 4.80 6.04
N GLU D 198 38.52 4.42 5.93
CA GLU D 198 39.17 4.29 4.61
C GLU D 198 39.85 2.93 4.47
N ASP D 199 39.07 1.89 4.85
CA ASP D 199 39.64 0.51 4.85
C ASP D 199 39.39 -0.22 3.55
N GLN D 200 39.39 0.49 2.42
CA GLN D 200 39.15 -0.20 1.15
C GLN D 200 40.26 -1.21 0.78
N ASP D 201 39.88 -2.32 0.11
CA ASP D 201 40.83 -3.34 -0.36
C ASP D 201 41.68 -2.77 -1.54
N MET D 202 42.75 -2.06 -1.14
CA MET D 202 43.63 -1.46 -2.13
C MET D 202 44.92 -1.09 -1.47
N TRP D 203 45.91 -0.69 -2.29
CA TRP D 203 47.16 -0.24 -1.67
C TRP D 203 46.90 0.91 -0.74
N ARG D 204 47.64 0.94 0.39
CA ARG D 204 47.50 2.03 1.34
C ARG D 204 48.65 3.00 1.10
N MET D 205 48.38 4.18 0.58
CA MET D 205 49.39 5.18 0.27
C MET D 205 49.06 6.49 0.97
N SER D 206 49.79 7.61 0.65
CA SER D 206 49.46 8.89 1.25
C SER D 206 50.05 10.02 0.41
N GLY D 207 49.65 11.28 0.72
CA GLY D 207 50.19 12.45 0.02
C GLY D 207 49.15 13.38 -0.57
N ILE D 208 49.62 14.32 -1.37
CA ILE D 208 48.77 15.31 -2.02
C ILE D 208 48.71 14.73 -3.43
N PHE D 209 47.71 13.90 -3.63
CA PHE D 209 47.57 13.05 -4.80
C PHE D 209 46.57 13.46 -5.84
N ARG D 210 45.84 14.55 -5.59
CA ARG D 210 44.98 15.11 -6.63
C ARG D 210 45.41 16.59 -6.73
N ASP D 211 44.87 17.30 -7.70
CA ASP D 211 45.27 18.66 -8.04
C ASP D 211 45.23 19.65 -6.91
N VAL D 212 46.03 20.71 -7.04
CA VAL D 212 45.98 21.78 -6.05
C VAL D 212 45.69 23.03 -6.94
N SER D 213 44.74 23.91 -6.54
CA SER D 213 44.49 25.12 -7.34
C SER D 213 44.15 26.32 -6.47
N LEU D 214 44.17 27.54 -7.05
CA LEU D 214 43.76 28.74 -6.42
C LEU D 214 42.57 29.23 -7.25
N LEU D 215 41.52 29.75 -6.61
CA LEU D 215 40.32 30.23 -7.28
C LEU D 215 39.98 31.55 -6.64
N HIS D 216 39.85 32.57 -7.53
CA HIS D 216 39.54 33.91 -7.11
C HIS D 216 38.13 34.29 -7.51
N LYS D 217 37.28 34.28 -6.48
CA LYS D 217 35.90 34.59 -6.69
C LYS D 217 35.59 36.00 -6.15
N PRO D 218 34.50 36.61 -6.63
CA PRO D 218 34.15 37.91 -6.10
C PRO D 218 33.58 37.66 -4.70
N THR D 219 33.49 38.74 -3.92
CA THR D 219 32.92 38.69 -2.59
C THR D 219 31.43 38.42 -2.68
N THR D 220 30.81 39.03 -3.68
CA THR D 220 29.41 38.75 -3.99
C THR D 220 29.45 37.70 -5.11
N GLN D 221 29.10 36.47 -4.73
CA GLN D 221 29.29 35.39 -5.69
C GLN D 221 28.24 34.29 -5.69
N ILE D 222 28.32 33.42 -6.71
CA ILE D 222 27.47 32.25 -6.79
C ILE D 222 28.20 31.29 -5.87
N SER D 223 27.50 30.83 -4.85
CA SER D 223 28.16 29.97 -3.89
C SER D 223 27.64 28.53 -4.05
N ASP D 224 26.59 28.35 -4.80
CA ASP D 224 26.10 26.99 -5.07
C ASP D 224 24.99 27.07 -6.12
N PHE D 225 24.80 25.98 -6.90
CA PHE D 225 23.71 25.93 -7.85
C PHE D 225 23.33 24.51 -8.08
N HIS D 226 22.03 24.22 -8.18
CA HIS D 226 21.57 22.82 -8.41
C HIS D 226 20.71 22.78 -9.67
N VAL D 227 20.98 21.82 -10.53
CA VAL D 227 20.17 21.73 -11.75
C VAL D 227 19.36 20.43 -11.73
N ALA D 228 18.04 20.57 -11.91
CA ALA D 228 17.15 19.39 -11.91
C ALA D 228 16.38 19.45 -13.22
N THR D 229 16.00 18.29 -13.76
CA THR D 229 15.22 18.23 -14.99
C THR D 229 14.06 17.29 -14.76
N ARG D 230 12.83 17.78 -14.96
CA ARG D 230 11.62 16.94 -14.82
C ARG D 230 10.92 16.85 -16.13
N PHE D 231 10.17 15.74 -16.34
CA PHE D 231 9.56 15.51 -17.69
C PHE D 231 8.10 15.18 -17.70
N ASN D 232 7.45 15.36 -18.86
CA ASN D 232 6.06 14.93 -18.92
C ASN D 232 6.05 13.44 -19.25
N ASP D 233 4.89 12.87 -19.41
CA ASP D 233 4.78 11.46 -19.60
C ASP D 233 5.53 10.86 -20.76
N ASP D 234 5.70 11.53 -21.85
CA ASP D 234 6.40 10.86 -22.94
C ASP D 234 7.68 11.60 -23.20
N PHE D 235 8.16 12.36 -22.23
CA PHE D 235 9.45 13.06 -22.42
C PHE D 235 9.53 14.08 -23.53
N SER D 236 8.36 14.53 -24.02
CA SER D 236 8.31 15.53 -25.09
C SER D 236 8.42 16.92 -24.53
N ARG D 237 8.32 17.03 -23.21
CA ARG D 237 8.48 18.35 -22.57
C ARG D 237 9.23 18.20 -21.26
N ALA D 238 10.09 19.18 -20.96
CA ALA D 238 10.82 19.15 -19.71
C ALA D 238 10.83 20.52 -19.09
N VAL D 239 11.03 20.52 -17.80
CA VAL D 239 11.28 21.75 -17.08
C VAL D 239 12.63 21.59 -16.43
N LEU D 240 13.48 22.57 -16.76
CA LEU D 240 14.79 22.66 -16.11
C LEU D 240 14.67 23.59 -14.93
N GLU D 241 14.99 23.11 -13.74
CA GLU D 241 14.84 24.02 -12.61
C GLU D 241 16.17 24.21 -11.94
N ALA D 242 16.66 25.45 -11.81
CA ALA D 242 18.02 25.59 -11.22
C ALA D 242 17.93 26.52 -10.04
N GLU D 243 18.34 26.02 -8.91
CA GLU D 243 18.32 26.84 -7.67
C GLU D 243 19.73 27.39 -7.56
N VAL D 244 19.83 28.70 -7.36
CA VAL D 244 21.14 29.31 -7.27
C VAL D 244 21.22 30.00 -5.94
N GLN D 245 22.38 29.81 -5.28
CA GLN D 245 22.60 30.46 -4.00
C GLN D 245 23.74 31.50 -4.09
N MET D 246 23.66 32.60 -3.33
CA MET D 246 24.76 33.57 -3.33
C MET D 246 25.30 33.79 -1.90
N CYS D 247 26.57 34.29 -1.79
CA CYS D 247 27.25 34.76 -0.58
C CYS D 247 27.62 36.17 -0.95
N GLY D 248 27.76 37.01 0.06
CA GLY D 248 28.07 38.41 -0.21
C GLY D 248 26.84 39.28 0.08
N GLU D 249 27.00 40.56 -0.18
CA GLU D 249 25.98 41.57 0.08
C GLU D 249 24.80 41.59 -0.89
N LEU D 250 23.59 41.34 -0.39
CA LEU D 250 22.42 41.42 -1.26
C LEU D 250 22.16 42.87 -1.68
N ARG D 251 21.79 43.12 -2.92
CA ARG D 251 21.49 44.48 -3.43
C ARG D 251 20.36 44.29 -4.40
N ASP D 252 19.44 45.22 -4.41
CA ASP D 252 18.27 45.10 -5.24
C ASP D 252 18.54 45.02 -6.71
N TYR D 253 19.69 45.52 -7.11
CA TYR D 253 19.93 45.45 -8.54
C TYR D 253 20.50 44.11 -9.00
N LEU D 254 20.78 43.18 -8.07
CA LEU D 254 21.37 41.91 -8.56
C LEU D 254 20.29 41.01 -9.15
N ARG D 255 20.72 40.21 -10.10
CA ARG D 255 19.89 39.25 -10.81
C ARG D 255 20.70 37.97 -11.04
N VAL D 256 19.98 36.86 -11.36
CA VAL D 256 20.62 35.69 -11.86
C VAL D 256 19.89 35.35 -13.15
N THR D 257 20.66 34.94 -14.16
CA THR D 257 20.00 34.47 -15.38
C THR D 257 20.54 33.08 -15.57
N VAL D 258 19.68 32.10 -15.84
CA VAL D 258 20.23 30.82 -16.21
C VAL D 258 19.80 30.57 -17.65
N SER D 259 20.79 30.23 -18.50
CA SER D 259 20.48 30.02 -19.91
C SER D 259 20.91 28.64 -20.31
N LEU D 260 20.09 28.07 -21.24
CA LEU D 260 20.38 26.73 -21.70
C LEU D 260 20.71 26.74 -23.17
N TRP D 261 21.88 26.11 -23.47
CA TRP D 261 22.39 26.07 -24.85
C TRP D 261 22.49 24.72 -25.46
N GLN D 262 22.14 24.66 -26.74
CA GLN D 262 22.30 23.41 -27.51
C GLN D 262 23.39 23.78 -28.49
N GLY D 263 24.63 23.41 -28.19
CA GLY D 263 25.63 23.90 -29.08
C GLY D 263 25.64 25.43 -29.00
N GLU D 264 25.67 26.06 -30.14
CA GLU D 264 25.78 27.50 -30.19
C GLU D 264 24.44 28.18 -30.21
N THR D 265 23.41 27.44 -29.99
CA THR D 265 22.13 28.06 -30.02
C THR D 265 21.51 28.13 -28.62
N GLN D 266 21.02 29.30 -28.21
CA GLN D 266 20.39 29.38 -26.92
C GLN D 266 18.98 28.87 -26.98
N VAL D 267 18.65 27.86 -26.18
CA VAL D 267 17.24 27.38 -26.30
C VAL D 267 16.25 27.82 -25.27
N ALA D 268 16.72 28.22 -24.11
CA ALA D 268 15.80 28.68 -23.07
C ALA D 268 16.58 29.51 -22.13
N SER D 269 15.85 30.34 -21.37
CA SER D 269 16.56 31.20 -20.42
C SER D 269 15.58 31.70 -19.39
N GLY D 270 16.06 32.04 -18.20
CA GLY D 270 15.23 32.62 -17.14
C GLY D 270 16.03 33.64 -16.37
N THR D 271 15.45 34.78 -15.99
CA THR D 271 16.17 35.76 -15.21
C THR D 271 15.25 36.17 -14.06
N ALA D 272 15.84 36.38 -12.90
CA ALA D 272 15.06 36.84 -11.74
C ALA D 272 15.99 37.49 -10.71
N PRO D 273 15.41 38.32 -9.82
CA PRO D 273 16.19 38.90 -8.74
C PRO D 273 16.25 37.85 -7.65
N PHE D 274 17.07 38.05 -6.65
CA PHE D 274 17.16 37.03 -5.58
C PHE D 274 15.92 37.14 -4.74
N GLY D 275 15.58 36.07 -4.07
CA GLY D 275 14.44 36.08 -3.15
C GLY D 275 13.56 34.92 -3.45
N GLY D 276 13.76 33.83 -2.69
CA GLY D 276 12.99 32.60 -3.01
C GLY D 276 11.57 32.61 -2.46
N GLU D 277 10.74 31.62 -2.76
CA GLU D 277 9.36 31.55 -2.27
C GLU D 277 9.37 31.47 -0.72
N ILE D 278 8.28 31.87 -0.06
CA ILE D 278 8.26 31.69 1.39
C ILE D 278 8.36 30.21 1.73
N ILE D 279 9.11 29.88 2.74
CA ILE D 279 9.17 28.45 3.05
C ILE D 279 8.62 28.11 4.46
N ASP D 280 8.61 29.06 5.41
CA ASP D 280 8.09 28.78 6.68
C ASP D 280 7.72 30.07 7.35
N GLU D 281 7.40 29.99 8.62
CA GLU D 281 6.91 31.17 9.33
C GLU D 281 7.85 32.34 9.33
N ARG D 282 9.16 32.16 9.06
CA ARG D 282 10.10 33.28 9.11
C ARG D 282 10.39 33.84 7.74
N GLY D 283 9.70 33.32 6.70
CA GLY D 283 9.90 33.85 5.36
C GLY D 283 10.58 32.82 4.39
N GLY D 284 11.50 33.34 3.53
CA GLY D 284 12.16 32.49 2.57
C GLY D 284 13.63 32.82 2.53
N TYR D 285 14.39 32.23 1.55
CA TYR D 285 15.83 32.51 1.44
C TYR D 285 16.05 33.76 0.61
N ALA D 286 16.35 34.84 1.23
CA ALA D 286 16.56 36.05 0.48
C ALA D 286 17.81 35.96 -0.40
N ASP D 287 18.71 35.00 -0.12
CA ASP D 287 19.98 34.82 -0.83
C ASP D 287 19.94 33.69 -1.83
N ARG D 288 18.70 33.26 -2.22
CA ARG D 288 18.58 32.24 -3.28
C ARG D 288 17.49 32.62 -4.25
N VAL D 289 17.54 31.93 -5.39
CA VAL D 289 16.49 32.14 -6.33
C VAL D 289 16.44 30.87 -7.12
N THR D 290 15.28 30.48 -7.64
CA THR D 290 15.18 29.27 -8.50
C THR D 290 14.60 29.72 -9.84
N LEU D 291 15.29 29.33 -10.91
CA LEU D 291 14.87 29.70 -12.26
C LEU D 291 14.24 28.47 -12.81
N ARG D 292 13.17 28.65 -13.60
CA ARG D 292 12.48 27.47 -14.25
C ARG D 292 12.42 27.74 -15.76
N LEU D 293 12.96 26.83 -16.54
CA LEU D 293 13.06 26.97 -17.98
C LEU D 293 12.28 25.87 -18.67
N ASN D 294 11.36 26.21 -19.57
CA ASN D 294 10.62 25.21 -20.26
C ASN D 294 11.47 24.72 -21.42
N VAL D 295 11.57 23.42 -21.63
CA VAL D 295 12.37 22.97 -22.76
C VAL D 295 11.51 22.00 -23.54
N GLU D 296 11.20 22.32 -24.78
CA GLU D 296 10.39 21.48 -25.68
C GLU D 296 11.19 20.39 -26.34
N ASN D 297 10.63 19.17 -26.47
CA ASN D 297 11.33 18.07 -27.14
C ASN D 297 12.82 17.97 -26.84
N PRO D 298 13.22 17.93 -25.60
CA PRO D 298 14.66 17.86 -25.33
C PRO D 298 15.31 16.59 -25.84
N LYS D 299 16.57 16.75 -26.22
CA LYS D 299 17.41 15.63 -26.63
C LYS D 299 17.86 14.98 -25.35
N LEU D 300 17.50 13.73 -25.18
CA LEU D 300 17.76 13.05 -23.93
C LEU D 300 19.14 12.41 -23.82
N TRP D 301 19.65 12.39 -22.57
CA TRP D 301 20.98 11.84 -22.35
C TRP D 301 20.84 10.39 -21.93
N SER D 302 21.75 9.55 -22.46
CA SER D 302 21.90 8.18 -22.04
C SER D 302 23.30 7.77 -22.40
N ALA D 303 23.72 6.61 -21.93
CA ALA D 303 25.06 6.14 -22.24
C ALA D 303 25.15 5.82 -23.73
N GLU D 304 23.99 5.46 -24.34
CA GLU D 304 23.92 5.14 -25.76
C GLU D 304 24.12 6.40 -26.61
N ILE D 305 23.52 7.55 -26.19
CA ILE D 305 23.62 8.80 -26.95
C ILE D 305 23.72 9.87 -25.86
N PRO D 306 24.93 10.19 -25.50
CA PRO D 306 25.12 11.12 -24.44
C PRO D 306 24.82 12.56 -24.82
N ASN D 307 23.61 12.85 -25.26
CA ASN D 307 23.34 14.23 -25.65
C ASN D 307 23.46 15.18 -24.47
N LEU D 308 24.18 16.32 -24.69
CA LEU D 308 24.33 17.28 -23.61
C LEU D 308 24.00 18.70 -24.04
N TYR D 309 23.53 19.52 -23.09
CA TYR D 309 23.29 20.90 -23.33
C TYR D 309 24.30 21.54 -22.38
N ARG D 310 24.41 22.88 -22.48
CA ARG D 310 25.27 23.68 -21.58
C ARG D 310 24.40 24.66 -20.76
N ALA D 311 24.47 24.62 -19.41
CA ALA D 311 23.73 25.61 -18.66
C ALA D 311 24.77 26.61 -18.15
N VAL D 312 24.51 27.90 -18.37
CA VAL D 312 25.38 28.97 -17.88
C VAL D 312 24.58 29.77 -16.81
N VAL D 313 25.19 29.90 -15.64
CA VAL D 313 24.57 30.60 -14.54
C VAL D 313 25.29 31.92 -14.37
N GLU D 314 24.59 33.03 -14.63
CA GLU D 314 25.18 34.35 -14.50
C GLU D 314 24.64 35.14 -13.30
N LEU D 315 25.58 35.71 -12.51
CA LEU D 315 25.24 36.57 -11.39
C LEU D 315 25.51 37.94 -12.01
N HIS D 316 24.51 38.80 -12.17
CA HIS D 316 24.76 40.02 -12.91
C HIS D 316 23.85 41.09 -12.43
N THR D 317 23.93 42.30 -12.99
CA THR D 317 23.08 43.38 -12.51
C THR D 317 21.96 43.56 -13.49
N ALA D 318 20.88 44.18 -13.07
CA ALA D 318 19.72 44.36 -13.92
C ALA D 318 20.10 45.09 -15.16
N ASP D 319 21.05 45.97 -14.98
CA ASP D 319 21.52 46.73 -16.09
C ASP D 319 22.60 46.21 -16.96
N GLY D 320 22.85 44.92 -16.78
CA GLY D 320 23.74 44.29 -17.70
C GLY D 320 25.16 44.04 -17.35
N THR D 321 25.59 44.35 -16.13
CA THR D 321 26.98 44.04 -15.91
C THR D 321 27.15 42.63 -15.35
N LEU D 322 28.05 41.84 -15.88
CA LEU D 322 28.23 40.53 -15.28
C LEU D 322 29.13 40.63 -14.05
N ILE D 323 28.76 40.00 -12.93
CA ILE D 323 29.56 39.95 -11.70
C ILE D 323 30.41 38.70 -11.80
N GLU D 324 29.82 37.52 -12.09
CA GLU D 324 30.64 36.31 -12.39
C GLU D 324 29.65 35.28 -12.97
N ALA D 325 30.25 34.23 -13.56
CA ALA D 325 29.44 33.18 -14.12
C ALA D 325 29.94 31.80 -13.72
N GLU D 326 28.97 30.86 -13.58
CA GLU D 326 29.43 29.48 -13.37
C GLU D 326 28.70 28.67 -14.45
N ALA D 327 29.00 27.36 -14.59
CA ALA D 327 28.33 26.61 -15.65
C ALA D 327 28.50 25.11 -15.54
N CYS D 328 27.65 24.30 -16.25
CA CYS D 328 27.80 22.92 -16.22
C CYS D 328 27.24 22.35 -17.51
N ASP D 329 27.63 21.11 -17.80
CA ASP D 329 27.02 20.37 -18.93
C ASP D 329 25.74 19.76 -18.37
N VAL D 330 24.66 19.72 -19.10
CA VAL D 330 23.44 19.20 -18.56
C VAL D 330 23.00 18.06 -19.43
N GLY D 331 22.63 16.95 -18.79
CA GLY D 331 22.08 15.80 -19.55
C GLY D 331 20.61 15.65 -19.11
N PHE D 332 19.68 15.77 -20.05
CA PHE D 332 18.27 15.61 -19.68
C PHE D 332 17.98 14.11 -19.58
N ARG D 333 17.75 13.62 -18.39
CA ARG D 333 17.42 12.20 -18.24
C ARG D 333 16.69 12.07 -16.89
N GLU D 334 15.77 11.13 -16.78
CA GLU D 334 15.05 10.86 -15.55
C GLU D 334 15.47 9.43 -15.09
N VAL D 335 15.73 9.31 -13.80
CA VAL D 335 16.08 7.97 -13.29
C VAL D 335 15.00 7.69 -12.26
N ARG D 336 14.32 6.55 -12.32
CA ARG D 336 13.36 6.26 -11.29
C ARG D 336 13.19 4.77 -11.23
N ILE D 337 12.68 4.30 -10.12
CA ILE D 337 12.43 2.88 -9.96
C ILE D 337 10.92 2.77 -9.91
N GLU D 338 10.36 1.93 -10.75
CA GLU D 338 8.94 1.82 -10.76
C GLU D 338 8.53 0.39 -11.00
N ASN D 339 7.62 -0.01 -10.18
CA ASN D 339 7.17 -1.41 -10.34
C ASN D 339 8.33 -2.42 -10.23
N GLY D 340 9.35 -2.11 -9.41
CA GLY D 340 10.42 -3.12 -9.30
C GLY D 340 11.55 -2.95 -10.31
N LEU D 341 11.46 -1.97 -11.23
CA LEU D 341 12.48 -1.83 -12.24
C LEU D 341 13.14 -0.47 -12.22
N LEU D 342 14.46 -0.49 -12.45
CA LEU D 342 15.26 0.78 -12.53
C LEU D 342 15.07 1.32 -13.94
N LEU D 343 14.44 2.50 -14.08
CA LEU D 343 14.18 3.01 -15.45
C LEU D 343 15.01 4.28 -15.75
N LEU D 344 15.50 4.38 -16.97
CA LEU D 344 16.21 5.59 -17.40
C LEU D 344 15.36 6.12 -18.56
N ASN D 345 14.87 7.36 -18.45
CA ASN D 345 14.01 7.81 -19.51
C ASN D 345 12.87 6.85 -19.82
N GLY D 346 12.36 6.21 -18.75
CA GLY D 346 11.19 5.35 -18.81
C GLY D 346 11.49 3.99 -19.33
N LYS D 347 12.76 3.69 -19.67
CA LYS D 347 13.02 2.34 -20.19
C LYS D 347 13.92 1.58 -19.18
N PRO D 348 13.78 0.28 -18.98
CA PRO D 348 14.58 -0.36 -17.97
C PRO D 348 16.01 -0.64 -18.41
N LEU D 349 16.95 -0.26 -17.56
CA LEU D 349 18.36 -0.46 -17.89
C LEU D 349 18.76 -1.89 -17.73
N LEU D 350 19.84 -2.19 -18.42
CA LEU D 350 20.52 -3.52 -18.33
C LEU D 350 22.00 -3.06 -18.13
N ILE D 351 22.42 -3.03 -16.88
CA ILE D 351 23.77 -2.49 -16.52
C ILE D 351 24.92 -3.43 -16.89
N ARG D 352 25.76 -3.02 -17.87
CA ARG D 352 26.97 -3.76 -18.28
C ARG D 352 28.06 -2.95 -17.58
N GLY D 353 28.14 -3.18 -16.26
CA GLY D 353 29.05 -2.33 -15.45
C GLY D 353 30.35 -2.99 -15.02
N VAL D 354 31.26 -2.12 -14.58
CA VAL D 354 32.49 -2.58 -13.98
C VAL D 354 32.79 -1.66 -12.82
N ASN D 355 33.45 -2.18 -11.76
CA ASN D 355 33.98 -1.39 -10.68
C ASN D 355 35.38 -0.95 -11.15
N ARG D 356 35.78 0.30 -10.88
CA ARG D 356 37.07 0.77 -11.30
C ARG D 356 37.67 1.58 -10.18
N HIS D 357 38.84 1.14 -9.71
CA HIS D 357 39.66 1.90 -8.72
C HIS D 357 40.52 2.89 -9.51
N GLU D 358 41.05 3.93 -8.88
CA GLU D 358 41.95 4.91 -9.50
C GLU D 358 43.40 4.39 -9.20
N HIS D 359 43.99 3.75 -10.21
CA HIS D 359 45.27 3.10 -10.00
C HIS D 359 46.10 3.24 -11.23
N HIS D 360 47.39 3.41 -11.02
CA HIS D 360 48.31 3.48 -12.14
C HIS D 360 49.59 2.84 -11.64
N PRO D 361 50.18 1.93 -12.41
CA PRO D 361 51.34 1.13 -11.97
C PRO D 361 52.60 1.90 -11.61
N LEU D 362 52.72 3.09 -12.18
CA LEU D 362 53.88 3.99 -11.91
C LEU D 362 53.50 5.15 -11.01
N HIS D 363 52.32 5.72 -11.17
CA HIS D 363 51.91 6.86 -10.37
C HIS D 363 51.06 6.54 -9.14
N GLY D 364 50.64 5.26 -8.88
CA GLY D 364 49.94 5.06 -7.63
C GLY D 364 48.51 5.45 -7.78
N GLN D 365 48.03 6.34 -6.91
CA GLN D 365 46.62 6.68 -6.99
C GLN D 365 46.38 8.02 -7.63
N VAL D 366 47.38 8.53 -8.30
CA VAL D 366 47.24 9.85 -9.00
C VAL D 366 46.63 9.57 -10.38
N MET D 367 45.51 10.28 -10.78
CA MET D 367 44.88 10.01 -12.09
C MET D 367 45.19 11.12 -13.04
N ASP D 368 45.23 10.80 -14.32
CA ASP D 368 45.50 11.77 -15.31
C ASP D 368 44.52 11.54 -16.44
N GLU D 369 44.32 12.63 -17.17
CA GLU D 369 43.41 12.60 -18.26
C GLU D 369 43.62 11.49 -19.26
N GLN D 370 44.87 11.28 -19.66
CA GLN D 370 45.14 10.28 -20.67
C GLN D 370 44.71 8.87 -20.23
N THR D 371 45.01 8.60 -18.99
CA THR D 371 44.67 7.29 -18.50
C THR D 371 43.13 7.11 -18.37
N MET D 372 42.47 8.15 -17.91
CA MET D 372 41.03 8.07 -17.75
C MET D 372 40.40 7.84 -19.09
N VAL D 373 40.86 8.62 -20.05
CA VAL D 373 40.29 8.45 -21.37
C VAL D 373 40.57 7.06 -21.91
N GLN D 374 41.81 6.60 -21.74
CA GLN D 374 42.16 5.24 -22.19
C GLN D 374 41.19 4.23 -21.58
N ASP D 375 40.92 4.34 -20.30
CA ASP D 375 40.05 3.40 -19.61
C ASP D 375 38.64 3.48 -20.18
N ILE D 376 38.11 4.71 -20.32
CA ILE D 376 36.77 4.83 -20.89
C ILE D 376 36.66 4.22 -22.26
N LEU D 377 37.65 4.48 -23.14
CA LEU D 377 37.56 3.93 -24.50
C LEU D 377 37.58 2.38 -24.46
N LEU D 378 38.44 1.83 -23.60
CA LEU D 378 38.47 0.38 -23.55
C LEU D 378 37.17 -0.17 -23.01
N MET D 379 36.61 0.55 -22.03
CA MET D 379 35.36 0.06 -21.44
C MET D 379 34.26 0.01 -22.50
N LYS D 380 34.13 1.13 -23.20
CA LYS D 380 33.09 1.24 -24.21
C LYS D 380 33.40 0.27 -25.35
N GLN D 381 34.69 0.18 -25.71
CA GLN D 381 35.01 -0.72 -26.77
C GLN D 381 34.71 -2.16 -26.36
N ASN D 382 34.65 -2.44 -25.09
CA ASN D 382 34.34 -3.79 -24.65
C ASN D 382 32.92 -4.00 -24.09
N ASN D 383 32.04 -3.13 -24.61
CA ASN D 383 30.61 -3.20 -24.37
C ASN D 383 30.16 -2.93 -22.93
N PHE D 384 30.94 -2.18 -22.18
CA PHE D 384 30.50 -1.76 -20.87
C PHE D 384 29.68 -0.47 -21.03
N ASN D 385 28.67 -0.27 -20.19
CA ASN D 385 27.95 1.01 -20.29
C ASN D 385 27.92 1.73 -18.91
N ALA D 386 28.61 1.20 -17.88
CA ALA D 386 28.47 1.77 -16.56
C ALA D 386 29.66 1.44 -15.73
N VAL D 387 29.86 2.30 -14.75
CA VAL D 387 30.99 2.10 -13.88
C VAL D 387 30.63 2.46 -12.45
N ARG D 388 31.20 1.72 -11.51
CA ARG D 388 31.01 2.02 -10.10
C ARG D 388 32.33 2.55 -9.53
N CYS D 389 32.25 3.72 -8.83
CA CYS D 389 33.43 4.40 -8.25
C CYS D 389 33.80 3.63 -6.97
N SER D 390 34.31 2.40 -7.18
CA SER D 390 34.68 1.67 -5.97
C SER D 390 35.95 2.29 -5.41
N HIS D 391 35.95 2.80 -4.16
CA HIS D 391 34.77 2.92 -3.25
C HIS D 391 34.92 4.30 -2.63
N TYR D 392 34.86 5.33 -3.51
CA TYR D 392 35.09 6.70 -3.04
C TYR D 392 34.82 7.59 -4.22
N PRO D 393 34.53 8.83 -3.96
CA PRO D 393 34.36 9.85 -5.02
C PRO D 393 35.65 9.94 -5.83
N ASN D 394 35.57 10.01 -7.15
CA ASN D 394 36.75 10.04 -7.96
C ASN D 394 37.24 11.47 -8.27
N HIS D 395 38.39 11.51 -8.92
CA HIS D 395 38.97 12.73 -9.35
C HIS D 395 37.87 13.40 -10.19
N PRO D 396 37.76 14.71 -10.11
CA PRO D 396 36.67 15.41 -10.78
C PRO D 396 36.52 15.20 -12.25
N LEU D 397 37.66 15.06 -12.91
CA LEU D 397 37.56 14.91 -14.37
C LEU D 397 36.84 13.65 -14.79
N TRP D 398 36.81 12.63 -13.96
CA TRP D 398 36.14 11.41 -14.40
C TRP D 398 34.65 11.55 -14.78
N TYR D 399 33.97 12.40 -13.98
CA TYR D 399 32.54 12.60 -14.14
C TYR D 399 32.27 13.37 -15.40
N THR D 400 33.21 14.30 -15.65
CA THR D 400 33.04 15.09 -16.90
C THR D 400 33.22 14.15 -18.11
N LEU D 401 34.18 13.24 -18.03
CA LEU D 401 34.37 12.34 -19.16
C LEU D 401 33.17 11.35 -19.29
N CYS D 402 32.69 10.84 -18.16
CA CYS D 402 31.54 9.91 -18.23
C CYS D 402 30.33 10.66 -18.79
N ASP D 403 30.14 11.92 -18.44
CA ASP D 403 29.04 12.70 -18.97
C ASP D 403 29.13 12.78 -20.48
N ARG D 404 30.35 13.02 -20.98
CA ARG D 404 30.52 13.31 -22.40
C ARG D 404 30.61 12.08 -23.30
N TYR D 405 31.32 11.06 -22.79
CA TYR D 405 31.50 9.85 -23.55
C TYR D 405 30.30 8.94 -23.37
N GLY D 406 29.67 9.11 -22.25
CA GLY D 406 28.48 8.31 -22.02
C GLY D 406 28.67 6.98 -21.26
N LEU D 407 28.66 6.99 -19.96
CA LEU D 407 28.67 5.80 -19.10
C LEU D 407 27.77 6.10 -17.87
N TYR D 408 26.94 5.15 -17.38
CA TYR D 408 26.17 5.40 -16.16
C TYR D 408 27.11 5.24 -14.98
N VAL D 409 27.04 6.14 -14.02
CA VAL D 409 27.96 6.07 -12.89
C VAL D 409 27.27 5.93 -11.56
N VAL D 410 27.84 5.06 -10.69
CA VAL D 410 27.39 4.92 -9.33
C VAL D 410 28.46 5.73 -8.54
N ASP D 411 28.08 6.88 -7.87
CA ASP D 411 29.03 7.68 -7.11
C ASP D 411 28.95 7.19 -5.69
N GLU D 412 30.08 6.91 -5.09
CA GLU D 412 30.09 6.25 -3.80
C GLU D 412 30.93 6.98 -2.75
N ALA D 413 30.29 7.11 -1.57
CA ALA D 413 30.95 7.86 -0.51
C ALA D 413 32.19 7.15 -0.03
N ASN D 414 33.19 7.96 0.39
CA ASN D 414 34.45 7.35 0.90
C ASN D 414 34.34 6.84 2.34
N ILE D 415 33.55 5.77 2.50
CA ILE D 415 33.33 5.16 3.81
C ILE D 415 33.46 3.63 3.69
N GLU D 416 34.54 3.03 4.25
CA GLU D 416 34.62 1.60 4.27
C GLU D 416 35.28 1.27 5.59
N THR D 417 34.60 0.44 6.40
CA THR D 417 35.10 0.04 7.74
C THR D 417 35.14 -1.47 7.83
N HIS D 418 35.60 -2.09 6.77
CA HIS D 418 35.56 -3.57 6.68
C HIS D 418 36.21 -4.30 7.80
N GLY D 419 37.35 -3.77 8.23
CA GLY D 419 38.16 -4.43 9.26
C GLY D 419 37.59 -4.40 10.69
N MET D 420 36.46 -3.72 10.88
CA MET D 420 35.90 -3.69 12.26
C MET D 420 35.25 -5.03 12.57
N VAL D 421 35.06 -5.27 13.85
CA VAL D 421 34.36 -6.49 14.24
C VAL D 421 33.31 -6.04 15.24
N PRO D 422 32.03 -6.27 14.94
CA PRO D 422 31.50 -6.73 13.66
C PRO D 422 31.65 -5.56 12.69
N MET D 423 31.30 -5.77 11.45
CA MET D 423 31.56 -4.74 10.46
C MET D 423 30.88 -3.41 10.72
N ASN D 424 29.72 -3.39 11.42
CA ASN D 424 29.04 -2.08 11.63
C ASN D 424 29.42 -1.42 12.96
N ARG D 425 30.52 -1.83 13.56
CA ARG D 425 30.80 -1.24 14.88
C ARG D 425 30.83 0.29 14.93
N LEU D 426 31.41 0.87 13.90
CA LEU D 426 31.42 2.32 13.83
C LEU D 426 30.15 2.86 13.18
N THR D 427 29.68 2.20 12.16
CA THR D 427 28.51 2.75 11.45
C THR D 427 27.21 2.69 12.22
N ASP D 428 27.15 1.86 13.25
CA ASP D 428 25.96 1.86 14.11
C ASP D 428 26.17 2.76 15.35
N ASP D 429 27.34 3.42 15.45
CA ASP D 429 27.65 4.28 16.61
C ASP D 429 27.41 5.80 16.32
N PRO D 430 26.52 6.45 17.09
CA PRO D 430 26.22 7.84 16.82
C PRO D 430 27.36 8.76 16.86
N ARG D 431 28.41 8.35 17.59
CA ARG D 431 29.54 9.22 17.68
C ARG D 431 30.29 9.32 16.40
N TRP D 432 30.00 8.40 15.50
CA TRP D 432 30.69 8.45 14.21
C TRP D 432 29.75 9.02 13.09
N LEU D 433 28.50 9.40 13.45
CA LEU D 433 27.62 9.90 12.41
C LEU D 433 28.19 11.17 11.80
N PRO D 434 28.76 12.07 12.61
CA PRO D 434 29.28 13.30 12.05
C PRO D 434 30.27 13.09 10.94
N ALA D 435 31.31 12.31 11.26
CA ALA D 435 32.32 12.10 10.22
C ALA D 435 31.74 11.36 9.05
N MET D 436 30.85 10.34 9.30
CA MET D 436 30.35 9.64 8.12
C MET D 436 29.55 10.62 7.30
N SER D 437 28.71 11.41 8.01
CA SER D 437 27.83 12.33 7.32
C SER D 437 28.52 13.20 6.27
N GLU D 438 29.65 13.78 6.63
CA GLU D 438 30.31 14.63 5.62
C GLU D 438 30.82 13.89 4.43
N ARG D 439 31.11 12.60 4.60
CA ARG D 439 31.64 11.86 3.43
C ARG D 439 30.50 11.64 2.40
N VAL D 440 29.28 11.62 2.95
CA VAL D 440 28.14 11.45 2.07
C VAL D 440 27.71 12.84 1.60
N THR D 441 27.47 13.77 2.50
CA THR D 441 26.94 15.05 2.03
C THR D 441 27.84 15.83 1.14
N ARG D 442 29.11 15.86 1.48
CA ARG D 442 30.01 16.66 0.65
C ARG D 442 30.14 16.04 -0.73
N MET D 443 29.92 14.72 -0.84
CA MET D 443 29.97 14.09 -2.19
C MET D 443 28.74 14.54 -3.01
N VAL D 444 27.56 14.53 -2.40
CA VAL D 444 26.34 14.95 -3.13
C VAL D 444 26.52 16.41 -3.52
N GLN D 445 27.03 17.19 -2.59
CA GLN D 445 27.21 18.61 -2.93
C GLN D 445 28.09 18.87 -4.11
N ARG D 446 29.13 18.06 -4.24
CA ARG D 446 30.05 18.27 -5.36
C ARG D 446 29.53 17.72 -6.67
N ASP D 447 28.96 16.51 -6.64
CA ASP D 447 28.60 15.84 -7.88
C ASP D 447 27.16 15.81 -8.37
N ARG D 448 26.22 16.41 -7.62
CA ARG D 448 24.80 16.35 -7.97
C ARG D 448 24.39 16.89 -9.33
N ASN D 449 25.23 17.68 -10.00
CA ASN D 449 24.77 18.17 -11.28
C ASN D 449 25.30 17.33 -12.42
N HIS D 450 26.07 16.29 -12.15
CA HIS D 450 26.59 15.48 -13.29
C HIS D 450 25.52 14.53 -13.80
N PRO D 451 25.16 14.59 -15.09
CA PRO D 451 24.11 13.65 -15.55
C PRO D 451 24.57 12.20 -15.49
N SER D 452 25.88 11.96 -15.63
CA SER D 452 26.31 10.58 -15.67
C SER D 452 26.04 9.85 -14.37
N VAL D 453 26.02 10.58 -13.25
CA VAL D 453 25.73 9.93 -11.99
C VAL D 453 24.22 9.67 -11.95
N ILE D 454 23.87 8.40 -11.86
CA ILE D 454 22.51 7.97 -11.83
C ILE D 454 22.13 7.36 -10.51
N ILE D 455 23.06 6.95 -9.69
CA ILE D 455 22.73 6.32 -8.42
C ILE D 455 23.76 6.73 -7.36
N TRP D 456 23.33 7.04 -6.15
CA TRP D 456 24.29 7.37 -5.10
C TRP D 456 24.51 6.08 -4.26
N SER D 457 25.74 5.85 -3.77
CA SER D 457 25.99 4.71 -2.89
C SER D 457 26.55 5.25 -1.58
N LEU D 458 26.13 4.69 -0.46
CA LEU D 458 26.59 5.12 0.90
C LEU D 458 27.97 4.63 1.33
N GLY D 459 28.69 3.99 0.46
CA GLY D 459 30.02 3.53 0.84
C GLY D 459 30.12 2.03 0.55
N ASN D 460 31.02 1.33 1.25
CA ASN D 460 31.13 -0.10 0.95
C ASN D 460 31.59 -0.87 2.20
N GLU D 461 31.18 -2.13 2.35
CA GLU D 461 31.67 -3.01 3.38
C GLU D 461 31.86 -2.36 4.74
N SER D 462 30.78 -1.83 5.29
CA SER D 462 30.78 -1.21 6.63
C SER D 462 29.57 -1.74 7.41
N GLY D 463 29.15 -3.02 7.09
CA GLY D 463 28.01 -3.58 7.76
C GLY D 463 26.77 -2.73 7.51
N HIS D 464 25.76 -2.87 8.33
CA HIS D 464 24.58 -1.95 8.17
C HIS D 464 24.32 -1.34 9.59
N GLY D 465 24.55 -0.03 9.79
CA GLY D 465 24.38 0.67 11.10
C GLY D 465 23.33 1.77 10.93
N ALA D 466 22.84 2.22 12.07
CA ALA D 466 21.78 3.24 11.99
C ALA D 466 22.26 4.51 11.28
N ASN D 467 23.58 4.77 11.26
CA ASN D 467 24.04 5.96 10.55
C ASN D 467 23.70 5.81 9.07
N HIS D 468 23.62 4.58 8.60
CA HIS D 468 23.34 4.35 7.17
C HIS D 468 21.93 4.76 6.88
N ASP D 469 21.06 4.41 7.81
CA ASP D 469 19.66 4.74 7.54
C ASP D 469 19.46 6.26 7.53
N ALA D 470 20.13 6.91 8.47
CA ALA D 470 19.96 8.37 8.54
C ALA D 470 20.47 9.01 7.27
N LEU D 471 21.62 8.52 6.78
CA LEU D 471 22.22 9.09 5.56
C LEU D 471 21.46 8.78 4.30
N TYR D 472 20.92 7.55 4.26
CA TYR D 472 20.05 7.17 3.13
C TYR D 472 18.91 8.22 3.05
N ARG D 473 18.30 8.45 4.26
CA ARG D 473 17.18 9.41 4.29
C ARG D 473 17.55 10.83 3.88
N TRP D 474 18.73 11.26 4.33
CA TRP D 474 19.19 12.60 4.00
C TRP D 474 19.28 12.74 2.50
N ILE D 475 19.89 11.76 1.82
CA ILE D 475 19.99 11.86 0.34
C ILE D 475 18.62 11.85 -0.31
N LYS D 476 17.76 10.93 0.11
CA LYS D 476 16.44 10.89 -0.49
C LYS D 476 15.73 12.18 -0.31
N SER D 477 16.02 12.87 0.78
CA SER D 477 15.33 14.18 0.95
C SER D 477 15.92 15.26 0.09
N VAL D 478 17.22 15.30 0.02
CA VAL D 478 17.91 16.34 -0.71
C VAL D 478 17.90 16.12 -2.19
N ASP D 479 17.94 14.87 -2.66
CA ASP D 479 18.02 14.71 -4.10
C ASP D 479 17.22 13.52 -4.49
N PRO D 480 16.01 13.75 -4.71
CA PRO D 480 15.09 12.71 -5.09
C PRO D 480 15.24 12.20 -6.50
N SER D 481 16.15 12.82 -7.23
CA SER D 481 16.32 12.41 -8.64
C SER D 481 17.09 11.12 -8.88
N ARG D 482 17.78 10.62 -7.83
CA ARG D 482 18.58 9.44 -8.01
C ARG D 482 18.38 8.39 -6.92
N PRO D 483 18.23 7.12 -7.32
CA PRO D 483 18.13 6.08 -6.32
C PRO D 483 19.41 6.03 -5.39
N VAL D 484 19.25 5.47 -4.17
CA VAL D 484 20.39 5.33 -3.28
C VAL D 484 20.57 3.83 -3.04
N GLN D 485 21.79 3.31 -3.16
CA GLN D 485 22.01 1.88 -2.88
C GLN D 485 23.10 1.74 -1.82
N TYR D 486 23.14 0.55 -1.22
CA TYR D 486 24.19 0.26 -0.27
C TYR D 486 24.11 -1.28 -0.05
N GLU D 487 25.25 -1.98 -0.12
CA GLU D 487 25.20 -3.44 -0.04
C GLU D 487 25.43 -3.99 1.33
N GLY D 488 26.00 -3.17 2.18
CA GLY D 488 26.36 -3.62 3.54
C GLY D 488 25.23 -4.21 4.35
N GLY D 489 25.57 -5.16 5.19
CA GLY D 489 24.59 -5.80 6.04
C GLY D 489 23.57 -6.69 5.34
N GLY D 490 23.87 -7.30 4.23
CA GLY D 490 22.89 -8.23 3.68
C GLY D 490 22.39 -7.83 2.32
N ALA D 491 22.77 -6.64 1.79
CA ALA D 491 22.44 -6.22 0.44
C ALA D 491 20.98 -5.89 0.16
N ASP D 492 20.08 -6.04 1.13
CA ASP D 492 18.68 -5.74 0.89
C ASP D 492 18.09 -5.09 2.14
N THR D 493 18.91 -4.31 2.80
CA THR D 493 18.48 -3.61 4.04
C THR D 493 17.59 -2.39 3.77
N THR D 494 17.10 -1.71 4.81
CA THR D 494 16.28 -0.49 4.65
C THR D 494 17.13 0.69 4.17
N ALA D 495 18.44 0.54 3.99
CA ALA D 495 19.25 1.66 3.48
C ALA D 495 19.56 1.53 1.99
N THR D 496 18.77 0.67 1.27
CA THR D 496 19.07 0.54 -0.16
C THR D 496 17.79 0.45 -1.01
N ASP D 497 17.70 1.20 -2.12
CA ASP D 497 16.54 1.09 -3.01
C ASP D 497 16.67 -0.06 -4.04
N ILE D 498 17.88 -0.63 -4.15
CA ILE D 498 18.22 -1.71 -5.09
C ILE D 498 18.85 -2.90 -4.33
N ILE D 499 18.42 -4.16 -4.65
CA ILE D 499 19.12 -5.25 -3.95
C ILE D 499 20.48 -5.28 -4.64
N CYS D 500 21.54 -5.09 -3.92
CA CYS D 500 22.84 -5.00 -4.60
C CYS D 500 23.97 -5.81 -4.05
N PRO D 501 23.81 -7.13 -4.07
CA PRO D 501 24.78 -8.00 -3.45
C PRO D 501 26.08 -8.00 -4.20
N MET D 502 27.09 -8.51 -3.50
CA MET D 502 28.41 -8.72 -4.09
C MET D 502 28.65 -10.23 -4.13
N TYR D 503 28.88 -10.79 -5.29
CA TYR D 503 29.20 -12.19 -5.46
C TYR D 503 28.09 -13.14 -5.14
N ALA D 504 26.87 -12.69 -5.25
CA ALA D 504 25.80 -13.67 -5.09
C ALA D 504 25.85 -14.45 -6.40
N ARG D 505 25.66 -15.77 -6.36
CA ARG D 505 25.69 -16.66 -7.57
C ARG D 505 24.35 -16.70 -8.24
N VAL D 506 24.38 -17.26 -9.42
CA VAL D 506 23.17 -17.23 -10.20
C VAL D 506 22.10 -18.15 -9.74
N ASP D 507 22.51 -19.43 -9.63
CA ASP D 507 21.57 -20.44 -9.17
C ASP D 507 21.85 -20.96 -7.79
N GLU D 508 23.07 -20.84 -7.37
CA GLU D 508 23.44 -21.40 -6.09
C GLU D 508 23.31 -20.45 -4.92
N ASP D 509 22.56 -20.89 -3.87
CA ASP D 509 22.38 -20.12 -2.61
C ASP D 509 23.62 -20.28 -1.76
N GLN D 510 23.96 -19.30 -0.93
CA GLN D 510 25.09 -19.38 0.02
C GLN D 510 24.43 -18.80 1.25
N PRO D 511 23.78 -19.67 1.96
CA PRO D 511 22.96 -19.18 3.07
C PRO D 511 23.73 -18.82 4.33
N PHE D 512 24.65 -17.89 4.24
CA PHE D 512 25.40 -17.47 5.42
C PHE D 512 24.47 -16.88 6.47
N PRO D 513 24.74 -17.16 7.74
CA PRO D 513 23.92 -16.56 8.76
C PRO D 513 23.99 -15.01 8.69
N ALA D 514 22.81 -14.47 8.93
CA ALA D 514 22.59 -13.05 9.02
C ALA D 514 22.71 -12.36 7.71
N VAL D 515 23.72 -12.71 6.93
CA VAL D 515 23.93 -11.99 5.67
C VAL D 515 24.06 -13.01 4.54
N PRO D 516 23.08 -13.82 4.31
CA PRO D 516 23.14 -14.78 3.23
C PRO D 516 23.25 -14.12 1.86
N LYS D 517 23.89 -14.85 0.91
CA LYS D 517 24.01 -14.41 -0.48
C LYS D 517 23.11 -15.42 -1.24
N TRP D 518 21.82 -15.09 -1.44
CA TRP D 518 20.95 -16.02 -2.14
C TRP D 518 21.27 -16.02 -3.63
N SER D 519 20.85 -17.09 -4.34
CA SER D 519 20.90 -17.14 -5.78
C SER D 519 20.14 -15.83 -6.19
N ILE D 520 20.66 -15.10 -7.19
CA ILE D 520 19.99 -13.81 -7.53
C ILE D 520 18.58 -14.02 -8.04
N LYS D 521 18.36 -15.12 -8.68
CA LYS D 521 16.99 -15.37 -9.16
C LYS D 521 16.04 -15.58 -8.05
N LYS D 522 16.52 -16.32 -7.03
CA LYS D 522 15.65 -16.62 -5.92
C LYS D 522 15.44 -15.34 -5.04
N TRP D 523 16.50 -14.50 -4.96
CA TRP D 523 16.49 -13.29 -4.10
C TRP D 523 15.32 -12.43 -4.49
N LEU D 524 15.17 -12.24 -5.80
CA LEU D 524 14.12 -11.35 -6.33
C LEU D 524 12.74 -11.66 -5.78
N SER D 525 12.44 -12.97 -5.68
CA SER D 525 11.09 -13.34 -5.27
C SER D 525 10.92 -13.68 -3.76
N LEU D 526 11.86 -13.33 -2.91
CA LEU D 526 11.62 -13.66 -1.51
C LEU D 526 10.32 -13.02 -1.02
N PRO D 527 9.63 -13.63 -0.04
CA PRO D 527 8.37 -13.10 0.37
C PRO D 527 8.43 -11.61 0.60
N GLY D 528 7.52 -10.90 -0.05
CA GLY D 528 7.49 -9.46 0.12
C GLY D 528 8.52 -8.63 -0.61
N GLU D 529 9.50 -9.24 -1.28
CA GLU D 529 10.50 -8.36 -1.96
C GLU D 529 10.00 -7.85 -3.32
N THR D 530 10.35 -6.61 -3.70
CA THR D 530 9.88 -6.09 -4.99
C THR D 530 10.93 -5.28 -5.75
N ARG D 531 12.07 -5.07 -5.09
CA ARG D 531 13.13 -4.23 -5.63
C ARG D 531 13.89 -4.86 -6.80
N PRO D 532 14.54 -3.97 -7.58
CA PRO D 532 15.34 -4.50 -8.68
C PRO D 532 16.62 -5.02 -8.05
N LEU D 533 17.32 -5.86 -8.78
CA LEU D 533 18.60 -6.35 -8.27
C LEU D 533 19.70 -6.14 -9.30
N ILE D 534 20.74 -5.43 -8.87
CA ILE D 534 21.92 -5.14 -9.73
C ILE D 534 23.14 -5.45 -8.85
N LEU D 535 23.94 -6.46 -9.13
CA LEU D 535 25.08 -6.73 -8.26
C LEU D 535 26.03 -5.57 -8.23
N CYS D 536 26.43 -5.14 -7.00
CA CYS D 536 27.37 -4.09 -6.97
C CYS D 536 28.76 -4.66 -7.37
N GLN D 537 29.00 -5.99 -7.13
CA GLN D 537 30.29 -6.56 -7.53
C GLN D 537 29.98 -7.99 -7.91
N TYR D 538 30.44 -8.46 -9.04
CA TYR D 538 30.17 -9.89 -9.37
C TYR D 538 31.23 -10.37 -10.32
N ALA D 539 31.43 -11.69 -10.42
CA ALA D 539 32.56 -12.19 -11.27
C ALA D 539 33.99 -11.66 -11.01
C ALA D 539 33.74 -11.65 -10.38
N HIS D 540 34.62 -12.19 -9.98
N HIS D 540 34.85 -12.29 -10.38
CA HIS D 540 35.98 -11.84 -9.54
C HIS D 540 37.15 -12.25 -10.48
N ALA D 541 37.63 -11.26 -11.25
CA ALA D 541 38.57 -11.49 -12.35
C ALA D 541 40.04 -11.58 -11.92
N MET D 542 40.25 -12.39 -10.86
CA MET D 542 41.61 -12.55 -10.31
C MET D 542 42.33 -13.74 -10.98
N GLY D 543 43.40 -13.42 -11.67
CA GLY D 543 44.17 -14.38 -12.44
C GLY D 543 43.34 -15.03 -13.51
N ASN D 544 43.51 -16.35 -13.71
CA ASN D 544 42.73 -16.99 -14.75
C ASN D 544 41.28 -17.22 -14.24
N SER D 545 40.33 -16.37 -14.63
CA SER D 545 38.99 -16.42 -14.02
C SER D 545 37.92 -15.99 -15.01
N LEU D 546 36.73 -15.63 -14.50
CA LEU D 546 35.57 -15.31 -15.34
C LEU D 546 34.88 -16.57 -15.77
N GLY D 547 35.24 -17.69 -15.13
CA GLY D 547 34.51 -18.91 -15.43
C GLY D 547 33.07 -18.76 -14.89
N GLY D 548 32.10 -19.12 -15.72
CA GLY D 548 30.70 -18.98 -15.33
C GLY D 548 30.10 -17.60 -15.71
N PHE D 549 30.91 -16.73 -16.38
CA PHE D 549 30.40 -15.39 -16.72
C PHE D 549 29.13 -15.44 -17.54
N ALA D 550 29.05 -16.30 -18.56
CA ALA D 550 27.84 -16.39 -19.35
C ALA D 550 26.55 -16.68 -18.58
N LYS D 551 26.69 -17.38 -17.46
CA LYS D 551 25.55 -17.77 -16.65
C LYS D 551 24.84 -16.56 -16.10
N TYR D 552 25.62 -15.54 -15.71
CA TYR D 552 25.01 -14.35 -15.22
C TYR D 552 24.18 -13.68 -16.34
N TRP D 553 24.79 -13.50 -17.53
CA TRP D 553 24.19 -12.80 -18.70
C TRP D 553 22.91 -13.42 -19.11
N GLN D 554 22.91 -14.75 -19.10
CA GLN D 554 21.71 -15.46 -19.45
C GLN D 554 20.58 -15.13 -18.47
N ALA D 555 20.93 -15.07 -17.22
CA ALA D 555 19.94 -14.74 -16.17
C ALA D 555 19.45 -13.31 -16.27
N PHE D 556 20.38 -12.39 -16.46
CA PHE D 556 20.02 -10.99 -16.55
C PHE D 556 19.07 -10.82 -17.72
N ARG D 557 19.32 -11.50 -18.83
CA ARG D 557 18.41 -11.34 -20.00
C ARG D 557 17.05 -11.96 -19.79
N GLN D 558 17.01 -13.08 -19.04
CA GLN D 558 15.71 -13.75 -18.84
C GLN D 558 14.78 -13.09 -17.83
N TYR D 559 15.31 -12.54 -16.74
CA TYR D 559 14.60 -11.91 -15.63
C TYR D 559 14.58 -10.40 -15.71
N PRO D 560 13.39 -9.82 -15.93
CA PRO D 560 13.31 -8.39 -16.05
C PRO D 560 13.98 -7.68 -14.89
N ARG D 561 13.70 -8.14 -13.66
CA ARG D 561 14.23 -7.50 -12.44
C ARG D 561 15.72 -7.79 -12.13
N LEU D 562 16.33 -8.69 -12.91
CA LEU D 562 17.80 -8.83 -12.78
C LEU D 562 18.34 -7.82 -13.80
N GLN D 563 18.76 -6.64 -13.35
CA GLN D 563 19.17 -5.62 -14.27
C GLN D 563 20.68 -5.43 -14.46
N GLY D 564 21.40 -6.52 -14.22
CA GLY D 564 22.83 -6.53 -14.49
C GLY D 564 23.75 -6.46 -13.27
N GLY D 565 24.90 -5.85 -13.40
CA GLY D 565 25.80 -5.76 -12.24
C GLY D 565 27.10 -5.06 -12.67
N PHE D 566 28.04 -4.95 -11.71
CA PHE D 566 29.34 -4.33 -11.96
C PHE D 566 30.41 -5.38 -11.74
N VAL D 567 31.15 -5.75 -12.81
CA VAL D 567 32.19 -6.76 -12.60
C VAL D 567 33.28 -6.25 -11.66
N TRP D 568 33.88 -7.21 -10.95
CA TRP D 568 34.97 -6.93 -10.05
C TRP D 568 36.25 -7.53 -10.60
N ASP D 569 37.21 -6.74 -11.14
CA ASP D 569 37.14 -5.30 -11.31
C ASP D 569 37.87 -4.91 -12.58
N TRP D 570 38.07 -3.61 -12.81
CA TRP D 570 38.61 -3.18 -14.08
C TRP D 570 40.08 -3.50 -14.26
N VAL D 571 40.89 -2.97 -13.36
CA VAL D 571 42.31 -3.06 -13.55
C VAL D 571 43.10 -3.54 -12.34
N ASP D 572 44.06 -4.41 -12.59
CA ASP D 572 44.90 -5.00 -11.53
C ASP D 572 45.66 -3.90 -10.84
N GLN D 573 45.72 -4.00 -9.52
CA GLN D 573 46.47 -2.99 -8.78
C GLN D 573 47.89 -3.55 -8.57
N SER D 574 48.60 -3.81 -9.68
CA SER D 574 49.98 -4.24 -9.46
C SER D 574 50.81 -2.95 -9.51
N LEU D 575 51.97 -2.88 -8.88
CA LEU D 575 52.83 -1.72 -8.93
C LEU D 575 54.17 -2.08 -9.61
N ILE D 576 54.81 -1.16 -10.32
CA ILE D 576 56.08 -1.58 -10.92
C ILE D 576 57.25 -1.45 -9.98
N LYS D 577 58.12 -2.45 -9.97
CA LYS D 577 59.36 -2.45 -9.28
C LYS D 577 60.45 -2.67 -10.34
N TYR D 578 61.69 -2.44 -9.92
CA TYR D 578 62.83 -2.59 -10.82
C TYR D 578 63.83 -3.59 -10.29
N ASP D 579 64.32 -4.49 -11.17
CA ASP D 579 65.32 -5.48 -10.72
C ASP D 579 66.72 -4.90 -10.72
N GLU D 580 67.73 -5.68 -10.36
CA GLU D 580 69.07 -5.13 -10.30
C GLU D 580 69.52 -4.55 -11.62
N ASN D 581 68.93 -5.11 -12.69
CA ASN D 581 69.20 -4.70 -14.07
C ASN D 581 68.43 -3.43 -14.49
N GLY D 582 67.52 -3.02 -13.64
CA GLY D 582 66.84 -1.82 -14.08
C GLY D 582 65.63 -2.20 -14.86
N ASN D 583 65.38 -3.48 -14.94
CA ASN D 583 64.21 -3.89 -15.67
C ASN D 583 63.02 -3.98 -14.71
N PRO D 584 61.91 -3.48 -15.20
CA PRO D 584 60.71 -3.42 -14.38
C PRO D 584 59.92 -4.71 -14.36
N TRP D 585 59.22 -4.86 -13.24
CA TRP D 585 58.39 -6.01 -13.11
C TRP D 585 57.15 -5.67 -12.26
N SER D 586 56.09 -6.45 -12.39
CA SER D 586 54.87 -6.18 -11.66
C SER D 586 54.89 -6.79 -10.32
N ALA D 587 54.69 -5.97 -9.29
CA ALA D 587 54.69 -6.38 -7.90
C ALA D 587 53.30 -6.33 -7.27
N TYR D 588 53.14 -7.19 -6.24
CA TYR D 588 51.88 -7.16 -5.54
C TYR D 588 52.16 -7.08 -4.02
N GLY D 589 51.19 -7.46 -3.20
CA GLY D 589 51.32 -7.37 -1.77
C GLY D 589 52.51 -8.10 -1.19
N GLY D 590 53.19 -7.38 -0.31
CA GLY D 590 54.38 -7.87 0.38
C GLY D 590 55.67 -7.59 -0.35
N ASP D 591 55.53 -7.17 -1.60
CA ASP D 591 56.72 -6.94 -2.39
C ASP D 591 57.43 -5.64 -2.02
N PHE D 592 56.93 -4.99 -0.99
CA PHE D 592 57.57 -3.73 -0.57
C PHE D 592 57.97 -3.94 0.87
N GLY D 593 57.91 -5.19 1.39
CA GLY D 593 58.26 -5.41 2.77
C GLY D 593 57.08 -5.17 3.68
N ASP D 594 55.95 -4.81 3.09
CA ASP D 594 54.73 -4.52 3.85
C ASP D 594 54.19 -5.79 4.47
N THR D 595 53.91 -5.77 5.75
CA THR D 595 53.36 -6.97 6.34
C THR D 595 52.65 -6.60 7.64
N PRO D 596 51.48 -7.22 7.94
CA PRO D 596 50.83 -8.24 7.12
C PRO D 596 50.42 -7.71 5.74
N ASN D 597 50.26 -8.62 4.76
CA ASN D 597 49.79 -8.11 3.42
C ASN D 597 48.86 -9.20 2.85
N ASP D 598 48.12 -8.92 1.80
CA ASP D 598 47.21 -9.89 1.17
C ASP D 598 47.64 -10.30 -0.22
N ARG D 599 48.99 -10.35 -0.37
CA ARG D 599 49.65 -10.88 -1.56
C ARG D 599 48.98 -10.55 -2.87
N GLN D 600 48.68 -11.55 -3.69
CA GLN D 600 48.10 -11.18 -5.00
C GLN D 600 46.60 -10.76 -5.07
N PHE D 601 45.92 -10.63 -3.90
CA PHE D 601 44.50 -10.22 -3.93
C PHE D 601 44.26 -8.80 -4.43
N CYS D 602 45.31 -7.99 -4.59
CA CYS D 602 45.15 -6.66 -5.17
C CYS D 602 45.00 -6.74 -6.67
N MET D 603 45.17 -7.94 -7.31
CA MET D 603 45.06 -8.05 -8.77
C MET D 603 43.82 -8.78 -9.17
N ASN D 604 42.77 -8.06 -9.52
CA ASN D 604 41.48 -8.71 -9.85
C ASN D 604 40.90 -8.12 -11.12
N GLY D 605 41.79 -7.50 -11.95
CA GLY D 605 41.30 -6.79 -13.10
C GLY D 605 41.07 -7.54 -14.38
N LEU D 606 40.16 -6.99 -15.17
CA LEU D 606 39.90 -7.51 -16.50
C LEU D 606 41.15 -7.06 -17.33
N VAL D 607 41.84 -5.96 -16.94
CA VAL D 607 43.02 -5.60 -17.73
C VAL D 607 44.21 -5.58 -16.77
N PHE D 608 45.44 -5.78 -17.24
CA PHE D 608 46.68 -5.62 -16.46
C PHE D 608 46.80 -4.14 -16.12
N ALA D 609 47.71 -3.82 -15.18
CA ALA D 609 47.89 -2.46 -14.77
C ALA D 609 48.27 -1.56 -15.93
N ASP D 610 48.91 -2.03 -17.00
CA ASP D 610 49.26 -1.10 -18.06
C ASP D 610 48.16 -1.07 -19.10
N ARG D 611 47.04 -1.63 -18.74
CA ARG D 611 45.89 -1.61 -19.66
C ARG D 611 45.85 -2.67 -20.74
N THR D 612 46.79 -3.62 -20.72
CA THR D 612 46.74 -4.72 -21.69
C THR D 612 45.63 -5.65 -21.22
N PRO D 613 44.83 -6.15 -22.11
CA PRO D 613 43.76 -7.00 -21.59
C PRO D 613 44.19 -8.38 -21.16
N HIS D 614 43.49 -8.88 -20.17
CA HIS D 614 43.65 -10.27 -19.81
C HIS D 614 42.66 -10.93 -20.78
N PRO D 615 42.69 -12.24 -20.89
CA PRO D 615 41.77 -12.95 -21.77
C PRO D 615 40.33 -12.80 -21.39
N ALA D 616 40.10 -12.69 -20.07
CA ALA D 616 38.70 -12.55 -19.67
C ALA D 616 37.96 -11.36 -20.29
N LEU D 617 38.70 -10.33 -20.70
CA LEU D 617 38.03 -9.20 -21.23
C LEU D 617 37.18 -9.52 -22.44
N THR D 618 37.62 -10.45 -23.29
CA THR D 618 36.77 -10.77 -24.48
C THR D 618 35.53 -11.50 -24.13
N GLU D 619 35.65 -12.31 -23.08
CA GLU D 619 34.49 -13.05 -22.61
C GLU D 619 33.48 -12.02 -22.18
N ALA D 620 33.91 -11.02 -21.47
CA ALA D 620 32.95 -10.02 -21.00
C ALA D 620 32.37 -9.26 -22.20
N LYS D 621 33.25 -8.88 -23.09
CA LYS D 621 32.74 -8.13 -24.25
C LYS D 621 31.67 -8.89 -24.97
N HIS D 622 31.86 -10.18 -25.09
CA HIS D 622 30.93 -11.00 -25.87
C HIS D 622 29.58 -11.15 -25.19
N GLN D 623 29.65 -11.44 -23.89
CA GLN D 623 28.43 -11.68 -23.19
C GLN D 623 27.65 -10.37 -23.03
N GLN D 624 28.37 -9.25 -23.05
CA GLN D 624 27.70 -7.93 -22.90
C GLN D 624 27.29 -7.30 -24.26
N GLN D 625 27.24 -8.10 -25.34
CA GLN D 625 26.86 -7.58 -26.63
C GLN D 625 25.48 -6.98 -26.57
N PHE D 626 25.19 -6.08 -27.52
CA PHE D 626 23.95 -5.30 -27.60
C PHE D 626 23.00 -5.81 -28.65
N PHE D 627 23.47 -6.78 -29.40
CA PHE D 627 22.62 -7.45 -30.43
C PHE D 627 22.57 -8.94 -30.11
N GLN D 628 21.34 -9.51 -30.14
CA GLN D 628 21.13 -10.96 -29.90
C GLN D 628 20.79 -11.58 -31.26
N PHE D 629 21.18 -12.85 -31.38
CA PHE D 629 20.95 -13.51 -32.62
C PHE D 629 20.36 -14.86 -32.48
N ARG D 630 19.56 -15.24 -33.48
CA ARG D 630 18.97 -16.59 -33.53
C ARG D 630 19.07 -17.03 -34.99
N LEU D 631 19.23 -18.32 -35.24
CA LEU D 631 19.32 -18.81 -36.63
C LEU D 631 18.22 -19.85 -36.85
N SER D 632 17.50 -19.70 -37.96
CA SER D 632 16.44 -20.62 -38.36
C SER D 632 16.52 -20.82 -39.84
N GLY D 633 17.06 -21.97 -40.16
CA GLY D 633 17.19 -22.29 -41.55
C GLY D 633 18.27 -21.45 -42.07
N GLN D 634 17.85 -20.58 -42.98
CA GLN D 634 18.82 -19.67 -43.56
C GLN D 634 18.57 -18.24 -43.09
N THR D 635 17.68 -18.11 -42.14
CA THR D 635 17.40 -16.79 -41.70
C THR D 635 18.11 -16.45 -40.40
N ILE D 636 18.81 -15.34 -40.37
CA ILE D 636 19.38 -14.93 -39.12
C ILE D 636 18.47 -13.85 -38.63
N GLU D 637 18.09 -13.93 -37.36
CA GLU D 637 17.24 -12.94 -36.71
C GLU D 637 18.07 -12.10 -35.72
N VAL D 638 18.14 -10.77 -35.97
CA VAL D 638 18.94 -9.93 -35.08
C VAL D 638 18.01 -9.11 -34.21
N THR D 639 18.29 -9.16 -32.92
CA THR D 639 17.45 -8.38 -32.03
C THR D 639 18.31 -7.34 -31.34
N SER D 640 17.84 -6.10 -31.34
CA SER D 640 18.62 -5.04 -30.69
C SER D 640 18.24 -4.90 -29.19
N GLU D 641 19.26 -4.76 -28.29
CA GLU D 641 18.99 -4.55 -26.88
C GLU D 641 19.14 -3.08 -26.54
N TYR D 642 19.40 -2.23 -27.55
CA TYR D 642 19.48 -0.80 -27.27
C TYR D 642 18.10 -0.34 -26.82
N LEU D 643 18.07 0.69 -25.97
CA LEU D 643 16.77 1.18 -25.56
C LEU D 643 16.38 2.45 -26.30
N PHE D 644 17.40 3.16 -26.78
CA PHE D 644 17.15 4.44 -27.39
C PHE D 644 17.68 4.64 -28.79
N ARG D 645 18.82 4.11 -29.07
CA ARG D 645 19.40 4.38 -30.39
C ARG D 645 19.08 3.37 -31.45
N HIS D 646 18.96 3.88 -32.67
CA HIS D 646 18.79 3.01 -33.85
C HIS D 646 20.19 2.43 -34.22
N SER D 647 20.28 1.31 -34.93
CA SER D 647 21.60 0.75 -35.27
C SER D 647 22.14 1.53 -36.45
N ASP D 648 22.44 2.80 -36.23
CA ASP D 648 22.85 3.61 -37.34
C ASP D 648 24.34 3.57 -37.60
N ASN D 649 25.07 2.62 -37.03
CA ASN D 649 26.48 2.59 -37.41
C ASN D 649 26.86 1.13 -37.30
N GLU D 650 26.14 0.27 -38.04
CA GLU D 650 26.40 -1.18 -37.92
C GLU D 650 26.01 -1.87 -39.23
N LEU D 651 26.87 -2.77 -39.55
CA LEU D 651 26.80 -3.62 -40.71
C LEU D 651 27.05 -5.05 -40.21
N LEU D 652 26.24 -6.02 -40.70
CA LEU D 652 26.43 -7.41 -40.32
C LEU D 652 27.29 -8.13 -41.38
N HIS D 653 28.40 -8.76 -40.99
CA HIS D 653 29.19 -9.53 -41.93
C HIS D 653 28.95 -10.97 -41.53
N TRP D 654 28.87 -11.86 -42.50
CA TRP D 654 28.68 -13.27 -42.22
C TRP D 654 29.61 -14.07 -43.09
N MET D 655 30.11 -15.19 -42.51
CA MET D 655 31.00 -16.03 -43.28
C MET D 655 30.70 -17.47 -43.01
N VAL D 656 30.83 -18.29 -44.05
CA VAL D 656 30.63 -19.73 -43.82
C VAL D 656 31.93 -20.42 -44.19
N ALA D 657 32.43 -21.32 -43.34
CA ALA D 657 33.69 -21.99 -43.59
C ALA D 657 33.60 -23.50 -43.29
N LEU D 658 34.30 -24.37 -44.06
CA LEU D 658 34.28 -25.82 -43.81
C LEU D 658 35.53 -26.12 -43.08
N ASP D 659 35.44 -26.55 -41.82
CA ASP D 659 36.67 -26.79 -41.09
C ASP D 659 37.72 -25.70 -41.28
N GLY D 660 37.37 -24.41 -41.10
CA GLY D 660 38.42 -23.40 -41.28
C GLY D 660 38.59 -22.93 -42.72
N LYS D 661 38.00 -23.60 -43.71
CA LYS D 661 38.18 -23.13 -45.08
C LYS D 661 37.04 -22.33 -45.62
N PRO D 662 37.33 -21.09 -45.92
CA PRO D 662 36.30 -20.21 -46.44
C PRO D 662 35.56 -20.77 -47.62
N LEU D 663 34.24 -20.65 -47.56
CA LEU D 663 33.31 -21.14 -48.54
C LEU D 663 32.50 -20.02 -49.13
N ALA D 664 32.12 -19.08 -48.29
CA ALA D 664 31.26 -17.99 -48.73
C ALA D 664 31.11 -16.95 -47.64
N SER D 665 30.71 -15.75 -47.96
CA SER D 665 30.56 -14.71 -46.97
C SER D 665 29.90 -13.53 -47.57
N GLY D 666 29.32 -12.68 -46.77
CA GLY D 666 28.68 -11.53 -47.37
C GLY D 666 28.49 -10.48 -46.29
N GLU D 667 27.83 -9.39 -46.62
CA GLU D 667 27.53 -8.27 -45.69
C GLU D 667 26.13 -7.72 -45.90
N VAL D 668 25.48 -7.22 -44.84
CA VAL D 668 24.17 -6.63 -44.93
C VAL D 668 24.10 -5.52 -43.89
N PRO D 669 23.55 -4.40 -44.22
CA PRO D 669 23.50 -3.37 -43.19
C PRO D 669 22.47 -3.72 -42.13
N LEU D 670 22.69 -3.26 -40.92
CA LEU D 670 21.69 -3.55 -39.92
C LEU D 670 20.85 -2.31 -39.82
N ASP D 671 19.57 -2.46 -39.79
CA ASP D 671 18.72 -1.31 -39.67
C ASP D 671 17.67 -1.74 -38.66
N VAL D 672 18.06 -1.72 -37.39
CA VAL D 672 17.14 -2.19 -36.37
C VAL D 672 16.85 -1.11 -35.32
N ALA D 673 15.56 -0.89 -35.03
CA ALA D 673 15.21 0.10 -34.04
C ALA D 673 15.53 -0.46 -32.61
N PRO D 674 15.62 0.41 -31.56
CA PRO D 674 15.89 -0.11 -30.22
C PRO D 674 14.80 -1.09 -29.89
N GLN D 675 15.22 -2.22 -29.38
CA GLN D 675 14.38 -3.37 -29.05
C GLN D 675 13.77 -4.01 -30.29
N GLY D 676 14.10 -3.57 -31.51
CA GLY D 676 13.44 -4.10 -32.70
C GLY D 676 14.13 -5.34 -33.18
N LYS D 677 13.56 -5.95 -34.21
CA LYS D 677 14.16 -7.17 -34.77
C LYS D 677 14.39 -7.02 -36.27
N GLN D 678 15.36 -7.75 -36.80
CA GLN D 678 15.58 -7.72 -38.23
C GLN D 678 15.93 -9.14 -38.69
N LEU D 679 15.33 -9.53 -39.86
CA LEU D 679 15.54 -10.82 -40.50
C LEU D 679 16.45 -10.69 -41.68
N ILE D 680 17.47 -11.52 -41.73
CA ILE D 680 18.41 -11.55 -42.87
C ILE D 680 18.44 -12.97 -43.41
N GLU D 681 17.92 -13.20 -44.64
CA GLU D 681 17.89 -14.51 -45.27
C GLU D 681 19.19 -14.69 -45.99
N LEU D 682 19.99 -15.66 -45.54
CA LEU D 682 21.29 -15.92 -46.13
C LEU D 682 21.12 -16.42 -47.54
N PRO D 683 22.08 -16.10 -48.40
CA PRO D 683 22.05 -16.55 -49.78
C PRO D 683 22.11 -18.05 -49.82
N GLU D 684 21.62 -18.66 -50.93
CA GLU D 684 21.61 -20.11 -51.16
C GLU D 684 23.00 -20.64 -50.93
N LEU D 685 23.17 -21.71 -50.14
CA LEU D 685 24.56 -22.17 -49.95
C LEU D 685 25.04 -23.44 -50.63
N PRO D 686 26.05 -23.31 -51.52
CA PRO D 686 26.62 -24.47 -52.21
C PRO D 686 27.00 -25.54 -51.21
N GLN D 687 27.01 -26.74 -51.77
CA GLN D 687 27.35 -27.85 -50.94
C GLN D 687 28.51 -28.72 -51.34
N PRO D 688 29.53 -28.61 -50.52
CA PRO D 688 30.73 -29.38 -50.69
C PRO D 688 30.36 -30.73 -50.11
N GLU D 689 30.64 -31.79 -50.84
CA GLU D 689 30.31 -33.08 -50.28
C GLU D 689 31.53 -33.60 -49.55
N SER D 690 32.57 -32.70 -49.58
CA SER D 690 33.88 -32.80 -48.93
C SER D 690 33.53 -32.86 -47.46
N ALA D 691 33.98 -33.90 -46.82
CA ALA D 691 33.58 -34.08 -45.46
C ALA D 691 33.96 -32.93 -44.57
N GLY D 692 33.22 -32.67 -43.48
CA GLY D 692 33.58 -31.61 -42.55
C GLY D 692 32.31 -30.97 -42.01
N GLN D 693 32.50 -30.11 -41.02
CA GLN D 693 31.42 -29.36 -40.39
C GLN D 693 31.51 -27.93 -40.96
N LEU D 694 30.39 -27.44 -41.42
CA LEU D 694 30.38 -26.09 -41.90
C LEU D 694 30.04 -25.20 -40.70
N TRP D 695 30.64 -24.05 -40.58
CA TRP D 695 30.29 -23.20 -39.46
C TRP D 695 29.98 -21.81 -39.98
N LEU D 696 28.93 -21.17 -39.47
CA LEU D 696 28.55 -19.82 -39.83
C LEU D 696 29.02 -18.87 -38.73
N THR D 697 29.76 -17.81 -39.04
CA THR D 697 30.19 -16.84 -38.07
C THR D 697 29.60 -15.52 -38.53
N VAL D 698 28.99 -14.77 -37.59
CA VAL D 698 28.47 -13.43 -37.94
C VAL D 698 29.18 -12.46 -37.05
N ARG D 699 29.42 -11.27 -37.56
CA ARG D 699 30.06 -10.25 -36.78
C ARG D 699 29.34 -8.90 -37.11
N VAL D 700 29.13 -8.01 -36.11
CA VAL D 700 28.54 -6.67 -36.35
C VAL D 700 29.76 -5.73 -36.31
N VAL D 701 29.91 -4.89 -37.32
CA VAL D 701 31.07 -4.04 -37.38
C VAL D 701 30.53 -2.62 -37.55
N GLN D 702 31.22 -1.65 -36.98
CA GLN D 702 30.80 -0.26 -37.10
C GLN D 702 31.68 0.34 -38.16
N PRO D 703 31.11 0.69 -39.29
CA PRO D 703 31.90 1.23 -40.39
C PRO D 703 32.50 2.56 -40.10
N ASN D 704 31.80 3.39 -39.28
CA ASN D 704 32.29 4.72 -39.00
C ASN D 704 32.95 4.89 -37.66
N ALA D 705 33.98 5.74 -37.59
CA ALA D 705 34.62 5.98 -36.31
C ALA D 705 33.66 6.77 -35.47
N THR D 706 33.86 6.70 -34.15
CA THR D 706 33.04 7.46 -33.18
C THR D 706 34.05 8.12 -32.25
N ALA D 707 33.54 8.79 -31.22
CA ALA D 707 34.45 9.38 -30.26
C ALA D 707 35.13 8.32 -29.44
N TRP D 708 34.56 7.11 -29.43
CA TRP D 708 35.18 6.09 -28.57
C TRP D 708 35.61 4.83 -29.32
N SER D 709 35.53 4.81 -30.70
CA SER D 709 35.94 3.57 -31.38
C SER D 709 36.49 3.90 -32.75
N GLU D 710 37.31 3.05 -33.35
CA GLU D 710 37.78 3.32 -34.71
C GLU D 710 36.86 2.71 -35.73
N ALA D 711 37.01 3.14 -36.99
CA ALA D 711 36.18 2.58 -38.04
C ALA D 711 36.44 1.08 -38.14
N GLY D 712 35.43 0.25 -38.44
CA GLY D 712 35.61 -1.19 -38.56
C GLY D 712 35.58 -1.89 -37.19
N HIS D 713 35.40 -1.11 -36.09
CA HIS D 713 35.35 -1.74 -34.73
C HIS D 713 34.32 -2.87 -34.71
N ILE D 714 34.66 -4.03 -34.14
CA ILE D 714 33.68 -5.13 -34.05
C ILE D 714 33.04 -5.06 -32.68
N SER D 715 31.73 -4.94 -32.68
CA SER D 715 30.98 -4.83 -31.44
C SER D 715 30.28 -6.11 -31.02
N ALA D 716 30.09 -7.11 -31.90
CA ALA D 716 29.39 -8.35 -31.54
C ALA D 716 29.72 -9.49 -32.52
N TRP D 717 29.55 -10.75 -32.07
CA TRP D 717 29.75 -11.88 -32.98
C TRP D 717 29.03 -13.08 -32.44
N GLN D 718 28.85 -14.13 -33.26
CA GLN D 718 28.19 -15.36 -32.77
C GLN D 718 28.42 -16.39 -33.81
N GLN D 719 28.45 -17.67 -33.40
CA GLN D 719 28.67 -18.72 -34.37
C GLN D 719 27.67 -19.83 -34.27
N TRP D 720 27.44 -20.54 -35.39
CA TRP D 720 26.54 -21.68 -35.33
C TRP D 720 27.12 -22.79 -36.22
N ARG D 721 26.90 -24.04 -35.83
CA ARG D 721 27.30 -25.11 -36.76
C ARG D 721 26.16 -25.22 -37.81
N LEU D 722 26.52 -25.42 -39.06
CA LEU D 722 25.55 -25.62 -40.14
C LEU D 722 25.57 -27.09 -40.51
N ALA D 723 25.42 -27.48 -41.78
CA ALA D 723 25.43 -28.93 -42.12
C ALA D 723 26.80 -29.55 -41.85
N GLU D 724 26.78 -30.83 -41.46
CA GLU D 724 28.00 -31.57 -41.19
C GLU D 724 27.97 -32.75 -42.13
N ASN D 725 29.08 -33.05 -42.79
CA ASN D 725 29.15 -34.26 -43.67
C ASN D 725 30.21 -35.21 -43.07
N LEU D 726 29.79 -36.29 -42.43
CA LEU D 726 30.74 -37.17 -41.76
C LEU D 726 31.57 -37.89 -42.81
N SER D 727 32.88 -38.06 -42.54
CA SER D 727 33.76 -38.70 -43.50
C SER D 727 33.54 -40.20 -43.45
N VAL D 728 33.32 -40.84 -44.59
CA VAL D 728 33.10 -42.27 -44.56
C VAL D 728 34.13 -42.89 -45.45
N THR D 729 35.08 -42.12 -45.77
CA THR D 729 36.09 -42.64 -46.65
C THR D 729 37.30 -43.18 -45.90
N LEU D 730 37.71 -44.43 -46.19
CA LEU D 730 38.87 -45.14 -45.62
C LEU D 730 40.22 -44.53 -46.10
N PRO D 731 41.18 -44.28 -45.20
CA PRO D 731 42.45 -43.66 -45.63
C PRO D 731 43.18 -44.48 -46.67
N ALA D 732 44.04 -43.83 -47.46
CA ALA D 732 44.82 -44.57 -48.45
C ALA D 732 45.62 -45.67 -47.74
N ALA D 733 45.70 -46.90 -48.36
CA ALA D 733 46.37 -48.13 -47.87
C ALA D 733 47.87 -48.12 -47.59
N SER D 734 48.19 -48.79 -46.46
CA SER D 734 49.51 -49.01 -45.84
C SER D 734 50.56 -49.59 -46.77
N HIS D 735 51.44 -48.70 -47.17
CA HIS D 735 52.52 -49.07 -48.03
C HIS D 735 53.40 -50.16 -47.36
N ALA D 736 53.73 -49.96 -46.07
CA ALA D 736 54.54 -50.83 -45.23
C ALA D 736 53.88 -51.34 -43.95
N ILE D 737 54.74 -51.92 -43.08
CA ILE D 737 54.34 -52.47 -41.78
C ILE D 737 55.45 -52.22 -40.79
N PRO D 738 55.13 -51.59 -39.65
CA PRO D 738 56.15 -51.26 -38.67
C PRO D 738 56.79 -52.47 -37.98
N HIS D 739 58.05 -52.40 -37.53
CA HIS D 739 58.61 -53.61 -36.90
C HIS D 739 58.88 -53.37 -35.46
N LEU D 740 58.61 -54.44 -34.69
CA LEU D 740 58.80 -54.38 -33.25
C LEU D 740 60.09 -54.99 -32.81
N THR D 741 60.75 -54.35 -31.86
CA THR D 741 61.96 -54.88 -31.29
C THR D 741 61.77 -54.86 -29.83
N THR D 742 61.95 -56.02 -29.21
CA THR D 742 61.70 -56.12 -27.78
C THR D 742 62.96 -56.33 -26.93
N SER D 743 62.98 -55.80 -25.72
CA SER D 743 64.02 -56.02 -24.71
C SER D 743 63.29 -56.08 -23.39
N GLU D 744 63.93 -56.51 -22.31
CA GLU D 744 63.16 -56.52 -21.05
C GLU D 744 62.74 -55.12 -20.68
N MET D 745 63.59 -54.14 -21.04
CA MET D 745 63.38 -52.74 -20.66
C MET D 745 62.53 -51.88 -21.60
N ASP D 746 62.48 -52.28 -22.90
CA ASP D 746 61.68 -51.51 -23.85
C ASP D 746 61.03 -52.25 -24.97
N PHE D 747 60.05 -51.59 -25.56
CA PHE D 747 59.45 -52.05 -26.80
C PHE D 747 59.82 -50.95 -27.80
N CYS D 748 60.52 -51.26 -28.89
CA CYS D 748 60.83 -50.24 -29.84
C CYS D 748 60.13 -50.51 -31.15
N ILE D 749 59.60 -49.51 -31.85
CA ILE D 749 58.91 -49.77 -33.11
C ILE D 749 59.57 -48.88 -34.10
N GLU D 750 59.78 -49.43 -35.29
CA GLU D 750 60.42 -48.65 -36.34
C GLU D 750 59.64 -48.72 -37.61
N LEU D 751 59.65 -47.59 -38.26
CA LEU D 751 58.98 -47.51 -39.54
C LEU D 751 59.66 -46.44 -40.36
N GLY D 752 60.32 -46.82 -41.42
CA GLY D 752 60.99 -45.79 -42.20
C GLY D 752 62.01 -45.06 -41.37
N ASN D 753 62.07 -43.74 -41.45
CA ASN D 753 63.10 -43.16 -40.60
C ASN D 753 62.53 -42.76 -39.28
N LYS D 754 61.45 -43.41 -38.89
CA LYS D 754 60.74 -43.11 -37.63
C LYS D 754 60.89 -44.25 -36.62
N ARG D 755 61.09 -43.89 -35.32
CA ARG D 755 61.19 -44.85 -34.26
C ARG D 755 60.43 -44.36 -33.01
N TRP D 756 59.85 -45.31 -32.27
CA TRP D 756 59.09 -44.99 -31.05
C TRP D 756 59.63 -45.92 -30.05
N GLN D 757 59.87 -45.44 -28.86
CA GLN D 757 60.34 -46.29 -27.82
C GLN D 757 59.45 -46.26 -26.58
N PHE D 758 59.01 -47.42 -26.12
CA PHE D 758 58.15 -47.54 -24.97
C PHE D 758 58.87 -48.23 -23.85
N ASN D 759 59.00 -47.52 -22.74
CA ASN D 759 59.74 -48.06 -21.60
C ASN D 759 58.93 -49.10 -20.89
N ARG D 760 59.47 -50.31 -20.72
CA ARG D 760 58.66 -51.35 -20.09
C ARG D 760 58.57 -51.28 -18.58
N GLN D 761 59.42 -50.46 -18.00
CA GLN D 761 59.34 -50.34 -16.54
C GLN D 761 58.31 -49.25 -16.17
N SER D 762 58.27 -48.18 -16.95
CA SER D 762 57.40 -47.11 -16.62
C SER D 762 56.08 -47.18 -17.38
N GLY D 763 56.13 -47.86 -18.50
CA GLY D 763 54.94 -48.03 -19.32
C GLY D 763 54.63 -46.82 -20.16
N PHE D 764 55.57 -45.91 -20.30
CA PHE D 764 55.24 -44.75 -21.18
C PHE D 764 56.16 -44.67 -22.40
N LEU D 765 55.69 -43.95 -23.44
CA LEU D 765 56.41 -43.59 -24.65
C LEU D 765 57.49 -42.67 -24.13
N SER D 766 58.69 -43.19 -24.10
CA SER D 766 59.84 -42.46 -23.60
C SER D 766 60.68 -41.74 -24.64
N GLN D 767 60.54 -42.16 -25.87
CA GLN D 767 61.30 -41.44 -26.87
C GLN D 767 60.70 -41.71 -28.25
N MET D 768 60.97 -40.77 -29.13
CA MET D 768 60.58 -40.88 -30.51
C MET D 768 61.69 -40.19 -31.31
N TRP D 769 61.98 -40.74 -32.51
CA TRP D 769 62.98 -40.17 -33.41
C TRP D 769 62.45 -40.01 -34.83
N ILE D 770 62.88 -38.95 -35.47
CA ILE D 770 62.60 -38.74 -36.87
C ILE D 770 64.03 -38.76 -37.33
N GLY D 771 64.40 -39.84 -38.01
CA GLY D 771 65.81 -39.95 -38.35
C GLY D 771 66.61 -40.13 -37.07
N ASP D 772 67.75 -39.46 -36.95
CA ASP D 772 68.50 -39.61 -35.73
C ASP D 772 68.08 -38.54 -34.72
N LYS D 773 67.08 -37.75 -35.08
CA LYS D 773 66.73 -36.67 -34.15
C LYS D 773 65.72 -37.07 -33.09
N LYS D 774 66.14 -36.94 -31.84
CA LYS D 774 65.27 -37.25 -30.73
C LYS D 774 64.16 -36.22 -30.64
N GLN D 775 62.93 -36.60 -30.31
CA GLN D 775 61.87 -35.58 -30.29
C GLN D 775 61.33 -35.24 -28.92
N LEU D 776 61.63 -36.04 -27.93
CA LEU D 776 61.13 -35.78 -26.60
C LEU D 776 62.24 -35.56 -25.56
N LEU D 777 62.02 -34.59 -24.67
CA LEU D 777 62.89 -34.34 -23.51
C LEU D 777 62.38 -35.02 -22.27
N THR D 778 61.02 -35.17 -22.16
CA THR D 778 60.42 -35.90 -21.04
C THR D 778 59.35 -36.77 -21.71
N PRO D 779 59.19 -37.98 -21.21
CA PRO D 779 58.23 -38.97 -21.69
C PRO D 779 56.81 -38.45 -21.67
N LEU D 780 55.99 -39.05 -22.51
CA LEU D 780 54.58 -38.70 -22.62
C LEU D 780 53.86 -39.45 -21.50
N ARG D 781 53.31 -38.76 -20.46
CA ARG D 781 52.68 -39.40 -19.29
C ARG D 781 51.31 -38.82 -18.97
N ASP D 782 50.44 -39.57 -18.34
CA ASP D 782 49.15 -39.03 -17.97
C ASP D 782 49.35 -37.85 -17.04
N GLN D 783 48.45 -36.89 -17.03
CA GLN D 783 48.52 -35.74 -16.12
C GLN D 783 47.14 -35.52 -15.56
N PHE D 784 47.00 -35.38 -14.24
CA PHE D 784 45.70 -35.20 -13.54
C PHE D 784 45.64 -33.91 -12.78
N THR D 785 46.76 -33.17 -12.79
CA THR D 785 46.80 -31.91 -12.03
C THR D 785 47.13 -30.71 -12.88
N ARG D 786 46.91 -29.54 -12.30
CA ARG D 786 47.28 -28.28 -12.96
C ARG D 786 47.97 -27.38 -11.96
N ALA D 787 48.85 -26.49 -12.39
CA ALA D 787 49.51 -25.53 -11.49
C ALA D 787 48.30 -24.68 -11.09
N PRO D 788 47.95 -24.61 -9.83
CA PRO D 788 46.72 -24.00 -9.38
C PRO D 788 46.44 -22.61 -9.73
N LEU D 789 45.19 -22.38 -10.13
CA LEU D 789 44.81 -20.99 -10.46
C LEU D 789 44.54 -20.27 -9.13
N ASP D 790 44.52 -18.96 -9.22
CA ASP D 790 44.17 -18.18 -8.01
C ASP D 790 42.83 -18.71 -7.44
N ASN D 791 41.88 -19.06 -8.30
CA ASN D 791 40.59 -19.56 -7.84
C ASN D 791 40.77 -20.95 -7.22
N ASP D 792 41.80 -21.68 -7.62
CA ASP D 792 41.91 -23.02 -6.96
C ASP D 792 42.55 -22.88 -5.59
N ILE D 793 43.29 -21.78 -5.37
CA ILE D 793 43.98 -21.60 -4.10
C ILE D 793 43.14 -20.85 -3.12
N GLY D 794 42.38 -19.87 -3.60
CA GLY D 794 41.54 -19.09 -2.66
C GLY D 794 42.41 -18.38 -1.65
N VAL D 795 41.96 -18.38 -0.40
CA VAL D 795 42.79 -17.70 0.60
C VAL D 795 43.79 -18.63 1.23
N SER D 796 43.83 -19.90 0.76
CA SER D 796 44.74 -20.88 1.30
C SER D 796 46.17 -20.38 1.30
N GLU D 797 46.84 -20.53 2.45
CA GLU D 797 48.24 -20.12 2.64
C GLU D 797 49.04 -21.24 3.37
N ALA D 798 50.34 -21.44 3.15
CA ALA D 798 51.13 -22.51 3.79
C ALA D 798 51.07 -22.47 5.31
N THR D 799 51.09 -21.20 5.76
CA THR D 799 51.02 -20.71 7.15
C THR D 799 49.58 -20.79 7.69
N ARG D 800 48.61 -21.07 6.79
CA ARG D 800 47.20 -21.08 7.16
C ARG D 800 46.32 -21.73 6.07
N ILE D 801 46.35 -23.02 6.04
CA ILE D 801 45.64 -23.75 5.03
C ILE D 801 44.15 -23.60 5.08
N ASP D 802 43.52 -23.53 3.95
CA ASP D 802 42.07 -23.60 3.91
C ASP D 802 41.78 -25.01 3.31
N PRO D 803 41.39 -25.98 4.11
CA PRO D 803 41.23 -27.34 3.58
C PRO D 803 40.10 -27.49 2.58
N ASN D 804 39.28 -26.48 2.49
CA ASN D 804 38.18 -26.65 1.61
C ASN D 804 38.55 -26.19 0.21
N ALA D 805 39.70 -25.50 0.11
CA ALA D 805 40.13 -24.97 -1.20
C ALA D 805 40.46 -26.16 -2.16
N TRP D 806 40.18 -26.00 -3.49
CA TRP D 806 40.45 -27.06 -4.45
C TRP D 806 41.89 -27.52 -4.33
N VAL D 807 42.80 -26.57 -4.32
CA VAL D 807 44.19 -26.99 -4.23
C VAL D 807 44.55 -27.82 -3.03
N GLU D 808 43.95 -27.48 -1.88
CA GLU D 808 44.22 -28.22 -0.66
C GLU D 808 43.59 -29.60 -0.74
N ARG D 809 42.38 -29.68 -1.28
CA ARG D 809 41.75 -30.97 -1.40
C ARG D 809 42.62 -31.85 -2.33
N TRP D 810 43.07 -31.29 -3.45
CA TRP D 810 43.97 -32.13 -4.35
C TRP D 810 45.28 -32.51 -3.60
N LYS D 811 45.90 -31.57 -2.87
CA LYS D 811 47.13 -31.95 -2.17
C LYS D 811 46.85 -33.03 -1.17
N ALA D 812 45.84 -32.82 -0.35
CA ALA D 812 45.61 -33.82 0.68
C ALA D 812 45.30 -35.20 0.10
N ALA D 813 44.66 -35.28 -1.06
CA ALA D 813 44.32 -36.57 -1.61
C ALA D 813 45.52 -37.23 -2.29
N GLY D 814 46.58 -36.48 -2.34
CA GLY D 814 47.82 -36.93 -2.97
C GLY D 814 47.87 -36.74 -4.46
N HIS D 815 46.98 -35.96 -5.08
CA HIS D 815 47.10 -35.86 -6.51
C HIS D 815 48.44 -35.38 -7.00
N TYR D 816 49.08 -34.50 -6.28
CA TYR D 816 50.29 -33.95 -6.87
C TYR D 816 51.44 -34.87 -6.72
N GLN D 817 51.34 -35.68 -5.68
CA GLN D 817 52.45 -36.61 -5.40
C GLN D 817 52.24 -38.04 -5.87
N ALA D 818 51.05 -38.47 -6.28
CA ALA D 818 50.81 -39.85 -6.69
C ALA D 818 51.84 -40.35 -7.68
N GLU D 819 52.24 -41.60 -7.55
CA GLU D 819 53.20 -42.24 -8.45
C GLU D 819 52.48 -43.30 -9.30
N ALA D 820 52.85 -43.44 -10.61
CA ALA D 820 52.23 -44.38 -11.57
C ALA D 820 52.70 -45.84 -11.53
N ALA D 821 52.00 -46.67 -10.81
CA ALA D 821 52.41 -48.03 -10.75
C ALA D 821 51.95 -48.66 -12.05
N LEU D 822 52.84 -49.40 -12.67
CA LEU D 822 52.54 -50.10 -13.92
C LEU D 822 51.72 -51.39 -13.75
N LEU D 823 50.54 -51.54 -14.33
CA LEU D 823 49.89 -52.80 -14.09
C LEU D 823 50.04 -53.67 -15.31
N GLN D 824 50.31 -53.08 -16.48
CA GLN D 824 50.37 -53.90 -17.66
C GLN D 824 51.00 -53.15 -18.79
N CYS D 825 51.85 -53.79 -19.57
CA CYS D 825 52.49 -53.16 -20.68
C CYS D 825 52.73 -54.28 -21.69
N THR D 826 51.99 -54.28 -22.77
CA THR D 826 52.19 -55.35 -23.75
C THR D 826 52.36 -54.83 -25.15
N ALA D 827 52.88 -55.69 -26.02
CA ALA D 827 53.02 -55.38 -27.47
C ALA D 827 52.53 -56.53 -28.31
N ASP D 828 51.77 -56.21 -29.33
CA ASP D 828 51.26 -57.19 -30.27
C ASP D 828 51.55 -56.72 -31.67
N THR D 829 51.93 -57.66 -32.52
CA THR D 829 52.23 -57.22 -33.87
C THR D 829 51.03 -57.55 -34.71
N LEU D 830 50.65 -56.62 -35.55
CA LEU D 830 49.54 -56.98 -36.37
C LEU D 830 49.86 -56.88 -37.85
N ALA D 831 48.81 -57.13 -38.62
CA ALA D 831 48.77 -57.13 -40.08
C ALA D 831 49.42 -55.92 -40.71
N ASP D 832 49.13 -54.77 -40.17
CA ASP D 832 49.72 -53.60 -40.75
C ASP D 832 50.10 -52.57 -39.67
N ALA D 833 50.32 -53.08 -38.42
CA ALA D 833 50.73 -52.24 -37.30
C ALA D 833 51.18 -53.06 -36.11
N VAL D 834 51.66 -52.26 -35.16
CA VAL D 834 52.10 -52.71 -33.84
C VAL D 834 51.21 -52.02 -32.82
N LEU D 835 50.72 -52.81 -31.87
CA LEU D 835 49.86 -52.28 -30.82
C LEU D 835 50.48 -52.47 -29.47
N ILE D 836 50.62 -51.36 -28.79
CA ILE D 836 51.16 -51.43 -27.44
C ILE D 836 50.00 -51.16 -26.48
N THR D 837 49.81 -52.04 -25.50
CA THR D 837 48.74 -51.80 -24.55
C THR D 837 49.30 -51.51 -23.16
N THR D 838 48.79 -50.46 -22.47
CA THR D 838 49.30 -50.21 -21.13
C THR D 838 48.17 -49.96 -20.14
N ALA D 839 48.47 -50.23 -18.88
CA ALA D 839 47.57 -49.95 -17.82
C ALA D 839 48.39 -49.50 -16.63
N HIS D 840 47.96 -48.36 -15.99
CA HIS D 840 48.63 -47.80 -14.81
C HIS D 840 47.61 -47.41 -13.75
N ALA D 841 48.07 -47.43 -12.49
CA ALA D 841 47.27 -47.00 -11.35
C ALA D 841 48.03 -45.92 -10.60
N TRP D 842 47.43 -44.76 -10.32
CA TRP D 842 48.12 -43.76 -9.48
C TRP D 842 47.60 -43.94 -8.12
N GLN D 843 48.49 -44.01 -7.10
CA GLN D 843 48.03 -44.26 -5.77
C GLN D 843 48.68 -43.36 -4.79
N HIS D 844 48.04 -43.22 -3.68
CA HIS D 844 48.61 -42.40 -2.68
C HIS D 844 48.41 -43.08 -1.37
N GLN D 845 49.52 -43.32 -0.63
CA GLN D 845 49.31 -43.94 0.66
C GLN D 845 48.51 -45.21 0.45
N GLY D 846 48.71 -45.94 -0.65
CA GLY D 846 47.78 -47.07 -0.62
C GLY D 846 46.40 -46.88 -1.23
N LYS D 847 45.98 -45.65 -1.51
CA LYS D 847 44.68 -45.47 -2.14
C LYS D 847 44.89 -45.32 -3.61
N THR D 848 44.09 -46.04 -4.38
CA THR D 848 44.27 -45.86 -5.82
C THR D 848 43.40 -44.68 -6.25
N LEU D 849 43.99 -43.64 -6.78
CA LEU D 849 43.17 -42.51 -7.19
C LEU D 849 42.61 -42.59 -8.59
N PHE D 850 43.50 -42.95 -9.52
CA PHE D 850 43.17 -43.04 -10.95
C PHE D 850 43.77 -44.25 -11.63
N ILE D 851 43.06 -44.73 -12.64
CA ILE D 851 43.58 -45.85 -13.43
C ILE D 851 43.53 -45.38 -14.86
N SER D 852 44.66 -45.53 -15.58
CA SER D 852 44.66 -45.14 -16.97
C SER D 852 44.97 -46.37 -17.84
N ARG D 853 44.12 -46.69 -18.79
CA ARG D 853 44.30 -47.84 -19.70
C ARG D 853 44.43 -47.30 -21.11
N LYS D 854 45.50 -47.67 -21.82
CA LYS D 854 45.69 -47.10 -23.12
C LYS D 854 46.10 -48.13 -24.17
N THR D 855 45.98 -47.75 -25.41
CA THR D 855 46.51 -48.56 -26.52
C THR D 855 47.09 -47.52 -27.46
N TYR D 856 48.24 -47.90 -27.98
CA TYR D 856 48.92 -47.09 -28.95
C TYR D 856 49.01 -47.97 -30.18
N ARG D 857 48.46 -47.48 -31.27
CA ARG D 857 48.46 -48.23 -32.55
C ARG D 857 49.28 -47.52 -33.64
N ILE D 858 50.48 -48.08 -34.00
CA ILE D 858 51.34 -47.40 -34.96
C ILE D 858 51.21 -48.14 -36.26
N ASP D 859 50.71 -47.49 -37.31
CA ASP D 859 50.54 -48.25 -38.53
C ASP D 859 51.53 -47.97 -39.62
N GLY D 860 51.33 -48.63 -40.76
CA GLY D 860 52.29 -48.48 -41.88
C GLY D 860 52.36 -47.07 -42.44
N SER D 861 51.39 -46.25 -42.01
CA SER D 861 51.37 -44.86 -42.47
C SER D 861 52.22 -44.01 -41.57
N GLY D 862 52.66 -44.55 -40.42
CA GLY D 862 53.46 -43.68 -39.58
C GLY D 862 52.62 -42.96 -38.55
N GLN D 863 51.31 -43.15 -38.56
CA GLN D 863 50.53 -42.47 -37.56
C GLN D 863 50.40 -43.28 -36.33
N MET D 864 50.36 -42.59 -35.18
CA MET D 864 50.22 -43.22 -33.89
C MET D 864 48.88 -42.93 -33.26
N ALA D 865 47.92 -43.86 -33.30
CA ALA D 865 46.65 -43.59 -32.63
C ALA D 865 46.66 -44.02 -31.19
N ILE D 866 46.39 -43.05 -30.29
CA ILE D 866 46.39 -43.37 -28.86
C ILE D 866 44.95 -43.36 -28.36
N THR D 867 44.53 -44.37 -27.62
CA THR D 867 43.17 -44.33 -27.10
C THR D 867 43.28 -44.28 -25.62
N VAL D 868 42.57 -43.47 -24.84
CA VAL D 868 42.82 -43.53 -23.42
C VAL D 868 41.48 -43.68 -22.69
N ASP D 869 41.40 -44.59 -21.72
CA ASP D 869 40.22 -44.83 -20.88
C ASP D 869 40.66 -44.68 -19.43
N VAL D 870 40.16 -43.66 -18.75
CA VAL D 870 40.60 -43.46 -17.38
C VAL D 870 39.43 -43.62 -16.44
N GLU D 871 39.76 -44.18 -15.31
CA GLU D 871 38.82 -44.38 -14.23
C GLU D 871 39.29 -43.49 -13.07
N VAL D 872 38.39 -42.73 -12.39
CA VAL D 872 38.76 -41.88 -11.26
C VAL D 872 37.93 -42.33 -10.07
N ALA D 873 38.58 -42.67 -8.95
CA ALA D 873 37.84 -43.07 -7.74
C ALA D 873 36.77 -42.03 -7.40
N SER D 874 35.53 -42.49 -7.11
CA SER D 874 34.41 -41.59 -6.82
C SER D 874 34.62 -40.79 -5.54
N ASP D 875 35.42 -41.32 -4.62
CA ASP D 875 35.71 -40.63 -3.38
C ASP D 875 36.94 -39.76 -3.36
N THR D 876 37.64 -39.66 -4.48
CA THR D 876 38.74 -38.70 -4.52
C THR D 876 38.19 -37.34 -5.06
N PRO D 877 38.74 -36.20 -4.59
CA PRO D 877 38.29 -34.90 -5.14
C PRO D 877 38.39 -34.90 -6.65
N HIS D 878 37.34 -34.41 -7.37
CA HIS D 878 37.38 -34.40 -8.84
C HIS D 878 38.68 -33.73 -9.34
N PRO D 879 39.37 -34.35 -10.25
CA PRO D 879 40.66 -33.85 -10.69
C PRO D 879 40.63 -32.60 -11.58
N ALA D 880 41.73 -31.84 -11.57
CA ALA D 880 41.78 -30.61 -12.41
C ALA D 880 41.77 -30.87 -13.92
N ARG D 881 42.31 -32.05 -14.33
CA ARG D 881 42.31 -32.40 -15.74
C ARG D 881 42.50 -33.88 -15.87
N ILE D 882 42.25 -34.34 -17.06
CA ILE D 882 42.48 -35.70 -17.49
C ILE D 882 43.12 -35.59 -18.85
N GLY D 883 44.43 -35.76 -18.91
CA GLY D 883 45.13 -35.56 -20.20
C GLY D 883 46.53 -36.16 -20.22
N LEU D 884 47.33 -35.73 -21.18
CA LEU D 884 48.72 -36.21 -21.26
C LEU D 884 49.65 -35.04 -21.34
N ASN D 885 50.90 -35.28 -21.00
CA ASN D 885 51.82 -34.22 -21.16
C ASN D 885 53.23 -34.71 -21.47
N CYS D 886 54.00 -33.89 -22.14
CA CYS D 886 55.37 -34.23 -22.48
C CYS D 886 56.09 -32.91 -22.79
N GLN D 887 57.40 -33.02 -22.75
CA GLN D 887 58.26 -31.92 -23.09
C GLN D 887 58.87 -32.27 -24.46
N LEU D 888 58.49 -31.52 -25.48
CA LEU D 888 59.04 -31.81 -26.77
C LEU D 888 60.47 -31.19 -26.88
N ALA D 889 61.35 -31.80 -27.64
CA ALA D 889 62.70 -31.24 -27.85
C ALA D 889 62.63 -29.97 -28.71
N GLN D 890 61.71 -30.00 -29.64
CA GLN D 890 61.50 -28.93 -30.59
C GLN D 890 60.97 -27.60 -30.04
N VAL D 891 61.42 -26.49 -30.61
CA VAL D 891 60.96 -25.17 -30.25
C VAL D 891 60.66 -24.54 -31.59
N ALA D 892 59.42 -24.24 -31.88
CA ALA D 892 59.05 -23.68 -33.18
C ALA D 892 58.43 -22.30 -32.99
N GLU D 893 58.42 -21.49 -34.03
CA GLU D 893 57.95 -20.13 -33.96
C GLU D 893 56.40 -20.00 -33.81
N ARG D 894 55.65 -20.77 -34.58
CA ARG D 894 54.20 -20.68 -34.60
C ARG D 894 53.48 -21.91 -34.06
N VAL D 895 52.22 -21.66 -33.75
CA VAL D 895 51.27 -22.68 -33.30
C VAL D 895 50.02 -22.55 -34.17
N ASN D 896 49.64 -23.62 -34.88
CA ASN D 896 48.47 -23.52 -35.75
C ASN D 896 47.48 -24.60 -35.30
N TRP D 897 46.22 -24.24 -35.12
CA TRP D 897 45.23 -25.19 -34.68
C TRP D 897 43.84 -24.95 -35.26
N LEU D 898 43.06 -26.01 -35.32
CA LEU D 898 41.68 -25.93 -35.77
C LEU D 898 40.85 -26.17 -34.50
N GLY D 899 40.23 -25.14 -33.94
CA GLY D 899 39.52 -25.32 -32.69
C GLY D 899 39.10 -23.92 -32.22
N LEU D 900 38.89 -23.78 -30.90
CA LEU D 900 38.41 -22.52 -30.35
C LEU D 900 39.50 -21.51 -30.16
N GLY D 901 39.28 -20.25 -30.54
CA GLY D 901 40.37 -19.27 -30.34
C GLY D 901 39.90 -17.93 -30.89
N PRO D 902 40.84 -17.01 -31.03
CA PRO D 902 42.24 -17.29 -30.86
C PRO D 902 42.78 -17.24 -29.48
N GLN D 903 42.06 -16.55 -28.61
CA GLN D 903 42.58 -16.39 -27.28
C GLN D 903 42.35 -17.60 -26.38
N GLU D 904 43.01 -17.54 -25.19
CA GLU D 904 42.95 -18.57 -24.17
C GLU D 904 41.51 -18.79 -23.80
N ASN D 905 41.09 -20.03 -23.67
CA ASN D 905 39.70 -20.30 -23.33
C ASN D 905 39.54 -21.56 -22.51
N TYR D 906 38.60 -21.58 -21.52
CA TYR D 906 38.46 -22.77 -20.69
C TYR D 906 37.00 -23.19 -20.76
N PRO D 907 36.68 -24.34 -20.25
CA PRO D 907 35.33 -24.86 -20.39
C PRO D 907 34.15 -23.99 -20.00
N ASP D 908 34.33 -23.31 -18.89
CA ASP D 908 33.38 -22.37 -18.32
C ASP D 908 33.71 -20.94 -18.76
N ARG D 909 34.69 -20.75 -19.67
CA ARG D 909 35.01 -19.43 -20.21
C ARG D 909 35.43 -19.58 -21.63
N LEU D 910 34.53 -20.06 -22.48
CA LEU D 910 34.94 -20.15 -23.90
C LEU D 910 33.84 -19.64 -24.83
N THR D 911 32.80 -18.96 -24.34
CA THR D 911 31.74 -18.58 -25.25
C THR D 911 32.20 -17.57 -26.24
N ALA D 912 33.16 -16.74 -25.84
CA ALA D 912 33.59 -15.72 -26.80
C ALA D 912 34.52 -16.26 -27.88
N ALA D 913 35.21 -17.35 -27.56
CA ALA D 913 36.16 -17.93 -28.54
C ALA D 913 35.39 -18.45 -29.73
N CYS D 914 36.01 -18.44 -30.92
CA CYS D 914 35.37 -18.95 -32.15
C CYS D 914 36.08 -20.15 -32.70
N PHE D 915 35.30 -21.05 -33.30
CA PHE D 915 35.94 -22.22 -33.92
C PHE D 915 36.39 -21.86 -35.32
N ASP D 916 37.68 -21.96 -35.57
CA ASP D 916 38.22 -21.64 -36.89
C ASP D 916 39.66 -22.12 -36.93
N ARG D 917 40.45 -21.71 -37.91
CA ARG D 917 41.81 -22.15 -37.98
C ARG D 917 42.63 -21.00 -37.49
N TRP D 918 43.38 -21.19 -36.41
CA TRP D 918 44.15 -20.05 -35.89
C TRP D 918 45.61 -20.31 -36.05
N ASP D 919 46.43 -19.25 -36.01
CA ASP D 919 47.86 -19.32 -36.17
C ASP D 919 48.51 -18.14 -35.52
N LEU D 920 49.16 -18.43 -34.41
CA LEU D 920 49.80 -17.40 -33.67
C LEU D 920 51.25 -17.78 -33.39
N PRO D 921 52.04 -16.80 -33.01
CA PRO D 921 53.37 -17.05 -32.57
C PRO D 921 53.29 -17.80 -31.24
N LEU D 922 54.26 -18.64 -30.93
CA LEU D 922 54.23 -19.42 -29.68
C LEU D 922 54.02 -18.59 -28.45
N SER D 923 54.64 -17.43 -28.33
CA SER D 923 54.47 -16.71 -27.06
C SER D 923 53.04 -16.27 -26.78
N ASP D 924 52.21 -16.10 -27.84
CA ASP D 924 50.83 -15.73 -27.64
C ASP D 924 50.00 -16.87 -27.05
N MET D 925 50.61 -18.03 -26.97
CA MET D 925 49.94 -19.20 -26.42
C MET D 925 50.22 -19.28 -24.93
N TYR D 926 50.94 -18.27 -24.41
CA TYR D 926 51.20 -18.18 -22.99
C TYR D 926 50.48 -16.92 -22.45
N THR D 927 49.72 -16.96 -21.33
CA THR D 927 49.09 -15.74 -20.86
C THR D 927 49.90 -15.29 -19.64
N PRO D 928 50.47 -14.09 -19.64
CA PRO D 928 51.36 -13.66 -18.55
C PRO D 928 50.73 -13.08 -17.28
N TYR D 929 49.93 -13.95 -16.64
CA TYR D 929 49.31 -13.63 -15.36
C TYR D 929 50.43 -13.28 -14.42
N VAL D 930 50.30 -12.21 -13.66
CA VAL D 930 51.37 -11.81 -12.77
C VAL D 930 51.71 -12.90 -11.78
N PHE D 931 50.67 -13.57 -11.20
CA PHE D 931 50.91 -14.75 -10.33
C PHE D 931 50.71 -15.91 -11.29
N PRO D 932 51.77 -16.61 -11.64
CA PRO D 932 51.65 -17.67 -12.60
C PRO D 932 50.80 -18.85 -12.16
N SER D 933 50.15 -19.47 -13.15
CA SER D 933 49.35 -20.66 -12.96
C SER D 933 49.11 -21.38 -14.28
N GLU D 934 48.34 -22.50 -14.24
CA GLU D 934 47.92 -23.08 -15.53
C GLU D 934 47.33 -21.93 -16.36
N ASN D 935 47.65 -21.93 -17.65
CA ASN D 935 47.20 -20.84 -18.55
C ASN D 935 47.32 -21.23 -20.02
N GLY D 936 46.65 -20.43 -20.86
CA GLY D 936 46.73 -20.56 -22.29
C GLY D 936 46.04 -21.72 -22.89
N LEU D 937 45.22 -22.42 -22.13
CA LEU D 937 44.50 -23.52 -22.77
C LEU D 937 43.61 -22.98 -23.89
N ARG D 938 43.32 -23.86 -24.88
CA ARG D 938 42.40 -23.64 -25.99
C ARG D 938 41.53 -24.87 -26.01
N CYS D 939 40.20 -24.79 -26.03
CA CYS D 939 39.41 -26.01 -25.98
C CYS D 939 38.86 -26.32 -27.38
N GLY D 940 38.04 -27.37 -27.46
CA GLY D 940 37.33 -27.74 -28.68
C GLY D 940 38.24 -27.87 -29.90
N THR D 941 39.46 -28.36 -29.65
CA THR D 941 40.45 -28.45 -30.73
C THR D 941 40.44 -29.79 -31.42
N ARG D 942 40.39 -29.71 -32.75
CA ARG D 942 40.34 -30.93 -33.55
C ARG D 942 41.67 -31.24 -34.20
N GLU D 943 42.55 -30.27 -34.31
CA GLU D 943 43.85 -30.50 -34.93
C GLU D 943 44.80 -29.46 -34.47
N LEU D 944 46.00 -29.90 -34.07
CA LEU D 944 47.03 -28.97 -33.59
C LEU D 944 48.31 -29.26 -34.34
N ASN D 945 48.99 -28.22 -34.81
CA ASN D 945 50.27 -28.33 -35.56
C ASN D 945 51.37 -27.56 -34.88
N TYR D 946 52.49 -28.20 -34.66
CA TYR D 946 53.62 -27.51 -34.04
C TYR D 946 54.93 -28.12 -34.59
N GLY D 947 55.67 -27.33 -35.40
CA GLY D 947 56.89 -27.88 -35.97
C GLY D 947 56.47 -29.05 -36.88
N PRO D 948 57.15 -30.18 -36.79
CA PRO D 948 56.77 -31.31 -37.63
C PRO D 948 55.55 -32.08 -37.10
N HIS D 949 55.15 -31.81 -35.89
CA HIS D 949 54.07 -32.61 -35.31
C HIS D 949 52.63 -32.17 -35.63
N GLN D 950 51.75 -33.15 -35.64
CA GLN D 950 50.36 -32.87 -35.83
C GLN D 950 49.59 -33.77 -34.88
N TRP D 951 48.71 -33.22 -34.02
CA TRP D 951 47.87 -34.10 -33.19
C TRP D 951 46.43 -33.88 -33.65
N ARG D 952 45.64 -34.92 -33.80
CA ARG D 952 44.23 -34.75 -34.20
C ARG D 952 43.33 -35.52 -33.18
N GLY D 953 42.12 -35.00 -32.93
CA GLY D 953 41.17 -35.67 -32.00
C GLY D 953 40.13 -34.61 -31.61
N ASP D 954 39.76 -34.56 -30.34
CA ASP D 954 38.80 -33.54 -29.89
C ASP D 954 39.26 -33.27 -28.49
N PHE D 955 40.22 -32.36 -28.36
CA PHE D 955 40.82 -32.14 -27.05
C PHE D 955 40.96 -30.67 -26.68
N GLN D 956 41.54 -30.44 -25.51
CA GLN D 956 41.87 -29.09 -25.06
C GLN D 956 43.40 -29.14 -24.96
N PHE D 957 44.17 -28.05 -25.13
CA PHE D 957 45.65 -28.10 -24.97
C PHE D 957 46.25 -26.78 -24.62
N ASN D 958 47.45 -26.79 -24.05
CA ASN D 958 48.17 -25.54 -23.88
C ASN D 958 49.58 -25.86 -24.29
N ILE D 959 50.39 -24.90 -24.61
CA ILE D 959 51.75 -25.22 -25.12
C ILE D 959 52.63 -24.02 -24.88
N SER D 960 53.78 -24.25 -24.25
CA SER D 960 54.60 -23.09 -23.92
C SER D 960 55.93 -23.58 -23.46
N ARG D 961 56.79 -22.61 -23.17
CA ARG D 961 58.10 -23.03 -22.69
C ARG D 961 58.09 -23.23 -21.20
N TYR D 962 56.97 -23.29 -20.45
CA TYR D 962 57.08 -23.43 -19.01
C TYR D 962 56.35 -24.64 -18.57
N SER D 963 56.93 -25.44 -17.66
CA SER D 963 56.34 -26.68 -17.15
C SER D 963 55.22 -26.37 -16.15
N GLN D 964 54.24 -27.24 -15.99
CA GLN D 964 53.24 -27.00 -14.94
C GLN D 964 53.98 -26.87 -13.62
N GLN D 965 55.03 -27.69 -13.42
CA GLN D 965 55.80 -27.63 -12.22
C GLN D 965 56.43 -26.24 -12.02
N GLN D 966 56.98 -25.67 -13.07
CA GLN D 966 57.57 -24.39 -12.89
C GLN D 966 56.53 -23.35 -12.56
N LEU D 967 55.41 -23.42 -13.27
CA LEU D 967 54.33 -22.44 -12.98
C LEU D 967 53.87 -22.47 -11.53
N MET D 968 53.68 -23.67 -11.00
CA MET D 968 53.23 -23.82 -9.66
C MET D 968 54.26 -23.47 -8.63
N GLU D 969 55.51 -23.39 -8.99
CA GLU D 969 56.46 -23.08 -7.92
C GLU D 969 56.96 -21.67 -8.04
N THR D 970 56.44 -20.94 -9.03
CA THR D 970 57.01 -19.59 -9.18
C THR D 970 55.92 -18.60 -8.87
N SER D 971 56.21 -17.65 -8.01
CA SER D 971 55.16 -16.73 -7.63
C SER D 971 55.05 -15.45 -8.44
N HIS D 972 55.94 -15.12 -9.32
CA HIS D 972 55.87 -13.86 -10.06
C HIS D 972 56.28 -14.15 -11.47
N ARG D 973 55.54 -13.61 -12.43
CA ARG D 973 55.80 -13.94 -13.80
C ARG D 973 57.21 -13.55 -14.22
N HIS D 974 57.76 -12.51 -13.63
CA HIS D 974 59.06 -12.12 -14.12
C HIS D 974 60.16 -13.11 -13.74
N LEU D 975 59.86 -14.00 -12.79
CA LEU D 975 60.90 -14.93 -12.41
C LEU D 975 60.84 -16.23 -13.28
N LEU D 976 59.91 -16.38 -14.20
CA LEU D 976 59.88 -17.63 -14.93
C LEU D 976 61.01 -17.64 -15.95
N HIS D 977 61.55 -18.81 -16.28
CA HIS D 977 62.60 -18.90 -17.31
C HIS D 977 62.15 -19.97 -18.33
N ALA D 978 62.33 -19.74 -19.63
CA ALA D 978 61.91 -20.68 -20.65
C ALA D 978 62.66 -22.00 -20.42
N GLU D 979 62.01 -23.15 -20.45
CA GLU D 979 62.78 -24.36 -20.20
C GLU D 979 63.29 -24.84 -21.56
N GLU D 980 64.06 -25.93 -21.61
CA GLU D 980 64.53 -26.41 -22.87
C GLU D 980 63.35 -26.92 -23.71
N GLY D 981 63.36 -26.76 -25.00
CA GLY D 981 62.15 -27.41 -25.58
C GLY D 981 60.82 -26.79 -25.27
N THR D 982 59.75 -27.50 -25.59
CA THR D 982 58.40 -27.02 -25.39
C THR D 982 57.47 -27.95 -24.61
N TRP D 983 56.73 -27.45 -23.60
CA TRP D 983 55.81 -28.29 -22.85
C TRP D 983 54.44 -28.28 -23.48
N LEU D 984 53.94 -29.50 -23.72
CA LEU D 984 52.65 -29.65 -24.34
C LEU D 984 51.78 -30.40 -23.36
N ASN D 985 50.63 -29.81 -23.04
CA ASN D 985 49.64 -30.43 -22.15
C ASN D 985 48.41 -30.67 -23.02
N ILE D 986 48.04 -31.92 -23.28
CA ILE D 986 46.89 -32.15 -24.15
C ILE D 986 45.87 -32.91 -23.35
N ASP D 987 44.73 -32.28 -23.19
CA ASP D 987 43.72 -32.88 -22.35
C ASP D 987 42.49 -33.39 -23.03
N GLY D 988 42.01 -34.52 -22.52
CA GLY D 988 40.74 -34.98 -23.06
C GLY D 988 39.68 -34.14 -22.39
N PHE D 989 39.96 -33.80 -21.12
CA PHE D 989 39.00 -33.07 -20.31
C PHE D 989 39.68 -32.12 -19.35
N HIS D 990 39.10 -30.94 -19.09
CA HIS D 990 39.75 -30.04 -18.15
C HIS D 990 38.69 -29.40 -17.27
N MET D 991 38.94 -29.27 -15.97
CA MET D 991 37.94 -28.72 -15.08
C MET D 991 37.70 -27.21 -15.33
N GLY D 992 36.49 -26.69 -14.98
CA GLY D 992 36.35 -25.24 -15.17
C GLY D 992 37.31 -24.44 -14.27
N ILE D 993 37.40 -23.12 -14.48
CA ILE D 993 38.31 -22.25 -13.74
C ILE D 993 37.59 -21.52 -12.63
N GLY D 994 36.27 -21.45 -12.77
CA GLY D 994 35.50 -20.77 -11.74
C GLY D 994 35.73 -19.24 -11.75
N GLY D 995 35.29 -18.59 -10.64
CA GLY D 995 35.51 -17.15 -10.53
C GLY D 995 34.36 -16.41 -9.88
N ASP D 996 33.22 -17.07 -9.53
CA ASP D 996 32.10 -16.34 -8.89
C ASP D 996 32.68 -15.56 -7.74
N ASP D 997 33.67 -16.17 -7.12
CA ASP D 997 34.51 -15.45 -6.16
C ASP D 997 35.86 -16.12 -6.18
N SER D 998 36.84 -15.64 -5.44
CA SER D 998 38.18 -16.25 -5.40
C SER D 998 38.58 -16.58 -3.95
N TRP D 999 37.60 -16.96 -3.09
CA TRP D 999 37.95 -17.27 -1.70
C TRP D 999 37.19 -18.48 -1.25
N SER D 1000 36.45 -19.07 -2.16
CA SER D 1000 35.71 -20.29 -1.83
C SER D 1000 35.59 -21.08 -3.11
N PRO D 1001 35.33 -22.41 -3.10
CA PRO D 1001 35.23 -23.12 -4.38
C PRO D 1001 34.09 -22.53 -5.21
N SER D 1002 34.35 -22.24 -6.54
CA SER D 1002 33.31 -21.60 -7.35
C SER D 1002 33.07 -22.25 -8.71
N VAL D 1003 33.69 -23.39 -8.92
CA VAL D 1003 33.52 -24.10 -10.19
C VAL D 1003 32.20 -24.84 -10.07
N SER D 1004 31.33 -24.53 -10.99
CA SER D 1004 29.99 -25.10 -10.96
C SER D 1004 30.02 -26.61 -11.19
N ALA D 1005 29.05 -27.35 -10.64
CA ALA D 1005 29.02 -28.83 -10.79
C ALA D 1005 29.16 -29.31 -12.21
N GLU D 1006 28.47 -28.64 -13.15
CA GLU D 1006 28.61 -29.13 -14.47
C GLU D 1006 30.03 -29.03 -15.06
N PHE D 1007 30.94 -28.29 -14.45
CA PHE D 1007 32.23 -28.17 -15.04
C PHE D 1007 33.29 -28.92 -14.22
N GLN D 1008 32.84 -29.70 -13.27
CA GLN D 1008 33.72 -30.55 -12.42
C GLN D 1008 33.85 -31.88 -13.11
N LEU D 1009 35.06 -32.49 -13.04
CA LEU D 1009 35.25 -33.77 -13.71
C LEU D 1009 34.79 -34.96 -12.81
N SER D 1010 33.50 -35.17 -12.69
CA SER D 1010 33.01 -36.19 -11.78
C SER D 1010 32.42 -37.38 -12.46
N ALA D 1011 32.64 -37.56 -13.74
CA ALA D 1011 31.98 -38.66 -14.47
C ALA D 1011 32.48 -40.04 -14.10
N GLY D 1012 33.61 -40.09 -13.40
CA GLY D 1012 34.16 -41.39 -12.94
C GLY D 1012 34.95 -42.11 -14.06
N ARG D 1013 34.43 -42.20 -15.26
CA ARG D 1013 35.16 -42.87 -16.39
C ARG D 1013 35.22 -41.87 -17.54
N TYR D 1014 36.38 -41.70 -18.14
CA TYR D 1014 36.61 -40.74 -19.19
C TYR D 1014 37.29 -41.40 -20.36
N HIS D 1015 36.87 -41.02 -21.55
CA HIS D 1015 37.47 -41.59 -22.75
C HIS D 1015 37.92 -40.51 -23.68
N TYR D 1016 39.14 -40.70 -24.22
CA TYR D 1016 39.54 -39.74 -25.26
C TYR D 1016 40.55 -40.42 -26.18
N GLN D 1017 40.72 -39.86 -27.37
CA GLN D 1017 41.64 -40.44 -28.32
C GLN D 1017 42.22 -39.39 -29.18
N LEU D 1018 43.47 -39.66 -29.51
CA LEU D 1018 44.27 -38.75 -30.31
C LEU D 1018 45.12 -39.51 -31.31
N VAL D 1019 45.48 -38.83 -32.39
CA VAL D 1019 46.37 -39.43 -33.37
C VAL D 1019 47.48 -38.46 -33.46
N TRP D 1020 48.69 -38.97 -33.35
CA TRP D 1020 49.92 -38.21 -33.45
C TRP D 1020 50.67 -38.60 -34.75
N CYS D 1021 50.92 -37.66 -35.63
CA CYS D 1021 51.67 -37.98 -36.83
C CYS D 1021 52.62 -36.85 -37.16
N GLN D 1022 53.43 -37.02 -38.22
CA GLN D 1022 54.39 -36.02 -38.61
C GLN D 1022 53.93 -35.46 -39.94
N LYS D 1023 53.95 -34.12 -40.01
CA LYS D 1023 53.53 -33.23 -41.11
C LYS D 1023 52.00 -33.04 -41.21
#